data_3P8C
#
_entry.id   3P8C
#
_cell.length_a   97.013
_cell.length_b   113.982
_cell.length_c   327.193
_cell.angle_alpha   90.00
_cell.angle_beta   90.00
_cell.angle_gamma   90.00
#
_symmetry.space_group_name_H-M   'P 21 21 21'
#
loop_
_entity.id
_entity.type
_entity.pdbx_description
1 polymer 'Cytoplasmic FMR1-interacting protein 1'
2 polymer 'Nck-associated protein 1'
3 polymer 'Wiskott-Aldrich syndrome protein family member 1'
4 polymer 'Probable protein BRICK1'
5 polymer 'Abl interactor 2'
6 non-polymer 2-AMINO-2-HYDROXYMETHYL-PROPANE-1,3-DIOL
7 non-polymer 'CHLORIDE ION'
8 non-polymer GLYCEROL
9 water water
#
loop_
_entity_poly.entity_id
_entity_poly.type
_entity_poly.pdbx_seq_one_letter_code
_entity_poly.pdbx_strand_id
1 'polypeptide(L)'
;MAAQVTLEDALSNVDLLEELPLPDQQPCIEPPPSSLLYQPNFNTNFEDRNAFVTGIARYIEQATVHSSMNEMLEEGQEYA
VMLYTWRSCSRAIPQVKCNEQPNRVEIYEKTVEVLEPEVTKLMNFMYFQRNAIERFCGEVRRLCHAERRKDFVSEAYLIT
LGKFINMFAVLDELKNMKCSVKNDHSAYKRAAQFLRKMADPQSIQESQNLSMFLANHNKITQSLQQQLEVISGYEELLAD
IVNLCVDYYENRMYLTPSEKHMLLKVMGFGLYLMDGSVSNIYKLDAKKRINLSKIDKYFKQLQVVPLFGDMQIELARYIK
TSAHYEENKSRWTCTSSGSSPQYNICEQMIQIREDHMRFISELARYSNSEVVTGSGRQEAQKTDAEYRKLFDLALQGLQL
LSQWSAHVMEVYSWKLVHPTDKYSNKDCPDSAEEYERATRYNYTSEEKFALVEVIAMIKGLQVLMGRMESVFNHAIRHTV
YAALQDFSQVTLREPLRQAIKKKKNVIQSVLQAIRKTVCDWETGHEPFNDPALRGEKDPKSGFDIKVPRRAVGPSSTQLY
MVRTMLESLIADKSGSKKTLRSSLEGPTILDIEKFHRESFFYTHLINFSETLQQCCDLSQLWFREFFLELTMGRRIQFPI
EMSMPWILTDHILETKEASMMEYVLYSLDLYNDSAHYALTRFNKQFLYDEIEAEVNLCFDQFVYKLADQIFAYYKVMAGS
LLLDKRLRSECKNQGATIHLPPSNRYETLLKQRHVQLLGRSIDLNRLITQRVSAAMYKSLELAIGRFESEDLTSIVELDG
LLEINRMTHKLLSRYLTLDGFDAMFREANHNVSAPYGRITLHVFWELNYDFLPNYCYNGSTNRFVRTVLPFSQEFQRDKQ
PNAQPQYLHGSKALNLAYSSIYGSYRNFVGPPHFQVICRLLGYQGIAVVMEELLKVVKSLLQGTILQYVKTLMEVMPKIC
RLPRHEYGSPGILEFFHHQLKDIVEYAELKTVCFQNLREVGNAILFCLLIEQSLSLEEVCDLLHAAPFQNILPRVHVKEG
ERLDAKMKRLESKYAPLHLVPLIERLGTPQQIAIAREGDLLTKERLCCGLSMFEVILTRIRSFLDDPIWRGPLPSNGVMH
VDECVEFHRLWSAMQFVYCIPVGTHEFTVEQCFGDGLHWAGCMIIVLLGQQRRFAVLDFCYHLLKVQKHDGKDEIIKNVP
LKKMVERIRKFQILNDEIITILDKYLKSGDGEGTPVEHVRCFQPPIHQSLASS
;
A
2 'polypeptide(L)'
;MSRSVLQPSQQKLAEKLTILNDRGVGMLTRLYNIKKACGDPKAKPSYLIDKNLESAVKFIVRKFPAVETRNNNQQLAQLQ
KEKSEILKNLALYYFTFVDVMEFKDHVCELLNTIDVCQVFFDITVNFDLTKNYLDLIITYTTLMILLSRIEERKAIIGLY
NYAHEMTHGASDREYPRLGQMIVDYENPLKKMMEEFVPHSKSLSDALISLQMVYPRRNLSADQWRNAQLLSLISAPSTML
NPAQSDTMPCEYLSLDAMEKWIIFGFILCHGILNTDATALNLWKLALQSSSCLSLFRDEVFHIHKAAEDLFVNIRGYNKR
INDIRECKEAAVSHAGSMHRERRKFLRSALKELATVLSDQPGLLGPKALFVFMALSFARDEIIWLLRHADNMPKKSADDF
IDKHIAELIFYMEELRAHVRKYGPVMQRYYVQYLSGFDAVVLNELVQNLSVCPEDESIIMSSFVNTMTSLSVKQVEDGEV
FDFRGMRLDWFRLQAYTSVSKASLGLADHRELGKMMNTIIFHTKMVDSLVEMLVETSDLSIFCFYSRAFEKMFQQCLELP
SQSRYSIAFPLLCTHFMSCTHELCPEERHHIGDRSLSLCNMFLDEMAKQARNLITDICTEQCTLSDQLLPKHCAKTISQA
VNKKSKKQTGKKGEPEREKPGVESMRKNRLVVTNLDKLHTALSELCFSINYVPNMVVWEHTFTPREYLTSHLEIRFTKSI
VGMTMYNQATQEIAKPSELLTSVRAYMTVLQSIENYVQIDITRVFNNVLLQQTQHLDSHGEPTITSLYTNWYLETLLRQV
SNGHIAYFPAMKAFVNLPTENELTFNAEEYSDISEMRSLSELLGPYGMKFLSESLMWHISSQVAELKKLVVENVDVLTQM
RTSFDKPDQMAALFKRLSSVDSVLKRMTIIGVILSFRSLAQEALRDVLSYHIPFLVSSIEDFKDHIPRETDMKVAMNVYE
LSSAAGLPCEIDPALVVALSSQKSENISPEEEYKIACLLMVFVAVSLPTLASNVMSQYSPAIEGHCNNIHCLAKAINQIA
AALFTIHKGSIEDRLKEFLALASSSLLKIGQETDKTTTRNRESVYLLLDMIVQESPFLTMDLLESCFPYVLLRNAYHAVY
KQSVTSSA
;
B
3 'polypeptide(L)'
;MPLVKRNIDPRHLCHTALPRGIKNELECVTNISLANIIRQLSSLSKYAEDIFGELFNEAHSFSFRVNSLQERVDRLSVSV
TQLDPKEEELSLQDITMRKAFRSSTIQDQQLFDRKTLPIPLQETYDVCEQPPPLNILTPYRDDGKEGLKFYTNPSYFFDL
WKEKMLQDTEDKRKEKRKQKQKNLDRGGSGGSGGSGGSGGSGGSKRHPSTLPVISDARSVLLEAIRKGIQLRKVEEQREQ
EAKHERIENDVATILSRRIAVEYSDSEDDSEFDEVDWLE
;
D
4 'polypeptide(L)' MAGQEDPVQREIHQDWANREYIEIITSSIKKIADFLNSFDMSCRSRLATLNEKLTALERRIEYIEARVTKGETLT E
5 'polypeptide(L)'
;AMAELQMLLEEEIPGGRRALFDSYTNLERVADYCENNYIQSADKQRALEETKAYTTQSLASVAYLINTLANNVLQMLDIQ
ASQLRRMESSINHISQTVDIHKEKVARREIGILTTNKNTSRTHKIIAPANLERPVRYIRKPIDYTILDDIGHGVKVSTQ
;
F
#
loop_
_chem_comp.id
_chem_comp.type
_chem_comp.name
_chem_comp.formula
CL non-polymer 'CHLORIDE ION' 'Cl -1'
GOL non-polymer GLYCEROL 'C3 H8 O3'
TRS non-polymer 2-AMINO-2-HYDROXYMETHYL-PROPANE-1,3-DIOL 'C4 H12 N O3 1'
#
# COMPACT_ATOMS: atom_id res chain seq x y z
N VAL A 5 -13.33 -76.50 18.21
CA VAL A 5 -12.93 -77.65 19.09
C VAL A 5 -11.67 -78.36 18.54
N THR A 6 -10.56 -78.14 19.23
CA THR A 6 -9.26 -78.68 18.80
C THR A 6 -9.10 -80.18 19.14
N LEU A 7 -8.12 -80.82 18.51
CA LEU A 7 -7.81 -82.24 18.74
C LEU A 7 -7.38 -82.53 20.18
N GLU A 8 -6.59 -81.64 20.76
CA GLU A 8 -6.15 -81.76 22.15
C GLU A 8 -7.30 -81.57 23.13
N ASP A 9 -8.31 -80.81 22.71
CA ASP A 9 -9.54 -80.63 23.51
C ASP A 9 -10.39 -81.91 23.49
N ALA A 10 -10.37 -82.63 22.36
CA ALA A 10 -11.07 -83.90 22.24
C ALA A 10 -10.35 -85.02 23.01
N LEU A 11 -9.02 -85.04 22.90
CA LEU A 11 -8.18 -85.97 23.64
C LEU A 11 -8.25 -85.77 25.15
N SER A 12 -8.40 -84.51 25.57
CA SER A 12 -8.55 -84.17 27.00
C SER A 12 -9.88 -84.67 27.56
N ASN A 13 -10.93 -84.65 26.75
CA ASN A 13 -12.22 -85.19 27.13
C ASN A 13 -12.17 -86.71 27.36
N VAL A 14 -11.33 -87.39 26.57
CA VAL A 14 -11.12 -88.82 26.73
C VAL A 14 -10.26 -89.11 27.96
N ASP A 15 -9.30 -88.22 28.24
CA ASP A 15 -8.47 -88.30 29.44
C ASP A 15 -9.30 -88.24 30.72
N LEU A 16 -10.33 -87.39 30.70
CA LEU A 16 -11.29 -87.27 31.81
C LEU A 16 -11.95 -88.59 32.21
N LEU A 17 -12.24 -89.42 31.21
CA LEU A 17 -12.87 -90.72 31.42
C LEU A 17 -11.96 -91.70 32.15
N GLU A 18 -10.68 -91.70 31.78
CA GLU A 18 -9.69 -92.57 32.40
C GLU A 18 -9.34 -92.14 33.83
N GLU A 19 -9.87 -91.00 34.26
CA GLU A 19 -9.59 -90.41 35.56
C GLU A 19 -10.65 -90.74 36.63
N LEU A 20 -11.87 -91.03 36.19
CA LEU A 20 -13.01 -91.26 37.09
C LEU A 20 -12.79 -92.38 38.12
N PRO A 21 -13.33 -92.20 39.35
CA PRO A 21 -13.26 -93.25 40.37
C PRO A 21 -14.32 -94.33 40.13
N LEU A 22 -14.04 -95.55 40.60
CA LEU A 22 -14.95 -96.67 40.44
C LEU A 22 -15.10 -97.46 41.74
N ALA A 57 0.01 -69.19 56.05
CA ALA A 57 0.85 -70.36 56.25
C ALA A 57 2.34 -70.03 56.04
N ARG A 58 2.99 -70.79 55.16
CA ARG A 58 4.41 -70.57 54.82
C ARG A 58 4.62 -69.36 53.91
N TYR A 59 3.53 -68.84 53.35
CA TYR A 59 3.58 -67.74 52.39
C TYR A 59 4.16 -66.46 52.97
N ILE A 60 3.85 -66.19 54.24
CA ILE A 60 4.36 -65.02 54.95
C ILE A 60 5.89 -65.05 55.02
N GLU A 61 6.43 -66.24 55.25
CA GLU A 61 7.88 -66.44 55.33
C GLU A 61 8.55 -66.25 53.97
N GLN A 62 7.98 -66.87 52.93
CA GLN A 62 8.48 -66.74 51.57
C GLN A 62 8.46 -65.29 51.11
N ALA A 63 7.39 -64.57 51.46
CA ALA A 63 7.28 -63.15 51.17
C ALA A 63 8.36 -62.34 51.89
N THR A 64 8.75 -62.79 53.08
CA THR A 64 9.78 -62.11 53.87
C THR A 64 11.17 -62.33 53.25
N VAL A 65 11.41 -63.53 52.72
CA VAL A 65 12.66 -63.84 52.02
C VAL A 65 12.74 -63.02 50.74
N HIS A 66 11.66 -63.06 49.96
CA HIS A 66 11.54 -62.31 48.71
C HIS A 66 11.81 -60.82 48.94
N SER A 67 11.14 -60.24 49.93
CA SER A 67 11.30 -58.82 50.26
C SER A 67 12.73 -58.47 50.65
N SER A 68 13.39 -59.39 51.35
CA SER A 68 14.77 -59.22 51.78
C SER A 68 15.73 -59.26 50.59
N MET A 69 15.49 -60.19 49.66
CA MET A 69 16.29 -60.29 48.44
C MET A 69 16.11 -59.06 47.53
N ASN A 70 14.89 -58.52 47.49
CA ASN A 70 14.60 -57.28 46.77
C ASN A 70 15.42 -56.09 47.23
N GLU A 71 15.63 -55.99 48.54
CA GLU A 71 16.43 -54.92 49.13
C GLU A 71 17.87 -54.96 48.64
N MET A 72 18.40 -56.17 48.43
CA MET A 72 19.74 -56.36 47.86
C MET A 72 19.85 -55.82 46.43
N LEU A 73 18.83 -56.07 45.62
CA LEU A 73 18.72 -55.51 44.27
C LEU A 73 18.83 -54.00 44.26
N GLU A 74 18.13 -53.34 45.20
CA GLU A 74 18.18 -51.89 45.31
C GLU A 74 19.57 -51.40 45.70
N GLU A 75 20.24 -52.14 46.58
CA GLU A 75 21.59 -51.82 47.01
C GLU A 75 22.58 -51.97 45.86
N GLY A 76 22.39 -53.01 45.06
CA GLY A 76 23.23 -53.28 43.89
C GLY A 76 23.15 -52.19 42.84
N GLN A 77 21.93 -51.68 42.64
CA GLN A 77 21.67 -50.55 41.75
C GLN A 77 22.49 -49.34 42.20
N GLU A 78 22.52 -49.08 43.50
CA GLU A 78 23.31 -47.98 44.06
C GLU A 78 24.80 -48.12 43.75
N TYR A 79 25.29 -49.35 43.76
CA TYR A 79 26.70 -49.62 43.41
C TYR A 79 26.93 -49.51 41.91
N ALA A 80 25.92 -49.86 41.12
CA ALA A 80 25.97 -49.70 39.68
C ALA A 80 26.09 -48.21 39.32
N VAL A 81 25.30 -47.38 39.99
CA VAL A 81 25.37 -45.92 39.84
C VAL A 81 26.75 -45.40 40.21
N MET A 82 27.28 -45.85 41.34
CA MET A 82 28.60 -45.44 41.82
C MET A 82 29.69 -45.73 40.77
N LEU A 83 29.61 -46.91 40.15
CA LEU A 83 30.56 -47.32 39.12
C LEU A 83 30.39 -46.54 37.82
N TYR A 84 29.15 -46.45 37.34
CA TYR A 84 28.85 -45.76 36.09
C TYR A 84 29.28 -44.30 36.10
N THR A 85 29.17 -43.67 37.27
CA THR A 85 29.46 -42.24 37.40
C THR A 85 30.85 -41.97 37.96
N TRP A 86 31.67 -43.01 38.08
CA TRP A 86 33.02 -42.87 38.62
C TRP A 86 33.97 -42.32 37.56
N ARG A 87 34.25 -41.03 37.62
CA ARG A 87 35.26 -40.44 36.75
C ARG A 87 36.61 -40.47 37.45
N SER A 88 37.68 -40.47 36.66
CA SER A 88 39.02 -40.59 37.21
C SER A 88 39.41 -39.40 38.07
N CYS A 89 39.75 -39.67 39.33
CA CYS A 89 40.32 -38.64 40.20
C CYS A 89 41.82 -38.48 39.90
N SER A 90 42.50 -39.59 39.61
CA SER A 90 43.95 -39.57 39.41
C SER A 90 44.41 -38.72 38.23
N ARG A 91 43.54 -38.57 37.23
CA ARG A 91 43.84 -37.72 36.07
C ARG A 91 43.91 -36.24 36.46
N ALA A 92 43.25 -35.90 37.58
CA ALA A 92 43.26 -34.54 38.11
C ALA A 92 44.45 -34.31 39.05
N ILE A 93 45.10 -35.39 39.47
CA ILE A 93 46.22 -35.32 40.41
C ILE A 93 47.52 -35.01 39.67
N PRO A 94 48.24 -33.95 40.09
CA PRO A 94 49.57 -33.68 39.56
C PRO A 94 50.50 -34.84 39.87
N GLN A 95 51.10 -35.40 38.82
CA GLN A 95 51.94 -36.60 38.97
C GLN A 95 53.30 -36.27 39.57
N VAL A 96 53.91 -37.26 40.20
CA VAL A 96 55.28 -37.15 40.70
C VAL A 96 56.20 -37.72 39.64
N LYS A 97 57.01 -36.85 39.04
CA LYS A 97 57.87 -37.21 37.91
C LYS A 97 59.10 -38.02 38.32
N CYS A 98 59.67 -37.69 39.48
CA CYS A 98 60.81 -38.42 40.03
C CYS A 98 60.90 -38.23 41.55
N ASN A 99 61.81 -38.98 42.18
CA ASN A 99 62.03 -38.91 43.64
C ASN A 99 62.62 -37.58 44.12
N GLU A 100 62.87 -36.67 43.17
CA GLU A 100 63.52 -35.39 43.45
C GLU A 100 62.57 -34.19 43.33
N GLN A 101 61.29 -34.42 43.60
CA GLN A 101 60.29 -33.37 43.49
C GLN A 101 60.03 -32.69 44.85
N PRO A 102 60.13 -31.35 44.89
CA PRO A 102 59.94 -30.56 46.11
C PRO A 102 58.61 -30.78 46.83
N ASN A 103 57.51 -30.84 46.08
CA ASN A 103 56.18 -30.98 46.67
C ASN A 103 55.69 -32.43 46.75
N ARG A 104 56.57 -33.37 46.42
CA ARG A 104 56.29 -34.81 46.41
C ARG A 104 55.43 -35.28 47.59
N VAL A 105 55.87 -34.95 48.81
CA VAL A 105 55.19 -35.38 50.03
C VAL A 105 53.77 -34.81 50.14
N GLU A 106 53.63 -33.52 49.84
CA GLU A 106 52.33 -32.83 49.91
C GLU A 106 51.30 -33.40 48.93
N ILE A 107 51.76 -33.77 47.74
CA ILE A 107 50.90 -34.36 46.71
C ILE A 107 50.31 -35.67 47.22
N TYR A 108 51.17 -36.59 47.67
CA TYR A 108 50.73 -37.86 48.23
C TYR A 108 49.78 -37.65 49.41
N GLU A 109 50.10 -36.68 50.25
CA GLU A 109 49.28 -36.33 51.41
C GLU A 109 47.87 -35.92 50.98
N LYS A 110 47.79 -35.02 50.00
CA LYS A 110 46.50 -34.57 49.47
C LYS A 110 45.78 -35.64 48.67
N THR A 111 46.54 -36.49 48.00
CA THR A 111 45.99 -37.63 47.26
C THR A 111 45.17 -38.54 48.16
N VAL A 112 45.73 -38.87 49.32
CA VAL A 112 45.08 -39.72 50.32
C VAL A 112 43.82 -39.06 50.88
N GLU A 113 43.90 -37.76 51.14
CA GLU A 113 42.77 -36.98 51.65
C GLU A 113 41.57 -37.02 50.71
N VAL A 114 41.84 -36.99 49.40
CA VAL A 114 40.79 -37.02 48.38
C VAL A 114 40.30 -38.43 48.09
N LEU A 115 41.24 -39.37 47.95
CA LEU A 115 40.89 -40.70 47.47
C LEU A 115 40.42 -41.69 48.53
N GLU A 116 40.76 -41.45 49.79
CA GLU A 116 40.38 -42.39 50.86
C GLU A 116 38.88 -42.63 50.98
N PRO A 117 38.06 -41.55 51.02
CA PRO A 117 36.61 -41.76 51.08
C PRO A 117 36.08 -42.55 49.89
N GLU A 118 36.74 -42.41 48.75
CA GLU A 118 36.33 -43.11 47.53
C GLU A 118 36.72 -44.60 47.58
N VAL A 119 37.87 -44.88 48.19
CA VAL A 119 38.34 -46.27 48.34
C VAL A 119 37.43 -47.07 49.27
N THR A 120 36.90 -46.41 50.29
CA THR A 120 35.91 -47.00 51.21
C THR A 120 34.67 -47.50 50.45
N LYS A 121 34.23 -46.72 49.46
CA LYS A 121 33.10 -47.10 48.60
C LYS A 121 33.41 -48.37 47.80
N LEU A 122 34.65 -48.45 47.30
CA LEU A 122 35.14 -49.62 46.58
C LEU A 122 35.23 -50.84 47.49
N MET A 123 35.73 -50.64 48.71
CA MET A 123 35.75 -51.68 49.73
C MET A 123 34.36 -52.25 49.94
N ASN A 124 33.40 -51.34 50.20
CA ASN A 124 32.00 -51.72 50.40
C ASN A 124 31.40 -52.42 49.19
N PHE A 125 31.87 -52.04 47.99
CA PHE A 125 31.45 -52.71 46.78
C PHE A 125 32.03 -54.12 46.67
N MET A 126 33.32 -54.27 46.99
CA MET A 126 33.95 -55.59 47.02
C MET A 126 33.17 -56.48 47.98
N TYR A 127 32.92 -55.96 49.18
CA TYR A 127 32.17 -56.70 50.20
C TYR A 127 30.74 -57.01 49.77
N PHE A 128 30.08 -56.05 49.10
CA PHE A 128 28.71 -56.27 48.64
C PHE A 128 28.58 -57.43 47.66
N GLN A 129 29.34 -57.40 46.57
CA GLN A 129 29.21 -58.42 45.53
C GLN A 129 29.49 -59.81 46.08
N ARG A 130 30.50 -59.90 46.94
CA ARG A 130 30.86 -61.13 47.63
C ARG A 130 29.66 -61.71 48.40
N ASN A 131 29.04 -60.86 49.22
N ASN A 131 29.04 -60.86 49.23
CA ASN A 131 27.87 -61.30 50.01
CA ASN A 131 27.87 -61.24 50.01
C ASN A 131 26.61 -61.55 49.17
C ASN A 131 26.65 -61.56 49.15
N ALA A 132 26.49 -60.84 48.04
CA ALA A 132 25.36 -61.01 47.13
C ALA A 132 25.45 -62.34 46.39
N ILE A 133 26.66 -62.69 45.92
CA ILE A 133 26.89 -63.96 45.25
C ILE A 133 26.63 -65.12 46.21
N GLU A 134 27.21 -65.02 47.41
CA GLU A 134 27.02 -66.03 48.46
C GLU A 134 25.54 -66.22 48.79
N ARG A 135 24.83 -65.11 48.99
CA ARG A 135 23.41 -65.15 49.31
C ARG A 135 22.56 -65.72 48.17
N PHE A 136 22.80 -65.21 46.95
CA PHE A 136 22.10 -65.73 45.77
C PHE A 136 22.30 -67.25 45.62
N CYS A 137 23.54 -67.69 45.73
CA CYS A 137 23.89 -69.10 45.59
C CYS A 137 23.33 -69.96 46.74
N GLY A 138 23.30 -69.39 47.94
CA GLY A 138 22.68 -70.05 49.10
C GLY A 138 21.20 -70.34 48.85
N GLU A 139 20.54 -69.42 48.16
CA GLU A 139 19.13 -69.54 47.83
C GLU A 139 18.91 -70.52 46.67
N VAL A 140 19.88 -70.58 45.75
CA VAL A 140 19.83 -71.52 44.65
C VAL A 140 20.03 -72.95 45.19
N ARG A 141 20.95 -73.09 46.16
CA ARG A 141 21.18 -74.35 46.85
C ARG A 141 19.92 -74.84 47.54
N ARG A 142 19.28 -73.94 48.29
CA ARG A 142 18.04 -74.24 49.01
C ARG A 142 16.92 -74.76 48.10
N LEU A 143 16.77 -74.15 46.93
CA LEU A 143 15.71 -74.52 45.99
C LEU A 143 16.08 -75.69 45.08
N CYS A 144 17.33 -76.15 45.18
CA CYS A 144 17.80 -77.29 44.37
C CYS A 144 18.00 -78.57 45.19
N HIS A 145 17.40 -78.61 46.38
CA HIS A 145 17.42 -79.81 47.22
C HIS A 145 16.58 -80.92 46.55
N ALA A 146 16.98 -82.17 46.79
CA ALA A 146 16.40 -83.34 46.12
C ALA A 146 14.88 -83.35 45.97
N GLU A 147 14.16 -83.23 47.10
CA GLU A 147 12.70 -83.27 47.09
C GLU A 147 12.09 -81.88 46.99
N ARG A 148 12.81 -80.87 47.46
CA ARG A 148 12.39 -79.47 47.34
C ARG A 148 12.30 -79.05 45.87
N ARG A 149 13.07 -79.72 45.01
CA ARG A 149 13.04 -79.53 43.56
C ARG A 149 11.64 -79.82 42.99
N LYS A 150 10.93 -80.73 43.65
CA LYS A 150 9.58 -81.13 43.22
C LYS A 150 8.47 -80.30 43.87
N ASP A 151 8.82 -79.09 44.32
CA ASP A 151 7.88 -78.20 45.02
C ASP A 151 7.69 -76.84 44.34
N PHE A 152 6.63 -76.15 44.73
CA PHE A 152 6.19 -74.88 44.13
C PHE A 152 7.11 -73.69 44.45
N VAL A 153 7.45 -72.91 43.43
CA VAL A 153 8.19 -71.65 43.58
C VAL A 153 7.46 -70.51 42.85
N SER A 154 7.23 -69.41 43.55
CA SER A 154 6.50 -68.24 43.04
C SER A 154 7.14 -67.64 41.79
N GLU A 155 6.31 -67.36 40.78
CA GLU A 155 6.73 -66.69 39.54
C GLU A 155 7.44 -65.37 39.82
N ALA A 156 6.84 -64.53 40.66
CA ALA A 156 7.42 -63.25 41.05
C ALA A 156 8.82 -63.40 41.67
N TYR A 157 9.04 -64.50 42.40
CA TYR A 157 10.35 -64.76 43.00
C TYR A 157 11.40 -65.26 42.00
N LEU A 158 10.97 -66.10 41.05
CA LEU A 158 11.85 -66.54 39.98
C LEU A 158 12.34 -65.33 39.16
N ILE A 159 11.45 -64.37 38.92
CA ILE A 159 11.78 -63.12 38.24
C ILE A 159 12.85 -62.33 39.01
N THR A 160 12.67 -62.27 40.33
CA THR A 160 13.60 -61.59 41.22
C THR A 160 14.99 -62.24 41.19
N LEU A 161 15.02 -63.57 41.11
CA LEU A 161 16.28 -64.30 40.96
C LEU A 161 16.89 -64.04 39.58
N GLY A 162 16.04 -63.85 38.58
CA GLY A 162 16.47 -63.42 37.26
C GLY A 162 17.13 -62.05 37.30
N LYS A 163 16.50 -61.10 37.99
CA LYS A 163 17.06 -59.76 38.16
C LYS A 163 18.39 -59.79 38.95
N PHE A 164 18.57 -60.82 39.77
CA PHE A 164 19.83 -61.04 40.47
C PHE A 164 20.98 -61.37 39.52
N ILE A 165 20.75 -62.30 38.58
CA ILE A 165 21.80 -62.66 37.64
C ILE A 165 22.13 -61.52 36.68
N ASN A 166 21.12 -60.71 36.33
CA ASN A 166 21.36 -59.51 35.56
C ASN A 166 22.15 -58.47 36.33
N MET A 167 21.86 -58.34 37.63
CA MET A 167 22.59 -57.43 38.51
C MET A 167 24.09 -57.77 38.51
N PHE A 168 24.41 -59.06 38.54
CA PHE A 168 25.80 -59.51 38.48
C PHE A 168 26.44 -59.16 37.13
N ALA A 169 25.68 -59.28 36.04
CA ALA A 169 26.13 -58.90 34.70
C ALA A 169 26.40 -57.40 34.64
N VAL A 170 25.42 -56.61 35.10
CA VAL A 170 25.54 -55.16 35.15
C VAL A 170 26.82 -54.75 35.89
N LEU A 171 26.98 -55.22 37.12
CA LEU A 171 28.09 -54.82 37.97
C LEU A 171 29.44 -55.27 37.41
N ASP A 172 29.46 -56.46 36.82
CA ASP A 172 30.68 -57.00 36.23
C ASP A 172 31.14 -56.19 35.03
N GLU A 173 30.20 -55.86 34.14
CA GLU A 173 30.53 -55.09 32.93
C GLU A 173 30.91 -53.64 33.23
N LEU A 174 30.21 -53.01 34.17
CA LEU A 174 30.58 -51.67 34.62
C LEU A 174 31.98 -51.67 35.25
N LYS A 175 32.29 -52.70 36.02
CA LYS A 175 33.61 -52.87 36.63
C LYS A 175 34.66 -53.14 35.56
N ASN A 176 34.29 -53.95 34.57
CA ASN A 176 35.18 -54.30 33.46
C ASN A 176 35.64 -53.06 32.68
N MET A 177 34.70 -52.16 32.38
CA MET A 177 35.01 -50.98 31.58
C MET A 177 35.69 -49.86 32.37
N LYS A 178 35.57 -49.89 33.70
CA LYS A 178 36.05 -48.78 34.52
C LYS A 178 37.52 -48.85 34.99
N CYS A 179 38.44 -48.52 34.07
CA CYS A 179 39.87 -48.40 34.39
C CYS A 179 40.11 -47.31 35.43
N SER A 180 39.29 -46.27 35.40
CA SER A 180 39.36 -45.16 36.35
C SER A 180 39.34 -45.65 37.79
N VAL A 181 38.48 -46.62 38.06
CA VAL A 181 38.30 -47.21 39.39
C VAL A 181 39.58 -47.92 39.85
N LYS A 182 40.07 -48.84 39.01
CA LYS A 182 41.34 -49.52 39.26
C LYS A 182 42.50 -48.52 39.44
N ASN A 183 42.63 -47.59 38.50
CA ASN A 183 43.73 -46.62 38.53
C ASN A 183 43.68 -45.66 39.71
N ASP A 184 42.47 -45.33 40.18
CA ASP A 184 42.31 -44.47 41.36
C ASP A 184 42.71 -45.19 42.65
N HIS A 185 42.41 -46.48 42.74
CA HIS A 185 42.82 -47.26 43.90
C HIS A 185 44.34 -47.39 43.97
N SER A 186 44.95 -47.70 42.82
CA SER A 186 46.41 -47.80 42.70
C SER A 186 47.10 -46.48 43.05
N ALA A 187 46.52 -45.36 42.61
CA ALA A 187 47.06 -44.03 42.92
C ALA A 187 47.01 -43.76 44.42
N TYR A 188 45.92 -44.19 45.06
CA TYR A 188 45.76 -44.09 46.50
C TYR A 188 46.74 -45.04 47.21
N LYS A 189 46.80 -46.28 46.73
CA LYS A 189 47.64 -47.31 47.30
C LYS A 189 49.12 -46.90 47.26
N ARG A 190 49.52 -46.30 46.14
CA ARG A 190 50.88 -45.81 45.96
C ARG A 190 51.17 -44.66 46.94
N ALA A 191 50.17 -43.81 47.15
CA ALA A 191 50.32 -42.65 48.03
C ALA A 191 50.40 -43.03 49.51
N ALA A 192 49.52 -43.95 49.92
CA ALA A 192 49.46 -44.42 51.30
C ALA A 192 50.77 -45.07 51.75
N GLN A 193 51.42 -45.78 50.83
CA GLN A 193 52.68 -46.47 51.11
C GLN A 193 53.88 -45.52 51.21
N PHE A 194 53.97 -44.57 50.28
CA PHE A 194 55.03 -43.57 50.28
C PHE A 194 54.86 -42.53 51.39
N LEU A 195 53.95 -42.80 52.32
CA LEU A 195 53.73 -41.96 53.50
C LEU A 195 53.83 -42.78 54.79
N ARG A 196 53.85 -44.11 54.64
CA ARG A 196 53.91 -45.06 55.76
C ARG A 196 52.81 -44.87 56.81
N LYS A 197 51.57 -44.73 56.34
CA LYS A 197 50.44 -44.60 57.26
C LYS A 197 50.19 -45.90 58.03
N MET A 198 49.86 -45.75 59.31
CA MET A 198 49.72 -46.88 60.22
C MET A 198 48.47 -47.70 59.94
N ALA A 199 48.67 -48.93 59.48
CA ALA A 199 47.58 -49.82 59.07
C ALA A 199 47.61 -51.16 59.81
N ASP A 200 46.42 -51.68 60.11
CA ASP A 200 46.25 -52.97 60.77
C ASP A 200 46.66 -54.11 59.84
N PRO A 201 47.06 -55.27 60.41
CA PRO A 201 47.19 -56.48 59.58
C PRO A 201 45.88 -56.82 58.88
N GLN A 202 44.77 -56.41 59.49
CA GLN A 202 43.44 -56.47 58.89
C GLN A 202 43.36 -55.55 57.68
N SER A 203 43.86 -54.32 57.86
CA SER A 203 43.87 -53.31 56.81
C SER A 203 44.76 -53.70 55.62
N ILE A 204 45.91 -54.32 55.93
CA ILE A 204 46.85 -54.77 54.90
C ILE A 204 46.23 -55.82 53.97
N GLN A 205 45.61 -56.84 54.53
CA GLN A 205 44.99 -57.92 53.75
C GLN A 205 43.74 -57.41 53.02
N GLU A 206 43.01 -56.51 53.69
CA GLU A 206 41.86 -55.82 53.10
C GLU A 206 42.30 -55.12 51.81
N SER A 207 43.35 -54.31 51.91
CA SER A 207 43.94 -53.59 50.79
C SER A 207 44.44 -54.52 49.69
N GLN A 208 44.97 -55.68 50.10
CA GLN A 208 45.45 -56.70 49.17
C GLN A 208 44.31 -57.32 48.36
N ASN A 209 43.21 -57.63 49.05
CA ASN A 209 42.02 -58.21 48.41
C ASN A 209 41.43 -57.30 47.34
N LEU A 210 41.37 -56.00 47.63
CA LEU A 210 40.82 -55.02 46.68
C LEU A 210 41.68 -54.90 45.42
N SER A 211 43.00 -54.83 45.60
CA SER A 211 43.93 -54.84 44.46
C SER A 211 43.68 -56.02 43.55
N MET A 212 43.59 -57.21 44.13
CA MET A 212 43.31 -58.44 43.40
C MET A 212 41.96 -58.41 42.70
N PHE A 213 40.94 -57.92 43.41
CA PHE A 213 39.59 -57.82 42.89
C PHE A 213 39.54 -56.95 41.64
N LEU A 214 40.11 -55.74 41.75
CA LEU A 214 40.10 -54.76 40.66
C LEU A 214 41.02 -55.13 39.48
N ALA A 215 42.03 -55.95 39.75
CA ALA A 215 42.98 -56.37 38.72
C ALA A 215 42.39 -57.40 37.77
N ASN A 216 41.41 -58.16 38.25
CA ASN A 216 40.86 -59.27 37.49
C ASN A 216 39.60 -58.96 36.71
N HIS A 217 39.64 -59.28 35.41
CA HIS A 217 38.53 -59.09 34.50
C HIS A 217 37.51 -60.20 34.72
N ASN A 218 36.22 -59.89 34.54
CA ASN A 218 35.12 -60.85 34.70
C ASN A 218 35.10 -61.55 36.06
N LYS A 219 35.54 -60.86 37.10
CA LYS A 219 35.69 -61.43 38.44
C LYS A 219 34.36 -61.80 39.08
N ILE A 220 33.35 -60.96 38.90
CA ILE A 220 32.02 -61.24 39.44
C ILE A 220 31.36 -62.41 38.72
N THR A 221 31.49 -62.46 37.39
CA THR A 221 30.98 -63.58 36.61
C THR A 221 31.69 -64.89 36.97
N GLN A 222 33.00 -64.83 37.16
CA GLN A 222 33.79 -66.02 37.51
C GLN A 222 33.43 -66.60 38.87
N SER A 223 33.37 -65.73 39.88
CA SER A 223 32.95 -66.12 41.22
C SER A 223 31.58 -66.78 41.20
N LEU A 224 30.64 -66.15 40.50
CA LEU A 224 29.29 -66.70 40.37
C LEU A 224 29.29 -68.07 39.70
N GLN A 225 30.15 -68.25 38.71
CA GLN A 225 30.22 -69.51 37.97
C GLN A 225 30.77 -70.67 38.80
N GLN A 226 31.77 -70.37 39.62
CA GLN A 226 32.37 -71.37 40.50
C GLN A 226 31.40 -71.79 41.61
N GLN A 227 30.70 -70.81 42.18
CA GLN A 227 29.79 -71.03 43.30
C GLN A 227 28.44 -71.64 42.89
N LEU A 228 28.14 -71.59 41.60
CA LEU A 228 26.92 -72.22 41.08
C LEU A 228 27.17 -73.66 40.64
N GLU A 229 28.28 -73.87 39.94
CA GLU A 229 28.60 -75.20 39.40
C GLU A 229 28.97 -76.22 40.48
N VAL A 230 29.28 -75.74 41.68
CA VAL A 230 29.51 -76.58 42.85
C VAL A 230 28.18 -77.09 43.42
N ILE A 231 27.08 -76.47 42.99
CA ILE A 231 25.72 -76.85 43.41
C ILE A 231 25.08 -77.79 42.40
N SER A 232 24.78 -79.00 42.86
CA SER A 232 24.18 -80.04 42.02
C SER A 232 22.78 -79.66 41.57
N GLY A 233 22.54 -79.71 40.26
CA GLY A 233 21.24 -79.39 39.68
C GLY A 233 20.90 -77.91 39.53
N TYR A 234 21.87 -77.02 39.77
CA TYR A 234 21.67 -75.56 39.68
C TYR A 234 21.01 -75.13 38.37
N GLU A 235 21.34 -75.84 37.29
CA GLU A 235 20.85 -75.50 35.96
C GLU A 235 19.33 -75.67 35.82
N GLU A 236 18.76 -76.54 36.65
CA GLU A 236 17.31 -76.79 36.63
C GLU A 236 16.54 -75.56 37.12
N LEU A 237 17.05 -74.93 38.18
CA LEU A 237 16.49 -73.67 38.67
C LEU A 237 16.63 -72.55 37.65
N LEU A 238 17.84 -72.40 37.10
CA LEU A 238 18.09 -71.39 36.06
C LEU A 238 17.18 -71.60 34.85
N ALA A 239 17.04 -72.86 34.43
CA ALA A 239 16.12 -73.21 33.35
C ALA A 239 14.68 -72.78 33.65
N ASP A 240 14.25 -72.93 34.91
CA ASP A 240 12.92 -72.45 35.32
C ASP A 240 12.84 -70.93 35.15
N ILE A 241 13.88 -70.23 35.60
CA ILE A 241 13.97 -68.77 35.43
C ILE A 241 13.93 -68.38 33.95
N VAL A 242 14.72 -69.06 33.12
CA VAL A 242 14.75 -68.81 31.69
C VAL A 242 13.40 -69.07 31.03
N ASN A 243 12.82 -70.25 31.29
CA ASN A 243 11.52 -70.64 30.71
C ASN A 243 10.40 -69.65 31.03
N LEU A 244 10.41 -69.12 32.26
CA LEU A 244 9.46 -68.10 32.66
C LEU A 244 9.64 -66.81 31.85
N CYS A 245 10.89 -66.39 31.66
CA CYS A 245 11.20 -65.21 30.83
C CYS A 245 10.72 -65.36 29.38
N VAL A 246 10.99 -66.53 28.80
CA VAL A 246 10.52 -66.87 27.45
C VAL A 246 8.99 -66.81 27.39
N ASP A 247 8.34 -67.35 28.42
CA ASP A 247 6.88 -67.37 28.51
C ASP A 247 6.30 -65.97 28.64
N TYR A 248 6.92 -65.15 29.49
CA TYR A 248 6.50 -63.78 29.72
C TYR A 248 6.68 -62.92 28.46
N TYR A 249 7.81 -63.11 27.78
CA TYR A 249 8.14 -62.36 26.57
C TYR A 249 7.19 -62.71 25.42
N GLU A 250 6.93 -64.00 25.26
CA GLU A 250 6.02 -64.51 24.23
C GLU A 250 4.59 -64.02 24.42
N ASN A 251 4.12 -64.02 25.67
CA ASN A 251 2.74 -63.67 25.98
C ASN A 251 2.56 -62.25 26.49
N ARG A 252 3.59 -61.43 26.28
CA ARG A 252 3.56 -59.98 26.57
C ARG A 252 3.26 -59.68 28.06
N MET A 253 3.87 -60.48 28.94
CA MET A 253 3.72 -60.25 30.38
C MET A 253 4.82 -59.28 30.87
N TYR A 254 4.70 -58.05 30.40
CA TYR A 254 5.57 -56.95 30.81
C TYR A 254 4.85 -55.67 30.38
N LEU A 255 5.24 -54.55 30.98
CA LEU A 255 4.63 -53.28 30.62
C LEU A 255 5.66 -52.28 30.10
N THR A 256 6.62 -51.91 30.95
CA THR A 256 7.62 -50.91 30.61
C THR A 256 8.70 -51.50 29.72
N PRO A 257 9.40 -50.65 28.94
CA PRO A 257 10.51 -51.11 28.09
C PRO A 257 11.61 -51.80 28.89
N SER A 258 11.88 -51.32 30.11
CA SER A 258 12.93 -51.91 30.93
C SER A 258 12.56 -53.34 31.34
N GLU A 259 11.29 -53.57 31.66
CA GLU A 259 10.80 -54.92 31.98
C GLU A 259 10.96 -55.83 30.76
N LYS A 260 10.53 -55.34 29.60
CA LYS A 260 10.68 -56.06 28.34
C LYS A 260 12.13 -56.51 28.11
N HIS A 261 13.07 -55.56 28.24
CA HIS A 261 14.47 -55.84 27.98
C HIS A 261 15.10 -56.75 29.02
N MET A 262 14.61 -56.65 30.26
CA MET A 262 15.14 -57.47 31.34
C MET A 262 14.98 -58.96 31.04
N LEU A 263 13.81 -59.33 30.53
CA LEU A 263 13.52 -60.72 30.15
C LEU A 263 14.57 -61.27 29.18
N LEU A 264 14.91 -60.46 28.18
CA LEU A 264 15.90 -60.85 27.17
C LEU A 264 17.30 -60.98 27.77
N LYS A 265 17.63 -60.07 28.69
CA LYS A 265 18.92 -60.08 29.36
C LYS A 265 19.07 -61.26 30.33
N VAL A 266 17.96 -61.66 30.95
CA VAL A 266 17.96 -62.82 31.83
C VAL A 266 18.06 -64.12 31.02
N MET A 267 17.28 -64.20 29.93
CA MET A 267 17.41 -65.32 28.98
C MET A 267 18.88 -65.53 28.60
N GLY A 268 19.52 -64.43 28.19
CA GLY A 268 20.87 -64.47 27.65
C GLY A 268 21.92 -64.92 28.64
N PHE A 269 22.06 -64.17 29.73
CA PHE A 269 23.05 -64.52 30.77
C PHE A 269 22.67 -65.81 31.48
N GLY A 270 21.37 -66.11 31.52
CA GLY A 270 20.87 -67.38 32.03
C GLY A 270 21.42 -68.57 31.27
N LEU A 271 21.27 -68.53 29.94
CA LEU A 271 21.82 -69.57 29.06
C LEU A 271 23.33 -69.70 29.18
N TYR A 272 24.00 -68.55 29.29
CA TYR A 272 25.45 -68.51 29.42
C TYR A 272 25.89 -69.23 30.69
N LEU A 273 25.18 -68.97 31.79
CA LEU A 273 25.52 -69.57 33.07
C LEU A 273 25.20 -71.06 33.09
N MET A 274 24.18 -71.47 32.33
CA MET A 274 23.79 -72.88 32.22
C MET A 274 24.74 -73.69 31.34
N ASP A 275 25.43 -73.01 30.42
CA ASP A 275 26.37 -73.67 29.51
C ASP A 275 27.76 -73.62 30.11
N GLY A 276 28.21 -74.72 30.71
CA GLY A 276 29.50 -74.74 31.40
C GLY A 276 30.15 -76.10 31.47
N SER A 277 30.93 -76.32 32.54
CA SER A 277 31.67 -77.56 32.73
C SER A 277 30.77 -78.72 33.15
N VAL A 278 29.75 -78.42 33.95
CA VAL A 278 28.84 -79.43 34.48
C VAL A 278 27.58 -79.56 33.62
N SER A 279 27.04 -78.42 33.17
CA SER A 279 25.79 -78.41 32.43
C SER A 279 25.96 -77.97 30.96
N ASN A 280 25.04 -78.43 30.11
CA ASN A 280 25.08 -78.14 28.68
C ASN A 280 23.68 -77.80 28.16
N ILE A 281 23.52 -76.62 27.58
CA ILE A 281 22.22 -76.12 27.14
C ILE A 281 21.65 -76.81 25.90
N TYR A 282 22.53 -77.37 25.07
CA TYR A 282 22.12 -78.06 23.85
C TYR A 282 21.59 -79.46 24.17
N LYS A 283 22.04 -80.02 25.29
CA LYS A 283 21.51 -81.30 25.79
C LYS A 283 20.18 -81.11 26.50
N LEU A 284 20.06 -80.02 27.27
CA LEU A 284 18.80 -79.63 27.92
C LEU A 284 17.72 -79.31 26.90
N ASP A 285 18.13 -78.77 25.75
CA ASP A 285 17.23 -78.51 24.64
C ASP A 285 16.76 -79.81 23.99
N ALA A 286 17.65 -80.80 23.96
CA ALA A 286 17.33 -82.12 23.39
C ALA A 286 16.29 -82.86 24.22
N LYS A 287 16.32 -82.60 25.53
CA LYS A 287 15.33 -83.13 26.46
C LYS A 287 14.07 -82.27 26.50
N LYS A 288 14.05 -81.22 25.66
CA LYS A 288 12.97 -80.22 25.59
C LYS A 288 12.70 -79.52 26.93
N ARG A 289 13.73 -79.43 27.76
CA ARG A 289 13.66 -78.72 29.04
C ARG A 289 13.66 -77.22 28.81
N ILE A 290 14.46 -76.76 27.85
CA ILE A 290 14.42 -75.37 27.39
C ILE A 290 14.22 -75.33 25.87
N ASN A 291 13.86 -74.15 25.37
CA ASN A 291 13.61 -73.96 23.95
C ASN A 291 14.54 -72.91 23.34
N LEU A 292 15.70 -73.37 22.84
CA LEU A 292 16.72 -72.48 22.29
C LEU A 292 16.25 -71.77 21.02
N SER A 293 15.45 -72.47 20.22
CA SER A 293 14.88 -71.93 18.99
C SER A 293 14.09 -70.63 19.23
N LYS A 294 13.28 -70.61 20.29
CA LYS A 294 12.48 -69.44 20.64
C LYS A 294 13.36 -68.26 21.05
N ILE A 295 14.36 -68.55 21.88
CA ILE A 295 15.34 -67.54 22.31
C ILE A 295 16.09 -66.97 21.10
N ASP A 296 16.51 -67.87 20.19
CA ASP A 296 17.16 -67.49 18.94
C ASP A 296 16.31 -66.53 18.12
N LYS A 297 15.01 -66.81 18.05
CA LYS A 297 14.05 -65.97 17.33
C LYS A 297 13.92 -64.57 17.94
N TYR A 298 13.86 -64.49 19.27
CA TYR A 298 13.73 -63.21 19.95
C TYR A 298 14.99 -62.36 19.81
N PHE A 299 16.15 -63.01 19.90
CA PHE A 299 17.44 -62.34 19.83
C PHE A 299 17.70 -61.80 18.41
N LYS A 300 17.19 -62.50 17.40
CA LYS A 300 17.30 -62.05 16.01
C LYS A 300 16.37 -60.86 15.74
N GLN A 301 15.18 -60.90 16.33
CA GLN A 301 14.21 -59.82 16.18
C GLN A 301 14.68 -58.56 16.91
N LEU A 302 15.25 -58.74 18.10
CA LEU A 302 15.79 -57.65 18.88
C LEU A 302 17.19 -58.04 19.38
N GLN A 303 18.21 -57.42 18.78
CA GLN A 303 19.58 -57.89 18.93
C GLN A 303 20.36 -57.17 20.03
N VAL A 304 19.94 -55.94 20.34
CA VAL A 304 20.67 -55.09 21.27
C VAL A 304 19.69 -54.35 22.17
N VAL A 305 19.98 -54.34 23.47
CA VAL A 305 19.18 -53.60 24.44
C VAL A 305 20.14 -52.92 25.43
N PRO A 306 19.65 -51.89 26.15
CA PRO A 306 20.50 -51.24 27.14
C PRO A 306 20.86 -52.15 28.32
N LEU A 307 22.12 -52.07 28.76
CA LEU A 307 22.59 -52.81 29.93
C LEU A 307 22.64 -51.87 31.14
N PHE A 308 23.33 -50.75 30.98
CA PHE A 308 23.32 -49.66 31.96
C PHE A 308 23.82 -48.38 31.29
N GLY A 309 23.04 -47.32 31.39
CA GLY A 309 23.39 -46.04 30.76
C GLY A 309 23.59 -46.19 29.26
N ASP A 310 24.70 -45.66 28.76
CA ASP A 310 25.05 -45.79 27.34
C ASP A 310 25.72 -47.13 27.03
N MET A 311 25.98 -47.94 28.07
CA MET A 311 26.57 -49.25 27.89
C MET A 311 25.49 -50.24 27.46
N GLN A 312 25.59 -50.74 26.24
CA GLN A 312 24.60 -51.66 25.68
C GLN A 312 25.04 -53.11 25.83
N ILE A 313 24.11 -54.02 25.57
CA ILE A 313 24.42 -55.45 25.50
C ILE A 313 23.89 -56.02 24.19
N GLU A 314 24.80 -56.63 23.42
CA GLU A 314 24.42 -57.38 22.24
C GLU A 314 24.06 -58.78 22.70
N LEU A 315 22.76 -59.07 22.73
CA LEU A 315 22.23 -60.31 23.31
C LEU A 315 22.92 -61.58 22.81
N ALA A 316 23.19 -61.65 21.50
CA ALA A 316 23.82 -62.82 20.90
C ALA A 316 25.26 -63.10 21.39
N ARG A 317 25.88 -62.10 22.02
CA ARG A 317 27.18 -62.28 22.65
C ARG A 317 27.16 -63.39 23.70
N TYR A 318 26.09 -63.46 24.50
CA TYR A 318 25.91 -64.54 25.48
C TYR A 318 25.98 -65.92 24.82
N ILE A 319 25.38 -66.02 23.63
CA ILE A 319 25.43 -67.23 22.83
C ILE A 319 26.86 -67.48 22.30
N LYS A 320 27.40 -66.50 21.58
CA LYS A 320 28.70 -66.62 20.91
C LYS A 320 29.86 -66.98 21.84
N THR A 321 29.82 -66.52 23.09
N THR A 321 29.79 -66.52 23.09
CA THR A 321 30.91 -66.78 24.03
CA THR A 321 30.85 -66.72 24.07
C THR A 321 30.56 -67.85 25.08
C THR A 321 30.56 -67.85 25.07
N SER A 322 29.48 -68.60 24.85
CA SER A 322 29.11 -69.72 25.74
C SER A 322 30.03 -70.92 25.51
N ALA A 323 30.29 -71.66 26.59
CA ALA A 323 31.22 -72.79 26.58
C ALA A 323 31.17 -73.69 25.34
N HIS A 324 29.96 -73.98 24.86
CA HIS A 324 29.76 -74.98 23.80
C HIS A 324 29.28 -74.40 22.46
N TYR A 325 29.51 -73.12 22.25
CA TYR A 325 29.07 -72.44 21.02
C TYR A 325 29.68 -72.99 19.72
N GLU A 326 31.00 -73.17 19.69
CA GLU A 326 31.71 -73.51 18.44
C GLU A 326 31.22 -74.80 17.76
N GLU A 327 30.93 -75.82 18.57
CA GLU A 327 30.44 -77.10 18.06
C GLU A 327 28.97 -77.02 17.63
N ASN A 328 28.28 -75.98 18.09
CA ASN A 328 26.84 -75.85 17.87
C ASN A 328 26.42 -74.53 17.21
N LYS A 329 27.24 -74.05 16.28
CA LYS A 329 26.99 -72.79 15.58
C LYS A 329 25.75 -72.82 14.69
N SER A 330 25.48 -73.98 14.10
CA SER A 330 24.37 -74.17 13.14
C SER A 330 22.98 -73.96 13.74
N ARG A 331 22.90 -74.06 15.07
CA ARG A 331 21.62 -73.92 15.80
C ARG A 331 21.11 -72.49 15.85
N TRP A 332 21.98 -71.53 15.53
CA TRP A 332 21.68 -70.12 15.72
C TRP A 332 21.60 -69.29 14.44
N THR A 333 20.58 -68.45 14.35
CA THR A 333 20.42 -67.50 13.25
C THR A 333 20.62 -66.06 13.75
N CYS A 334 20.64 -65.90 15.07
CA CYS A 334 20.78 -64.59 15.68
C CYS A 334 22.25 -64.13 15.76
N THR A 335 23.15 -65.00 15.35
CA THR A 335 24.58 -64.72 15.40
C THR A 335 25.13 -64.12 14.09
N SER A 336 24.27 -64.00 13.09
CA SER A 336 24.66 -63.49 11.77
C SER A 336 24.09 -62.10 11.49
N SER A 337 24.91 -61.25 10.86
CA SER A 337 24.49 -59.90 10.45
C SER A 337 25.31 -59.42 9.25
N ILE A 345 12.50 -48.29 8.69
CA ILE A 345 11.89 -47.33 9.61
C ILE A 345 10.66 -46.67 9.01
N CYS A 346 10.52 -46.74 7.69
CA CYS A 346 9.40 -46.15 6.97
C CYS A 346 8.10 -46.92 7.26
N GLU A 347 8.20 -48.24 7.24
CA GLU A 347 7.09 -49.12 7.57
C GLU A 347 6.71 -48.96 9.04
N GLN A 348 7.72 -48.74 9.88
CA GLN A 348 7.53 -48.53 11.31
C GLN A 348 6.64 -47.31 11.58
N MET A 349 6.90 -46.22 10.85
CA MET A 349 6.23 -44.94 11.09
C MET A 349 4.77 -44.91 10.62
N ILE A 350 4.46 -45.61 9.54
CA ILE A 350 3.09 -45.74 9.07
C ILE A 350 2.20 -46.29 10.20
N GLN A 351 2.62 -47.40 10.81
CA GLN A 351 1.89 -48.04 11.91
C GLN A 351 1.75 -47.15 13.14
N ILE A 352 2.88 -46.60 13.61
CA ILE A 352 2.89 -45.72 14.77
C ILE A 352 1.93 -44.54 14.60
N ARG A 353 1.95 -43.92 13.43
CA ARG A 353 1.06 -42.79 13.12
C ARG A 353 -0.41 -43.19 13.09
N GLU A 354 -0.70 -44.40 12.61
CA GLU A 354 -2.06 -44.93 12.61
C GLU A 354 -2.57 -45.18 14.03
N ASP A 355 -1.77 -45.86 14.84
CA ASP A 355 -2.12 -46.18 16.23
C ASP A 355 -2.31 -44.91 17.05
N HIS A 356 -1.47 -43.91 16.81
CA HIS A 356 -1.58 -42.61 17.45
C HIS A 356 -2.92 -41.98 17.12
N MET A 357 -3.28 -41.99 15.84
CA MET A 357 -4.56 -41.50 15.36
C MET A 357 -5.71 -42.24 16.03
N ARG A 358 -5.67 -43.58 15.98
CA ARG A 358 -6.77 -44.42 16.46
C ARG A 358 -6.99 -44.30 17.99
N PHE A 359 -5.92 -44.39 18.76
CA PHE A 359 -6.04 -44.36 20.22
C PHE A 359 -6.40 -42.99 20.76
N ILE A 360 -5.70 -41.96 20.31
CA ILE A 360 -5.87 -40.61 20.85
C ILE A 360 -7.24 -40.03 20.49
N SER A 361 -7.76 -40.41 19.33
CA SER A 361 -9.13 -40.09 18.93
C SER A 361 -10.16 -40.60 19.94
N GLU A 362 -10.00 -41.86 20.36
CA GLU A 362 -10.87 -42.46 21.36
C GLU A 362 -10.67 -41.81 22.73
N LEU A 363 -9.43 -41.80 23.20
CA LEU A 363 -9.07 -41.17 24.48
C LEU A 363 -9.67 -39.77 24.67
N ALA A 364 -9.63 -38.96 23.61
CA ALA A 364 -10.16 -37.60 23.66
C ALA A 364 -11.66 -37.55 23.96
N ARG A 365 -12.41 -38.55 23.49
CA ARG A 365 -13.85 -38.62 23.71
C ARG A 365 -14.23 -38.84 25.17
N TYR A 366 -13.40 -39.56 25.91
CA TYR A 366 -13.63 -39.90 27.30
C TYR A 366 -13.04 -38.90 28.21
N SER A 367 -12.73 -37.74 27.70
CA SER A 367 -12.03 -36.78 28.50
C SER A 367 -12.73 -35.44 28.52
N ALA A 380 -24.46 -39.27 42.02
CA ALA A 380 -24.30 -39.83 40.69
C ALA A 380 -22.99 -40.59 40.55
N GLN A 381 -23.08 -41.81 40.03
CA GLN A 381 -21.91 -42.68 39.84
C GLN A 381 -22.01 -43.46 38.53
N LYS A 382 -20.88 -43.94 38.04
CA LYS A 382 -20.81 -44.70 36.79
C LYS A 382 -20.99 -46.19 37.01
N THR A 383 -21.23 -46.92 35.91
CA THR A 383 -21.45 -48.37 35.96
C THR A 383 -20.13 -49.14 35.97
N ASP A 384 -20.22 -50.45 36.23
CA ASP A 384 -19.06 -51.35 36.18
C ASP A 384 -18.38 -51.35 34.81
N ALA A 385 -19.18 -51.28 33.76
CA ALA A 385 -18.68 -51.31 32.38
C ALA A 385 -17.92 -50.05 32.02
N GLU A 386 -18.43 -48.90 32.47
CA GLU A 386 -17.83 -47.60 32.21
C GLU A 386 -16.48 -47.44 32.89
N TYR A 387 -16.40 -47.84 34.16
CA TYR A 387 -15.14 -47.79 34.90
C TYR A 387 -14.11 -48.76 34.32
N ARG A 388 -14.60 -49.91 33.85
CA ARG A 388 -13.75 -50.93 33.23
C ARG A 388 -13.15 -50.44 31.91
N LYS A 389 -13.96 -49.70 31.14
CA LYS A 389 -13.52 -49.14 29.87
C LYS A 389 -12.35 -48.18 30.08
N LEU A 390 -12.45 -47.34 31.11
CA LEU A 390 -11.40 -46.39 31.46
C LEU A 390 -10.14 -47.12 31.95
N PHE A 391 -10.35 -48.25 32.61
CA PHE A 391 -9.28 -49.17 32.99
C PHE A 391 -8.59 -49.71 31.74
N ASP A 392 -9.38 -50.16 30.77
CA ASP A 392 -8.85 -50.68 29.50
C ASP A 392 -7.99 -49.66 28.75
N LEU A 393 -8.50 -48.43 28.66
CA LEU A 393 -7.81 -47.33 27.98
C LEU A 393 -6.49 -46.97 28.67
N ALA A 394 -6.52 -46.93 30.00
CA ALA A 394 -5.32 -46.64 30.79
C ALA A 394 -4.21 -47.63 30.47
N LEU A 395 -4.55 -48.92 30.43
CA LEU A 395 -3.58 -49.97 30.13
C LEU A 395 -3.14 -49.93 28.67
N GLN A 396 -4.10 -49.72 27.76
CA GLN A 396 -3.83 -49.64 26.33
C GLN A 396 -2.85 -48.50 26.01
N GLY A 397 -3.10 -47.33 26.61
CA GLY A 397 -2.25 -46.15 26.41
C GLY A 397 -0.86 -46.29 26.99
N LEU A 398 -0.74 -47.00 28.10
CA LEU A 398 0.55 -47.28 28.69
C LEU A 398 1.35 -48.24 27.83
N GLN A 399 0.66 -49.23 27.26
CA GLN A 399 1.28 -50.21 26.38
C GLN A 399 1.78 -49.57 25.09
N LEU A 400 1.01 -48.61 24.59
CA LEU A 400 1.32 -47.91 23.35
C LEU A 400 2.53 -47.02 23.54
N LEU A 401 2.54 -46.26 24.64
CA LEU A 401 3.67 -45.43 25.02
C LEU A 401 4.93 -46.24 25.23
N SER A 402 4.78 -47.41 25.83
CA SER A 402 5.91 -48.32 26.05
C SER A 402 6.47 -48.82 24.72
N GLN A 403 5.59 -49.20 23.79
CA GLN A 403 5.98 -49.64 22.46
C GLN A 403 6.82 -48.58 21.75
N TRP A 404 6.34 -47.33 21.79
CA TRP A 404 7.01 -46.21 21.14
C TRP A 404 8.37 -45.91 21.77
N SER A 405 8.42 -45.86 23.10
CA SER A 405 9.67 -45.61 23.82
C SER A 405 10.69 -46.70 23.54
N ALA A 406 10.23 -47.96 23.53
CA ALA A 406 11.08 -49.11 23.25
C ALA A 406 11.65 -49.03 21.83
N HIS A 407 10.83 -48.56 20.90
N HIS A 407 10.82 -48.57 20.88
CA HIS A 407 11.24 -48.34 19.51
CA HIS A 407 11.27 -48.35 19.51
C HIS A 407 12.42 -47.36 19.42
C HIS A 407 12.45 -47.37 19.45
N VAL A 408 12.27 -46.19 20.04
CA VAL A 408 13.30 -45.15 20.01
C VAL A 408 14.61 -45.62 20.65
N MET A 409 14.50 -46.16 21.86
CA MET A 409 15.66 -46.63 22.60
C MET A 409 16.35 -47.82 21.96
N GLU A 410 15.59 -48.69 21.31
CA GLU A 410 16.15 -49.87 20.64
C GLU A 410 16.91 -49.49 19.38
N VAL A 411 16.38 -48.53 18.62
CA VAL A 411 17.07 -47.97 17.45
C VAL A 411 18.40 -47.36 17.91
N TYR A 412 18.31 -46.45 18.87
CA TYR A 412 19.48 -45.81 19.47
C TYR A 412 20.49 -46.81 20.01
N SER A 413 20.00 -47.82 20.72
CA SER A 413 20.82 -48.85 21.32
C SER A 413 21.60 -49.62 20.25
N TRP A 414 20.90 -49.98 19.18
CA TRP A 414 21.50 -50.70 18.06
C TRP A 414 22.61 -49.87 17.41
N LYS A 415 22.33 -48.58 17.18
CA LYS A 415 23.27 -47.67 16.54
C LYS A 415 24.57 -47.54 17.33
N LEU A 416 24.46 -47.56 18.67
CA LEU A 416 25.62 -47.39 19.54
C LEU A 416 26.63 -48.54 19.43
N VAL A 417 26.13 -49.75 19.18
CA VAL A 417 27.02 -50.92 19.01
C VAL A 417 27.43 -51.13 17.55
N HIS A 418 26.69 -50.50 16.63
CA HIS A 418 27.05 -50.53 15.21
C HIS A 418 27.34 -49.12 14.69
N PRO A 419 28.50 -48.54 15.07
CA PRO A 419 28.84 -47.23 14.50
C PRO A 419 29.12 -47.36 13.00
N THR A 420 28.82 -46.32 12.23
CA THR A 420 29.01 -46.36 10.79
C THR A 420 30.48 -46.15 10.40
N ASP A 421 30.77 -46.32 9.11
CA ASP A 421 32.11 -46.05 8.57
C ASP A 421 31.98 -45.49 7.14
N LYS A 422 33.10 -45.24 6.48
CA LYS A 422 33.10 -44.68 5.12
C LYS A 422 32.33 -45.53 4.11
N TYR A 423 32.39 -46.86 4.29
CA TYR A 423 31.78 -47.81 3.37
C TYR A 423 30.25 -47.75 3.39
N SER A 424 29.68 -47.50 4.57
CA SER A 424 28.23 -47.46 4.73
C SER A 424 27.70 -46.02 4.66
N ASN A 425 28.57 -45.07 4.97
CA ASN A 425 28.24 -43.65 4.89
C ASN A 425 29.41 -42.88 4.29
N LYS A 426 29.22 -42.44 3.05
CA LYS A 426 30.26 -41.76 2.27
C LYS A 426 30.74 -40.45 2.91
N ASP A 427 29.89 -39.84 3.73
CA ASP A 427 30.23 -38.58 4.40
C ASP A 427 30.97 -38.77 5.73
N CYS A 428 31.19 -40.03 6.11
CA CYS A 428 31.85 -40.35 7.38
C CYS A 428 33.32 -40.75 7.19
N PRO A 429 34.25 -39.88 7.62
CA PRO A 429 35.68 -40.18 7.52
C PRO A 429 36.13 -41.31 8.46
N ASP A 430 37.20 -42.02 8.07
CA ASP A 430 37.80 -43.06 8.92
C ASP A 430 38.44 -42.45 10.16
N SER A 431 38.73 -41.15 10.09
CA SER A 431 39.31 -40.41 11.22
C SER A 431 38.30 -40.07 12.32
N ALA A 432 37.01 -40.14 12.01
CA ALA A 432 35.96 -39.83 12.98
C ALA A 432 35.98 -40.83 14.14
N GLU A 433 35.93 -40.32 15.37
CA GLU A 433 35.97 -41.18 16.55
C GLU A 433 34.68 -41.96 16.73
N GLU A 434 34.77 -43.05 17.49
CA GLU A 434 33.70 -44.03 17.59
C GLU A 434 32.35 -43.41 17.97
N TYR A 435 32.34 -42.54 18.97
CA TYR A 435 31.07 -41.99 19.49
C TYR A 435 30.32 -41.19 18.43
N GLU A 436 31.06 -40.37 17.67
CA GLU A 436 30.48 -39.58 16.59
C GLU A 436 29.96 -40.48 15.46
N ARG A 437 30.66 -41.59 15.24
CA ARG A 437 30.22 -42.60 14.27
C ARG A 437 29.01 -43.36 14.79
N ALA A 438 28.90 -43.45 16.12
CA ALA A 438 27.78 -44.13 16.76
C ALA A 438 26.53 -43.27 16.82
N THR A 439 26.71 -41.96 16.97
CA THR A 439 25.60 -41.02 17.03
C THR A 439 25.47 -40.20 15.74
N ARG A 440 26.15 -39.05 15.69
CA ARG A 440 26.02 -38.07 14.60
C ARG A 440 25.93 -38.62 13.17
N TYR A 441 26.90 -39.42 12.76
CA TYR A 441 26.95 -39.95 11.38
C TYR A 441 26.06 -41.16 11.16
N ASN A 442 25.47 -41.69 12.24
CA ASN A 442 24.72 -42.94 12.18
C ASN A 442 23.23 -42.74 11.90
N TYR A 443 22.85 -41.53 11.51
CA TYR A 443 21.44 -41.23 11.21
C TYR A 443 21.34 -40.38 9.96
N THR A 444 20.53 -40.85 9.01
CA THR A 444 20.14 -40.07 7.84
C THR A 444 19.16 -38.97 8.27
N SER A 445 18.91 -38.02 7.38
CA SER A 445 17.91 -36.98 7.59
C SER A 445 16.52 -37.55 7.93
N GLU A 446 16.11 -38.58 7.20
N GLU A 446 16.10 -38.58 7.19
CA GLU A 446 14.81 -39.23 7.38
CA GLU A 446 14.81 -39.23 7.41
C GLU A 446 14.71 -39.93 8.75
C GLU A 446 14.71 -39.90 8.77
N GLU A 447 15.79 -40.55 9.19
CA GLU A 447 15.83 -41.21 10.51
C GLU A 447 15.69 -40.20 11.65
N LYS A 448 16.35 -39.06 11.51
CA LYS A 448 16.28 -38.01 12.53
C LYS A 448 14.90 -37.37 12.66
N PHE A 449 14.23 -37.15 11.52
CA PHE A 449 12.85 -36.65 11.54
C PHE A 449 11.92 -37.67 12.20
N ALA A 450 12.04 -38.93 11.79
CA ALA A 450 11.18 -40.00 12.30
C ALA A 450 11.31 -40.17 13.81
N LEU A 451 12.54 -40.03 14.31
CA LEU A 451 12.80 -40.10 15.75
C LEU A 451 12.15 -38.97 16.53
N VAL A 452 12.20 -37.75 16.00
CA VAL A 452 11.57 -36.60 16.67
C VAL A 452 10.04 -36.76 16.67
N GLU A 453 9.50 -37.30 15.58
CA GLU A 453 8.07 -37.63 15.52
C GLU A 453 7.64 -38.51 16.69
N VAL A 454 8.29 -39.67 16.83
CA VAL A 454 7.93 -40.64 17.87
C VAL A 454 8.12 -40.04 19.25
N ILE A 455 9.23 -39.33 19.45
CA ILE A 455 9.50 -38.64 20.71
C ILE A 455 8.38 -37.66 21.03
N ALA A 456 7.91 -36.93 20.02
CA ALA A 456 6.81 -35.98 20.17
C ALA A 456 5.49 -36.68 20.46
N MET A 457 5.26 -37.80 19.76
CA MET A 457 4.05 -38.60 19.97
C MET A 457 3.99 -39.20 21.39
N ILE A 458 5.16 -39.59 21.90
CA ILE A 458 5.28 -40.10 23.27
C ILE A 458 4.96 -39.00 24.28
N LYS A 459 5.68 -37.89 24.18
CA LYS A 459 5.57 -36.79 25.13
C LYS A 459 4.19 -36.14 25.09
N GLY A 460 3.63 -36.01 23.90
CA GLY A 460 2.27 -35.51 23.71
C GLY A 460 1.21 -36.37 24.37
N LEU A 461 1.28 -37.68 24.15
CA LEU A 461 0.36 -38.63 24.77
C LEU A 461 0.57 -38.72 26.28
N GLN A 462 1.82 -38.62 26.71
CA GLN A 462 2.16 -38.55 28.13
C GLN A 462 1.40 -37.43 28.83
N VAL A 463 1.32 -36.27 28.18
CA VAL A 463 0.58 -35.13 28.71
C VAL A 463 -0.93 -35.44 28.84
N LEU A 464 -1.52 -36.02 27.80
CA LEU A 464 -2.94 -36.36 27.80
C LEU A 464 -3.28 -37.46 28.82
N MET A 465 -2.38 -38.42 28.99
CA MET A 465 -2.56 -39.49 29.96
C MET A 465 -2.46 -38.92 31.38
N GLY A 466 -1.51 -38.03 31.58
CA GLY A 466 -1.31 -37.35 32.87
C GLY A 466 -2.49 -36.50 33.28
N ARG A 467 -3.08 -35.79 32.31
CA ARG A 467 -4.28 -34.97 32.55
C ARG A 467 -5.48 -35.82 32.94
N MET A 468 -5.46 -37.09 32.56
CA MET A 468 -6.54 -38.02 32.87
C MET A 468 -6.26 -38.89 34.09
N GLU A 469 -5.27 -38.50 34.89
CA GLU A 469 -4.82 -39.34 36.00
C GLU A 469 -5.90 -39.58 37.05
N SER A 470 -6.56 -38.50 37.47
CA SER A 470 -7.55 -38.56 38.53
C SER A 470 -8.73 -39.48 38.18
N VAL A 471 -9.22 -39.34 36.95
CA VAL A 471 -10.26 -40.22 36.41
C VAL A 471 -9.78 -41.66 36.34
N PHE A 472 -8.57 -41.86 35.83
CA PHE A 472 -7.97 -43.19 35.72
C PHE A 472 -7.77 -43.84 37.10
N ASN A 473 -7.21 -43.08 38.05
CA ASN A 473 -6.97 -43.60 39.40
C ASN A 473 -8.24 -44.16 40.04
N HIS A 474 -9.34 -43.44 39.85
CA HIS A 474 -10.63 -43.83 40.42
C HIS A 474 -11.19 -45.06 39.72
N ALA A 475 -11.17 -45.05 38.39
CA ALA A 475 -11.74 -46.14 37.60
C ALA A 475 -10.95 -47.43 37.71
N ILE A 476 -9.63 -47.32 37.83
CA ILE A 476 -8.77 -48.47 38.04
C ILE A 476 -9.05 -49.10 39.42
N ARG A 477 -9.14 -48.26 40.45
CA ARG A 477 -9.41 -48.73 41.80
C ARG A 477 -10.77 -49.43 41.92
N HIS A 478 -11.80 -48.86 41.27
CA HIS A 478 -13.12 -49.46 41.21
C HIS A 478 -13.10 -50.81 40.51
N THR A 479 -12.43 -50.87 39.36
CA THR A 479 -12.36 -52.09 38.54
C THR A 479 -11.58 -53.22 39.23
N VAL A 480 -10.46 -52.86 39.84
CA VAL A 480 -9.62 -53.83 40.55
C VAL A 480 -10.35 -54.39 41.79
N TYR A 481 -10.97 -53.50 42.55
CA TYR A 481 -11.77 -53.90 43.71
C TYR A 481 -12.89 -54.84 43.30
N ALA A 482 -13.66 -54.43 42.28
CA ALA A 482 -14.80 -55.20 41.79
C ALA A 482 -14.38 -56.58 41.30
N ALA A 483 -13.26 -56.65 40.58
CA ALA A 483 -12.77 -57.92 40.06
C ALA A 483 -12.32 -58.85 41.19
N LEU A 484 -11.67 -58.27 42.19
CA LEU A 484 -11.14 -59.04 43.31
C LEU A 484 -12.23 -59.54 44.25
N GLN A 485 -13.22 -58.70 44.52
CA GLN A 485 -14.33 -59.07 45.39
C GLN A 485 -15.28 -60.06 44.72
N ASP A 486 -15.64 -59.79 43.46
CA ASP A 486 -16.46 -60.72 42.67
C ASP A 486 -15.80 -62.09 42.60
N PHE A 487 -14.49 -62.10 42.37
CA PHE A 487 -13.75 -63.35 42.28
C PHE A 487 -13.67 -64.10 43.61
N SER A 488 -13.38 -63.36 44.68
CA SER A 488 -13.19 -63.98 46.00
C SER A 488 -14.52 -64.39 46.65
N GLN A 489 -15.47 -63.45 46.71
CA GLN A 489 -16.77 -63.68 47.34
C GLN A 489 -17.68 -64.63 46.56
N VAL A 490 -17.68 -64.51 45.23
CA VAL A 490 -18.65 -65.22 44.39
C VAL A 490 -18.04 -66.34 43.54
N THR A 491 -16.98 -66.03 42.78
CA THR A 491 -16.41 -66.98 41.83
C THR A 491 -15.75 -68.18 42.51
N LEU A 492 -15.22 -67.97 43.71
CA LEU A 492 -14.53 -69.05 44.43
C LEU A 492 -15.46 -69.98 45.21
N ARG A 493 -16.76 -69.70 45.19
CA ARG A 493 -17.76 -70.52 45.88
C ARG A 493 -17.80 -71.95 45.34
N GLU A 494 -17.92 -72.09 44.02
CA GLU A 494 -18.03 -73.40 43.37
C GLU A 494 -16.82 -74.31 43.64
N PRO A 495 -15.58 -73.81 43.42
CA PRO A 495 -14.43 -74.65 43.77
C PRO A 495 -14.30 -74.92 45.28
N LEU A 496 -14.80 -74.00 46.10
CA LEU A 496 -14.80 -74.17 47.55
C LEU A 496 -15.83 -75.21 47.99
N ARG A 497 -17.00 -75.19 47.36
CA ARG A 497 -18.04 -76.19 47.60
C ARG A 497 -17.50 -77.59 47.31
N GLN A 498 -16.84 -77.72 46.16
CA GLN A 498 -16.29 -78.98 45.71
C GLN A 498 -15.09 -79.43 46.56
N ALA A 499 -14.51 -78.49 47.30
CA ALA A 499 -13.39 -78.80 48.19
C ALA A 499 -13.86 -79.40 49.51
N ILE A 500 -15.06 -79.00 49.95
CA ILE A 500 -15.66 -79.51 51.19
C ILE A 500 -16.54 -80.73 50.91
N LYS A 501 -17.24 -80.72 49.78
CA LYS A 501 -18.07 -81.85 49.33
C LYS A 501 -17.24 -83.13 49.20
N LYS A 502 -16.00 -82.96 48.74
CA LYS A 502 -15.01 -84.03 48.74
C LYS A 502 -14.07 -83.80 49.92
N LYS A 503 -13.16 -84.75 50.19
CA LYS A 503 -12.18 -84.56 51.26
C LYS A 503 -10.87 -84.00 50.70
N LYS A 504 -10.86 -82.70 50.46
CA LYS A 504 -9.69 -81.99 49.94
C LYS A 504 -9.33 -80.83 50.87
N ASN A 505 -8.71 -81.18 52.00
CA ASN A 505 -8.41 -80.23 53.07
C ASN A 505 -7.38 -79.17 52.70
N VAL A 506 -6.35 -79.58 51.97
CA VAL A 506 -5.28 -78.67 51.55
C VAL A 506 -5.81 -77.56 50.63
N ILE A 507 -6.60 -77.94 49.64
CA ILE A 507 -7.23 -77.00 48.71
C ILE A 507 -8.25 -76.10 49.41
N GLN A 508 -8.97 -76.66 50.37
CA GLN A 508 -9.92 -75.90 51.18
C GLN A 508 -9.21 -74.81 52.01
N SER A 509 -8.10 -75.17 52.63
CA SER A 509 -7.36 -74.25 53.50
C SER A 509 -6.81 -73.03 52.77
N VAL A 510 -6.33 -73.23 51.55
CA VAL A 510 -5.81 -72.11 50.74
C VAL A 510 -6.94 -71.22 50.19
N LEU A 511 -7.99 -71.86 49.68
CA LEU A 511 -9.18 -71.14 49.18
C LEU A 511 -9.83 -70.29 50.27
N GLN A 512 -9.77 -70.79 51.50
CA GLN A 512 -10.33 -70.07 52.64
C GLN A 512 -9.40 -68.93 53.06
N ALA A 513 -8.11 -69.19 53.07
CA ALA A 513 -7.08 -68.18 53.39
C ALA A 513 -7.16 -66.97 52.45
N ILE A 514 -7.35 -67.24 51.15
CA ILE A 514 -7.57 -66.21 50.16
C ILE A 514 -8.78 -65.37 50.54
N ARG A 515 -9.92 -66.02 50.72
CA ARG A 515 -11.16 -65.37 51.13
C ARG A 515 -11.01 -64.55 52.40
N LYS A 516 -10.30 -65.11 53.39
CA LYS A 516 -10.01 -64.43 54.64
C LYS A 516 -9.21 -63.15 54.41
N THR A 517 -8.20 -63.22 53.54
CA THR A 517 -7.28 -62.11 53.32
C THR A 517 -7.91 -60.87 52.68
N VAL A 518 -8.75 -61.07 51.66
CA VAL A 518 -9.26 -59.95 50.87
C VAL A 518 -10.75 -59.60 50.98
N CYS A 519 -11.59 -60.59 51.28
CA CYS A 519 -13.05 -60.39 51.21
C CYS A 519 -13.53 -59.25 52.10
N ASP A 520 -14.22 -58.30 51.46
CA ASP A 520 -14.83 -57.17 52.14
C ASP A 520 -16.34 -57.36 52.06
N TRP A 521 -16.88 -58.17 52.96
CA TRP A 521 -18.31 -58.49 53.01
C TRP A 521 -19.13 -57.26 53.36
N GLU A 522 -20.23 -57.07 52.63
CA GLU A 522 -21.10 -55.90 52.80
C GLU A 522 -21.71 -55.80 54.19
N THR A 523 -22.07 -56.96 54.76
CA THR A 523 -22.62 -57.03 56.11
C THR A 523 -21.56 -56.78 57.19
N GLY A 524 -20.31 -57.13 56.86
CA GLY A 524 -19.19 -57.05 57.79
C GLY A 524 -18.63 -58.42 58.11
N HIS A 525 -19.48 -59.44 57.99
CA HIS A 525 -19.11 -60.81 58.29
C HIS A 525 -19.35 -61.70 57.08
N GLU A 526 -18.61 -62.81 57.00
CA GLU A 526 -18.85 -63.84 56.00
C GLU A 526 -20.22 -64.49 56.23
N PRO A 527 -20.98 -64.75 55.14
CA PRO A 527 -22.27 -65.44 55.27
C PRO A 527 -22.11 -66.92 55.61
N PHE A 528 -22.56 -67.31 56.80
CA PHE A 528 -22.45 -68.70 57.26
C PHE A 528 -23.62 -69.57 56.81
N ASN A 529 -24.72 -68.93 56.42
CA ASN A 529 -25.89 -69.62 55.89
C ASN A 529 -25.72 -70.04 54.43
N ASP A 530 -24.48 -69.96 53.93
CA ASP A 530 -24.16 -70.27 52.54
C ASP A 530 -24.11 -71.78 52.30
N PRO A 531 -24.92 -72.27 51.34
CA PRO A 531 -25.00 -73.69 50.99
C PRO A 531 -23.67 -74.26 50.46
N ALA A 532 -22.97 -73.46 49.66
CA ALA A 532 -21.68 -73.86 49.09
C ALA A 532 -20.61 -74.01 50.18
N LEU A 533 -20.71 -73.17 51.21
CA LEU A 533 -19.81 -73.23 52.35
C LEU A 533 -20.06 -74.51 53.16
N ARG A 534 -21.25 -75.07 53.00
CA ARG A 534 -21.64 -76.30 53.68
C ARG A 534 -21.32 -77.53 52.83
N GLY A 535 -21.66 -77.47 51.54
CA GLY A 535 -21.38 -78.57 50.61
C GLY A 535 -22.39 -78.80 49.51
N GLU A 536 -23.63 -78.34 49.71
CA GLU A 536 -24.71 -78.56 48.74
C GLU A 536 -24.94 -77.37 47.79
N LYS A 537 -25.58 -77.64 46.67
CA LYS A 537 -25.79 -76.64 45.61
C LYS A 537 -26.85 -75.58 45.95
N ASP A 538 -27.11 -74.68 45.01
CA ASP A 538 -27.94 -73.51 45.25
C ASP A 538 -29.37 -73.65 44.71
N PRO A 539 -30.37 -73.15 45.48
CA PRO A 539 -31.75 -73.07 44.99
C PRO A 539 -31.93 -71.91 44.00
N PHE A 543 -28.68 -69.14 45.52
CA PHE A 543 -28.15 -68.21 46.50
C PHE A 543 -27.48 -67.02 45.82
N ASP A 544 -27.84 -65.82 46.25
N ASP A 544 -27.84 -65.82 46.25
CA ASP A 544 -27.29 -64.59 45.68
CA ASP A 544 -27.30 -64.59 45.68
C ASP A 544 -26.61 -63.73 46.73
C ASP A 544 -26.61 -63.73 46.73
N ILE A 545 -25.43 -63.22 46.38
CA ILE A 545 -24.68 -62.29 47.24
C ILE A 545 -24.51 -60.98 46.49
N LYS A 546 -24.88 -59.87 47.13
CA LYS A 546 -24.61 -58.56 46.57
C LYS A 546 -23.24 -58.07 47.02
N VAL A 547 -22.32 -57.97 46.06
CA VAL A 547 -20.94 -57.57 46.32
C VAL A 547 -20.86 -56.04 46.27
N PRO A 548 -20.21 -55.42 47.30
CA PRO A 548 -20.09 -53.97 47.35
C PRO A 548 -19.19 -53.40 46.26
N ARG A 549 -19.27 -52.07 46.08
CA ARG A 549 -18.45 -51.36 45.10
C ARG A 549 -17.69 -50.24 45.78
N ARG A 550 -16.37 -50.43 45.92
CA ARG A 550 -15.49 -49.43 46.53
C ARG A 550 -14.45 -48.96 45.52
N ALA A 551 -14.02 -47.70 45.67
CA ALA A 551 -12.96 -47.14 44.84
C ALA A 551 -11.60 -47.19 45.55
N VAL A 552 -11.19 -48.40 45.92
CA VAL A 552 -9.90 -48.63 46.57
C VAL A 552 -9.42 -50.04 46.24
N GLY A 553 -8.17 -50.14 45.81
CA GLY A 553 -7.57 -51.43 45.46
C GLY A 553 -7.09 -52.16 46.70
N PRO A 554 -6.63 -53.42 46.53
CA PRO A 554 -6.02 -54.11 47.65
C PRO A 554 -4.66 -53.50 47.97
N SER A 555 -4.14 -53.81 49.15
CA SER A 555 -2.76 -53.47 49.48
C SER A 555 -1.85 -54.40 48.70
N SER A 556 -0.57 -54.03 48.59
CA SER A 556 0.40 -54.83 47.84
C SER A 556 0.61 -56.21 48.45
N THR A 557 0.54 -56.29 49.78
CA THR A 557 0.65 -57.57 50.50
C THR A 557 -0.56 -58.47 50.22
N GLN A 558 -1.76 -57.89 50.26
CA GLN A 558 -2.99 -58.60 49.90
C GLN A 558 -2.91 -59.18 48.49
N LEU A 559 -2.50 -58.34 47.53
CA LEU A 559 -2.38 -58.78 46.14
C LEU A 559 -1.30 -59.85 45.96
N TYR A 560 -0.15 -59.65 46.63
CA TYR A 560 0.92 -60.65 46.58
C TYR A 560 0.45 -62.01 47.11
N MET A 561 -0.16 -62.01 48.29
CA MET A 561 -0.64 -63.23 48.92
C MET A 561 -1.70 -63.94 48.08
N VAL A 562 -2.72 -63.21 47.64
CA VAL A 562 -3.77 -63.77 46.78
C VAL A 562 -3.18 -64.40 45.51
N ARG A 563 -2.37 -63.63 44.77
CA ARG A 563 -1.76 -64.09 43.53
C ARG A 563 -0.89 -65.33 43.72
N THR A 564 -0.06 -65.32 44.77
CA THR A 564 0.86 -66.43 45.06
C THR A 564 0.07 -67.67 45.47
N MET A 565 -0.99 -67.48 46.25
CA MET A 565 -1.81 -68.59 46.71
C MET A 565 -2.64 -69.20 45.56
N LEU A 566 -3.17 -68.33 44.70
CA LEU A 566 -3.86 -68.80 43.49
C LEU A 566 -2.91 -69.54 42.56
N GLU A 567 -1.68 -69.05 42.47
CA GLU A 567 -0.64 -69.64 41.64
C GLU A 567 -0.32 -71.07 42.06
N SER A 568 -0.26 -71.30 43.37
CA SER A 568 0.06 -72.62 43.92
C SER A 568 -1.00 -73.66 43.59
N LEU A 569 -2.23 -73.21 43.38
CA LEU A 569 -3.35 -74.07 42.99
C LEU A 569 -3.26 -74.56 41.56
N ILE A 570 -2.76 -73.71 40.67
CA ILE A 570 -2.69 -74.02 39.25
C ILE A 570 -1.33 -74.55 38.79
N ALA A 571 -0.34 -74.49 39.68
CA ALA A 571 1.01 -75.00 39.41
C ALA A 571 1.03 -76.52 39.30
N LYS A 578 0.89 -86.24 43.04
CA LYS A 578 -0.37 -85.54 42.91
C LYS A 578 -0.24 -84.05 43.24
N THR A 579 -0.47 -83.21 42.23
CA THR A 579 -0.44 -81.76 42.40
C THR A 579 -1.84 -81.22 42.70
N LEU A 580 -1.91 -80.02 43.26
CA LEU A 580 -3.19 -79.38 43.61
C LEU A 580 -4.05 -79.08 42.38
N ARG A 581 -3.42 -79.04 41.20
CA ARG A 581 -4.12 -78.77 39.95
C ARG A 581 -5.04 -79.92 39.53
N SER A 582 -4.52 -81.13 39.56
CA SER A 582 -5.26 -82.33 39.12
C SER A 582 -6.51 -82.63 39.96
N SER A 583 -6.59 -82.01 41.14
CA SER A 583 -7.73 -82.19 42.04
C SER A 583 -8.79 -81.09 41.91
N LEU A 584 -8.73 -80.34 40.80
CA LEU A 584 -9.70 -79.28 40.53
C LEU A 584 -10.41 -79.49 39.21
N GLU A 585 -11.61 -78.93 39.09
CA GLU A 585 -12.45 -79.06 37.89
C GLU A 585 -11.91 -78.29 36.68
N GLY A 586 -12.53 -78.53 35.52
CA GLY A 586 -12.15 -77.88 34.26
C GLY A 586 -12.36 -76.38 34.23
N PRO A 587 -13.64 -75.93 34.29
CA PRO A 587 -13.98 -74.50 34.23
C PRO A 587 -13.37 -73.65 35.35
N THR A 588 -13.16 -74.26 36.53
CA THR A 588 -12.59 -73.54 37.68
C THR A 588 -11.12 -73.21 37.48
N ILE A 589 -10.34 -74.17 36.98
CA ILE A 589 -8.93 -73.96 36.65
C ILE A 589 -8.76 -72.79 35.68
N LEU A 590 -9.63 -72.74 34.67
CA LEU A 590 -9.64 -71.63 33.70
C LEU A 590 -10.01 -70.31 34.36
N ASP A 591 -10.85 -70.37 35.39
CA ASP A 591 -11.27 -69.18 36.14
C ASP A 591 -10.15 -68.57 36.97
N ILE A 592 -9.35 -69.41 37.63
CA ILE A 592 -8.18 -68.94 38.37
C ILE A 592 -7.14 -68.35 37.41
N GLU A 593 -6.83 -69.11 36.35
CA GLU A 593 -5.91 -68.65 35.30
C GLU A 593 -6.31 -67.30 34.74
N LYS A 594 -7.59 -67.17 34.41
CA LYS A 594 -8.20 -65.92 33.96
C LYS A 594 -7.85 -64.76 34.90
N PHE A 595 -8.14 -64.92 36.19
CA PHE A 595 -7.91 -63.86 37.17
C PHE A 595 -6.44 -63.63 37.45
N HIS A 596 -5.65 -64.71 37.49
CA HIS A 596 -4.22 -64.62 37.70
C HIS A 596 -3.52 -63.87 36.56
N ARG A 597 -3.96 -64.13 35.32
CA ARG A 597 -3.42 -63.45 34.14
C ARG A 597 -3.77 -61.96 34.16
N GLU A 598 -5.04 -61.66 34.41
CA GLU A 598 -5.53 -60.29 34.40
C GLU A 598 -5.01 -59.44 35.56
N SER A 599 -4.80 -60.06 36.71
CA SER A 599 -4.32 -59.34 37.89
C SER A 599 -2.83 -59.01 37.81
N PHE A 600 -2.16 -59.52 36.78
CA PHE A 600 -0.73 -59.29 36.56
C PHE A 600 -0.38 -57.81 36.49
N PHE A 601 -1.25 -57.03 35.84
CA PHE A 601 -1.02 -55.60 35.64
C PHE A 601 -1.60 -54.68 36.71
N TYR A 602 -2.27 -55.25 37.72
CA TYR A 602 -2.96 -54.43 38.72
C TYR A 602 -2.03 -53.46 39.46
N THR A 603 -0.87 -53.93 39.91
CA THR A 603 0.10 -53.09 40.63
C THR A 603 0.54 -51.91 39.76
N HIS A 604 0.86 -52.20 38.50
CA HIS A 604 1.22 -51.19 37.52
C HIS A 604 0.14 -50.12 37.40
N LEU A 605 -1.11 -50.57 37.25
CA LEU A 605 -2.23 -49.67 37.03
C LEU A 605 -2.61 -48.88 38.28
N ILE A 606 -2.48 -49.49 39.45
CA ILE A 606 -2.71 -48.79 40.72
C ILE A 606 -1.65 -47.71 40.94
N ASN A 607 -0.41 -48.00 40.55
CA ASN A 607 0.68 -47.02 40.58
C ASN A 607 0.82 -46.33 39.23
N PHE A 608 -0.29 -45.77 38.75
CA PHE A 608 -0.38 -45.20 37.40
C PHE A 608 0.68 -44.13 37.07
N SER A 609 0.79 -43.13 37.92
CA SER A 609 1.72 -42.01 37.71
C SER A 609 3.14 -42.46 37.49
N GLU A 610 3.64 -43.32 38.39
CA GLU A 610 5.00 -43.84 38.29
C GLU A 610 5.17 -44.72 37.06
N THR A 611 4.11 -45.43 36.69
CA THR A 611 4.15 -46.33 35.53
C THR A 611 4.18 -45.53 34.22
N LEU A 612 3.42 -44.43 34.19
CA LEU A 612 3.41 -43.51 33.07
C LEU A 612 4.82 -43.01 32.73
N GLN A 613 5.53 -42.51 33.73
CA GLN A 613 6.91 -42.04 33.57
C GLN A 613 7.84 -43.14 33.08
N GLN A 614 7.71 -44.35 33.64
CA GLN A 614 8.55 -45.48 33.26
C GLN A 614 8.26 -45.97 31.84
N CYS A 615 7.08 -45.66 31.32
CA CYS A 615 6.73 -46.01 29.95
C CYS A 615 7.21 -44.97 28.93
N CYS A 616 7.59 -43.79 29.42
CA CYS A 616 7.99 -42.67 28.57
C CYS A 616 9.42 -42.19 28.85
N ASP A 617 10.27 -43.08 29.37
CA ASP A 617 11.60 -42.69 29.82
C ASP A 617 12.63 -42.67 28.68
N LEU A 618 13.01 -41.45 28.29
CA LEU A 618 13.97 -41.24 27.20
C LEU A 618 15.21 -40.49 27.71
N SER A 619 15.42 -40.57 29.01
CA SER A 619 16.50 -39.87 29.70
C SER A 619 17.92 -40.32 29.33
N GLN A 620 18.03 -41.52 28.76
CA GLN A 620 19.34 -42.14 28.55
C GLN A 620 20.04 -41.72 27.23
N LEU A 621 19.32 -40.98 26.38
CA LEU A 621 19.87 -40.52 25.11
C LEU A 621 21.05 -39.56 25.28
N TRP A 622 21.06 -38.81 26.38
CA TRP A 622 22.11 -37.84 26.64
C TRP A 622 23.37 -38.41 27.29
N PHE A 623 23.20 -39.42 28.15
CA PHE A 623 24.32 -39.93 28.95
C PHE A 623 25.32 -40.72 28.12
N ARG A 624 26.60 -40.52 28.42
CA ARG A 624 27.67 -41.11 27.63
C ARG A 624 28.94 -41.45 28.40
N GLU A 625 28.78 -41.85 29.67
CA GLU A 625 29.92 -42.15 30.53
C GLU A 625 30.77 -43.34 30.05
N PHE A 626 30.12 -44.33 29.46
CA PHE A 626 30.81 -45.51 28.95
C PHE A 626 31.74 -45.14 27.78
N PHE A 627 31.20 -44.43 26.80
CA PHE A 627 32.02 -43.97 25.67
C PHE A 627 33.11 -43.00 26.12
N LEU A 628 32.84 -42.19 27.14
CA LEU A 628 33.85 -41.28 27.68
C LEU A 628 35.02 -42.01 28.33
N GLU A 629 34.70 -43.07 29.08
CA GLU A 629 35.72 -43.92 29.69
C GLU A 629 36.61 -44.55 28.61
N LEU A 630 35.99 -44.98 27.51
CA LEU A 630 36.72 -45.57 26.38
C LEU A 630 37.69 -44.64 25.66
N THR A 631 37.50 -43.32 25.79
CA THR A 631 38.46 -42.35 25.21
C THR A 631 39.75 -42.24 26.02
N MET A 632 39.79 -42.91 27.18
CA MET A 632 40.97 -42.99 28.03
C MET A 632 41.65 -41.64 28.30
N GLY A 633 40.87 -40.70 28.83
CA GLY A 633 41.39 -39.39 29.21
C GLY A 633 41.51 -38.37 28.10
N ARG A 634 41.40 -38.81 26.85
CA ARG A 634 41.42 -37.91 25.69
C ARG A 634 40.26 -36.90 25.73
N ARG A 635 39.09 -37.35 26.17
CA ARG A 635 37.90 -36.50 26.26
C ARG A 635 37.41 -36.38 27.69
N ILE A 636 37.08 -35.15 28.12
CA ILE A 636 36.41 -34.94 29.41
C ILE A 636 34.90 -34.82 29.20
N GLN A 637 34.50 -34.69 27.93
CA GLN A 637 33.11 -34.71 27.47
C GLN A 637 33.12 -34.78 25.95
N PHE A 638 31.93 -34.95 25.35
CA PHE A 638 31.79 -34.87 23.89
C PHE A 638 31.11 -33.56 23.50
N PRO A 639 31.54 -32.95 22.37
CA PRO A 639 30.93 -31.70 21.90
C PRO A 639 29.47 -31.90 21.45
N ILE A 640 28.76 -30.80 21.27
CA ILE A 640 27.32 -30.84 21.04
C ILE A 640 26.85 -31.55 19.76
N GLU A 641 27.69 -31.55 18.73
N GLU A 641 27.68 -31.56 18.71
CA GLU A 641 27.37 -32.20 17.46
CA GLU A 641 27.30 -32.22 17.46
C GLU A 641 27.33 -33.73 17.58
C GLU A 641 27.24 -33.74 17.61
N MET A 642 27.76 -34.25 18.73
CA MET A 642 27.70 -35.69 19.02
C MET A 642 26.56 -36.01 20.00
N SER A 643 25.95 -34.96 20.55
CA SER A 643 24.93 -35.10 21.58
C SER A 643 23.53 -35.28 20.99
N MET A 644 22.89 -36.40 21.31
CA MET A 644 21.62 -36.82 20.66
C MET A 644 20.49 -35.78 20.71
N PRO A 645 20.23 -35.17 21.89
CA PRO A 645 19.18 -34.16 21.89
C PRO A 645 19.46 -33.02 20.91
N TRP A 646 20.73 -32.60 20.80
CA TRP A 646 21.10 -31.52 19.88
C TRP A 646 21.14 -31.91 18.40
N ILE A 647 21.70 -33.08 18.12
CA ILE A 647 21.61 -33.69 16.78
C ILE A 647 20.17 -33.65 16.26
N LEU A 648 19.22 -34.08 17.08
CA LEU A 648 17.83 -34.15 16.70
C LEU A 648 17.19 -32.76 16.55
N THR A 649 17.54 -31.86 17.47
CA THR A 649 16.97 -30.52 17.48
C THR A 649 17.53 -29.65 16.35
N ASP A 650 18.86 -29.62 16.24
CA ASP A 650 19.53 -28.78 15.25
C ASP A 650 19.19 -29.19 13.82
N HIS A 651 18.94 -30.47 13.59
CA HIS A 651 18.58 -30.95 12.27
C HIS A 651 17.34 -30.24 11.72
N ILE A 652 16.35 -30.02 12.59
CA ILE A 652 15.12 -29.32 12.21
C ILE A 652 15.37 -27.83 11.96
N LEU A 653 16.15 -27.20 12.84
CA LEU A 653 16.51 -25.79 12.67
C LEU A 653 17.28 -25.56 11.37
N GLU A 654 18.19 -26.47 11.06
CA GLU A 654 19.06 -26.36 9.90
C GLU A 654 18.34 -26.62 8.57
N THR A 655 17.42 -27.59 8.57
CA THR A 655 16.70 -27.93 7.35
C THR A 655 15.45 -27.07 7.19
N LYS A 656 15.04 -26.39 8.26
CA LYS A 656 13.83 -25.56 8.27
C LYS A 656 12.60 -26.39 7.90
N GLU A 657 12.66 -27.69 8.18
CA GLU A 657 11.62 -28.64 7.78
C GLU A 657 10.24 -28.29 8.35
N ALA A 658 9.37 -27.81 7.47
CA ALA A 658 8.05 -27.28 7.83
C ALA A 658 7.18 -28.29 8.57
N SER A 659 7.23 -29.55 8.13
CA SER A 659 6.42 -30.60 8.72
C SER A 659 6.89 -30.96 10.13
N MET A 660 8.09 -30.50 10.47
CA MET A 660 8.75 -30.87 11.73
C MET A 660 8.90 -29.70 12.70
N MET A 661 8.52 -28.51 12.25
CA MET A 661 8.73 -27.27 13.01
C MET A 661 7.88 -27.21 14.29
N GLU A 662 6.77 -27.95 14.31
CA GLU A 662 5.91 -28.04 15.49
C GLU A 662 6.36 -29.15 16.45
N TYR A 663 7.45 -29.83 16.11
CA TYR A 663 7.95 -30.96 16.89
C TYR A 663 9.24 -30.60 17.62
N VAL A 664 9.85 -29.50 17.23
CA VAL A 664 11.21 -29.16 17.66
C VAL A 664 11.37 -28.98 19.20
N LEU A 665 10.33 -28.51 19.87
CA LEU A 665 10.40 -28.32 21.32
C LEU A 665 10.41 -29.64 22.07
N TYR A 666 9.82 -30.66 21.47
CA TYR A 666 9.81 -32.00 22.05
C TYR A 666 11.19 -32.64 22.12
N SER A 667 12.06 -32.38 21.14
CA SER A 667 13.43 -32.90 21.20
C SER A 667 14.29 -32.12 22.20
N LEU A 668 13.96 -30.83 22.38
CA LEU A 668 14.60 -30.02 23.43
C LEU A 668 14.23 -30.52 24.81
N ASP A 669 13.02 -31.05 24.95
CA ASP A 669 12.50 -31.54 26.22
C ASP A 669 13.25 -32.77 26.75
N LEU A 670 14.03 -33.42 25.88
CA LEU A 670 14.86 -34.56 26.28
C LEU A 670 15.89 -34.16 27.34
N TYR A 671 16.31 -32.90 27.32
CA TYR A 671 17.19 -32.35 28.34
C TYR A 671 16.54 -32.33 29.72
N ASN A 672 15.22 -32.12 29.76
CA ASN A 672 14.47 -32.21 31.02
C ASN A 672 14.48 -33.62 31.60
N ASP A 673 14.31 -34.62 30.73
CA ASP A 673 14.35 -36.03 31.13
C ASP A 673 15.70 -36.40 31.75
N SER A 674 16.77 -36.02 31.06
CA SER A 674 18.13 -36.34 31.50
C SER A 674 18.53 -35.60 32.78
N ALA A 675 18.15 -34.32 32.87
CA ALA A 675 18.48 -33.51 34.04
C ALA A 675 17.77 -33.99 35.30
N HIS A 676 16.52 -34.43 35.13
CA HIS A 676 15.75 -34.99 36.24
C HIS A 676 16.34 -36.33 36.67
N TYR A 677 16.82 -37.10 35.70
CA TYR A 677 17.43 -38.40 35.98
C TYR A 677 18.76 -38.21 36.72
N ALA A 678 19.52 -37.19 36.33
CA ALA A 678 20.82 -36.91 36.95
C ALA A 678 20.69 -36.40 38.39
N LEU A 679 19.55 -35.79 38.70
CA LEU A 679 19.30 -35.22 40.02
C LEU A 679 18.62 -36.18 40.98
N THR A 680 17.90 -37.17 40.44
CA THR A 680 17.08 -38.06 41.27
C THR A 680 17.51 -39.53 41.26
N ARG A 681 18.09 -39.98 40.15
N ARG A 681 18.06 -39.99 40.14
CA ARG A 681 18.48 -41.39 39.99
CA ARG A 681 18.50 -41.38 40.02
C ARG A 681 19.99 -41.60 40.04
C ARG A 681 20.01 -41.53 40.14
N PHE A 682 20.75 -40.71 39.39
CA PHE A 682 22.21 -40.76 39.46
C PHE A 682 22.71 -40.00 40.67
N ASN A 683 21.97 -38.95 41.06
CA ASN A 683 22.26 -38.15 42.24
C ASN A 683 23.64 -37.48 42.20
N LYS A 684 24.02 -36.96 41.03
CA LYS A 684 25.34 -36.35 40.84
C LYS A 684 25.26 -34.92 40.33
N GLN A 685 25.86 -34.00 41.06
CA GLN A 685 25.90 -32.60 40.67
C GLN A 685 26.59 -32.37 39.33
N PHE A 686 27.74 -33.03 39.12
CA PHE A 686 28.54 -32.78 37.92
C PHE A 686 27.79 -33.08 36.63
N LEU A 687 26.90 -34.07 36.66
CA LEU A 687 26.07 -34.40 35.50
C LEU A 687 25.04 -33.32 35.24
N TYR A 688 24.41 -32.78 36.29
CA TYR A 688 23.49 -31.65 36.10
C TYR A 688 24.25 -30.42 35.59
N ASP A 689 25.43 -30.15 36.15
CA ASP A 689 26.27 -29.03 35.73
C ASP A 689 26.50 -29.04 34.21
N GLU A 690 26.72 -30.25 33.68
CA GLU A 690 27.07 -30.42 32.28
C GLU A 690 25.86 -30.28 31.36
N ILE A 691 24.73 -30.89 31.73
CA ILE A 691 23.48 -30.74 30.98
C ILE A 691 23.07 -29.26 30.90
N GLU A 692 23.13 -28.57 32.03
CA GLU A 692 22.79 -27.15 32.11
C GLU A 692 23.67 -26.30 31.20
N ALA A 693 24.98 -26.58 31.18
CA ALA A 693 25.91 -25.87 30.33
C ALA A 693 25.68 -26.18 28.85
N GLU A 694 25.25 -27.41 28.55
CA GLU A 694 24.93 -27.77 27.19
C GLU A 694 23.67 -27.05 26.73
N VAL A 695 22.65 -27.02 27.58
CA VAL A 695 21.40 -26.31 27.30
C VAL A 695 21.64 -24.82 27.15
N ASN A 696 22.48 -24.26 28.02
CA ASN A 696 22.82 -22.84 27.97
C ASN A 696 23.39 -22.46 26.61
N LEU A 697 24.27 -23.30 26.07
CA LEU A 697 24.85 -23.10 24.75
C LEU A 697 23.83 -23.34 23.65
N CYS A 698 23.22 -24.54 23.65
CA CYS A 698 22.31 -24.95 22.60
C CYS A 698 21.08 -24.06 22.49
N PHE A 699 20.56 -23.59 23.61
CA PHE A 699 19.38 -22.74 23.60
C PHE A 699 19.63 -21.38 22.98
N ASP A 700 20.81 -20.80 23.24
CA ASP A 700 21.21 -19.54 22.61
C ASP A 700 21.29 -19.69 21.09
N GLN A 701 21.75 -20.86 20.63
CA GLN A 701 21.78 -21.19 19.21
C GLN A 701 20.38 -21.43 18.66
N PHE A 702 19.54 -22.06 19.48
CA PHE A 702 18.15 -22.34 19.12
C PHE A 702 17.41 -21.04 18.80
N VAL A 703 17.59 -20.03 19.66
CA VAL A 703 16.91 -18.74 19.54
C VAL A 703 17.42 -17.98 18.32
N TYR A 704 18.74 -18.03 18.11
CA TYR A 704 19.35 -17.39 16.96
C TYR A 704 18.81 -17.95 15.64
N LYS A 705 18.96 -19.27 15.46
CA LYS A 705 18.59 -19.94 14.21
C LYS A 705 17.09 -19.86 13.92
N LEU A 706 16.29 -19.90 14.97
CA LEU A 706 14.83 -19.83 14.84
C LEU A 706 14.37 -18.42 14.46
N ALA A 707 14.90 -17.42 15.16
CA ALA A 707 14.58 -16.02 14.87
C ALA A 707 15.09 -15.60 13.49
N ASP A 708 16.28 -16.09 13.13
CA ASP A 708 16.86 -15.79 11.83
C ASP A 708 15.94 -16.28 10.70
N GLN A 709 15.55 -17.55 10.76
CA GLN A 709 14.73 -18.14 9.70
C GLN A 709 13.29 -17.62 9.67
N ILE A 710 12.80 -17.18 10.83
CA ILE A 710 11.43 -16.64 10.92
C ILE A 710 11.38 -15.29 10.22
N PHE A 711 12.37 -14.45 10.47
CA PHE A 711 12.44 -13.15 9.80
C PHE A 711 12.61 -13.31 8.29
N ALA A 712 13.54 -14.18 7.90
CA ALA A 712 13.81 -14.46 6.49
C ALA A 712 12.56 -15.02 5.80
N TYR A 713 11.80 -15.84 6.52
CA TYR A 713 10.57 -16.43 5.98
C TYR A 713 9.49 -15.37 5.72
N TYR A 714 9.31 -14.45 6.66
CA TYR A 714 8.28 -13.42 6.52
C TYR A 714 8.66 -12.27 5.57
N LYS A 715 9.96 -12.03 5.42
CA LYS A 715 10.44 -11.11 4.38
C LYS A 715 10.21 -11.67 2.97
N VAL A 716 10.56 -12.94 2.75
CA VAL A 716 10.32 -13.59 1.46
C VAL A 716 8.82 -13.61 1.12
N MET A 717 7.99 -13.80 2.14
CA MET A 717 6.54 -13.83 1.97
C MET A 717 6.03 -12.47 1.50
N ALA A 718 6.51 -11.42 2.16
CA ALA A 718 6.17 -10.04 1.80
C ALA A 718 6.59 -9.71 0.36
N GLY A 719 7.82 -10.10 0.01
CA GLY A 719 8.35 -9.89 -1.34
C GLY A 719 7.56 -10.61 -2.42
N SER A 720 7.07 -11.81 -2.10
CA SER A 720 6.29 -12.61 -3.02
C SER A 720 4.89 -12.04 -3.18
N LEU A 721 4.31 -11.58 -2.07
CA LEU A 721 2.93 -11.09 -2.07
C LEU A 721 2.76 -9.86 -2.95
N LEU A 722 3.80 -9.03 -2.99
CA LEU A 722 3.76 -7.75 -3.69
C LEU A 722 4.37 -7.80 -5.10
N LEU A 723 4.86 -8.98 -5.50
CA LEU A 723 5.46 -9.15 -6.81
C LEU A 723 4.37 -9.26 -7.87
N ASP A 724 4.43 -8.37 -8.86
CA ASP A 724 3.44 -8.29 -9.95
C ASP A 724 3.11 -9.67 -10.53
N LYS A 725 1.82 -10.01 -10.55
CA LYS A 725 1.38 -11.33 -11.00
C LYS A 725 1.61 -11.58 -12.48
N ARG A 726 1.38 -10.56 -13.32
CA ARG A 726 1.60 -10.69 -14.75
C ARG A 726 3.06 -11.00 -15.06
N LEU A 727 3.98 -10.28 -14.41
CA LEU A 727 5.41 -10.54 -14.57
C LEU A 727 5.76 -11.99 -14.20
N ARG A 728 5.19 -12.47 -13.09
CA ARG A 728 5.36 -13.86 -12.64
C ARG A 728 5.04 -14.88 -13.74
N SER A 729 3.89 -14.70 -14.38
CA SER A 729 3.43 -15.63 -15.43
C SER A 729 4.27 -15.48 -16.70
N GLU A 730 4.64 -14.24 -17.03
CA GLU A 730 5.50 -13.96 -18.18
C GLU A 730 6.86 -14.64 -18.03
N CYS A 731 7.43 -14.57 -16.83
CA CYS A 731 8.68 -15.26 -16.51
C CYS A 731 8.52 -16.78 -16.62
N LYS A 732 7.37 -17.29 -16.20
CA LYS A 732 7.07 -18.72 -16.28
C LYS A 732 7.04 -19.22 -17.74
N ASN A 733 6.42 -18.43 -18.61
CA ASN A 733 6.33 -18.75 -20.05
C ASN A 733 7.69 -18.66 -20.75
N GLN A 734 8.54 -17.77 -20.25
CA GLN A 734 9.88 -17.55 -20.79
C GLN A 734 10.84 -18.64 -20.30
N GLY A 735 10.35 -19.52 -19.43
CA GLY A 735 11.16 -20.59 -18.85
C GLY A 735 12.10 -20.09 -17.76
N ALA A 736 11.65 -19.09 -17.00
CA ALA A 736 12.43 -18.52 -15.91
C ALA A 736 11.53 -18.23 -14.70
N THR A 737 10.77 -19.24 -14.29
CA THR A 737 9.85 -19.15 -13.16
C THR A 737 10.53 -18.61 -11.90
N ILE A 738 9.99 -17.52 -11.37
CA ILE A 738 10.38 -17.01 -10.06
C ILE A 738 9.73 -17.94 -9.04
N HIS A 739 10.53 -18.79 -8.41
CA HIS A 739 10.00 -19.89 -7.61
C HIS A 739 9.39 -19.42 -6.30
N LEU A 740 8.09 -19.71 -6.16
CA LEU A 740 7.31 -19.40 -4.96
C LEU A 740 7.90 -20.11 -3.74
N PRO A 741 8.10 -19.37 -2.63
CA PRO A 741 8.71 -19.94 -1.42
C PRO A 741 7.83 -21.01 -0.78
N PRO A 742 8.44 -22.04 -0.16
CA PRO A 742 7.64 -23.05 0.53
C PRO A 742 7.04 -22.49 1.81
N SER A 743 5.80 -22.89 2.10
CA SER A 743 5.12 -22.47 3.32
C SER A 743 5.72 -23.19 4.54
N ASN A 744 5.63 -22.56 5.70
CA ASN A 744 6.13 -23.16 6.93
C ASN A 744 5.14 -23.05 8.10
N ARG A 745 5.51 -23.64 9.25
CA ARG A 745 4.65 -23.68 10.43
C ARG A 745 5.38 -23.12 11.65
N TYR A 746 5.53 -21.80 11.69
CA TYR A 746 6.27 -21.14 12.75
C TYR A 746 5.38 -20.61 13.88
N GLU A 747 4.06 -20.58 13.65
CA GLU A 747 3.14 -19.91 14.56
C GLU A 747 3.11 -20.46 15.99
N THR A 748 3.11 -21.78 16.12
CA THR A 748 3.06 -22.42 17.44
C THR A 748 4.29 -22.07 18.27
N LEU A 749 5.43 -21.95 17.60
CA LEU A 749 6.66 -21.50 18.27
C LEU A 749 6.56 -20.04 18.70
N LEU A 750 5.96 -19.21 17.84
CA LEU A 750 5.72 -17.80 18.13
C LEU A 750 4.71 -17.57 19.26
N LYS A 751 3.86 -18.56 19.53
CA LYS A 751 2.86 -18.48 20.60
C LYS A 751 3.34 -19.01 21.96
N GLN A 752 4.59 -19.48 22.04
CA GLN A 752 5.12 -20.05 23.29
C GLN A 752 5.57 -18.96 24.27
N ARG A 753 4.83 -18.82 25.36
CA ARG A 753 5.09 -17.78 26.36
C ARG A 753 5.77 -18.35 27.61
N HIS A 754 5.74 -19.68 27.75
CA HIS A 754 6.33 -20.35 28.91
C HIS A 754 6.85 -21.75 28.59
N VAL A 755 8.00 -21.80 27.91
CA VAL A 755 8.69 -23.07 27.69
C VAL A 755 9.35 -23.48 29.02
N GLN A 756 8.97 -24.67 29.51
CA GLN A 756 9.50 -25.20 30.75
C GLN A 756 10.76 -25.99 30.48
N LEU A 757 11.91 -25.43 30.84
CA LEU A 757 13.19 -26.08 30.58
C LEU A 757 14.11 -25.89 31.77
N LEU A 758 14.56 -27.01 32.33
CA LEU A 758 15.44 -27.04 33.50
C LEU A 758 14.95 -26.16 34.65
N GLY A 759 13.65 -26.22 34.92
CA GLY A 759 13.02 -25.43 35.98
C GLY A 759 12.74 -23.98 35.65
N ARG A 760 13.20 -23.53 34.49
CA ARG A 760 12.94 -22.16 34.03
C ARG A 760 11.65 -22.07 33.24
N SER A 761 11.06 -20.87 33.24
CA SER A 761 9.94 -20.56 32.39
C SER A 761 10.46 -19.58 31.37
N ILE A 762 10.56 -20.04 30.12
CA ILE A 762 11.18 -19.24 29.06
C ILE A 762 10.10 -18.69 28.14
N ASP A 763 10.12 -17.37 28.00
CA ASP A 763 9.22 -16.68 27.09
C ASP A 763 9.87 -16.63 25.70
N LEU A 764 9.61 -17.67 24.91
CA LEU A 764 10.19 -17.79 23.57
C LEU A 764 9.76 -16.63 22.66
N ASN A 765 8.47 -16.28 22.73
CA ASN A 765 7.92 -15.13 22.00
C ASN A 765 8.70 -13.82 22.22
N ARG A 766 9.01 -13.51 23.47
CA ARG A 766 9.78 -12.31 23.84
C ARG A 766 11.18 -12.34 23.23
N LEU A 767 11.81 -13.51 23.25
CA LEU A 767 13.18 -13.65 22.76
C LEU A 767 13.26 -13.53 21.24
N ILE A 768 12.31 -14.15 20.54
CA ILE A 768 12.23 -14.05 19.08
C ILE A 768 12.02 -12.59 18.68
N THR A 769 11.06 -11.92 19.32
CA THR A 769 10.76 -10.51 19.06
C THR A 769 12.01 -9.63 19.15
N GLN A 770 12.86 -9.87 20.15
CA GLN A 770 14.09 -9.10 20.34
C GLN A 770 14.95 -9.10 19.08
N ARG A 771 15.08 -10.28 18.47
CA ARG A 771 15.90 -10.45 17.27
C ARG A 771 15.19 -9.97 16.01
N VAL A 772 13.89 -10.25 15.91
CA VAL A 772 13.09 -9.88 14.75
C VAL A 772 12.99 -8.36 14.63
N SER A 773 12.83 -7.70 15.78
CA SER A 773 12.86 -6.23 15.85
C SER A 773 14.20 -5.66 15.38
N ALA A 774 15.30 -6.28 15.79
CA ALA A 774 16.64 -5.86 15.34
C ALA A 774 16.81 -6.06 13.83
N ALA A 775 16.18 -7.12 13.31
CA ALA A 775 16.25 -7.44 11.89
C ALA A 775 15.46 -6.42 11.07
N MET A 776 14.27 -6.07 11.55
CA MET A 776 13.45 -5.01 10.95
C MET A 776 14.23 -3.69 10.84
N TYR A 777 14.86 -3.28 11.94
CA TYR A 777 15.67 -2.05 11.96
C TYR A 777 16.85 -2.11 11.00
N LYS A 778 17.48 -3.28 10.91
CA LYS A 778 18.61 -3.45 10.01
C LYS A 778 18.17 -3.39 8.54
N SER A 779 17.01 -3.97 8.24
CA SER A 779 16.41 -3.88 6.90
C SER A 779 16.19 -2.43 6.49
N LEU A 780 15.60 -1.65 7.39
CA LEU A 780 15.29 -0.24 7.15
C LEU A 780 16.54 0.62 7.00
N GLU A 781 17.56 0.35 7.82
CA GLU A 781 18.84 1.04 7.71
C GLU A 781 19.50 0.76 6.35
N LEU A 782 19.46 -0.50 5.93
CA LEU A 782 20.02 -0.88 4.64
C LEU A 782 19.28 -0.20 3.46
N ALA A 783 17.96 -0.11 3.53
CA ALA A 783 17.16 0.52 2.48
C ALA A 783 17.52 2.01 2.31
N ILE A 784 17.61 2.72 3.43
CA ILE A 784 17.97 4.14 3.42
C ILE A 784 19.44 4.33 3.02
N GLY A 785 20.33 3.48 3.53
CA GLY A 785 21.75 3.54 3.18
C GLY A 785 22.01 3.26 1.71
N ARG A 786 21.23 2.35 1.14
CA ARG A 786 21.29 2.02 -0.27
C ARG A 786 20.93 3.23 -1.14
N PHE A 787 19.87 3.94 -0.73
CA PHE A 787 19.49 5.20 -1.37
C PHE A 787 20.63 6.23 -1.36
N GLU A 788 21.27 6.40 -0.20
CA GLU A 788 22.34 7.38 0.00
C GLU A 788 23.58 7.14 -0.88
N SER A 789 23.72 5.93 -1.38
CA SER A 789 24.84 5.55 -2.24
C SER A 789 24.48 5.63 -3.73
N GLU A 790 23.29 6.15 -4.04
CA GLU A 790 22.78 6.19 -5.43
C GLU A 790 22.14 7.53 -5.80
N ASP A 791 21.91 7.74 -7.10
CA ASP A 791 21.33 8.99 -7.58
C ASP A 791 19.84 9.08 -7.31
N LEU A 792 19.25 10.23 -7.62
CA LEU A 792 17.85 10.54 -7.33
C LEU A 792 16.86 9.58 -7.96
N THR A 793 17.19 9.00 -9.12
CA THR A 793 16.28 8.11 -9.82
C THR A 793 16.00 6.83 -9.05
N SER A 794 16.87 6.51 -8.09
CA SER A 794 16.76 5.28 -7.30
C SER A 794 15.73 5.38 -6.17
N ILE A 795 15.11 6.55 -6.04
CA ILE A 795 14.12 6.80 -4.99
C ILE A 795 12.86 5.96 -5.16
N VAL A 796 12.56 5.58 -6.41
CA VAL A 796 11.41 4.74 -6.72
C VAL A 796 11.64 3.32 -6.17
N GLU A 797 12.86 2.83 -6.38
CA GLU A 797 13.31 1.55 -5.85
C GLU A 797 13.22 1.54 -4.32
N LEU A 798 13.73 2.61 -3.70
CA LEU A 798 13.61 2.80 -2.25
C LEU A 798 12.17 2.65 -1.77
N ASP A 799 11.25 3.34 -2.45
CA ASP A 799 9.83 3.33 -2.08
C ASP A 799 9.24 1.91 -2.12
N GLY A 800 9.61 1.14 -3.14
CA GLY A 800 9.17 -0.26 -3.25
C GLY A 800 9.70 -1.11 -2.11
N LEU A 801 10.99 -0.95 -1.81
CA LEU A 801 11.64 -1.67 -0.73
C LEU A 801 11.06 -1.30 0.63
N LEU A 802 10.76 -0.02 0.85
CA LEU A 802 10.11 0.43 2.08
C LEU A 802 8.74 -0.23 2.25
N GLU A 803 8.04 -0.41 1.14
CA GLU A 803 6.72 -1.02 1.13
C GLU A 803 6.78 -2.51 1.45
N ILE A 804 7.86 -3.17 1.03
CA ILE A 804 8.06 -4.58 1.37
C ILE A 804 8.37 -4.72 2.87
N ASN A 805 9.13 -3.78 3.40
CA ASN A 805 9.43 -3.72 4.82
C ASN A 805 8.18 -3.48 5.65
N ARG A 806 7.28 -2.65 5.13
CA ARG A 806 6.00 -2.39 5.77
C ARG A 806 5.17 -3.67 5.81
N MET A 807 5.17 -4.40 4.70
CA MET A 807 4.42 -5.66 4.63
C MET A 807 5.02 -6.69 5.59
N THR A 808 6.35 -6.72 5.64
CA THR A 808 7.06 -7.64 6.55
C THR A 808 6.64 -7.37 8.00
N HIS A 809 6.68 -6.10 8.41
N HIS A 809 6.67 -6.09 8.39
CA HIS A 809 6.27 -5.70 9.75
CA HIS A 809 6.27 -5.66 9.72
C HIS A 809 4.83 -6.14 10.03
C HIS A 809 4.84 -6.09 10.04
N LYS A 810 3.94 -5.94 9.06
CA LYS A 810 2.54 -6.33 9.20
C LYS A 810 2.37 -7.83 9.42
N LEU A 811 3.10 -8.63 8.65
CA LEU A 811 3.03 -10.09 8.76
C LEU A 811 3.54 -10.55 10.11
N LEU A 812 4.62 -9.94 10.56
CA LEU A 812 5.21 -10.26 11.85
C LEU A 812 4.35 -9.79 13.03
N SER A 813 3.61 -8.69 12.83
CA SER A 813 2.78 -8.09 13.89
C SER A 813 1.56 -8.93 14.25
N ARG A 814 1.21 -9.89 13.40
CA ARG A 814 0.13 -10.83 13.69
C ARG A 814 0.46 -11.73 14.88
N TYR A 815 1.75 -11.91 15.15
CA TYR A 815 2.21 -12.84 16.18
C TYR A 815 3.09 -12.17 17.22
N LEU A 816 3.76 -11.10 16.80
CA LEU A 816 4.71 -10.40 17.66
C LEU A 816 4.28 -8.96 17.92
N THR A 817 4.72 -8.42 19.06
CA THR A 817 4.54 -7.01 19.36
C THR A 817 5.82 -6.26 19.03
N LEU A 818 5.76 -5.42 18.01
CA LEU A 818 6.90 -4.61 17.57
C LEU A 818 6.58 -3.14 17.72
N ASP A 819 7.60 -2.29 17.73
CA ASP A 819 7.40 -0.85 17.65
C ASP A 819 6.61 -0.57 16.37
N GLY A 820 5.76 0.47 16.40
CA GLY A 820 5.05 0.90 15.20
C GLY A 820 5.97 1.08 14.01
N PHE A 821 5.48 0.74 12.83
CA PHE A 821 6.30 0.86 11.62
C PHE A 821 6.81 2.29 11.39
N ASP A 822 5.95 3.28 11.64
CA ASP A 822 6.35 4.68 11.49
C ASP A 822 7.48 5.05 12.45
N ALA A 823 7.39 4.58 13.69
CA ALA A 823 8.42 4.81 14.69
C ALA A 823 9.74 4.17 14.25
N MET A 824 9.67 2.93 13.79
CA MET A 824 10.87 2.23 13.28
C MET A 824 11.48 3.02 12.15
N PHE A 825 10.64 3.44 11.21
CA PHE A 825 11.09 4.16 10.02
C PHE A 825 11.68 5.52 10.37
N ARG A 826 11.00 6.30 11.21
CA ARG A 826 11.51 7.61 11.62
C ARG A 826 12.87 7.49 12.31
N GLU A 827 13.06 6.45 13.11
CA GLU A 827 14.34 6.21 13.78
C GLU A 827 15.45 5.93 12.77
N ALA A 828 15.20 4.98 11.85
CA ALA A 828 16.16 4.62 10.82
C ALA A 828 16.47 5.82 9.92
N ASN A 829 15.44 6.63 9.66
CA ASN A 829 15.59 7.84 8.85
C ASN A 829 16.22 9.01 9.61
N HIS A 830 16.55 8.80 10.88
N HIS A 830 16.59 8.79 10.87
CA HIS A 830 17.09 9.84 11.76
CA HIS A 830 17.08 9.83 11.78
C HIS A 830 16.18 11.06 11.77
C HIS A 830 16.17 11.06 11.76
N ASN A 831 14.88 10.81 11.95
CA ASN A 831 13.87 11.85 11.90
C ASN A 831 13.02 11.81 13.17
N VAL A 832 13.67 11.47 14.29
CA VAL A 832 13.02 11.48 15.59
C VAL A 832 13.46 12.71 16.39
N SER A 833 14.77 12.90 16.50
CA SER A 833 15.34 14.04 17.22
C SER A 833 15.88 15.08 16.23
N ALA A 834 15.56 14.92 14.96
CA ALA A 834 15.94 15.85 13.91
C ALA A 834 14.75 16.17 13.01
N PRO A 835 14.68 17.41 12.47
CA PRO A 835 13.49 17.86 11.71
C PRO A 835 13.40 17.31 10.28
N TYR A 836 14.54 17.05 9.65
CA TYR A 836 14.58 16.49 8.30
C TYR A 836 15.36 15.18 8.33
N GLY A 837 14.76 14.14 7.77
CA GLY A 837 15.36 12.81 7.80
C GLY A 837 16.44 12.62 6.76
N ARG A 838 17.00 11.43 6.72
CA ARG A 838 18.10 11.12 5.82
C ARG A 838 17.67 11.14 4.35
N ILE A 839 16.44 10.70 4.09
CA ILE A 839 15.90 10.66 2.73
C ILE A 839 15.76 12.08 2.16
N THR A 840 15.17 12.97 2.94
CA THR A 840 15.02 14.38 2.57
C THR A 840 16.38 15.02 2.30
N LEU A 841 17.36 14.74 3.15
CA LEU A 841 18.68 15.37 3.03
C LEU A 841 19.47 14.83 1.85
N HIS A 842 19.27 13.56 1.52
CA HIS A 842 19.94 12.97 0.36
C HIS A 842 19.33 13.45 -0.96
N VAL A 843 18.02 13.72 -0.94
CA VAL A 843 17.33 14.29 -2.09
C VAL A 843 17.94 15.65 -2.46
N PHE A 844 18.04 16.54 -1.48
CA PHE A 844 18.64 17.85 -1.70
C PHE A 844 20.10 17.74 -2.12
N TRP A 845 20.82 16.80 -1.51
CA TRP A 845 22.21 16.54 -1.86
C TRP A 845 22.34 16.19 -3.34
N GLU A 846 21.45 15.31 -3.81
CA GLU A 846 21.47 14.85 -5.21
C GLU A 846 20.97 15.93 -6.17
N LEU A 847 19.98 16.70 -5.76
CA LEU A 847 19.52 17.87 -6.52
C LEU A 847 20.68 18.83 -6.77
N ASN A 848 21.40 19.15 -5.70
CA ASN A 848 22.50 20.11 -5.75
C ASN A 848 23.70 19.60 -6.56
N TYR A 849 23.99 18.32 -6.46
CA TYR A 849 25.20 17.75 -7.07
C TYR A 849 24.99 16.99 -8.37
N ASP A 850 23.77 16.54 -8.63
CA ASP A 850 23.53 15.74 -9.83
C ASP A 850 22.37 16.27 -10.69
N PHE A 851 21.21 16.46 -10.09
CA PHE A 851 20.02 16.81 -10.87
C PHE A 851 20.13 18.15 -11.57
N LEU A 852 20.35 19.22 -10.80
CA LEU A 852 20.49 20.56 -11.38
C LEU A 852 21.57 20.65 -12.44
N PRO A 853 22.79 20.14 -12.16
CA PRO A 853 23.84 20.33 -13.16
C PRO A 853 23.80 19.37 -14.35
N ASN A 854 23.22 18.19 -14.18
CA ASN A 854 23.35 17.13 -15.20
C ASN A 854 22.09 16.77 -16.00
N TYR A 855 20.95 17.34 -15.64
CA TYR A 855 19.71 16.93 -16.30
C TYR A 855 19.15 17.92 -17.33
N CYS A 856 18.47 17.37 -18.32
CA CYS A 856 17.92 18.13 -19.43
C CYS A 856 16.42 17.88 -19.49
N TYR A 857 15.64 18.95 -19.26
CA TYR A 857 14.19 18.83 -19.32
C TYR A 857 13.67 18.75 -20.74
N ASN A 858 12.74 17.82 -20.96
CA ASN A 858 12.00 17.73 -22.21
C ASN A 858 10.55 18.10 -21.95
N GLY A 859 10.18 19.31 -22.35
CA GLY A 859 8.83 19.85 -22.10
C GLY A 859 7.67 19.11 -22.74
N SER A 860 7.93 18.39 -23.83
N SER A 860 7.93 18.39 -23.83
CA SER A 860 6.87 17.67 -24.55
CA SER A 860 6.88 17.68 -24.55
C SER A 860 6.50 16.37 -23.87
C SER A 860 6.50 16.35 -23.89
N THR A 861 7.49 15.68 -23.31
CA THR A 861 7.27 14.40 -22.61
C THR A 861 7.11 14.56 -21.11
N ASN A 862 7.49 15.73 -20.59
CA ASN A 862 7.47 16.04 -19.16
C ASN A 862 8.45 15.14 -18.37
N ARG A 863 9.63 14.93 -18.96
CA ARG A 863 10.66 14.08 -18.37
C ARG A 863 12.04 14.75 -18.47
N PHE A 864 12.88 14.50 -17.48
CA PHE A 864 14.28 14.94 -17.49
C PHE A 864 15.19 13.78 -17.90
N VAL A 865 16.24 14.07 -18.66
CA VAL A 865 17.25 13.05 -19.00
C VAL A 865 18.66 13.59 -18.83
N ARG A 866 19.64 12.70 -18.77
CA ARG A 866 21.03 13.11 -18.55
C ARG A 866 21.64 13.82 -19.75
N THR A 867 22.49 14.80 -19.44
CA THR A 867 23.24 15.58 -20.43
C THR A 867 24.25 14.73 -21.20
N VAL A 868 24.94 15.37 -22.15
CA VAL A 868 26.02 14.73 -22.92
C VAL A 868 27.29 14.52 -22.09
N LEU A 869 28.12 13.57 -22.52
CA LEU A 869 29.33 13.14 -21.79
C LEU A 869 30.26 14.26 -21.27
N PRO A 870 30.68 15.21 -22.14
CA PRO A 870 31.62 16.24 -21.65
C PRO A 870 31.06 17.17 -20.56
N PHE A 871 29.73 17.23 -20.43
CA PHE A 871 29.10 18.06 -19.40
C PHE A 871 28.65 17.27 -18.17
N SER A 872 28.75 15.94 -18.27
CA SER A 872 28.39 15.05 -17.18
C SER A 872 29.39 15.17 -16.04
N GLN A 873 28.97 15.83 -14.96
CA GLN A 873 29.82 16.05 -13.79
C GLN A 873 29.73 14.86 -12.84
N GLU A 874 30.68 13.94 -12.99
CA GLU A 874 30.72 12.71 -12.19
C GLU A 874 31.36 12.93 -10.83
N PHE A 875 30.88 12.19 -9.85
CA PHE A 875 31.51 12.15 -8.52
C PHE A 875 31.39 10.74 -7.92
N GLN A 876 32.46 10.30 -7.28
CA GLN A 876 32.57 8.94 -6.76
C GLN A 876 31.53 8.65 -5.68
N ARG A 877 30.85 7.50 -5.82
CA ARG A 877 29.84 7.08 -4.86
C ARG A 877 30.32 5.87 -4.06
N ASP A 878 30.13 5.94 -2.73
CA ASP A 878 30.50 4.83 -1.85
C ASP A 878 29.47 3.70 -1.93
N LYS A 879 29.69 2.80 -2.89
CA LYS A 879 28.80 1.66 -3.11
C LYS A 879 28.75 0.74 -1.89
N GLN A 880 27.56 0.58 -1.34
CA GLN A 880 27.33 -0.20 -0.12
C GLN A 880 27.69 -1.68 -0.26
N PRO A 881 28.31 -2.26 0.79
CA PRO A 881 28.56 -3.71 0.83
C PRO A 881 27.25 -4.49 0.89
N ASN A 882 27.16 -5.54 0.09
CA ASN A 882 25.93 -6.33 0.00
C ASN A 882 25.67 -7.15 1.27
N ALA A 883 24.50 -6.93 1.86
CA ALA A 883 24.05 -7.72 3.00
C ALA A 883 23.30 -8.96 2.53
N GLN A 884 22.76 -9.72 3.47
CA GLN A 884 22.01 -10.93 3.16
C GLN A 884 20.63 -10.59 2.58
N PRO A 885 20.15 -11.43 1.63
CA PRO A 885 18.90 -11.17 0.91
C PRO A 885 17.70 -10.84 1.81
N GLN A 886 17.60 -11.52 2.96
CA GLN A 886 16.52 -11.28 3.92
C GLN A 886 16.42 -9.82 4.38
N TYR A 887 17.51 -9.08 4.30
CA TYR A 887 17.52 -7.66 4.68
C TYR A 887 17.14 -6.75 3.52
N LEU A 888 16.95 -7.33 2.34
CA LEU A 888 16.47 -6.58 1.18
C LEU A 888 15.07 -7.05 0.78
N HIS A 889 14.95 -7.66 -0.40
CA HIS A 889 13.64 -8.11 -0.90
C HIS A 889 13.28 -9.54 -0.46
N GLY A 890 14.25 -10.29 0.05
CA GLY A 890 13.99 -11.59 0.66
C GLY A 890 14.87 -12.74 0.20
N SER A 891 15.08 -12.83 -1.11
CA SER A 891 15.92 -13.86 -1.71
C SER A 891 16.70 -13.28 -2.89
N LYS A 892 17.65 -14.04 -3.41
CA LYS A 892 18.40 -13.61 -4.58
C LYS A 892 17.47 -13.44 -5.78
N ALA A 893 16.56 -14.40 -5.96
CA ALA A 893 15.59 -14.36 -7.05
C ALA A 893 14.70 -13.12 -6.99
N LEU A 894 14.23 -12.78 -5.79
CA LEU A 894 13.39 -11.59 -5.58
C LEU A 894 14.19 -10.31 -5.75
N ASN A 895 15.43 -10.29 -5.25
CA ASN A 895 16.32 -9.14 -5.44
C ASN A 895 16.53 -8.82 -6.91
N LEU A 896 16.79 -9.88 -7.69
CA LEU A 896 17.00 -9.76 -9.12
C LEU A 896 15.71 -9.31 -9.82
N ALA A 897 14.59 -9.92 -9.44
CA ALA A 897 13.29 -9.57 -10.02
C ALA A 897 12.95 -8.09 -9.80
N TYR A 898 13.09 -7.63 -8.56
CA TYR A 898 12.76 -6.25 -8.22
C TYR A 898 13.72 -5.21 -8.80
N SER A 899 15.01 -5.54 -8.87
CA SER A 899 15.99 -4.61 -9.44
C SER A 899 15.77 -4.45 -10.95
N SER A 900 15.27 -5.50 -11.60
CA SER A 900 14.82 -5.42 -12.99
C SER A 900 13.58 -4.53 -13.11
N ILE A 901 12.59 -4.77 -12.24
CA ILE A 901 11.38 -3.94 -12.21
C ILE A 901 11.71 -2.45 -12.13
N TYR A 902 12.60 -2.09 -11.22
CA TYR A 902 12.93 -0.67 -11.04
C TYR A 902 14.02 -0.14 -11.98
N GLY A 903 14.56 -1.02 -12.83
CA GLY A 903 15.54 -0.63 -13.85
C GLY A 903 15.00 0.39 -14.84
N SER A 904 13.70 0.29 -15.12
CA SER A 904 13.00 1.20 -16.03
C SER A 904 13.08 2.67 -15.59
N TYR A 905 13.10 2.88 -14.29
CA TYR A 905 13.02 4.22 -13.69
C TYR A 905 14.36 4.95 -13.55
N ARG A 906 15.45 4.30 -13.95
CA ARG A 906 16.79 4.88 -13.75
C ARG A 906 17.22 5.84 -14.86
N ASN A 907 16.57 5.77 -16.01
CA ASN A 907 17.03 6.51 -17.19
C ASN A 907 16.37 7.87 -17.40
N PHE A 908 15.51 8.26 -16.46
CA PHE A 908 14.85 9.57 -16.51
C PHE A 908 14.37 9.98 -15.11
N VAL A 909 13.98 11.25 -14.97
CA VAL A 909 13.25 11.73 -13.81
C VAL A 909 11.93 12.32 -14.30
N GLY A 910 10.81 11.83 -13.76
CA GLY A 910 9.50 12.27 -14.19
C GLY A 910 8.45 12.19 -13.10
N PRO A 911 7.15 12.26 -13.48
CA PRO A 911 6.01 12.14 -12.56
C PRO A 911 6.09 11.03 -11.50
N PRO A 912 6.51 9.78 -11.87
CA PRO A 912 6.60 8.78 -10.79
C PRO A 912 7.65 9.14 -9.72
N HIS A 913 8.82 9.60 -10.15
CA HIS A 913 9.86 10.07 -9.21
C HIS A 913 9.36 11.22 -8.36
N PHE A 914 8.71 12.20 -9.00
CA PHE A 914 8.17 13.36 -8.28
C PHE A 914 7.08 12.98 -7.29
N GLN A 915 6.26 11.99 -7.67
CA GLN A 915 5.21 11.46 -6.80
C GLN A 915 5.83 10.86 -5.52
N VAL A 916 6.86 10.04 -5.70
CA VAL A 916 7.58 9.43 -4.58
C VAL A 916 8.25 10.47 -3.70
N ILE A 917 9.00 11.39 -4.32
CA ILE A 917 9.67 12.48 -3.60
C ILE A 917 8.69 13.25 -2.70
N CYS A 918 7.50 13.50 -3.24
N CYS A 918 7.48 13.48 -3.19
CA CYS A 918 6.46 14.25 -2.55
CA CYS A 918 6.45 14.15 -2.38
C CYS A 918 6.02 13.55 -1.26
C CYS A 918 6.07 13.37 -1.12
N ARG A 919 5.66 12.28 -1.37
N ARG A 919 5.63 12.13 -1.30
CA ARG A 919 5.26 11.51 -0.20
CA ARG A 919 5.22 11.31 -0.16
C ARG A 919 6.36 11.49 0.86
C ARG A 919 6.31 11.16 0.90
N LEU A 920 7.57 11.07 0.45
CA LEU A 920 8.68 10.82 1.37
C LEU A 920 9.21 12.07 2.07
N LEU A 921 9.10 13.21 1.42
CA LEU A 921 9.54 14.48 2.01
C LEU A 921 8.46 15.14 2.88
N GLY A 922 7.20 14.96 2.50
CA GLY A 922 6.07 15.64 3.15
C GLY A 922 6.14 17.15 2.98
N TYR A 923 5.18 17.86 3.57
CA TYR A 923 5.14 19.33 3.51
C TYR A 923 6.43 20.00 4.00
N GLN A 924 7.05 19.44 5.03
CA GLN A 924 8.23 20.04 5.65
C GLN A 924 9.47 19.88 4.80
N GLY A 925 9.62 18.69 4.21
CA GLY A 925 10.73 18.41 3.30
C GLY A 925 10.68 19.24 2.03
N ILE A 926 9.49 19.35 1.45
CA ILE A 926 9.27 20.18 0.26
C ILE A 926 9.60 21.64 0.57
N ALA A 927 9.11 22.15 1.70
CA ALA A 927 9.36 23.52 2.11
C ALA A 927 10.86 23.81 2.18
N VAL A 928 11.60 22.95 2.88
CA VAL A 928 13.04 23.17 3.04
C VAL A 928 13.81 23.04 1.71
N VAL A 929 13.38 22.13 0.85
CA VAL A 929 14.01 21.98 -0.47
C VAL A 929 13.75 23.20 -1.35
N MET A 930 12.50 23.69 -1.34
CA MET A 930 12.16 24.90 -2.09
C MET A 930 12.97 26.08 -1.57
N GLU A 931 12.97 26.28 -0.24
CA GLU A 931 13.74 27.36 0.39
C GLU A 931 15.23 27.29 0.05
N GLU A 932 15.77 26.08 -0.04
CA GLU A 932 17.18 25.89 -0.36
C GLU A 932 17.48 26.07 -1.85
N LEU A 933 16.55 25.63 -2.70
CA LEU A 933 16.67 25.85 -4.15
C LEU A 933 16.69 27.35 -4.46
N LEU A 934 15.85 28.10 -3.74
CA LEU A 934 15.86 29.56 -3.84
C LEU A 934 17.23 30.15 -3.50
N LYS A 935 17.89 29.56 -2.51
CA LYS A 935 19.22 30.00 -2.08
C LYS A 935 20.29 29.68 -3.12
N VAL A 936 20.16 28.52 -3.76
CA VAL A 936 21.05 28.14 -4.85
C VAL A 936 20.92 29.15 -6.00
N VAL A 937 19.68 29.49 -6.34
CA VAL A 937 19.37 30.44 -7.42
C VAL A 937 19.88 31.84 -7.09
N LYS A 938 19.59 32.31 -5.87
CA LYS A 938 20.13 33.58 -5.36
C LYS A 938 21.66 33.64 -5.45
N SER A 939 22.31 32.54 -5.09
CA SER A 939 23.76 32.42 -5.16
C SER A 939 24.30 32.42 -6.60
N LEU A 940 23.61 31.75 -7.51
CA LEU A 940 24.02 31.68 -8.92
C LEU A 940 23.79 33.00 -9.64
N LEU A 941 22.61 33.60 -9.44
CA LEU A 941 22.25 34.84 -10.11
C LEU A 941 23.09 36.03 -9.67
N GLN A 942 23.33 36.15 -8.36
CA GLN A 942 24.09 37.27 -7.80
C GLN A 942 25.59 37.00 -7.79
N GLY A 943 25.97 35.77 -8.13
CA GLY A 943 27.37 35.37 -8.14
C GLY A 943 27.92 35.24 -9.55
N THR A 944 28.15 34.00 -9.96
CA THR A 944 28.79 33.70 -11.24
C THR A 944 28.04 34.18 -12.49
N ILE A 945 26.70 34.11 -12.48
CA ILE A 945 25.91 34.60 -13.62
C ILE A 945 26.05 36.12 -13.76
N LEU A 946 25.80 36.84 -12.66
CA LEU A 946 26.03 38.29 -12.60
C LEU A 946 27.41 38.66 -13.13
N GLN A 947 28.43 37.92 -12.69
CA GLN A 947 29.81 38.16 -13.10
C GLN A 947 29.99 38.05 -14.61
N TYR A 948 29.35 37.04 -15.21
CA TYR A 948 29.47 36.81 -16.65
C TYR A 948 28.56 37.71 -17.47
N VAL A 949 27.40 38.07 -16.93
CA VAL A 949 26.53 39.05 -17.57
C VAL A 949 27.25 40.41 -17.68
N LYS A 950 27.82 40.87 -16.57
CA LYS A 950 28.59 42.12 -16.54
C LYS A 950 29.77 42.10 -17.51
N THR A 951 30.43 40.95 -17.62
CA THR A 951 31.52 40.75 -18.56
C THR A 951 31.02 40.83 -20.00
N LEU A 952 29.96 40.10 -20.30
CA LEU A 952 29.47 39.98 -21.68
C LEU A 952 28.73 41.21 -22.18
N MET A 953 28.13 41.97 -21.26
CA MET A 953 27.48 43.23 -21.61
C MET A 953 28.47 44.27 -22.17
N GLU A 954 29.72 44.20 -21.71
CA GLU A 954 30.79 45.07 -22.20
C GLU A 954 31.33 44.60 -23.55
N VAL A 955 31.46 43.28 -23.70
CA VAL A 955 31.93 42.66 -24.95
C VAL A 955 30.90 42.87 -26.06
N MET A 956 29.64 42.91 -25.64
CA MET A 956 28.49 43.21 -26.49
C MET A 956 28.69 44.53 -27.25
N PRO A 957 28.26 44.58 -28.52
CA PRO A 957 28.30 45.83 -29.31
C PRO A 957 27.47 46.94 -28.66
N LYS A 958 28.07 48.12 -28.51
CA LYS A 958 27.42 49.27 -27.89
C LYS A 958 26.01 49.48 -28.46
N ILE A 959 25.94 49.61 -29.79
CA ILE A 959 24.67 49.77 -30.48
C ILE A 959 24.54 48.71 -31.59
N CYS A 960 23.32 48.19 -31.75
CA CYS A 960 23.02 47.23 -32.79
C CYS A 960 21.62 47.42 -33.33
N ARG A 961 21.57 47.98 -34.55
CA ARG A 961 20.31 48.27 -35.21
C ARG A 961 19.82 47.06 -35.99
N LEU A 962 18.51 46.89 -36.07
CA LEU A 962 17.91 45.86 -36.91
C LEU A 962 17.87 46.37 -38.34
N PRO A 963 18.68 45.77 -39.24
CA PRO A 963 18.78 46.26 -40.61
C PRO A 963 17.47 46.10 -41.35
N ARG A 964 17.16 47.04 -42.22
CA ARG A 964 15.91 47.07 -42.95
C ARG A 964 15.77 45.86 -43.88
N HIS A 965 14.53 45.46 -44.13
N HIS A 965 14.52 45.47 -44.15
CA HIS A 965 14.17 44.33 -44.98
CA HIS A 965 14.20 44.30 -44.97
C HIS A 965 14.95 44.28 -46.28
C HIS A 965 14.89 44.28 -46.32
N GLU A 966 15.12 45.46 -46.89
CA GLU A 966 15.72 45.61 -48.22
C GLU A 966 17.11 45.01 -48.39
N TYR A 967 17.88 44.93 -47.30
CA TYR A 967 19.23 44.33 -47.35
C TYR A 967 19.20 42.84 -47.67
N GLY A 968 18.04 42.21 -47.44
CA GLY A 968 17.87 40.76 -47.68
C GLY A 968 18.28 39.96 -46.46
N SER A 969 17.70 38.77 -46.33
CA SER A 969 18.01 37.89 -45.19
C SER A 969 19.48 37.43 -45.13
N PRO A 970 20.09 37.07 -46.27
CA PRO A 970 21.51 36.69 -46.24
C PRO A 970 22.41 37.77 -45.66
N GLY A 971 22.20 39.01 -46.06
CA GLY A 971 23.00 40.15 -45.58
C GLY A 971 22.77 40.45 -44.13
N ILE A 972 21.51 40.31 -43.68
CA ILE A 972 21.15 40.49 -42.28
C ILE A 972 21.84 39.43 -41.42
N LEU A 973 21.86 38.18 -41.90
CA LEU A 973 22.59 37.10 -41.24
C LEU A 973 24.07 37.43 -41.14
N GLU A 974 24.66 37.90 -42.24
CA GLU A 974 26.06 38.31 -42.26
C GLU A 974 26.32 39.44 -41.27
N PHE A 975 25.40 40.41 -41.23
CA PHE A 975 25.49 41.54 -40.31
C PHE A 975 25.54 41.05 -38.87
N PHE A 976 24.61 40.16 -38.49
CA PHE A 976 24.56 39.63 -37.12
C PHE A 976 25.80 38.84 -36.75
N HIS A 977 26.25 37.97 -37.66
CA HIS A 977 27.52 37.26 -37.50
C HIS A 977 28.66 38.18 -37.07
N HIS A 978 28.86 39.26 -37.83
CA HIS A 978 29.93 40.22 -37.57
C HIS A 978 29.72 40.95 -36.26
N GLN A 979 28.51 41.47 -36.06
CA GLN A 979 28.17 42.28 -34.90
C GLN A 979 28.29 41.51 -33.58
N LEU A 980 27.98 40.21 -33.64
CA LEU A 980 27.93 39.36 -32.44
C LEU A 980 29.06 38.34 -32.38
N LYS A 981 30.12 38.59 -33.16
CA LYS A 981 31.26 37.68 -33.26
C LYS A 981 31.88 37.31 -31.91
N ASP A 982 32.02 38.31 -31.04
CA ASP A 982 32.68 38.13 -29.75
C ASP A 982 31.84 37.34 -28.74
N ILE A 983 30.52 37.40 -28.89
CA ILE A 983 29.62 36.56 -28.09
C ILE A 983 29.71 35.12 -28.63
N VAL A 984 29.75 34.98 -29.95
CA VAL A 984 29.84 33.68 -30.61
C VAL A 984 31.12 32.94 -30.22
N GLU A 985 32.24 33.67 -30.17
CA GLU A 985 33.57 33.09 -29.95
C GLU A 985 33.98 32.98 -28.47
N TYR A 986 33.16 33.54 -27.58
CA TYR A 986 33.43 33.49 -26.15
C TYR A 986 33.50 32.03 -25.66
N ALA A 987 34.71 31.64 -25.26
CA ALA A 987 35.06 30.24 -24.98
C ALA A 987 34.23 29.55 -23.90
N GLU A 988 33.81 30.31 -22.90
CA GLU A 988 33.11 29.74 -21.74
C GLU A 988 31.61 29.97 -21.76
N LEU A 989 31.06 30.34 -22.92
CA LEU A 989 29.63 30.62 -23.04
C LEU A 989 28.75 29.42 -22.69
N LYS A 990 29.16 28.23 -23.15
CA LYS A 990 28.41 27.02 -22.91
C LYS A 990 28.82 26.35 -21.60
N THR A 991 30.13 26.18 -21.42
CA THR A 991 30.69 25.50 -20.25
C THR A 991 30.37 26.18 -18.92
N VAL A 992 30.23 27.50 -18.94
CA VAL A 992 29.96 28.26 -17.73
C VAL A 992 28.59 28.97 -17.79
N CYS A 993 28.35 29.75 -18.84
CA CYS A 993 27.16 30.60 -18.89
C CYS A 993 25.87 29.80 -19.10
N PHE A 994 25.84 28.95 -20.12
CA PHE A 994 24.67 28.10 -20.37
C PHE A 994 24.48 27.09 -19.24
N GLN A 995 25.59 26.55 -18.74
CA GLN A 995 25.57 25.59 -17.65
C GLN A 995 24.88 26.15 -16.41
N ASN A 996 25.31 27.32 -15.96
CA ASN A 996 24.74 27.95 -14.76
C ASN A 996 23.28 28.33 -14.92
N LEU A 997 22.90 28.69 -16.14
CA LEU A 997 21.51 29.04 -16.44
C LEU A 997 20.60 27.79 -16.43
N ARG A 998 21.08 26.71 -17.03
CA ARG A 998 20.39 25.42 -17.00
C ARG A 998 20.08 24.97 -15.57
N GLU A 999 21.03 25.23 -14.65
CA GLU A 999 20.87 24.89 -13.25
C GLU A 999 19.79 25.72 -12.59
N VAL A 1000 19.73 27.01 -12.96
CA VAL A 1000 18.65 27.90 -12.50
C VAL A 1000 17.31 27.39 -13.02
N GLY A 1001 17.27 27.05 -14.30
CA GLY A 1001 16.07 26.56 -14.95
C GLY A 1001 15.57 25.27 -14.35
N ASN A 1002 16.49 24.32 -14.14
CA ASN A 1002 16.13 23.04 -13.51
C ASN A 1002 15.59 23.21 -12.10
N ALA A 1003 16.11 24.20 -11.37
CA ALA A 1003 15.66 24.49 -10.02
C ALA A 1003 14.24 25.04 -10.01
N ILE A 1004 13.96 25.99 -10.91
CA ILE A 1004 12.63 26.57 -11.04
C ILE A 1004 11.61 25.55 -11.57
N LEU A 1005 12.07 24.67 -12.47
CA LEU A 1005 11.23 23.58 -12.97
C LEU A 1005 10.88 22.58 -11.88
N PHE A 1006 11.86 22.25 -11.03
CA PHE A 1006 11.64 21.34 -9.91
C PHE A 1006 10.50 21.85 -9.01
N CYS A 1007 10.52 23.15 -8.71
CA CYS A 1007 9.50 23.77 -7.87
C CYS A 1007 8.11 23.69 -8.49
N LEU A 1008 8.02 23.95 -9.78
CA LEU A 1008 6.74 23.89 -10.49
C LEU A 1008 6.20 22.46 -10.48
N LEU A 1009 7.07 21.51 -10.81
CA LEU A 1009 6.66 20.12 -10.94
C LEU A 1009 6.36 19.46 -9.60
N ILE A 1010 7.09 19.87 -8.56
CA ILE A 1010 6.86 19.31 -7.23
C ILE A 1010 5.54 19.83 -6.64
N GLU A 1011 5.20 21.09 -6.94
CA GLU A 1011 3.90 21.66 -6.57
C GLU A 1011 2.74 20.91 -7.23
N GLN A 1012 2.93 20.53 -8.48
CA GLN A 1012 1.90 19.81 -9.24
C GLN A 1012 1.67 18.41 -8.69
N SER A 1013 2.76 17.73 -8.35
CA SER A 1013 2.69 16.41 -7.71
C SER A 1013 1.99 16.48 -6.36
N LEU A 1014 2.35 17.49 -5.57
CA LEU A 1014 1.70 17.75 -4.29
C LEU A 1014 0.19 17.94 -4.46
N SER A 1015 -0.20 18.73 -5.47
CA SER A 1015 -1.61 18.98 -5.76
C SER A 1015 -2.33 17.68 -6.10
N LEU A 1016 -1.66 16.80 -6.84
CA LEU A 1016 -2.23 15.50 -7.18
C LEU A 1016 -2.36 14.60 -5.95
N GLU A 1017 -1.40 14.71 -5.04
CA GLU A 1017 -1.40 13.95 -3.80
C GLU A 1017 -2.52 14.42 -2.87
N GLU A 1018 -2.64 15.73 -2.72
CA GLU A 1018 -3.70 16.32 -1.90
C GLU A 1018 -5.09 15.98 -2.39
N VAL A 1019 -5.35 16.15 -3.69
CA VAL A 1019 -6.68 15.90 -4.25
C VAL A 1019 -7.12 14.45 -4.02
N CYS A 1020 -6.19 13.51 -4.16
CA CYS A 1020 -6.48 12.10 -3.89
C CYS A 1020 -6.78 11.83 -2.40
N ASP A 1021 -6.01 12.46 -1.51
CA ASP A 1021 -6.28 12.41 -0.07
C ASP A 1021 -7.70 12.90 0.25
N LEU A 1022 -8.09 14.02 -0.35
CA LEU A 1022 -9.38 14.65 -0.09
C LEU A 1022 -10.56 13.82 -0.57
N LEU A 1023 -10.34 13.06 -1.64
CA LEU A 1023 -11.37 12.21 -2.22
C LEU A 1023 -11.70 11.08 -1.26
N HIS A 1024 -10.67 10.58 -0.58
CA HIS A 1024 -10.83 9.49 0.37
C HIS A 1024 -11.33 9.98 1.72
N ALA A 1025 -11.10 11.26 2.00
CA ALA A 1025 -11.62 11.92 3.21
C ALA A 1025 -13.10 12.22 3.10
N ALA A 1026 -13.57 12.41 1.87
CA ALA A 1026 -14.91 12.92 1.59
C ALA A 1026 -16.06 12.21 2.32
N PRO A 1027 -16.08 10.87 2.33
CA PRO A 1027 -17.20 10.16 2.96
C PRO A 1027 -17.30 10.37 4.48
N PHE A 1028 -16.16 10.60 5.13
CA PHE A 1028 -16.14 10.86 6.57
C PHE A 1028 -16.30 12.34 6.88
N GLN A 1029 -16.32 13.16 5.82
CA GLN A 1029 -16.39 14.61 5.98
C GLN A 1029 -17.67 15.20 5.39
N ASN A 1030 -18.69 14.36 5.23
CA ASN A 1030 -20.04 14.78 4.80
C ASN A 1030 -20.13 15.19 3.33
N ILE A 1031 -18.99 15.18 2.63
CA ILE A 1031 -18.92 15.65 1.25
C ILE A 1031 -19.45 14.61 0.27
N LEU A 1032 -20.51 14.98 -0.44
CA LEU A 1032 -21.21 14.11 -1.38
C LEU A 1032 -21.17 14.67 -2.80
N PRO A 1033 -21.06 13.78 -3.81
CA PRO A 1033 -21.10 14.23 -5.20
C PRO A 1033 -22.54 14.49 -5.63
N ARG A 1034 -22.71 15.21 -6.74
CA ARG A 1034 -24.04 15.49 -7.27
C ARG A 1034 -24.71 14.20 -7.73
N VAL A 1035 -25.99 14.04 -7.38
CA VAL A 1035 -26.74 12.84 -7.74
C VAL A 1035 -27.70 13.10 -8.92
N HIS A 1036 -28.02 12.04 -9.66
CA HIS A 1036 -28.94 12.13 -10.80
C HIS A 1036 -30.38 12.32 -10.34
N VAL A 1037 -31.06 13.29 -10.96
CA VAL A 1037 -32.44 13.61 -10.65
C VAL A 1037 -33.36 13.19 -11.79
N LYS A 1038 -34.19 12.18 -11.55
CA LYS A 1038 -35.23 11.79 -12.49
C LYS A 1038 -36.38 12.79 -12.40
N GLU A 1039 -37.22 12.83 -13.43
CA GLU A 1039 -38.40 13.69 -13.45
C GLU A 1039 -39.33 13.40 -12.26
N GLY A 1040 -39.83 14.46 -11.64
CA GLY A 1040 -40.69 14.33 -10.46
C GLY A 1040 -39.91 14.32 -9.16
N GLU A 1041 -38.62 14.61 -9.23
CA GLU A 1041 -37.75 14.68 -8.05
C GLU A 1041 -37.03 16.03 -8.00
N ARG A 1042 -36.58 16.42 -6.81
CA ARG A 1042 -35.81 17.65 -6.63
C ARG A 1042 -34.35 17.36 -6.27
N LEU A 1043 -33.45 18.27 -6.66
CA LEU A 1043 -32.03 18.17 -6.35
C LEU A 1043 -31.79 18.25 -4.84
N ASP A 1044 -32.51 19.15 -4.18
CA ASP A 1044 -32.39 19.35 -2.73
C ASP A 1044 -33.03 18.21 -1.94
N ALA A 1045 -34.07 17.61 -2.49
CA ALA A 1045 -34.81 16.53 -1.83
C ALA A 1045 -33.97 15.26 -1.66
N LYS A 1046 -33.27 14.86 -2.72
CA LYS A 1046 -32.47 13.63 -2.71
C LYS A 1046 -31.11 13.80 -2.05
N MET A 1047 -30.51 14.98 -2.18
CA MET A 1047 -29.21 15.27 -1.57
C MET A 1047 -29.26 15.23 -0.04
N LYS A 1048 -30.39 15.67 0.53
CA LYS A 1048 -30.63 15.56 1.97
C LYS A 1048 -30.87 14.11 2.37
N ARG A 1049 -31.54 13.37 1.48
CA ARG A 1049 -31.90 11.97 1.71
C ARG A 1049 -30.67 11.06 1.62
N LEU A 1050 -29.73 11.44 0.75
CA LEU A 1050 -28.45 10.73 0.62
C LEU A 1050 -27.51 11.08 1.78
N GLU A 1051 -27.68 12.29 2.32
CA GLU A 1051 -26.91 12.74 3.49
C GLU A 1051 -27.29 11.92 4.72
N SER A 1052 -28.54 11.46 4.78
CA SER A 1052 -29.03 10.60 5.84
C SER A 1052 -28.36 9.23 5.82
N LYS A 1053 -28.20 8.69 4.61
CA LYS A 1053 -27.58 7.38 4.39
C LYS A 1053 -26.15 7.30 4.92
N TYR A 1054 -25.38 8.36 4.68
CA TYR A 1054 -23.96 8.39 5.03
C TYR A 1054 -23.66 9.15 6.32
N ALA A 1055 -24.71 9.44 7.10
CA ALA A 1055 -24.57 10.09 8.40
C ALA A 1055 -23.79 9.26 9.44
N PRO A 1056 -23.95 7.91 9.43
CA PRO A 1056 -23.12 7.07 10.32
C PRO A 1056 -21.63 7.12 10.01
N LEU A 1057 -21.26 7.70 8.87
CA LEU A 1057 -19.85 7.81 8.50
C LEU A 1057 -19.28 9.19 8.82
N HIS A 1058 -20.15 10.12 9.19
CA HIS A 1058 -19.72 11.48 9.51
C HIS A 1058 -18.94 11.46 10.82
N LEU A 1059 -17.62 11.56 10.72
CA LEU A 1059 -16.72 11.27 11.84
C LEU A 1059 -16.88 12.17 13.06
N VAL A 1060 -16.70 13.47 12.88
CA VAL A 1060 -16.69 14.42 14.00
C VAL A 1060 -18.00 14.44 14.80
N PRO A 1061 -19.17 14.49 14.12
CA PRO A 1061 -20.44 14.40 14.83
C PRO A 1061 -20.61 13.13 15.66
N LEU A 1062 -20.14 11.99 15.14
CA LEU A 1062 -20.25 10.72 15.85
C LEU A 1062 -19.41 10.70 17.13
N ILE A 1063 -18.22 11.28 17.07
CA ILE A 1063 -17.34 11.34 18.23
C ILE A 1063 -17.85 12.39 19.21
N GLU A 1064 -18.37 13.49 18.70
CA GLU A 1064 -19.00 14.51 19.54
C GLU A 1064 -20.18 13.93 20.32
N ARG A 1065 -20.82 12.92 19.74
CA ARG A 1065 -21.94 12.22 20.36
C ARG A 1065 -21.53 11.19 21.42
N LEU A 1066 -20.47 10.43 21.14
CA LEU A 1066 -20.15 9.24 21.93
C LEU A 1066 -18.74 9.20 22.52
N GLY A 1067 -17.90 10.18 22.15
CA GLY A 1067 -16.51 10.20 22.56
C GLY A 1067 -16.20 11.09 23.76
N THR A 1068 -14.98 10.97 24.27
CA THR A 1068 -14.51 11.75 25.41
C THR A 1068 -14.02 13.13 24.96
N PRO A 1069 -13.97 14.11 25.88
CA PRO A 1069 -13.42 15.44 25.55
C PRO A 1069 -12.04 15.39 24.89
N GLN A 1070 -11.23 14.38 25.22
CA GLN A 1070 -9.90 14.20 24.63
C GLN A 1070 -10.02 13.69 23.20
N GLN A 1071 -10.91 12.72 22.99
CA GLN A 1071 -11.18 12.15 21.68
C GLN A 1071 -11.74 13.20 20.73
N ILE A 1072 -12.70 13.98 21.24
CA ILE A 1072 -13.37 15.04 20.47
C ILE A 1072 -12.36 16.09 19.98
N ALA A 1073 -11.49 16.53 20.89
CA ALA A 1073 -10.50 17.56 20.57
C ALA A 1073 -9.48 17.09 19.53
N ILE A 1074 -9.06 15.83 19.62
CA ILE A 1074 -8.11 15.24 18.68
C ILE A 1074 -8.74 15.11 17.29
N ALA A 1075 -10.00 14.65 17.25
CA ALA A 1075 -10.73 14.49 16.01
C ALA A 1075 -10.99 15.84 15.32
N ARG A 1076 -11.30 16.86 16.12
CA ARG A 1076 -11.52 18.21 15.60
C ARG A 1076 -10.25 18.77 14.97
N GLU A 1077 -9.12 18.58 15.66
CA GLU A 1077 -7.81 18.97 15.12
C GLU A 1077 -7.46 18.15 13.87
N GLY A 1078 -7.73 16.85 13.91
CA GLY A 1078 -7.47 15.95 12.80
C GLY A 1078 -8.26 16.30 11.55
N ASP A 1079 -9.53 16.65 11.76
CA ASP A 1079 -10.44 17.04 10.68
C ASP A 1079 -9.96 18.29 9.95
N LEU A 1080 -9.52 19.29 10.73
CA LEU A 1080 -8.98 20.54 10.20
C LEU A 1080 -7.72 20.32 9.35
N LEU A 1081 -6.90 19.36 9.75
CA LEU A 1081 -5.67 19.05 9.02
C LEU A 1081 -5.95 18.30 7.73
N THR A 1082 -7.04 17.52 7.73
CA THR A 1082 -7.39 16.70 6.59
C THR A 1082 -8.06 17.53 5.47
N LYS A 1083 -8.96 18.44 5.85
CA LYS A 1083 -9.69 19.23 4.85
C LYS A 1083 -8.89 20.40 4.27
N GLU A 1084 -8.02 21.00 5.07
CA GLU A 1084 -7.29 22.20 4.66
C GLU A 1084 -5.96 21.85 3.98
N ARG A 1085 -6.00 21.71 2.65
CA ARG A 1085 -4.80 21.41 1.87
C ARG A 1085 -4.48 22.57 0.94
N LEU A 1086 -3.28 22.56 0.36
CA LEU A 1086 -2.85 23.65 -0.53
C LEU A 1086 -3.72 23.77 -1.78
N CYS A 1087 -4.10 22.62 -2.35
CA CYS A 1087 -4.89 22.58 -3.57
C CYS A 1087 -6.26 23.28 -3.43
N CYS A 1088 -6.71 23.45 -2.20
CA CYS A 1088 -8.03 24.04 -1.92
C CYS A 1088 -8.17 25.51 -2.33
N GLY A 1089 -7.08 26.28 -2.19
CA GLY A 1089 -7.12 27.69 -2.57
C GLY A 1089 -5.78 28.41 -2.58
N LEU A 1090 -4.70 27.64 -2.49
CA LEU A 1090 -3.35 28.21 -2.40
C LEU A 1090 -2.42 27.68 -3.49
N SER A 1091 -1.46 28.51 -3.88
CA SER A 1091 -0.42 28.11 -4.84
C SER A 1091 0.94 28.70 -4.47
N MET A 1092 2.00 28.13 -5.03
CA MET A 1092 3.37 28.43 -4.58
C MET A 1092 4.27 29.05 -5.65
N PHE A 1093 4.09 28.63 -6.90
CA PHE A 1093 5.00 29.04 -7.96
C PHE A 1093 5.12 30.56 -8.12
N GLU A 1094 4.01 31.27 -7.93
CA GLU A 1094 3.99 32.72 -7.96
C GLU A 1094 4.95 33.29 -6.91
N VAL A 1095 4.90 32.75 -5.69
CA VAL A 1095 5.75 33.20 -4.59
C VAL A 1095 7.23 32.94 -4.92
N ILE A 1096 7.52 31.75 -5.46
CA ILE A 1096 8.86 31.41 -5.94
C ILE A 1096 9.39 32.47 -6.90
N LEU A 1097 8.59 32.81 -7.92
CA LEU A 1097 9.00 33.80 -8.92
C LEU A 1097 9.17 35.21 -8.36
N THR A 1098 8.17 35.66 -7.59
CA THR A 1098 8.23 36.96 -6.93
C THR A 1098 9.51 37.14 -6.11
N ARG A 1099 9.96 36.08 -5.46
CA ARG A 1099 11.16 36.15 -4.62
C ARG A 1099 12.46 36.13 -5.42
N ILE A 1100 12.45 35.46 -6.57
CA ILE A 1100 13.63 35.46 -7.45
C ILE A 1100 13.86 36.84 -8.07
N ARG A 1101 12.77 37.56 -8.35
CA ARG A 1101 12.86 38.93 -8.88
C ARG A 1101 13.69 39.84 -7.98
N SER A 1102 13.54 39.70 -6.67
CA SER A 1102 14.30 40.51 -5.70
C SER A 1102 15.80 40.17 -5.69
N PHE A 1103 16.19 39.09 -6.38
CA PHE A 1103 17.61 38.74 -6.52
C PHE A 1103 18.27 39.48 -7.69
N LEU A 1104 17.49 40.29 -8.40
CA LEU A 1104 17.96 40.98 -9.60
C LEU A 1104 18.03 42.51 -9.40
N ASP A 1105 18.53 42.93 -8.25
CA ASP A 1105 18.56 44.35 -7.88
C ASP A 1105 19.77 45.10 -8.45
N ASP A 1106 20.74 44.35 -8.98
CA ASP A 1106 21.94 44.92 -9.59
C ASP A 1106 21.59 45.71 -10.85
N PRO A 1107 22.14 46.94 -10.99
CA PRO A 1107 21.80 47.87 -12.08
C PRO A 1107 22.08 47.40 -13.52
N ILE A 1108 22.85 46.34 -13.73
N ILE A 1108 22.83 46.32 -13.66
CA ILE A 1108 23.16 45.91 -15.09
CA ILE A 1108 23.24 45.77 -14.95
C ILE A 1108 22.13 44.97 -15.71
C ILE A 1108 22.12 45.04 -15.69
N TRP A 1109 21.10 44.60 -14.96
CA TRP A 1109 20.01 43.79 -15.50
C TRP A 1109 19.12 44.68 -16.37
N ARG A 1110 18.88 45.90 -15.91
CA ARG A 1110 17.98 46.85 -16.57
C ARG A 1110 18.74 47.95 -17.32
N GLY A 1111 19.97 48.22 -16.89
CA GLY A 1111 20.81 49.23 -17.52
C GLY A 1111 20.41 50.67 -17.22
N PRO A 1112 21.05 51.63 -17.92
CA PRO A 1112 20.76 53.06 -17.72
C PRO A 1112 19.40 53.47 -18.29
N LEU A 1113 18.94 54.66 -17.92
CA LEU A 1113 17.69 55.21 -18.44
C LEU A 1113 17.80 55.48 -19.95
N PRO A 1114 16.74 55.17 -20.71
CA PRO A 1114 16.72 55.36 -22.17
C PRO A 1114 16.92 56.81 -22.61
N SER A 1115 17.74 56.98 -23.65
CA SER A 1115 18.01 58.30 -24.25
C SER A 1115 16.74 59.05 -24.67
N ASN A 1116 15.78 58.31 -25.23
CA ASN A 1116 14.56 58.92 -25.78
C ASN A 1116 13.43 59.12 -24.76
N GLY A 1117 13.70 58.80 -23.51
CA GLY A 1117 12.72 58.92 -22.43
C GLY A 1117 11.62 57.87 -22.46
N VAL A 1118 11.78 56.85 -23.31
CA VAL A 1118 10.76 55.81 -23.48
C VAL A 1118 11.35 54.42 -23.27
N MET A 1119 12.21 53.99 -24.20
CA MET A 1119 12.79 52.65 -24.18
C MET A 1119 14.07 52.63 -25.01
N HIS A 1120 14.98 51.71 -24.68
CA HIS A 1120 16.12 51.43 -25.53
C HIS A 1120 15.65 50.70 -26.79
N VAL A 1121 16.31 50.94 -27.91
CA VAL A 1121 15.98 50.29 -29.17
C VAL A 1121 17.22 49.69 -29.82
N ASP A 1122 18.17 50.54 -30.19
CA ASP A 1122 19.42 50.10 -30.81
C ASP A 1122 20.49 49.72 -29.80
N GLU A 1123 20.37 50.25 -28.58
CA GLU A 1123 21.34 50.01 -27.50
C GLU A 1123 21.27 48.58 -26.97
N CYS A 1124 22.43 48.04 -26.61
CA CYS A 1124 22.50 46.71 -25.99
C CYS A 1124 22.92 46.83 -24.53
N VAL A 1125 21.99 47.31 -23.70
CA VAL A 1125 22.27 47.60 -22.30
C VAL A 1125 21.28 46.92 -21.34
N GLU A 1126 20.40 46.10 -21.89
CA GLU A 1126 19.45 45.32 -21.09
C GLU A 1126 19.72 43.83 -21.26
N PHE A 1127 19.43 43.04 -20.24
CA PHE A 1127 19.68 41.60 -20.28
C PHE A 1127 19.08 40.92 -21.54
N HIS A 1128 17.83 41.24 -21.86
CA HIS A 1128 17.16 40.60 -22.99
C HIS A 1128 17.99 40.68 -24.28
N ARG A 1129 18.70 41.80 -24.45
CA ARG A 1129 19.58 41.98 -25.59
C ARG A 1129 20.76 41.02 -25.58
N LEU A 1130 21.35 40.80 -24.40
CA LEU A 1130 22.40 39.78 -24.25
C LEU A 1130 21.82 38.39 -24.52
N TRP A 1131 20.63 38.12 -23.98
CA TRP A 1131 19.96 36.86 -24.26
C TRP A 1131 19.73 36.65 -25.76
N SER A 1132 19.37 37.72 -26.47
CA SER A 1132 19.23 37.68 -27.93
C SER A 1132 20.52 37.27 -28.62
N ALA A 1133 21.65 37.75 -28.11
CA ALA A 1133 22.95 37.35 -28.62
C ALA A 1133 23.23 35.87 -28.32
N MET A 1134 22.87 35.44 -27.11
CA MET A 1134 23.00 34.03 -26.72
C MET A 1134 22.10 33.13 -27.57
N GLN A 1135 20.87 33.60 -27.82
CA GLN A 1135 19.94 32.90 -28.70
C GLN A 1135 20.49 32.76 -30.12
N PHE A 1136 21.15 33.80 -30.60
CA PHE A 1136 21.80 33.76 -31.91
C PHE A 1136 22.77 32.58 -31.97
N VAL A 1137 23.56 32.43 -30.91
CA VAL A 1137 24.57 31.37 -30.83
C VAL A 1137 23.91 29.99 -30.84
N TYR A 1138 22.91 29.77 -29.98
CA TYR A 1138 22.32 28.44 -29.89
C TYR A 1138 21.37 28.07 -31.04
N CYS A 1139 20.99 29.05 -31.85
CA CYS A 1139 20.20 28.78 -33.05
C CYS A 1139 21.06 28.35 -34.24
N ILE A 1140 22.36 28.65 -34.17
CA ILE A 1140 23.28 28.26 -35.24
C ILE A 1140 23.29 26.74 -35.36
N PRO A 1141 23.00 26.22 -36.56
CA PRO A 1141 23.07 24.76 -36.77
C PRO A 1141 24.49 24.25 -36.61
N VAL A 1142 24.63 23.06 -36.03
CA VAL A 1142 25.92 22.41 -35.89
C VAL A 1142 25.97 21.20 -36.82
N GLY A 1143 27.14 20.57 -36.92
CA GLY A 1143 27.32 19.38 -37.76
C GLY A 1143 26.38 18.24 -37.41
N THR A 1144 26.16 17.33 -38.37
CA THR A 1144 25.23 16.22 -38.18
C THR A 1144 25.65 15.24 -37.09
N HIS A 1145 26.94 15.26 -36.72
CA HIS A 1145 27.45 14.37 -35.67
C HIS A 1145 27.87 15.12 -34.41
N GLU A 1146 27.50 16.39 -34.35
CA GLU A 1146 27.73 17.23 -33.17
C GLU A 1146 26.47 17.29 -32.31
N PHE A 1147 26.65 17.46 -31.00
CA PHE A 1147 25.51 17.62 -30.12
C PHE A 1147 25.05 19.08 -30.07
N THR A 1148 23.74 19.24 -29.94
CA THR A 1148 23.10 20.55 -29.97
C THR A 1148 22.91 21.08 -28.56
N VAL A 1149 22.47 22.33 -28.46
CA VAL A 1149 22.18 22.95 -27.17
C VAL A 1149 21.07 22.21 -26.42
N GLU A 1150 20.06 21.73 -27.16
CA GLU A 1150 18.91 21.05 -26.57
C GLU A 1150 19.28 19.65 -26.07
N GLN A 1151 20.26 19.04 -26.73
CA GLN A 1151 20.80 17.74 -26.32
C GLN A 1151 21.66 17.87 -25.06
N CYS A 1152 22.29 19.03 -24.90
CA CYS A 1152 23.23 19.26 -23.80
C CYS A 1152 22.57 19.86 -22.55
N PHE A 1153 21.62 20.78 -22.75
CA PHE A 1153 21.03 21.52 -21.63
C PHE A 1153 19.53 21.33 -21.45
N GLY A 1154 18.85 20.83 -22.48
CA GLY A 1154 17.39 20.69 -22.45
C GLY A 1154 16.69 22.03 -22.26
N ASP A 1155 15.43 21.98 -21.82
CA ASP A 1155 14.58 23.16 -21.75
C ASP A 1155 14.94 24.14 -20.63
N GLY A 1156 15.55 23.61 -19.56
CA GLY A 1156 15.92 24.42 -18.39
C GLY A 1156 16.66 25.70 -18.70
N LEU A 1157 17.56 25.63 -19.68
CA LEU A 1157 18.30 26.80 -20.15
C LEU A 1157 17.38 27.95 -20.54
N HIS A 1158 16.35 27.62 -21.31
CA HIS A 1158 15.41 28.60 -21.81
C HIS A 1158 14.42 29.08 -20.76
N TRP A 1159 14.05 28.18 -19.85
CA TRP A 1159 13.24 28.57 -18.69
C TRP A 1159 13.94 29.64 -17.85
N ALA A 1160 15.25 29.50 -17.65
CA ALA A 1160 16.03 30.46 -16.87
C ALA A 1160 16.15 31.80 -17.57
N GLY A 1161 16.66 31.76 -18.81
CA GLY A 1161 16.77 32.96 -19.65
C GLY A 1161 15.45 33.71 -19.82
N CYS A 1162 14.36 32.96 -20.01
CA CYS A 1162 13.04 33.59 -20.15
C CYS A 1162 12.51 34.12 -18.83
N MET A 1163 12.85 33.45 -17.74
CA MET A 1163 12.43 33.87 -16.40
C MET A 1163 13.04 35.22 -16.04
N ILE A 1164 14.31 35.40 -16.36
CA ILE A 1164 15.00 36.66 -16.08
C ILE A 1164 14.32 37.80 -16.85
N ILE A 1165 14.08 37.57 -18.14
CA ILE A 1165 13.42 38.55 -19.01
C ILE A 1165 12.02 38.95 -18.49
N VAL A 1166 11.21 37.94 -18.16
CA VAL A 1166 9.86 38.17 -17.62
C VAL A 1166 9.86 38.94 -16.30
N LEU A 1167 10.73 38.53 -15.38
CA LEU A 1167 10.80 39.16 -14.06
C LEU A 1167 11.33 40.59 -14.14
N LEU A 1168 12.18 40.86 -15.14
CA LEU A 1168 12.62 42.22 -15.44
C LEU A 1168 11.60 43.02 -16.25
N GLY A 1169 10.50 42.37 -16.64
CA GLY A 1169 9.49 43.00 -17.49
C GLY A 1169 10.05 43.40 -18.86
N GLN A 1170 10.85 42.52 -19.46
CA GLN A 1170 11.55 42.80 -20.72
C GLN A 1170 11.04 41.96 -21.90
N GLN A 1171 9.97 41.20 -21.68
CA GLN A 1171 9.51 40.21 -22.68
C GLN A 1171 8.90 40.81 -23.95
N ARG A 1172 8.21 41.93 -23.83
CA ARG A 1172 7.65 42.62 -24.98
C ARG A 1172 8.76 43.25 -25.83
N ARG A 1173 9.71 43.93 -25.17
CA ARG A 1173 10.85 44.52 -25.89
C ARG A 1173 11.75 43.45 -26.53
N PHE A 1174 11.87 42.30 -25.87
CA PHE A 1174 12.59 41.16 -26.44
C PHE A 1174 11.90 40.65 -27.70
N ALA A 1175 10.57 40.51 -27.63
CA ALA A 1175 9.78 40.07 -28.79
C ALA A 1175 9.94 40.98 -30.00
N VAL A 1176 10.00 42.29 -29.75
CA VAL A 1176 10.16 43.29 -30.81
C VAL A 1176 11.60 43.33 -31.34
N LEU A 1177 12.56 43.35 -30.43
CA LEU A 1177 13.95 43.69 -30.77
C LEU A 1177 14.91 42.52 -30.99
N ASP A 1178 14.45 41.29 -30.75
CA ASP A 1178 15.33 40.11 -30.87
C ASP A 1178 15.93 40.01 -32.26
N PHE A 1179 17.24 39.72 -32.31
CA PHE A 1179 17.96 39.57 -33.57
C PHE A 1179 17.41 38.42 -34.43
N CYS A 1180 17.34 37.22 -33.85
CA CYS A 1180 16.90 36.01 -34.55
C CYS A 1180 15.47 36.12 -35.09
N TYR A 1181 14.57 36.68 -34.30
CA TYR A 1181 13.18 36.90 -34.70
C TYR A 1181 13.11 37.82 -35.92
N HIS A 1182 14.00 38.80 -35.96
CA HIS A 1182 14.06 39.75 -37.07
C HIS A 1182 14.53 39.05 -38.35
N LEU A 1183 15.61 38.26 -38.23
CA LEU A 1183 16.10 37.44 -39.33
C LEU A 1183 15.02 36.51 -39.88
N LEU A 1184 14.30 35.83 -38.98
CA LEU A 1184 13.19 34.94 -39.36
C LEU A 1184 12.10 35.72 -40.11
N LYS A 1185 11.75 36.89 -39.59
CA LYS A 1185 10.74 37.75 -40.20
C LYS A 1185 11.10 38.09 -41.65
N VAL A 1186 12.35 38.50 -41.88
CA VAL A 1186 12.79 38.94 -43.20
C VAL A 1186 12.93 37.78 -44.16
N GLN A 1187 13.43 36.65 -43.67
CA GLN A 1187 13.56 35.44 -44.47
C GLN A 1187 12.19 34.94 -44.94
N LYS A 1188 11.20 34.98 -44.04
CA LYS A 1188 9.83 34.61 -44.38
C LYS A 1188 9.33 35.43 -45.58
N HIS A 1189 9.63 36.72 -45.56
CA HIS A 1189 9.25 37.64 -46.65
C HIS A 1189 9.95 37.36 -47.97
N ASP A 1190 11.28 37.22 -47.97
CA ASP A 1190 12.04 37.10 -49.21
C ASP A 1190 12.33 35.67 -49.67
N GLY A 1191 12.25 34.70 -48.75
CA GLY A 1191 12.40 33.28 -49.07
C GLY A 1191 13.74 32.87 -49.65
N LYS A 1192 14.77 33.67 -49.36
CA LYS A 1192 16.11 33.40 -49.85
C LYS A 1192 16.80 32.31 -49.03
N ASP A 1193 17.66 31.54 -49.68
CA ASP A 1193 18.42 30.49 -49.00
C ASP A 1193 19.86 30.45 -49.50
N GLU A 1194 20.77 30.90 -48.64
CA GLU A 1194 22.20 30.86 -48.90
C GLU A 1194 22.93 30.31 -47.67
N ILE A 1195 24.14 29.82 -47.87
CA ILE A 1195 24.99 29.43 -46.75
C ILE A 1195 25.91 30.60 -46.42
N ILE A 1196 25.54 31.34 -45.37
CA ILE A 1196 26.30 32.51 -44.92
C ILE A 1196 27.16 32.14 -43.73
N LYS A 1197 28.47 32.35 -43.88
CA LYS A 1197 29.46 32.01 -42.85
C LYS A 1197 29.23 30.59 -42.30
N ASN A 1198 29.06 29.64 -43.23
CA ASN A 1198 28.77 28.22 -42.95
C ASN A 1198 27.42 27.89 -42.31
N VAL A 1199 26.59 28.92 -42.13
CA VAL A 1199 25.25 28.76 -41.58
C VAL A 1199 24.23 28.73 -42.71
N PRO A 1200 23.66 27.55 -43.02
CA PRO A 1200 22.60 27.52 -44.03
C PRO A 1200 21.36 28.24 -43.51
N LEU A 1201 21.01 29.34 -44.16
CA LEU A 1201 19.97 30.26 -43.71
C LEU A 1201 18.61 29.61 -43.44
N LYS A 1202 18.16 28.76 -44.37
CA LYS A 1202 16.89 28.05 -44.24
C LYS A 1202 16.85 27.21 -42.95
N LYS A 1203 17.92 26.44 -42.71
CA LYS A 1203 18.07 25.62 -41.51
C LYS A 1203 18.10 26.49 -40.24
N MET A 1204 18.81 27.61 -40.33
CA MET A 1204 18.95 28.57 -39.22
C MET A 1204 17.59 29.14 -38.81
N VAL A 1205 16.80 29.59 -39.80
CA VAL A 1205 15.49 30.18 -39.51
C VAL A 1205 14.45 29.16 -39.06
N GLU A 1206 14.61 27.91 -39.49
CA GLU A 1206 13.78 26.81 -39.00
C GLU A 1206 13.99 26.59 -37.50
N ARG A 1207 15.26 26.57 -37.08
CA ARG A 1207 15.62 26.46 -35.65
C ARG A 1207 15.11 27.66 -34.84
N ILE A 1208 15.21 28.86 -35.42
CA ILE A 1208 14.76 30.08 -34.74
C ILE A 1208 13.27 29.99 -34.41
N ARG A 1209 12.51 29.47 -35.37
CA ARG A 1209 11.07 29.26 -35.21
C ARG A 1209 10.80 28.30 -34.03
N LYS A 1210 11.57 27.22 -33.96
CA LYS A 1210 11.44 26.22 -32.88
C LYS A 1210 11.68 26.84 -31.51
N PHE A 1211 12.72 27.66 -31.40
CA PHE A 1211 13.00 28.33 -30.12
C PHE A 1211 12.03 29.46 -29.83
N GLN A 1212 11.54 30.12 -30.88
CA GLN A 1212 10.50 31.14 -30.76
C GLN A 1212 9.23 30.54 -30.16
N ILE A 1213 8.83 29.37 -30.67
CA ILE A 1213 7.69 28.64 -30.16
C ILE A 1213 7.90 28.32 -28.67
N LEU A 1214 9.06 27.73 -28.36
CA LEU A 1214 9.39 27.38 -26.98
C LEU A 1214 9.39 28.60 -26.06
N ASN A 1215 10.06 29.69 -26.48
CA ASN A 1215 10.11 30.94 -25.71
C ASN A 1215 8.73 31.51 -25.42
N ASP A 1216 7.86 31.51 -26.43
CA ASP A 1216 6.50 32.03 -26.27
C ASP A 1216 5.67 31.21 -25.30
N GLU A 1217 5.82 29.88 -25.36
CA GLU A 1217 5.17 29.01 -24.38
C GLU A 1217 5.67 29.34 -22.96
N ILE A 1218 6.98 29.38 -22.79
CA ILE A 1218 7.58 29.64 -21.48
C ILE A 1218 7.19 31.02 -20.95
N ILE A 1219 7.34 32.06 -21.76
CA ILE A 1219 6.99 33.42 -21.38
C ILE A 1219 5.51 33.49 -20.96
N THR A 1220 4.65 32.88 -21.77
CA THR A 1220 3.21 32.87 -21.51
C THR A 1220 2.88 32.18 -20.17
N ILE A 1221 3.56 31.06 -19.90
CA ILE A 1221 3.36 30.35 -18.62
C ILE A 1221 3.80 31.21 -17.45
N LEU A 1222 5.01 31.74 -17.52
CA LEU A 1222 5.54 32.61 -16.47
C LEU A 1222 4.64 33.81 -16.22
N ASP A 1223 4.18 34.45 -17.30
CA ASP A 1223 3.23 35.57 -17.20
C ASP A 1223 1.91 35.19 -16.55
N LYS A 1224 1.39 34.01 -16.91
CA LYS A 1224 0.15 33.51 -16.35
C LYS A 1224 0.23 33.38 -14.83
N TYR A 1225 1.28 32.72 -14.34
CA TYR A 1225 1.45 32.52 -12.90
C TYR A 1225 1.74 33.83 -12.17
N LEU A 1226 2.47 34.72 -12.83
CA LEU A 1226 2.77 36.04 -12.28
C LEU A 1226 1.59 37.01 -12.45
N LYS A 1227 0.38 36.50 -12.26
CA LYS A 1227 -0.88 37.23 -12.43
C LYS A 1227 -0.97 38.46 -11.52
N GLU A 1237 -0.65 50.67 -10.49
CA GLU A 1237 -1.00 50.37 -11.87
C GLU A 1237 -0.64 51.51 -12.82
N HIS A 1238 -0.91 52.74 -12.38
CA HIS A 1238 -0.77 53.94 -13.23
C HIS A 1238 0.49 53.95 -14.10
N VAL A 1239 0.31 54.24 -15.37
CA VAL A 1239 1.38 54.18 -16.37
C VAL A 1239 2.07 55.53 -16.57
N ARG A 1240 3.31 55.49 -17.05
CA ARG A 1240 4.07 56.70 -17.38
C ARG A 1240 3.42 57.44 -18.56
N CYS A 1241 3.02 58.68 -18.31
CA CYS A 1241 2.40 59.52 -19.33
C CYS A 1241 3.38 60.57 -19.85
N PHE A 1242 3.10 61.07 -21.05
CA PHE A 1242 3.98 62.01 -21.71
C PHE A 1242 3.28 63.33 -21.99
N GLN A 1243 4.08 64.39 -22.17
CA GLN A 1243 3.59 65.74 -22.36
C GLN A 1243 3.37 66.02 -23.85
N PRO A 1244 2.19 66.58 -24.20
CA PRO A 1244 1.99 67.13 -25.54
C PRO A 1244 2.85 68.38 -25.73
N PRO A 1245 3.19 68.73 -26.99
CA PRO A 1245 4.01 69.92 -27.21
C PRO A 1245 3.44 71.15 -26.52
N ILE A 1246 4.33 72.02 -26.05
CA ILE A 1246 3.93 73.21 -25.31
C ILE A 1246 4.44 74.48 -26.00
N HIS A 1247 3.55 75.45 -26.15
CA HIS A 1247 3.88 76.72 -26.82
C HIS A 1247 4.66 77.65 -25.90
N GLN A 1248 5.53 78.48 -26.48
CA GLN A 1248 6.35 79.45 -25.73
C GLN A 1248 5.52 80.42 -24.90
N SER A 1249 4.28 80.63 -25.32
CA SER A 1249 3.32 81.50 -24.63
C SER A 1249 3.19 81.16 -23.14
N LEU A 1250 3.10 79.86 -22.83
CA LEU A 1250 2.97 79.40 -21.45
C LEU A 1250 3.67 78.06 -21.21
N GLN B 7 -28.82 84.90 -49.57
CA GLN B 7 -29.16 84.08 -48.37
C GLN B 7 -28.33 82.78 -48.27
N PRO B 8 -27.00 82.88 -48.41
CA PRO B 8 -26.18 81.66 -48.44
C PRO B 8 -25.87 81.07 -47.06
N SER B 9 -25.90 81.91 -46.02
CA SER B 9 -25.59 81.50 -44.65
C SER B 9 -26.81 81.00 -43.87
N GLN B 10 -27.94 80.89 -44.55
CA GLN B 10 -29.15 80.31 -43.98
C GLN B 10 -29.58 79.05 -44.75
N GLN B 11 -28.66 78.50 -45.53
CA GLN B 11 -28.93 77.31 -46.34
C GLN B 11 -28.75 76.02 -45.54
N LYS B 12 -28.06 76.11 -44.41
CA LYS B 12 -27.94 75.02 -43.44
C LYS B 12 -27.37 73.75 -44.08
N LEU B 13 -26.25 73.90 -44.78
CA LEU B 13 -25.64 72.79 -45.51
C LEU B 13 -25.13 71.69 -44.57
N ALA B 14 -24.42 72.09 -43.52
CA ALA B 14 -23.88 71.15 -42.53
C ALA B 14 -24.98 70.29 -41.91
N GLU B 15 -26.08 70.93 -41.57
CA GLU B 15 -27.21 70.25 -40.95
C GLU B 15 -27.89 69.32 -41.95
N LYS B 16 -28.15 69.83 -43.15
CA LYS B 16 -28.85 69.07 -44.19
C LYS B 16 -28.05 67.87 -44.68
N LEU B 17 -26.73 68.03 -44.81
CA LEU B 17 -25.85 66.94 -45.24
C LEU B 17 -25.75 65.83 -44.20
N THR B 18 -25.63 66.21 -42.93
CA THR B 18 -25.57 65.27 -41.81
C THR B 18 -26.84 64.44 -41.75
N ILE B 19 -27.99 65.12 -41.76
CA ILE B 19 -29.29 64.47 -41.62
C ILE B 19 -29.62 63.57 -42.82
N LEU B 20 -29.32 64.04 -44.03
CA LEU B 20 -29.58 63.24 -45.23
C LEU B 20 -28.65 62.03 -45.37
N ASN B 21 -27.38 62.21 -45.08
CA ASN B 21 -26.43 61.10 -45.07
C ASN B 21 -26.83 59.96 -44.13
N ASP B 22 -27.29 60.32 -42.93
CA ASP B 22 -27.79 59.34 -41.97
C ASP B 22 -29.09 58.68 -42.48
N ARG B 23 -29.98 59.48 -43.04
CA ARG B 23 -31.24 58.98 -43.58
C ARG B 23 -31.01 57.97 -44.70
N GLY B 24 -30.05 58.26 -45.58
CA GLY B 24 -29.71 57.39 -46.70
C GLY B 24 -29.18 56.02 -46.29
N VAL B 25 -28.36 56.00 -45.24
CA VAL B 25 -27.86 54.74 -44.71
C VAL B 25 -29.04 53.88 -44.24
N GLY B 26 -29.97 54.51 -43.51
CA GLY B 26 -31.19 53.84 -43.09
C GLY B 26 -31.99 53.29 -44.27
N MET B 27 -32.12 54.09 -45.32
CA MET B 27 -32.82 53.68 -46.54
C MET B 27 -32.13 52.52 -47.25
N LEU B 28 -30.79 52.56 -47.30
CA LEU B 28 -29.99 51.47 -47.87
C LEU B 28 -30.20 50.18 -47.10
N THR B 29 -30.33 50.31 -45.79
CA THR B 29 -30.51 49.15 -44.91
C THR B 29 -31.88 48.53 -45.13
N ARG B 30 -32.91 49.37 -45.21
CA ARG B 30 -34.27 48.91 -45.47
C ARG B 30 -34.40 48.22 -46.83
N LEU B 31 -33.81 48.85 -47.85
CA LEU B 31 -33.85 48.36 -49.22
C LEU B 31 -33.08 47.05 -49.37
N TYR B 32 -31.92 46.97 -48.71
CA TYR B 32 -31.15 45.75 -48.63
C TYR B 32 -32.00 44.57 -48.20
N ASN B 33 -32.80 44.77 -47.16
CA ASN B 33 -33.63 43.70 -46.62
C ASN B 33 -34.82 43.33 -47.49
N ILE B 34 -35.34 44.28 -48.27
CA ILE B 34 -36.35 43.98 -49.27
C ILE B 34 -35.75 43.11 -50.39
N LYS B 35 -34.56 43.49 -50.85
CA LYS B 35 -33.90 42.75 -51.93
C LYS B 35 -33.59 41.30 -51.54
N LYS B 36 -33.14 41.11 -50.31
CA LYS B 36 -32.82 39.76 -49.83
C LYS B 36 -34.07 38.90 -49.65
N ALA B 37 -35.10 39.46 -49.01
CA ALA B 37 -36.37 38.77 -48.82
C ALA B 37 -37.03 38.40 -50.16
N CYS B 38 -37.03 39.34 -51.12
CA CYS B 38 -37.64 39.11 -52.43
C CYS B 38 -36.79 38.23 -53.35
N GLY B 39 -35.51 38.12 -53.06
CA GLY B 39 -34.61 37.23 -53.79
C GLY B 39 -34.80 35.78 -53.36
N ASP B 40 -35.17 35.60 -52.09
CA ASP B 40 -35.40 34.29 -51.50
C ASP B 40 -36.87 33.87 -51.65
N PRO B 41 -37.13 32.82 -52.45
CA PRO B 41 -38.49 32.31 -52.69
C PRO B 41 -39.23 31.86 -51.43
N LYS B 42 -38.48 31.50 -50.38
CA LYS B 42 -39.06 31.11 -49.10
C LYS B 42 -39.37 32.34 -48.22
N ALA B 43 -38.82 33.49 -48.60
CA ALA B 43 -39.04 34.74 -47.86
C ALA B 43 -39.94 35.72 -48.60
N LYS B 44 -40.07 35.52 -49.92
CA LYS B 44 -40.92 36.34 -50.78
C LYS B 44 -42.35 36.47 -50.24
N PRO B 45 -42.99 37.64 -50.47
CA PRO B 45 -44.42 37.77 -50.19
C PRO B 45 -45.23 36.76 -51.03
N SER B 46 -46.21 36.14 -50.39
CA SER B 46 -46.96 35.01 -50.97
C SER B 46 -47.67 35.30 -52.30
N TYR B 47 -48.04 36.56 -52.50
CA TYR B 47 -48.76 37.00 -53.71
C TYR B 47 -47.91 36.89 -54.99
N LEU B 48 -46.59 36.86 -54.81
CA LEU B 48 -45.66 36.75 -55.94
C LEU B 48 -45.31 35.30 -56.28
N ILE B 49 -45.59 34.38 -55.33
CA ILE B 49 -45.34 32.96 -55.52
C ILE B 49 -46.59 32.26 -56.04
N ASP B 50 -47.73 32.57 -55.41
CA ASP B 50 -49.02 31.98 -55.72
C ASP B 50 -49.24 31.81 -57.23
N LYS B 51 -49.57 30.59 -57.64
CA LYS B 51 -49.79 30.26 -59.05
C LYS B 51 -51.07 30.88 -59.59
N ASN B 52 -52.03 31.13 -58.71
CA ASN B 52 -53.31 31.70 -59.09
C ASN B 52 -53.23 33.19 -59.44
N LEU B 53 -52.43 33.93 -58.66
CA LEU B 53 -52.32 35.38 -58.82
C LEU B 53 -51.34 35.83 -59.90
N GLU B 54 -50.52 34.90 -60.41
CA GLU B 54 -49.47 35.25 -61.37
C GLU B 54 -49.99 35.95 -62.64
N SER B 55 -51.21 35.60 -63.05
CA SER B 55 -51.84 36.21 -64.21
C SER B 55 -52.21 37.66 -63.96
N ALA B 56 -52.70 37.94 -62.74
CA ALA B 56 -53.03 39.30 -62.31
C ALA B 56 -51.77 40.15 -62.15
N VAL B 57 -50.68 39.51 -61.74
CA VAL B 57 -49.38 40.17 -61.58
C VAL B 57 -48.78 40.53 -62.93
N LYS B 58 -48.75 39.55 -63.84
CA LYS B 58 -48.25 39.75 -65.21
C LYS B 58 -48.89 40.97 -65.89
N PHE B 59 -50.17 41.17 -65.64
CA PHE B 59 -50.93 42.28 -66.20
C PHE B 59 -50.43 43.62 -65.67
N ILE B 60 -50.23 43.70 -64.36
CA ILE B 60 -49.78 44.92 -63.70
C ILE B 60 -48.38 45.32 -64.16
N VAL B 61 -47.47 44.35 -64.20
CA VAL B 61 -46.07 44.56 -64.57
C VAL B 61 -45.94 45.09 -66.01
N ARG B 62 -46.68 44.48 -66.92
CA ARG B 62 -46.67 44.87 -68.34
C ARG B 62 -47.26 46.26 -68.55
N LYS B 63 -48.23 46.62 -67.72
CA LYS B 63 -48.92 47.90 -67.85
C LYS B 63 -48.32 49.01 -66.96
N PHE B 64 -47.33 48.64 -66.14
CA PHE B 64 -46.63 49.58 -65.26
C PHE B 64 -45.93 50.67 -66.09
N PRO B 65 -46.09 51.96 -65.70
CA PRO B 65 -46.77 52.49 -64.51
C PRO B 65 -48.25 52.89 -64.69
N ALA B 66 -48.83 52.65 -65.87
CA ALA B 66 -50.21 53.02 -66.14
C ALA B 66 -51.21 52.19 -65.34
N VAL B 67 -52.03 52.88 -64.54
CA VAL B 67 -53.01 52.25 -63.67
C VAL B 67 -54.40 52.22 -64.31
N GLU B 68 -55.09 51.08 -64.18
CA GLU B 68 -56.42 50.90 -64.76
C GLU B 68 -57.38 50.23 -63.78
N ASN B 73 -62.90 43.19 -65.37
CA ASN B 73 -61.80 42.44 -65.99
C ASN B 73 -61.62 41.06 -65.35
N GLN B 74 -61.40 40.05 -66.19
CA GLN B 74 -61.22 38.67 -65.74
C GLN B 74 -59.83 38.42 -65.14
N GLN B 75 -58.90 39.32 -65.42
CA GLN B 75 -57.51 39.19 -64.97
C GLN B 75 -57.35 39.47 -63.47
N LEU B 76 -58.04 40.49 -62.98
CA LEU B 76 -57.97 40.88 -61.57
C LEU B 76 -59.03 40.18 -60.72
N ALA B 77 -59.53 39.04 -61.21
CA ALA B 77 -60.58 38.27 -60.53
C ALA B 77 -60.11 37.75 -59.17
N GLN B 78 -58.95 37.09 -59.16
CA GLN B 78 -58.37 36.55 -57.93
C GLN B 78 -57.90 37.67 -57.01
N LEU B 79 -57.42 38.75 -57.60
CA LEU B 79 -56.93 39.92 -56.88
C LEU B 79 -58.04 40.64 -56.13
N GLN B 80 -59.26 40.54 -56.66
CA GLN B 80 -60.43 41.24 -56.11
C GLN B 80 -60.70 40.89 -54.64
N LYS B 81 -60.79 39.59 -54.36
CA LYS B 81 -61.14 39.11 -53.03
C LYS B 81 -60.02 39.26 -52.00
N GLU B 82 -58.78 39.35 -52.46
CA GLU B 82 -57.62 39.46 -51.56
C GLU B 82 -57.11 40.88 -51.38
N LYS B 83 -57.90 41.87 -51.79
CA LYS B 83 -57.52 43.28 -51.80
C LYS B 83 -57.09 43.84 -50.44
N SER B 84 -57.79 43.45 -49.37
CA SER B 84 -57.52 43.99 -48.04
C SER B 84 -56.24 43.44 -47.45
N GLU B 85 -55.93 42.19 -47.80
CA GLU B 85 -54.72 41.51 -47.33
C GLU B 85 -53.47 42.00 -48.05
N ILE B 86 -53.63 42.36 -49.32
CA ILE B 86 -52.55 42.93 -50.13
C ILE B 86 -52.15 44.30 -49.59
N LEU B 87 -53.14 45.16 -49.31
CA LEU B 87 -52.91 46.45 -48.68
C LEU B 87 -52.24 46.31 -47.32
N LYS B 88 -52.63 45.26 -46.60
CA LYS B 88 -52.12 45.01 -45.26
C LYS B 88 -50.66 44.56 -45.27
N ASN B 89 -50.35 43.60 -46.15
CA ASN B 89 -49.03 42.94 -46.15
C ASN B 89 -47.98 43.57 -47.06
N LEU B 90 -48.39 44.45 -47.97
CA LEU B 90 -47.45 45.10 -48.87
C LEU B 90 -47.16 46.56 -48.50
N ALA B 91 -47.87 47.06 -47.49
CA ALA B 91 -47.73 48.45 -47.04
C ALA B 91 -46.34 48.79 -46.51
N LEU B 92 -45.68 47.80 -45.91
CA LEU B 92 -44.33 48.00 -45.38
C LEU B 92 -43.34 48.24 -46.53
N TYR B 93 -43.41 47.37 -47.53
CA TYR B 93 -42.54 47.44 -48.70
C TYR B 93 -42.84 48.66 -49.55
N TYR B 94 -44.13 48.92 -49.77
CA TYR B 94 -44.57 50.05 -50.58
C TYR B 94 -44.05 51.38 -50.03
N PHE B 95 -44.28 51.61 -48.74
CA PHE B 95 -43.91 52.89 -48.14
C PHE B 95 -42.40 53.03 -47.90
N THR B 96 -41.67 51.93 -48.03
CA THR B 96 -40.21 52.00 -48.06
C THR B 96 -39.78 52.60 -49.40
N PHE B 97 -40.39 52.12 -50.49
CA PHE B 97 -40.13 52.68 -51.82
C PHE B 97 -40.49 54.16 -51.87
N VAL B 98 -41.59 54.52 -51.20
CA VAL B 98 -41.99 55.94 -51.06
C VAL B 98 -40.90 56.75 -50.36
N ASP B 99 -40.33 56.20 -49.29
CA ASP B 99 -39.29 56.90 -48.54
C ASP B 99 -37.97 57.04 -49.31
N VAL B 100 -37.72 56.10 -50.21
CA VAL B 100 -36.58 56.18 -51.13
C VAL B 100 -36.74 57.36 -52.09
N MET B 101 -37.98 57.55 -52.57
CA MET B 101 -38.28 58.64 -53.49
C MET B 101 -38.15 60.01 -52.82
N GLU B 102 -38.75 60.13 -51.64
CA GLU B 102 -38.68 61.36 -50.86
C GLU B 102 -37.25 61.72 -50.51
N PHE B 103 -36.45 60.70 -50.17
CA PHE B 103 -35.03 60.89 -49.93
C PHE B 103 -34.35 61.47 -51.16
N LYS B 104 -34.61 60.86 -52.32
CA LYS B 104 -34.08 61.32 -53.61
C LYS B 104 -34.43 62.79 -53.91
N ASP B 105 -35.68 63.16 -53.68
CA ASP B 105 -36.15 64.54 -53.86
C ASP B 105 -35.38 65.53 -52.97
N HIS B 106 -35.16 65.14 -51.72
N HIS B 106 -35.15 65.14 -51.72
CA HIS B 106 -34.40 65.94 -50.76
CA HIS B 106 -34.40 65.96 -50.76
C HIS B 106 -32.93 66.11 -51.18
C HIS B 106 -32.93 66.10 -51.16
N VAL B 107 -32.35 65.03 -51.70
CA VAL B 107 -30.96 65.03 -52.16
C VAL B 107 -30.78 65.95 -53.37
N CYS B 108 -31.64 65.75 -54.38
CA CYS B 108 -31.61 66.57 -55.58
C CYS B 108 -31.74 68.07 -55.26
N GLU B 109 -32.63 68.42 -54.34
CA GLU B 109 -32.79 69.81 -53.89
C GLU B 109 -31.52 70.35 -53.25
N LEU B 110 -30.89 69.55 -52.39
CA LEU B 110 -29.67 69.95 -51.72
C LEU B 110 -28.51 70.11 -52.70
N LEU B 111 -28.43 69.21 -53.67
CA LEU B 111 -27.38 69.27 -54.69
C LEU B 111 -27.53 70.50 -55.59
N ASN B 112 -28.78 70.85 -55.91
CA ASN B 112 -29.09 72.09 -56.66
C ASN B 112 -28.71 73.35 -55.89
N THR B 113 -29.05 73.39 -54.61
CA THR B 113 -28.67 74.50 -53.72
C THR B 113 -27.16 74.70 -53.71
N ILE B 114 -26.43 73.59 -53.64
CA ILE B 114 -24.97 73.63 -53.57
C ILE B 114 -24.40 74.19 -54.87
N ASP B 115 -24.95 73.75 -56.00
CA ASP B 115 -24.58 74.28 -57.31
C ASP B 115 -24.69 75.81 -57.34
N VAL B 116 -25.85 76.32 -56.90
CA VAL B 116 -26.13 77.75 -56.84
C VAL B 116 -25.15 78.49 -55.92
N CYS B 117 -24.77 77.85 -54.81
CA CYS B 117 -23.87 78.44 -53.83
C CYS B 117 -22.40 78.47 -54.29
N GLN B 118 -22.12 77.83 -55.43
CA GLN B 118 -20.76 77.72 -55.96
C GLN B 118 -19.75 77.45 -54.84
N VAL B 119 -19.80 76.23 -54.32
CA VAL B 119 -19.06 75.86 -53.11
C VAL B 119 -17.63 75.43 -53.43
N PHE B 120 -16.69 75.95 -52.64
CA PHE B 120 -15.30 75.52 -52.67
C PHE B 120 -15.18 74.17 -51.93
N PHE B 121 -14.72 73.15 -52.65
CA PHE B 121 -14.57 71.80 -52.10
C PHE B 121 -13.11 71.35 -52.17
N ASP B 122 -12.52 71.09 -50.99
CA ASP B 122 -11.17 70.55 -50.90
C ASP B 122 -11.06 69.65 -49.67
N ILE B 123 -10.86 68.36 -49.91
CA ILE B 123 -10.80 67.35 -48.85
C ILE B 123 -9.73 67.64 -47.79
N THR B 124 -8.67 68.33 -48.21
CA THR B 124 -7.57 68.67 -47.31
C THR B 124 -7.80 69.97 -46.55
N VAL B 125 -8.97 70.59 -46.75
CA VAL B 125 -9.27 71.88 -46.14
C VAL B 125 -10.60 71.85 -45.40
N ASN B 126 -11.70 71.79 -46.14
CA ASN B 126 -13.01 71.58 -45.53
C ASN B 126 -13.39 70.10 -45.59
N PHE B 127 -12.68 69.29 -44.79
CA PHE B 127 -12.83 67.84 -44.80
C PHE B 127 -14.27 67.37 -44.62
N ASP B 128 -14.96 67.91 -43.62
CA ASP B 128 -16.31 67.46 -43.29
C ASP B 128 -17.31 67.81 -44.37
N LEU B 129 -17.21 69.01 -44.92
CA LEU B 129 -18.10 69.44 -46.01
C LEU B 129 -17.90 68.57 -47.25
N THR B 130 -16.63 68.41 -47.65
CA THR B 130 -16.28 67.61 -48.82
C THR B 130 -16.70 66.14 -48.65
N LYS B 131 -16.34 65.53 -47.52
CA LYS B 131 -16.68 64.13 -47.25
C LYS B 131 -18.18 63.87 -47.26
N ASN B 132 -18.95 64.74 -46.61
CA ASN B 132 -20.41 64.61 -46.58
C ASN B 132 -21.04 64.74 -47.94
N TYR B 133 -20.55 65.71 -48.72
CA TYR B 133 -21.03 65.92 -50.08
C TYR B 133 -20.81 64.67 -50.92
N LEU B 134 -19.60 64.10 -50.84
CA LEU B 134 -19.27 62.88 -51.58
C LEU B 134 -20.02 61.65 -51.08
N ASP B 135 -20.14 61.50 -49.76
CA ASP B 135 -20.90 60.39 -49.17
C ASP B 135 -22.34 60.36 -49.65
N LEU B 136 -22.96 61.54 -49.72
CA LEU B 136 -24.38 61.65 -50.06
C LEU B 136 -24.63 61.26 -51.51
N ILE B 137 -23.77 61.74 -52.39
CA ILE B 137 -23.84 61.43 -53.81
C ILE B 137 -23.69 59.91 -54.02
N ILE B 138 -22.71 59.31 -53.34
CA ILE B 138 -22.49 57.87 -53.43
C ILE B 138 -23.61 57.04 -52.80
N THR B 139 -24.09 57.47 -51.62
CA THR B 139 -25.24 56.83 -50.99
C THR B 139 -26.44 56.87 -51.93
N TYR B 140 -26.68 58.05 -52.52
CA TYR B 140 -27.74 58.25 -53.50
C TYR B 140 -27.57 57.29 -54.68
N THR B 141 -26.36 57.24 -55.23
CA THR B 141 -26.07 56.42 -56.41
C THR B 141 -26.25 54.93 -56.10
N THR B 142 -25.67 54.48 -54.99
CA THR B 142 -25.73 53.07 -54.62
C THR B 142 -27.16 52.65 -54.27
N LEU B 143 -27.92 53.58 -53.70
CA LEU B 143 -29.32 53.33 -53.39
C LEU B 143 -30.17 53.13 -54.64
N MET B 144 -29.92 53.93 -55.68
CA MET B 144 -30.68 53.81 -56.93
C MET B 144 -30.29 52.52 -57.68
N ILE B 145 -29.01 52.16 -57.64
CA ILE B 145 -28.55 50.91 -58.23
C ILE B 145 -29.14 49.70 -57.49
N LEU B 146 -29.17 49.77 -56.16
CA LEU B 146 -29.73 48.69 -55.35
C LEU B 146 -31.21 48.48 -55.67
N LEU B 147 -31.95 49.58 -55.73
CA LEU B 147 -33.36 49.56 -56.14
C LEU B 147 -33.56 48.85 -57.47
N SER B 148 -32.68 49.12 -58.43
CA SER B 148 -32.76 48.52 -59.77
C SER B 148 -32.57 47.01 -59.78
N ARG B 149 -32.01 46.48 -58.68
CA ARG B 149 -31.79 45.04 -58.53
C ARG B 149 -32.96 44.30 -57.91
N ILE B 150 -33.92 45.06 -57.37
CA ILE B 150 -35.14 44.47 -56.81
C ILE B 150 -36.13 44.22 -57.95
N GLU B 151 -36.00 43.05 -58.58
CA GLU B 151 -36.75 42.69 -59.78
C GLU B 151 -38.27 42.72 -59.62
N GLU B 152 -38.73 42.42 -58.41
CA GLU B 152 -40.16 42.35 -58.14
C GLU B 152 -40.78 43.69 -57.71
N ARG B 153 -39.99 44.77 -57.79
CA ARG B 153 -40.44 46.07 -57.27
C ARG B 153 -41.69 46.64 -57.96
N LYS B 154 -41.81 46.44 -59.27
CA LYS B 154 -42.99 46.87 -60.03
C LYS B 154 -44.24 46.11 -59.57
N ALA B 155 -44.13 44.78 -59.54
CA ALA B 155 -45.20 43.91 -59.04
C ALA B 155 -45.68 44.31 -57.64
N ILE B 156 -44.73 44.64 -56.77
CA ILE B 156 -45.04 45.00 -55.38
C ILE B 156 -45.77 46.35 -55.31
N ILE B 157 -45.22 47.36 -55.99
CA ILE B 157 -45.80 48.70 -55.99
C ILE B 157 -47.17 48.67 -56.68
N GLY B 158 -47.23 47.99 -57.82
CA GLY B 158 -48.48 47.80 -58.55
C GLY B 158 -49.57 47.14 -57.73
N LEU B 159 -49.28 45.94 -57.20
CA LEU B 159 -50.24 45.19 -56.40
C LEU B 159 -50.83 46.01 -55.25
N TYR B 160 -49.98 46.72 -54.52
CA TYR B 160 -50.45 47.58 -53.44
C TYR B 160 -51.39 48.67 -53.96
N ASN B 161 -51.03 49.29 -55.08
CA ASN B 161 -51.82 50.38 -55.66
C ASN B 161 -53.12 49.90 -56.30
N TYR B 162 -53.03 48.81 -57.06
CA TYR B 162 -54.21 48.19 -57.68
C TYR B 162 -55.22 47.72 -56.63
N ALA B 163 -54.72 47.27 -55.48
CA ALA B 163 -55.57 46.92 -54.35
C ALA B 163 -56.10 48.16 -53.65
N HIS B 164 -55.35 49.27 -53.76
CA HIS B 164 -55.73 50.53 -53.13
C HIS B 164 -56.86 51.20 -53.91
N GLU B 165 -56.78 51.14 -55.23
CA GLU B 165 -57.78 51.79 -56.09
C GLU B 165 -59.12 51.06 -56.14
N MET B 166 -59.11 49.75 -55.85
CA MET B 166 -60.34 48.98 -55.76
C MET B 166 -60.83 48.86 -54.31
N THR B 167 -60.25 49.67 -53.43
CA THR B 167 -60.68 49.78 -52.04
C THR B 167 -61.15 51.22 -51.74
N HIS B 168 -60.32 52.19 -52.09
CA HIS B 168 -60.60 53.60 -51.80
C HIS B 168 -61.07 54.41 -53.02
N GLY B 169 -61.16 53.76 -54.18
CA GLY B 169 -61.65 54.41 -55.39
C GLY B 169 -60.56 54.81 -56.37
N ALA B 170 -59.60 55.59 -55.88
CA ALA B 170 -58.50 56.10 -56.71
C ALA B 170 -57.13 55.55 -56.27
N SER B 171 -56.11 55.82 -57.08
CA SER B 171 -54.73 55.43 -56.78
C SER B 171 -54.21 56.06 -55.48
N ASP B 172 -53.13 55.49 -54.95
CA ASP B 172 -52.44 56.02 -53.77
C ASP B 172 -51.85 57.41 -54.05
N ARG B 173 -51.78 58.25 -53.02
CA ARG B 173 -51.30 59.64 -53.14
C ARG B 173 -49.94 59.74 -53.83
N GLU B 174 -49.01 58.86 -53.44
CA GLU B 174 -47.64 58.89 -53.94
C GLU B 174 -47.38 58.05 -55.19
N TYR B 175 -48.33 57.21 -55.58
CA TYR B 175 -48.11 56.27 -56.70
C TYR B 175 -47.70 56.93 -58.03
N PRO B 176 -48.42 57.99 -58.46
CA PRO B 176 -48.03 58.58 -59.75
C PRO B 176 -46.54 58.91 -59.79
N ARG B 177 -46.04 59.60 -58.77
CA ARG B 177 -44.64 60.03 -58.73
C ARG B 177 -43.68 58.87 -58.48
N LEU B 178 -44.12 57.90 -57.67
CA LEU B 178 -43.31 56.69 -57.41
C LEU B 178 -43.16 55.85 -58.67
N GLY B 179 -44.26 55.59 -59.36
CA GLY B 179 -44.26 54.85 -60.62
C GLY B 179 -43.33 55.47 -61.65
N GLN B 180 -43.25 56.80 -61.64
CA GLN B 180 -42.38 57.53 -62.54
C GLN B 180 -40.90 57.34 -62.18
N MET B 181 -40.58 57.42 -60.89
CA MET B 181 -39.19 57.25 -60.44
C MET B 181 -38.65 55.87 -60.80
N ILE B 182 -39.45 54.84 -60.55
CA ILE B 182 -39.09 53.46 -60.89
C ILE B 182 -38.69 53.33 -62.36
N VAL B 183 -39.54 53.86 -63.25
CA VAL B 183 -39.30 53.82 -64.68
C VAL B 183 -38.10 54.69 -65.10
N ASP B 184 -38.05 55.91 -64.59
CA ASP B 184 -36.97 56.84 -64.95
C ASP B 184 -35.57 56.38 -64.52
N TYR B 185 -35.51 55.55 -63.48
CA TYR B 185 -34.23 55.08 -62.95
C TYR B 185 -33.98 53.60 -63.18
N GLU B 186 -34.75 53.01 -64.10
CA GLU B 186 -34.63 51.60 -64.46
C GLU B 186 -33.22 51.22 -64.89
N ASN B 187 -32.54 52.14 -65.58
CA ASN B 187 -31.10 52.08 -65.85
C ASN B 187 -30.45 53.24 -65.08
N PRO B 188 -30.22 53.04 -63.77
CA PRO B 188 -29.98 54.15 -62.84
C PRO B 188 -28.78 55.03 -63.17
N LEU B 189 -27.66 54.42 -63.55
CA LEU B 189 -26.46 55.20 -63.85
C LEU B 189 -26.57 56.03 -65.14
N LYS B 190 -27.33 55.54 -66.12
CA LYS B 190 -27.55 56.30 -67.35
C LYS B 190 -28.34 57.57 -67.05
N LYS B 191 -29.46 57.41 -66.36
CA LYS B 191 -30.26 58.54 -65.88
C LYS B 191 -29.41 59.50 -65.06
N MET B 192 -28.60 58.97 -64.16
CA MET B 192 -27.88 59.81 -63.21
C MET B 192 -26.76 60.60 -63.85
N MET B 193 -26.10 60.01 -64.85
CA MET B 193 -25.08 60.72 -65.64
C MET B 193 -25.60 62.00 -66.29
N GLU B 194 -26.84 61.96 -66.80
CA GLU B 194 -27.44 63.15 -67.40
C GLU B 194 -27.97 64.12 -66.34
N GLU B 195 -28.48 63.57 -65.24
CA GLU B 195 -28.97 64.35 -64.11
C GLU B 195 -27.85 65.16 -63.44
N PHE B 196 -26.62 64.64 -63.49
CA PHE B 196 -25.48 65.26 -62.80
C PHE B 196 -24.66 66.22 -63.65
N VAL B 197 -25.13 66.49 -64.88
CA VAL B 197 -24.47 67.46 -65.75
C VAL B 197 -24.31 68.82 -65.04
N PRO B 198 -25.40 69.36 -64.45
CA PRO B 198 -25.23 70.64 -63.75
C PRO B 198 -24.47 70.54 -62.41
N HIS B 199 -24.42 69.35 -61.83
CA HIS B 199 -23.67 69.13 -60.59
C HIS B 199 -22.17 68.96 -60.86
N SER B 200 -21.84 68.76 -62.13
CA SER B 200 -20.52 68.32 -62.57
C SER B 200 -19.34 69.19 -62.12
N LYS B 201 -19.54 70.51 -62.07
CA LYS B 201 -18.45 71.42 -61.71
C LYS B 201 -17.98 71.24 -60.28
N SER B 202 -18.92 71.27 -59.34
CA SER B 202 -18.60 71.14 -57.93
C SER B 202 -18.19 69.72 -57.56
N LEU B 203 -18.80 68.72 -58.19
CA LEU B 203 -18.45 67.32 -57.95
C LEU B 203 -17.03 67.01 -58.42
N SER B 204 -16.67 67.49 -59.61
CA SER B 204 -15.32 67.29 -60.13
C SER B 204 -14.27 68.03 -59.30
N ASP B 205 -14.64 69.21 -58.79
CA ASP B 205 -13.77 69.96 -57.87
C ASP B 205 -13.45 69.17 -56.61
N ALA B 206 -14.48 68.55 -56.02
CA ALA B 206 -14.33 67.80 -54.78
C ALA B 206 -13.50 66.54 -55.01
N LEU B 207 -13.81 65.83 -56.10
CA LEU B 207 -13.12 64.60 -56.46
C LEU B 207 -11.66 64.84 -56.84
N ILE B 208 -11.38 65.94 -57.52
CA ILE B 208 -10.01 66.24 -57.92
C ILE B 208 -9.13 66.51 -56.71
N SER B 209 -9.70 67.14 -55.67
CA SER B 209 -8.98 67.36 -54.41
C SER B 209 -8.49 66.04 -53.78
N LEU B 210 -9.12 64.92 -54.17
CA LEU B 210 -8.74 63.60 -53.67
C LEU B 210 -7.36 63.13 -54.16
N GLN B 211 -6.79 63.85 -55.14
CA GLN B 211 -5.47 63.51 -55.68
C GLN B 211 -4.35 63.80 -54.68
N MET B 212 -4.67 64.61 -53.68
CA MET B 212 -3.73 64.93 -52.60
C MET B 212 -3.72 63.84 -51.52
N VAL B 213 -4.61 62.87 -51.62
CA VAL B 213 -4.78 61.84 -50.58
C VAL B 213 -4.80 60.42 -51.13
N TYR B 214 -5.74 60.13 -52.03
CA TYR B 214 -5.93 58.76 -52.53
C TYR B 214 -4.67 58.10 -53.12
N PRO B 215 -3.97 58.77 -54.06
CA PRO B 215 -2.78 58.14 -54.65
C PRO B 215 -1.70 57.76 -53.62
N ARG B 216 -1.41 58.64 -52.67
CA ARG B 216 -0.39 58.37 -51.66
C ARG B 216 -0.87 57.39 -50.58
N ARG B 217 -2.18 57.14 -50.55
CA ARG B 217 -2.79 56.18 -49.64
C ARG B 217 -2.99 54.82 -50.31
N ASN B 218 -2.71 54.78 -51.62
CA ASN B 218 -2.92 53.57 -52.41
C ASN B 218 -1.62 52.94 -52.91
N LEU B 219 -0.59 52.98 -52.09
CA LEU B 219 0.74 52.49 -52.49
C LEU B 219 0.94 51.00 -52.20
N SER B 220 2.07 50.46 -52.65
CA SER B 220 2.35 49.03 -52.51
C SER B 220 3.07 48.71 -51.20
N ALA B 221 3.11 47.42 -50.87
CA ALA B 221 3.81 46.93 -49.69
C ALA B 221 5.29 47.31 -49.73
N ASP B 222 5.88 47.23 -50.92
CA ASP B 222 7.26 47.63 -51.16
C ASP B 222 7.51 49.10 -50.78
N GLN B 223 6.58 49.97 -51.15
CA GLN B 223 6.70 51.39 -50.83
C GLN B 223 6.42 51.64 -49.36
N TRP B 224 5.56 50.80 -48.78
CA TRP B 224 5.30 50.86 -47.33
C TRP B 224 6.53 50.47 -46.51
N ARG B 225 7.31 49.51 -47.01
CA ARG B 225 8.57 49.13 -46.37
C ARG B 225 9.64 50.20 -46.50
N ASN B 226 9.68 50.86 -47.66
N ASN B 226 9.68 50.85 -47.67
CA ASN B 226 10.64 51.94 -47.90
CA ASN B 226 10.61 51.94 -47.93
C ASN B 226 10.39 53.13 -46.97
C ASN B 226 10.38 53.13 -46.99
N ALA B 227 9.12 53.41 -46.69
CA ALA B 227 8.74 54.49 -45.79
C ALA B 227 8.69 54.02 -44.34
N GLN B 228 8.95 52.73 -44.12
CA GLN B 228 8.80 52.08 -42.82
C GLN B 228 7.49 52.50 -42.16
N LEU B 229 6.40 52.31 -42.89
CA LEU B 229 5.07 52.75 -42.49
C LEU B 229 4.64 52.16 -41.14
N LEU B 230 4.16 53.03 -40.26
CA LEU B 230 3.63 52.66 -38.94
C LEU B 230 4.70 52.21 -37.92
N SER B 231 5.97 52.31 -38.31
CA SER B 231 7.06 51.98 -37.40
C SER B 231 7.22 53.03 -36.30
N LEU B 232 7.21 52.57 -35.06
CA LEU B 232 7.48 53.43 -33.93
C LEU B 232 8.97 53.48 -33.62
N ILE B 233 9.71 52.49 -34.11
CA ILE B 233 11.11 52.32 -33.71
C ILE B 233 12.13 52.61 -34.82
N SER B 234 11.63 52.97 -36.01
CA SER B 234 12.50 53.29 -37.16
C SER B 234 13.36 54.53 -36.89
N ALA B 235 12.79 55.50 -36.20
CA ALA B 235 13.52 56.67 -35.72
C ALA B 235 13.33 56.76 -34.20
N PRO B 236 14.21 56.10 -33.44
CA PRO B 236 14.08 55.92 -31.99
C PRO B 236 13.98 57.21 -31.17
N SER B 237 14.61 58.30 -31.64
CA SER B 237 14.60 59.56 -30.90
C SER B 237 13.30 60.35 -30.99
N THR B 238 12.36 59.89 -31.84
CA THR B 238 11.10 60.61 -32.05
C THR B 238 9.90 59.99 -31.32
N MET B 239 10.16 58.97 -30.51
CA MET B 239 9.08 58.21 -29.85
C MET B 239 8.17 59.06 -28.96
N LEU B 240 8.70 60.19 -28.47
CA LEU B 240 7.91 61.12 -27.67
C LEU B 240 7.12 62.11 -28.54
N ASN B 241 7.58 62.34 -29.76
CA ASN B 241 6.97 63.32 -30.65
C ASN B 241 5.61 62.86 -31.19
N PRO B 242 4.61 63.77 -31.17
CA PRO B 242 3.28 63.42 -31.68
C PRO B 242 3.31 63.04 -33.15
N ALA B 243 2.55 62.01 -33.50
CA ALA B 243 2.37 61.64 -34.89
C ALA B 243 1.29 62.54 -35.47
N GLN B 244 1.69 63.45 -36.34
CA GLN B 244 0.75 64.43 -36.90
C GLN B 244 0.98 64.75 -38.37
N SER B 245 -0.05 65.31 -39.00
CA SER B 245 0.02 65.88 -40.33
C SER B 245 -1.02 66.99 -40.38
N ASP B 246 -1.00 67.79 -41.44
CA ASP B 246 -1.98 68.87 -41.60
C ASP B 246 -3.29 68.40 -42.22
N THR B 247 -3.37 67.09 -42.49
CA THR B 247 -4.58 66.46 -43.01
C THR B 247 -4.89 65.19 -42.20
N MET B 248 -5.12 65.38 -40.90
CA MET B 248 -5.28 64.27 -39.95
C MET B 248 -6.40 63.29 -40.32
N PRO B 249 -7.63 63.81 -40.56
CA PRO B 249 -8.71 62.88 -40.87
C PRO B 249 -8.49 62.14 -42.20
N CYS B 250 -7.64 62.70 -43.06
CA CYS B 250 -7.29 62.05 -44.32
C CYS B 250 -6.38 60.83 -44.16
N GLU B 251 -5.69 60.75 -43.02
CA GLU B 251 -4.68 59.69 -42.83
C GLU B 251 -5.30 58.33 -42.55
N TYR B 252 -6.52 58.32 -42.01
CA TYR B 252 -7.19 57.08 -41.66
C TYR B 252 -8.54 56.92 -42.38
N LEU B 253 -8.92 57.92 -43.17
CA LEU B 253 -10.10 57.81 -44.03
C LEU B 253 -10.00 56.54 -44.86
N SER B 254 -11.09 55.77 -44.88
CA SER B 254 -11.08 54.48 -45.56
C SER B 254 -10.76 54.61 -47.04
N LEU B 255 -9.77 53.83 -47.48
CA LEU B 255 -9.41 53.72 -48.89
C LEU B 255 -10.58 53.18 -49.71
N ASP B 256 -11.34 52.28 -49.09
CA ASP B 256 -12.52 51.66 -49.70
C ASP B 256 -13.58 52.70 -50.02
N ALA B 257 -13.76 53.66 -49.12
CA ALA B 257 -14.75 54.74 -49.29
C ALA B 257 -14.35 55.72 -50.41
N MET B 258 -13.07 56.05 -50.45
CA MET B 258 -12.49 56.93 -51.46
C MET B 258 -12.60 56.35 -52.86
N GLU B 259 -12.35 55.04 -52.95
CA GLU B 259 -12.41 54.32 -54.20
C GLU B 259 -13.79 54.41 -54.83
N LYS B 260 -14.84 54.22 -54.02
CA LYS B 260 -16.23 54.41 -54.49
C LYS B 260 -16.51 55.84 -54.90
N TRP B 261 -15.97 56.82 -54.16
CA TRP B 261 -16.14 58.23 -54.52
C TRP B 261 -15.61 58.49 -55.91
N ILE B 262 -14.41 57.99 -56.18
CA ILE B 262 -13.71 58.20 -57.43
C ILE B 262 -14.40 57.49 -58.59
N ILE B 263 -14.74 56.21 -58.39
CA ILE B 263 -15.30 55.39 -59.45
C ILE B 263 -16.67 55.88 -59.92
N PHE B 264 -17.61 56.01 -58.98
CA PHE B 264 -18.94 56.51 -59.31
C PHE B 264 -18.94 58.00 -59.63
N GLY B 265 -18.20 58.78 -58.83
CA GLY B 265 -18.18 60.22 -58.96
C GLY B 265 -17.80 60.70 -60.35
N PHE B 266 -16.72 60.15 -60.88
CA PHE B 266 -16.25 60.53 -62.20
C PHE B 266 -17.14 60.02 -63.34
N ILE B 267 -17.85 58.93 -63.08
CA ILE B 267 -18.89 58.48 -64.00
C ILE B 267 -19.98 59.55 -64.08
N LEU B 268 -20.35 60.12 -62.93
CA LEU B 268 -21.41 61.10 -62.83
C LEU B 268 -21.06 62.46 -63.45
N CYS B 269 -19.78 62.80 -63.47
CA CYS B 269 -19.33 63.97 -64.22
C CYS B 269 -18.37 63.54 -65.32
N HIS B 270 -18.85 62.61 -66.15
CA HIS B 270 -18.05 61.97 -67.23
C HIS B 270 -17.34 62.95 -68.16
N GLY B 271 -17.99 64.10 -68.43
CA GLY B 271 -17.41 65.15 -69.26
C GLY B 271 -15.97 65.46 -68.93
N ILE B 272 -15.66 65.47 -67.63
CA ILE B 272 -14.33 65.81 -67.13
C ILE B 272 -13.28 64.73 -67.45
N LEU B 273 -13.73 63.52 -67.76
CA LEU B 273 -12.84 62.42 -68.11
C LEU B 273 -12.18 62.59 -69.48
N ASN B 274 -12.83 63.37 -70.34
CA ASN B 274 -12.25 63.71 -71.65
C ASN B 274 -11.39 64.96 -71.60
N THR B 275 -11.76 65.88 -70.73
CA THR B 275 -11.11 67.20 -70.68
C THR B 275 -9.93 67.25 -69.71
N ASP B 276 -9.97 66.42 -68.66
CA ASP B 276 -8.98 66.53 -67.59
C ASP B 276 -8.20 65.22 -67.37
N ALA B 277 -6.90 65.28 -67.65
CA ALA B 277 -6.00 64.13 -67.50
C ALA B 277 -5.80 63.75 -66.03
N THR B 278 -5.72 64.75 -65.16
CA THR B 278 -5.63 64.54 -63.72
C THR B 278 -6.81 63.67 -63.24
N ALA B 279 -8.00 64.00 -63.73
CA ALA B 279 -9.22 63.28 -63.37
C ALA B 279 -9.26 61.88 -63.97
N LEU B 280 -8.80 61.77 -65.22
CA LEU B 280 -8.75 60.48 -65.91
C LEU B 280 -7.81 59.50 -65.22
N ASN B 281 -6.61 59.97 -64.89
CA ASN B 281 -5.59 59.14 -64.27
C ASN B 281 -5.97 58.71 -62.86
N LEU B 282 -6.73 59.56 -62.17
CA LEU B 282 -7.25 59.25 -60.85
C LEU B 282 -8.28 58.12 -60.93
N TRP B 283 -9.22 58.26 -61.87
CA TRP B 283 -10.25 57.25 -62.13
C TRP B 283 -9.63 55.89 -62.48
N LYS B 284 -8.60 55.91 -63.31
CA LYS B 284 -7.93 54.69 -63.76
C LYS B 284 -7.16 53.99 -62.64
N LEU B 285 -6.49 54.76 -61.78
CA LEU B 285 -5.84 54.22 -60.60
C LEU B 285 -6.83 53.42 -59.74
N ALA B 286 -8.03 54.00 -59.55
CA ALA B 286 -9.10 53.32 -58.83
C ALA B 286 -9.62 52.08 -59.58
N LEU B 287 -9.76 52.19 -60.90
CA LEU B 287 -10.18 51.05 -61.74
C LEU B 287 -9.17 49.90 -61.77
N GLN B 288 -7.90 50.21 -61.51
CA GLN B 288 -6.83 49.20 -61.44
C GLN B 288 -6.74 48.48 -60.09
N SER B 289 -7.46 48.99 -59.09
CA SER B 289 -7.28 48.55 -57.70
C SER B 289 -8.29 47.50 -57.23
N SER B 290 -9.46 47.46 -57.86
CA SER B 290 -10.51 46.51 -57.52
C SER B 290 -11.21 45.98 -58.76
N SER B 291 -11.87 44.83 -58.61
CA SER B 291 -12.71 44.29 -59.67
C SER B 291 -14.17 44.49 -59.35
N CYS B 292 -14.49 44.57 -58.07
CA CYS B 292 -15.83 44.90 -57.62
C CYS B 292 -15.82 45.81 -56.39
N LEU B 293 -16.92 46.53 -56.18
CA LEU B 293 -17.09 47.43 -55.06
C LEU B 293 -18.28 46.97 -54.26
N SER B 294 -18.39 47.44 -53.02
CA SER B 294 -19.54 47.13 -52.20
C SER B 294 -20.61 48.20 -52.39
N LEU B 295 -21.77 47.80 -52.92
CA LEU B 295 -22.93 48.69 -52.95
C LEU B 295 -23.40 48.92 -51.52
N PHE B 296 -23.69 47.81 -50.84
CA PHE B 296 -24.03 47.80 -49.42
C PHE B 296 -23.84 46.37 -48.94
N ARG B 297 -23.04 46.21 -47.89
CA ARG B 297 -22.76 44.89 -47.31
C ARG B 297 -22.21 43.92 -48.37
N ASP B 298 -22.90 42.79 -48.57
CA ASP B 298 -22.44 41.76 -49.50
C ASP B 298 -22.97 41.92 -50.93
N GLU B 299 -23.79 42.93 -51.15
CA GLU B 299 -24.25 43.31 -52.50
C GLU B 299 -23.13 44.07 -53.21
N VAL B 300 -22.61 43.49 -54.29
CA VAL B 300 -21.42 44.03 -54.96
C VAL B 300 -21.73 44.56 -56.37
N PHE B 301 -20.89 45.48 -56.82
CA PHE B 301 -21.00 46.12 -58.12
C PHE B 301 -19.75 45.77 -58.90
N HIS B 302 -19.92 45.10 -60.04
CA HIS B 302 -18.79 44.78 -60.90
C HIS B 302 -18.48 45.95 -61.82
N ILE B 303 -17.33 46.56 -61.56
CA ILE B 303 -16.97 47.87 -62.08
C ILE B 303 -16.89 47.94 -63.61
N HIS B 304 -16.01 47.14 -64.20
CA HIS B 304 -15.59 47.33 -65.58
C HIS B 304 -16.67 46.96 -66.61
N LYS B 305 -17.44 45.92 -66.31
CA LYS B 305 -18.55 45.53 -67.17
C LYS B 305 -19.60 46.65 -67.22
N ALA B 306 -20.02 47.13 -66.05
CA ALA B 306 -21.04 48.18 -65.95
C ALA B 306 -20.60 49.51 -66.56
N ALA B 307 -19.34 49.87 -66.35
CA ALA B 307 -18.77 51.08 -66.92
C ALA B 307 -18.68 51.01 -68.45
N GLU B 308 -18.33 49.83 -68.98
CA GLU B 308 -18.28 49.63 -70.43
C GLU B 308 -19.67 49.76 -71.05
N ASP B 309 -20.65 49.01 -70.50
CA ASP B 309 -22.04 49.08 -70.94
C ASP B 309 -22.55 50.51 -71.09
N LEU B 310 -22.21 51.37 -70.14
CA LEU B 310 -22.63 52.77 -70.17
C LEU B 310 -21.91 53.56 -71.27
N PHE B 311 -20.61 53.36 -71.39
CA PHE B 311 -19.77 54.15 -72.29
C PHE B 311 -19.86 53.74 -73.78
N VAL B 312 -20.29 52.51 -74.05
CA VAL B 312 -20.44 52.05 -75.44
C VAL B 312 -21.66 52.66 -76.10
N ASN B 313 -22.57 53.18 -75.27
CA ASN B 313 -23.81 53.78 -75.73
C ASN B 313 -23.76 55.31 -75.77
N ILE B 314 -22.56 55.87 -75.62
CA ILE B 314 -22.34 57.31 -75.75
C ILE B 314 -21.28 57.56 -76.82
N ARG B 315 -21.55 58.55 -77.67
CA ARG B 315 -20.69 58.85 -78.82
C ARG B 315 -19.27 59.29 -78.47
N GLY B 316 -19.14 60.43 -77.79
CA GLY B 316 -17.85 61.09 -77.60
C GLY B 316 -16.90 60.45 -76.60
N TYR B 317 -17.23 59.25 -76.13
CA TYR B 317 -16.41 58.55 -75.12
C TYR B 317 -15.96 57.17 -75.60
N ASN B 318 -15.94 56.98 -76.92
CA ASN B 318 -15.48 55.72 -77.50
C ASN B 318 -13.96 55.62 -77.56
N LYS B 319 -13.31 56.40 -76.70
CA LYS B 319 -11.89 56.27 -76.40
C LYS B 319 -11.76 55.63 -75.02
N ARG B 320 -12.77 55.84 -74.18
CA ARG B 320 -12.76 55.39 -72.79
C ARG B 320 -12.89 53.88 -72.62
N ILE B 321 -13.45 53.20 -73.61
CA ILE B 321 -13.58 51.73 -73.57
C ILE B 321 -12.21 51.04 -73.45
N ASN B 322 -11.21 51.59 -74.13
N ASN B 322 -11.21 51.59 -74.13
CA ASN B 322 -9.84 51.09 -74.04
CA ASN B 322 -9.84 51.07 -74.04
C ASN B 322 -9.27 51.20 -72.64
C ASN B 322 -9.26 51.20 -72.63
N ASP B 323 -9.49 52.36 -72.01
CA ASP B 323 -9.06 52.62 -70.63
C ASP B 323 -9.67 51.61 -69.65
N ILE B 324 -10.99 51.45 -69.72
CA ILE B 324 -11.70 50.49 -68.87
C ILE B 324 -11.12 49.08 -69.00
N ARG B 325 -10.95 48.61 -70.23
CA ARG B 325 -10.46 47.25 -70.47
C ARG B 325 -9.00 47.03 -70.09
N GLU B 326 -8.17 48.05 -70.31
CA GLU B 326 -6.78 48.01 -69.89
C GLU B 326 -6.71 47.96 -68.36
N CYS B 327 -7.57 48.73 -67.69
CA CYS B 327 -7.64 48.76 -66.23
C CYS B 327 -8.20 47.47 -65.67
N LYS B 328 -9.15 46.87 -66.39
CA LYS B 328 -9.75 45.60 -66.01
C LYS B 328 -8.71 44.49 -65.94
N GLU B 329 -7.87 44.40 -66.97
CA GLU B 329 -6.86 43.35 -67.02
C GLU B 329 -5.84 43.51 -65.89
N ALA B 330 -5.43 44.75 -65.65
CA ALA B 330 -4.50 45.08 -64.56
C ALA B 330 -5.04 44.69 -63.19
N ALA B 331 -6.33 44.91 -62.98
CA ALA B 331 -6.99 44.53 -61.73
C ALA B 331 -7.04 43.00 -61.57
N VAL B 332 -7.44 42.30 -62.62
CA VAL B 332 -7.49 40.83 -62.59
C VAL B 332 -6.11 40.19 -62.44
N SER B 333 -5.08 40.83 -63.00
CA SER B 333 -3.73 40.27 -62.99
C SER B 333 -2.91 40.63 -61.76
N HIS B 334 -3.01 41.89 -61.31
CA HIS B 334 -2.08 42.40 -60.31
C HIS B 334 -2.68 42.82 -58.97
N ALA B 335 -3.97 43.14 -58.94
CA ALA B 335 -4.61 43.65 -57.72
C ALA B 335 -4.58 42.65 -56.59
N GLY B 336 -4.92 41.40 -56.89
CA GLY B 336 -4.90 40.32 -55.91
C GLY B 336 -3.58 40.23 -55.17
N SER B 337 -2.48 40.20 -55.93
CA SER B 337 -1.16 40.02 -55.36
C SER B 337 -0.71 41.27 -54.62
N MET B 338 -1.13 42.43 -55.10
CA MET B 338 -0.79 43.70 -54.46
C MET B 338 -1.43 43.77 -53.08
N HIS B 339 -2.69 43.36 -52.99
CA HIS B 339 -3.41 43.29 -51.74
C HIS B 339 -2.85 42.20 -50.81
N ARG B 340 -2.45 41.07 -51.39
N ARG B 340 -2.45 41.07 -51.40
CA ARG B 340 -1.83 39.99 -50.63
CA ARG B 340 -1.83 39.98 -50.65
C ARG B 340 -0.56 40.45 -49.91
C ARG B 340 -0.56 40.44 -49.92
N GLU B 341 0.27 41.22 -50.62
CA GLU B 341 1.50 41.77 -50.03
C GLU B 341 1.23 42.80 -48.94
N ARG B 342 0.14 43.56 -49.10
CA ARG B 342 -0.28 44.54 -48.09
C ARG B 342 -0.62 43.86 -46.77
N ARG B 343 -1.32 42.74 -46.85
CA ARG B 343 -1.74 42.00 -45.67
C ARG B 343 -0.55 41.41 -44.91
N LYS B 344 0.44 40.92 -45.64
CA LYS B 344 1.69 40.43 -45.05
C LYS B 344 2.38 41.53 -44.27
N PHE B 345 2.47 42.72 -44.88
CA PHE B 345 3.11 43.88 -44.27
C PHE B 345 2.35 44.33 -43.02
N LEU B 346 1.02 44.34 -43.11
CA LEU B 346 0.19 44.86 -42.04
C LEU B 346 0.21 43.97 -40.78
N ARG B 347 0.30 42.65 -40.99
CA ARG B 347 0.46 41.71 -39.88
C ARG B 347 1.73 42.00 -39.08
N SER B 348 2.85 42.18 -39.77
CA SER B 348 4.11 42.57 -39.12
C SER B 348 4.01 43.92 -38.42
N ALA B 349 3.43 44.90 -39.12
CA ALA B 349 3.37 46.27 -38.63
C ALA B 349 2.41 46.42 -37.45
N LEU B 350 1.26 45.75 -37.53
CA LEU B 350 0.29 45.80 -36.43
C LEU B 350 0.74 45.02 -35.20
N LYS B 351 1.42 43.90 -35.43
CA LYS B 351 2.00 43.10 -34.34
C LYS B 351 3.00 43.96 -33.56
N GLU B 352 4.00 44.47 -34.27
CA GLU B 352 5.01 45.31 -33.65
C GLU B 352 4.40 46.53 -32.96
N LEU B 353 3.42 47.16 -33.60
CA LEU B 353 2.76 48.33 -33.04
C LEU B 353 2.01 48.02 -31.74
N ALA B 354 1.20 46.96 -31.76
CA ALA B 354 0.47 46.52 -30.58
C ALA B 354 1.40 46.22 -29.40
N THR B 355 2.51 45.55 -29.69
CA THR B 355 3.47 45.11 -28.68
C THR B 355 4.21 46.28 -28.03
N VAL B 356 4.66 47.23 -28.84
CA VAL B 356 5.33 48.41 -28.31
C VAL B 356 4.38 49.23 -27.44
N LEU B 357 3.15 49.40 -27.92
CA LEU B 357 2.13 50.15 -27.19
C LEU B 357 1.73 49.48 -25.87
N SER B 358 1.74 48.15 -25.84
CA SER B 358 1.42 47.41 -24.62
C SER B 358 2.55 47.53 -23.60
N ASP B 359 3.78 47.64 -24.10
CA ASP B 359 4.95 47.82 -23.27
C ASP B 359 5.03 49.26 -22.71
N GLN B 360 4.59 50.23 -23.52
CA GLN B 360 4.61 51.63 -23.11
C GLN B 360 3.28 52.33 -23.43
N PRO B 361 2.22 52.03 -22.63
CA PRO B 361 0.87 52.53 -22.89
C PRO B 361 0.76 54.06 -22.99
N GLY B 362 1.76 54.78 -22.49
CA GLY B 362 1.79 56.23 -22.58
C GLY B 362 1.93 56.73 -24.01
N LEU B 363 2.52 55.91 -24.87
CA LEU B 363 2.72 56.24 -26.28
C LEU B 363 1.42 56.41 -27.03
N LEU B 364 0.33 55.86 -26.48
CA LEU B 364 -1.00 56.01 -27.07
C LEU B 364 -1.41 57.48 -27.15
N GLY B 365 -0.78 58.31 -26.33
CA GLY B 365 -0.96 59.76 -26.38
C GLY B 365 -0.43 60.33 -27.69
N PRO B 366 0.89 60.44 -27.82
CA PRO B 366 1.51 61.00 -29.03
C PRO B 366 1.27 60.19 -30.31
N LYS B 367 1.12 58.88 -30.19
CA LYS B 367 1.01 58.02 -31.38
C LYS B 367 -0.42 57.54 -31.68
N ALA B 368 -1.40 58.26 -31.14
CA ALA B 368 -2.82 57.94 -31.34
C ALA B 368 -3.19 57.74 -32.82
N LEU B 369 -2.64 58.58 -33.70
CA LEU B 369 -2.95 58.54 -35.13
C LEU B 369 -2.58 57.21 -35.77
N PHE B 370 -1.38 56.72 -35.44
CA PHE B 370 -0.91 55.42 -35.90
C PHE B 370 -1.86 54.27 -35.54
N VAL B 371 -2.51 54.37 -34.38
CA VAL B 371 -3.46 53.34 -33.97
C VAL B 371 -4.64 53.30 -34.93
N PHE B 372 -5.19 54.46 -35.24
CA PHE B 372 -6.35 54.55 -36.12
C PHE B 372 -5.97 54.38 -37.60
N MET B 373 -4.78 54.84 -37.98
CA MET B 373 -4.20 54.47 -39.27
C MET B 373 -4.14 52.95 -39.43
N ALA B 374 -3.45 52.27 -38.50
CA ALA B 374 -3.27 50.82 -38.52
C ALA B 374 -4.58 50.05 -38.61
N LEU B 375 -5.54 50.42 -37.75
CA LEU B 375 -6.86 49.80 -37.76
C LEU B 375 -7.55 49.99 -39.10
N SER B 376 -7.51 51.23 -39.61
CA SER B 376 -8.14 51.57 -40.89
C SER B 376 -7.54 50.79 -42.06
N PHE B 377 -6.21 50.75 -42.13
CA PHE B 377 -5.54 50.07 -43.23
C PHE B 377 -5.84 48.56 -43.23
N ALA B 378 -5.78 47.94 -42.06
CA ALA B 378 -6.03 46.51 -41.92
C ALA B 378 -7.49 46.17 -42.22
N ARG B 379 -8.41 46.98 -41.69
CA ARG B 379 -9.84 46.85 -41.97
C ARG B 379 -10.11 46.92 -43.47
N ASP B 380 -9.50 47.90 -44.15
CA ASP B 380 -9.63 48.07 -45.60
C ASP B 380 -9.25 46.79 -46.35
N GLU B 381 -8.13 46.19 -45.97
CA GLU B 381 -7.64 44.96 -46.61
C GLU B 381 -8.54 43.75 -46.39
N ILE B 382 -9.15 43.67 -45.21
CA ILE B 382 -10.04 42.56 -44.90
C ILE B 382 -11.33 42.62 -45.72
N ILE B 383 -12.00 43.78 -45.73
CA ILE B 383 -13.24 43.91 -46.50
C ILE B 383 -13.01 43.76 -48.00
N TRP B 384 -11.84 44.18 -48.48
CA TRP B 384 -11.45 44.02 -49.87
C TRP B 384 -11.37 42.54 -50.22
N LEU B 385 -10.64 41.79 -49.39
CA LEU B 385 -10.45 40.36 -49.58
C LEU B 385 -11.77 39.61 -49.51
N LEU B 386 -12.58 39.96 -48.52
CA LEU B 386 -13.87 39.33 -48.32
C LEU B 386 -14.71 39.34 -49.60
N ARG B 387 -14.90 40.52 -50.21
CA ARG B 387 -15.76 40.62 -51.40
C ARG B 387 -15.14 40.00 -52.65
N HIS B 388 -13.82 40.06 -52.78
CA HIS B 388 -13.14 39.52 -53.96
C HIS B 388 -13.01 38.00 -53.95
N ALA B 389 -12.79 37.41 -52.76
CA ALA B 389 -12.76 35.96 -52.62
C ALA B 389 -14.10 35.35 -53.02
N ASP B 390 -15.17 36.02 -52.60
CA ASP B 390 -16.53 35.57 -52.84
C ASP B 390 -16.97 35.75 -54.29
N ASN B 391 -16.38 36.71 -54.98
CA ASN B 391 -16.89 37.17 -56.28
C ASN B 391 -15.96 37.01 -57.50
N MET B 392 -14.70 36.67 -57.27
CA MET B 392 -13.75 36.53 -58.39
C MET B 392 -13.32 35.09 -58.62
N PRO B 393 -13.34 34.64 -59.88
CA PRO B 393 -12.77 33.35 -60.26
C PRO B 393 -11.28 33.29 -59.98
N LYS B 394 -10.83 32.16 -59.45
CA LYS B 394 -9.42 31.95 -59.13
C LYS B 394 -8.59 31.64 -60.37
N LYS B 395 -7.40 32.24 -60.45
CA LYS B 395 -6.42 31.87 -61.46
C LYS B 395 -5.68 30.61 -60.99
N SER B 396 -5.17 30.65 -59.76
CA SER B 396 -4.58 29.47 -59.12
C SER B 396 -5.34 29.15 -57.83
N ALA B 397 -5.07 27.97 -57.26
CA ALA B 397 -5.79 27.47 -56.09
C ALA B 397 -5.64 28.32 -54.82
N ASP B 398 -4.52 29.03 -54.70
CA ASP B 398 -4.24 29.85 -53.52
C ASP B 398 -4.78 31.29 -53.62
N ASP B 399 -5.42 31.61 -54.75
CA ASP B 399 -5.95 32.95 -55.02
C ASP B 399 -7.08 33.33 -54.06
N PHE B 400 -6.91 34.49 -53.41
CA PHE B 400 -7.91 35.05 -52.49
C PHE B 400 -8.17 34.18 -51.26
N ILE B 401 -7.16 33.38 -50.91
CA ILE B 401 -7.12 32.61 -49.68
C ILE B 401 -5.97 33.15 -48.83
N ASP B 402 -6.29 33.69 -47.66
CA ASP B 402 -5.27 34.10 -46.71
C ASP B 402 -5.37 33.26 -45.45
N LYS B 403 -4.46 32.30 -45.32
CA LYS B 403 -4.45 31.39 -44.18
C LYS B 403 -3.98 32.04 -42.89
N HIS B 404 -3.48 33.27 -42.98
CA HIS B 404 -3.01 34.01 -41.81
C HIS B 404 -3.90 35.22 -41.46
N ILE B 405 -5.14 35.20 -41.94
CA ILE B 405 -6.06 36.31 -41.73
C ILE B 405 -6.37 36.55 -40.24
N ALA B 406 -6.46 35.46 -39.47
CA ALA B 406 -6.75 35.54 -38.04
C ALA B 406 -5.72 36.37 -37.30
N GLU B 407 -4.45 36.21 -37.68
CA GLU B 407 -3.37 36.99 -37.08
C GLU B 407 -3.61 38.50 -37.25
N LEU B 408 -4.03 38.89 -38.45
CA LEU B 408 -4.33 40.28 -38.77
C LEU B 408 -5.49 40.83 -37.93
N ILE B 409 -6.57 40.06 -37.82
CA ILE B 409 -7.75 40.45 -37.04
C ILE B 409 -7.42 40.52 -35.54
N PHE B 410 -6.62 39.56 -35.06
CA PHE B 410 -6.21 39.50 -33.65
C PHE B 410 -5.49 40.77 -33.21
N TYR B 411 -4.54 41.22 -34.02
CA TYR B 411 -3.78 42.41 -33.67
C TYR B 411 -4.57 43.71 -33.81
N MET B 412 -5.64 43.68 -34.60
CA MET B 412 -6.63 44.76 -34.60
C MET B 412 -7.36 44.79 -33.26
N GLU B 413 -7.74 43.62 -32.76
CA GLU B 413 -8.43 43.51 -31.48
C GLU B 413 -7.56 43.95 -30.31
N GLU B 414 -6.26 43.68 -30.40
CA GLU B 414 -5.29 44.15 -29.41
C GLU B 414 -5.22 45.69 -29.37
N LEU B 415 -5.20 46.30 -30.54
CA LEU B 415 -5.16 47.75 -30.63
C LEU B 415 -6.44 48.35 -30.07
N ARG B 416 -7.57 47.74 -30.42
CA ARG B 416 -8.88 48.13 -29.89
C ARG B 416 -8.93 47.99 -28.36
N ALA B 417 -8.33 46.92 -27.84
CA ALA B 417 -8.27 46.66 -26.40
C ALA B 417 -7.39 47.68 -25.67
N HIS B 418 -6.28 48.09 -26.30
CA HIS B 418 -5.43 49.14 -25.73
C HIS B 418 -6.20 50.44 -25.60
N VAL B 419 -6.96 50.78 -26.64
CA VAL B 419 -7.73 52.03 -26.66
C VAL B 419 -8.81 52.02 -25.59
N ARG B 420 -9.43 50.86 -25.36
CA ARG B 420 -10.50 50.74 -24.38
C ARG B 420 -9.98 50.74 -22.94
N LYS B 421 -8.79 50.17 -22.75
CA LYS B 421 -8.20 50.03 -21.42
C LYS B 421 -7.49 51.32 -21.01
N TYR B 422 -6.76 51.91 -21.95
CA TYR B 422 -5.96 53.09 -21.69
C TYR B 422 -6.57 54.38 -22.25
N GLY B 423 -7.88 54.37 -22.45
CA GLY B 423 -8.62 55.57 -22.83
C GLY B 423 -8.21 56.81 -22.05
N PRO B 424 -8.26 56.75 -20.70
CA PRO B 424 -7.89 57.90 -19.86
C PRO B 424 -6.51 58.50 -20.18
N VAL B 425 -5.55 57.65 -20.53
CA VAL B 425 -4.23 58.11 -20.98
C VAL B 425 -4.35 59.02 -22.21
N MET B 426 -5.18 58.60 -23.17
CA MET B 426 -5.32 59.35 -24.41
C MET B 426 -6.09 60.65 -24.18
N GLN B 427 -7.13 60.58 -23.35
CA GLN B 427 -7.91 61.77 -22.99
C GLN B 427 -7.05 62.83 -22.32
N ARG B 428 -6.26 62.40 -21.33
CA ARG B 428 -5.36 63.28 -20.60
C ARG B 428 -4.40 64.01 -21.55
N TYR B 429 -3.76 63.26 -22.44
CA TYR B 429 -2.81 63.81 -23.40
C TYR B 429 -3.47 64.88 -24.27
N TYR B 430 -4.68 64.61 -24.73
CA TYR B 430 -5.34 65.49 -25.68
C TYR B 430 -6.13 66.65 -25.08
N VAL B 431 -6.56 66.53 -23.82
CA VAL B 431 -7.13 67.70 -23.13
C VAL B 431 -6.06 68.76 -22.89
N GLN B 432 -4.83 68.32 -22.61
CA GLN B 432 -3.68 69.21 -22.46
C GLN B 432 -3.30 69.84 -23.79
N TYR B 433 -3.33 69.02 -24.84
CA TYR B 433 -2.99 69.48 -26.18
C TYR B 433 -3.97 70.56 -26.61
N LEU B 434 -5.26 70.31 -26.38
CA LEU B 434 -6.32 71.26 -26.72
C LEU B 434 -6.21 72.57 -25.94
N SER B 435 -6.06 72.45 -24.62
CA SER B 435 -6.04 73.60 -23.72
C SER B 435 -4.75 74.41 -23.80
N GLY B 436 -3.61 73.72 -23.95
CA GLY B 436 -2.30 74.35 -23.82
C GLY B 436 -1.49 74.66 -25.08
N PHE B 437 -1.99 74.26 -26.24
CA PHE B 437 -1.28 74.52 -27.51
C PHE B 437 -2.24 74.92 -28.62
N ASP B 438 -3.20 74.06 -28.91
CA ASP B 438 -4.19 74.31 -29.95
C ASP B 438 -4.88 75.65 -29.73
N ALA B 439 -5.21 75.95 -28.48
CA ALA B 439 -5.91 77.18 -28.12
C ALA B 439 -5.06 78.42 -28.36
N VAL B 440 -3.76 78.29 -28.17
CA VAL B 440 -2.82 79.38 -28.43
C VAL B 440 -2.75 79.69 -29.94
N VAL B 441 -2.45 78.67 -30.74
CA VAL B 441 -2.30 78.86 -32.20
C VAL B 441 -3.60 79.25 -32.91
N LEU B 442 -4.72 78.73 -32.41
CA LEU B 442 -6.03 79.09 -32.96
C LEU B 442 -6.35 80.55 -32.63
N ASN B 443 -6.00 80.95 -31.42
CA ASN B 443 -6.15 82.35 -31.00
C ASN B 443 -5.26 83.28 -31.82
N GLU B 444 -4.01 82.86 -32.04
CA GLU B 444 -3.06 83.65 -32.84
C GLU B 444 -3.56 83.86 -34.26
N LEU B 445 -4.24 82.85 -34.81
CA LEU B 445 -4.75 82.91 -36.17
C LEU B 445 -6.04 83.73 -36.29
N VAL B 446 -6.97 83.54 -35.34
CA VAL B 446 -8.25 84.26 -35.36
C VAL B 446 -8.08 85.79 -35.20
N GLN B 447 -7.16 86.18 -34.32
CA GLN B 447 -6.90 87.60 -34.04
C GLN B 447 -6.24 88.32 -35.22
N ASN B 448 -5.63 87.54 -36.11
CA ASN B 448 -4.98 88.10 -37.29
C ASN B 448 -5.93 88.25 -38.49
N LEU B 449 -7.17 87.85 -38.31
CA LEU B 449 -8.20 88.03 -39.34
C LEU B 449 -8.72 89.46 -39.31
N SER B 450 -8.67 90.12 -40.46
CA SER B 450 -9.03 91.53 -40.56
C SER B 450 -10.55 91.75 -40.64
N VAL B 451 -11.24 90.86 -41.35
CA VAL B 451 -12.69 90.99 -41.53
C VAL B 451 -13.39 89.63 -41.62
N CYS B 452 -14.36 89.42 -40.72
CA CYS B 452 -15.25 88.26 -40.77
C CYS B 452 -16.53 88.55 -39.98
N PRO B 453 -17.69 88.09 -40.48
CA PRO B 453 -19.00 88.37 -39.86
C PRO B 453 -19.12 87.88 -38.42
N GLU B 454 -20.13 88.39 -37.72
CA GLU B 454 -20.33 88.11 -36.29
C GLU B 454 -20.66 86.64 -35.99
N ASP B 455 -21.45 86.01 -36.86
CA ASP B 455 -21.82 84.61 -36.71
C ASP B 455 -20.60 83.69 -36.71
N GLU B 456 -19.69 83.95 -37.65
CA GLU B 456 -18.44 83.20 -37.76
C GLU B 456 -17.52 83.48 -36.57
N SER B 457 -17.45 84.75 -36.18
CA SER B 457 -16.58 85.19 -35.09
C SER B 457 -17.00 84.63 -33.72
N ILE B 458 -18.31 84.54 -33.51
CA ILE B 458 -18.89 83.91 -32.31
C ILE B 458 -18.47 82.44 -32.21
N ILE B 459 -18.57 81.72 -33.33
CA ILE B 459 -18.24 80.30 -33.41
C ILE B 459 -16.76 80.05 -33.08
N MET B 460 -15.87 80.80 -33.73
CA MET B 460 -14.43 80.59 -33.57
C MET B 460 -13.92 80.92 -32.18
N SER B 461 -14.52 81.93 -31.54
CA SER B 461 -14.16 82.28 -30.17
C SER B 461 -14.67 81.21 -29.20
N SER B 462 -15.81 80.61 -29.52
CA SER B 462 -16.34 79.50 -28.73
C SER B 462 -15.43 78.26 -28.76
N PHE B 463 -14.81 78.01 -29.92
CA PHE B 463 -13.77 76.96 -30.01
C PHE B 463 -12.71 77.21 -28.95
N VAL B 464 -12.11 78.40 -28.99
CA VAL B 464 -11.06 78.82 -28.07
C VAL B 464 -11.53 78.75 -26.61
N ASN B 465 -12.72 79.28 -26.34
CA ASN B 465 -13.32 79.21 -25.01
C ASN B 465 -13.46 77.77 -24.50
N THR B 466 -13.96 76.89 -25.37
CA THR B 466 -14.14 75.48 -25.03
C THR B 466 -12.81 74.80 -24.68
N MET B 467 -11.80 75.04 -25.50
CA MET B 467 -10.50 74.39 -25.33
C MET B 467 -9.78 74.84 -24.06
N THR B 468 -9.74 76.15 -23.80
CA THR B 468 -9.05 76.71 -22.62
C THR B 468 -9.67 76.27 -21.30
N SER B 469 -10.97 76.01 -21.30
CA SER B 469 -11.70 75.64 -20.10
C SER B 469 -11.61 74.15 -19.76
N LEU B 470 -10.67 73.46 -20.39
CA LEU B 470 -10.43 72.04 -20.11
C LEU B 470 -9.19 71.88 -19.24
N SER B 471 -9.22 70.87 -18.37
CA SER B 471 -8.06 70.51 -17.56
C SER B 471 -8.03 69.03 -17.25
N VAL B 472 -6.83 68.51 -17.01
CA VAL B 472 -6.62 67.10 -16.65
C VAL B 472 -7.46 66.63 -15.47
N LYS B 473 -7.83 67.58 -14.59
CA LYS B 473 -8.69 67.30 -13.44
C LYS B 473 -9.99 66.63 -13.85
N GLN B 474 -10.58 67.10 -14.96
CA GLN B 474 -11.81 66.54 -15.50
C GLN B 474 -11.65 65.08 -15.91
N VAL B 475 -10.47 64.72 -16.43
CA VAL B 475 -10.14 63.33 -16.74
C VAL B 475 -10.05 62.52 -15.45
N GLU B 476 -9.22 62.99 -14.52
CA GLU B 476 -9.05 62.35 -13.20
C GLU B 476 -10.38 62.09 -12.50
N ASP B 477 -11.29 63.08 -12.55
CA ASP B 477 -12.62 62.95 -11.96
C ASP B 477 -13.56 62.03 -12.76
N GLY B 478 -13.14 61.63 -13.96
CA GLY B 478 -13.89 60.71 -14.80
C GLY B 478 -15.11 61.32 -15.46
N GLU B 479 -15.02 62.61 -15.81
CA GLU B 479 -16.11 63.31 -16.49
C GLU B 479 -16.36 62.79 -17.89
N VAL B 480 -17.62 62.88 -18.33
CA VAL B 480 -18.00 62.52 -19.69
C VAL B 480 -18.01 63.78 -20.57
N PHE B 481 -17.03 63.89 -21.45
CA PHE B 481 -16.90 65.03 -22.36
C PHE B 481 -17.84 64.93 -23.56
N ASP B 482 -18.21 66.10 -24.09
CA ASP B 482 -19.08 66.18 -25.26
C ASP B 482 -18.61 67.31 -26.16
N PHE B 483 -18.18 66.94 -27.37
CA PHE B 483 -17.69 67.93 -28.34
C PHE B 483 -18.49 67.90 -29.63
N ARG B 484 -19.67 67.27 -29.60
CA ARG B 484 -20.55 67.21 -30.77
C ARG B 484 -20.90 68.61 -31.25
N GLY B 485 -21.13 69.52 -30.30
CA GLY B 485 -21.38 70.92 -30.60
C GLY B 485 -20.23 71.59 -31.35
N MET B 486 -19.01 71.40 -30.83
CA MET B 486 -17.82 72.00 -31.43
C MET B 486 -17.56 71.49 -32.86
N ARG B 487 -17.72 70.18 -33.06
CA ARG B 487 -17.49 69.56 -34.38
C ARG B 487 -18.52 70.00 -35.41
N LEU B 488 -19.79 70.06 -35.01
CA LEU B 488 -20.85 70.51 -35.91
C LEU B 488 -20.69 71.99 -36.26
N ASP B 489 -20.18 72.78 -35.32
CA ASP B 489 -19.92 74.19 -35.55
C ASP B 489 -18.79 74.42 -36.56
N TRP B 490 -17.78 73.54 -36.54
CA TRP B 490 -16.71 73.60 -37.53
C TRP B 490 -17.28 73.23 -38.90
N PHE B 491 -18.12 72.20 -38.92
CA PHE B 491 -18.87 71.81 -40.11
C PHE B 491 -19.68 73.03 -40.61
N ARG B 492 -20.50 73.61 -39.74
CA ARG B 492 -21.25 74.84 -40.05
C ARG B 492 -20.35 75.95 -40.61
N LEU B 493 -19.23 76.19 -39.93
CA LEU B 493 -18.27 77.22 -40.34
C LEU B 493 -17.67 76.92 -41.73
N GLN B 494 -17.43 75.64 -42.00
CA GLN B 494 -16.99 75.20 -43.32
C GLN B 494 -18.00 75.62 -44.39
N ALA B 495 -19.28 75.37 -44.12
CA ALA B 495 -20.36 75.74 -45.02
C ALA B 495 -20.47 77.25 -45.22
N TYR B 496 -20.30 78.01 -44.14
CA TYR B 496 -20.44 79.47 -44.18
C TYR B 496 -19.29 80.13 -44.96
N THR B 497 -18.10 79.54 -44.87
CA THR B 497 -16.89 80.14 -45.45
C THR B 497 -16.49 79.55 -46.81
N SER B 498 -17.30 78.64 -47.34
CA SER B 498 -16.98 77.94 -48.57
C SER B 498 -17.90 78.28 -49.74
N VAL B 499 -19.06 78.87 -49.45
CA VAL B 499 -19.96 79.38 -50.47
C VAL B 499 -19.32 80.61 -51.12
N SER B 500 -19.61 80.82 -52.40
CA SER B 500 -19.03 81.95 -53.13
C SER B 500 -19.48 83.29 -52.56
N LYS B 501 -18.61 84.29 -52.66
CA LYS B 501 -18.85 85.65 -52.14
C LYS B 501 -19.04 85.69 -50.61
N ALA B 502 -18.50 84.69 -49.93
CA ALA B 502 -18.47 84.68 -48.46
C ALA B 502 -17.46 85.73 -47.99
N SER B 503 -17.84 86.46 -46.94
CA SER B 503 -17.01 87.55 -46.42
C SER B 503 -15.68 87.02 -45.89
N LEU B 504 -15.72 85.86 -45.25
CA LEU B 504 -14.52 85.12 -44.88
C LEU B 504 -14.41 83.89 -45.78
N GLY B 505 -13.47 83.91 -46.71
CA GLY B 505 -13.31 82.83 -47.67
C GLY B 505 -12.25 81.83 -47.24
N LEU B 506 -12.66 80.58 -47.08
CA LEU B 506 -11.78 79.52 -46.61
C LEU B 506 -10.69 79.16 -47.62
N ALA B 507 -10.99 79.34 -48.91
CA ALA B 507 -9.99 79.13 -49.97
C ALA B 507 -8.80 80.09 -49.86
N ASP B 508 -9.01 81.23 -49.21
CA ASP B 508 -7.94 82.20 -48.94
C ASP B 508 -7.34 82.02 -47.54
N HIS B 509 -7.86 81.03 -46.81
CA HIS B 509 -7.38 80.70 -45.46
C HIS B 509 -7.29 79.19 -45.27
N ARG B 510 -6.48 78.56 -46.11
CA ARG B 510 -6.32 77.10 -46.11
C ARG B 510 -5.73 76.59 -44.79
N GLU B 511 -4.77 77.33 -44.25
CA GLU B 511 -4.09 76.98 -43.00
C GLU B 511 -5.05 76.94 -41.80
N LEU B 512 -6.15 77.68 -41.89
CA LEU B 512 -7.18 77.67 -40.84
C LEU B 512 -7.92 76.34 -40.78
N GLY B 513 -8.28 75.82 -41.96
CA GLY B 513 -8.99 74.55 -42.08
C GLY B 513 -8.15 73.36 -41.63
N LYS B 514 -6.88 73.36 -42.04
CA LYS B 514 -5.95 72.31 -41.68
C LYS B 514 -5.69 72.27 -40.19
N MET B 515 -5.53 73.45 -39.58
CA MET B 515 -5.37 73.57 -38.14
C MET B 515 -6.62 73.07 -37.43
N MET B 516 -7.78 73.46 -37.93
CA MET B 516 -9.05 73.07 -37.33
C MET B 516 -9.35 71.58 -37.43
N ASN B 517 -8.95 70.96 -38.54
CA ASN B 517 -9.11 69.51 -38.72
C ASN B 517 -8.27 68.71 -37.74
N THR B 518 -7.05 69.20 -37.49
CA THR B 518 -6.20 68.64 -36.46
C THR B 518 -6.87 68.75 -35.09
N ILE B 519 -7.37 69.95 -34.77
CA ILE B 519 -8.05 70.21 -33.50
C ILE B 519 -9.26 69.31 -33.32
N ILE B 520 -10.05 69.11 -34.39
CA ILE B 520 -11.21 68.22 -34.36
C ILE B 520 -10.82 66.77 -34.06
N PHE B 521 -9.70 66.32 -34.64
CA PHE B 521 -9.16 65.01 -34.30
C PHE B 521 -8.85 64.92 -32.81
N HIS B 522 -8.24 65.98 -32.26
CA HIS B 522 -7.89 66.03 -30.84
C HIS B 522 -9.12 65.89 -29.94
N THR B 523 -10.22 66.55 -30.31
CA THR B 523 -11.46 66.46 -29.54
C THR B 523 -11.99 65.03 -29.51
N LYS B 524 -11.80 64.30 -30.61
CA LYS B 524 -12.25 62.91 -30.75
C LYS B 524 -11.47 61.95 -29.86
N MET B 525 -10.19 62.25 -29.65
CA MET B 525 -9.32 61.48 -28.78
C MET B 525 -9.71 61.64 -27.32
N VAL B 526 -10.54 62.64 -27.05
CA VAL B 526 -11.08 62.87 -25.72
C VAL B 526 -12.43 62.18 -25.57
N ASP B 527 -13.39 62.52 -26.43
CA ASP B 527 -14.78 62.07 -26.22
C ASP B 527 -15.31 60.99 -27.17
N SER B 528 -14.54 60.60 -28.18
CA SER B 528 -15.08 59.72 -29.24
C SER B 528 -14.27 58.45 -29.51
N LEU B 529 -13.49 57.99 -28.54
CA LEU B 529 -12.65 56.81 -28.71
C LEU B 529 -13.44 55.53 -29.03
N VAL B 530 -14.63 55.41 -28.45
CA VAL B 530 -15.50 54.26 -28.73
C VAL B 530 -16.00 54.33 -30.18
N GLU B 531 -16.51 55.50 -30.58
CA GLU B 531 -16.99 55.74 -31.94
C GLU B 531 -15.87 55.62 -32.99
N MET B 532 -14.67 56.09 -32.64
CA MET B 532 -13.51 56.01 -33.52
C MET B 532 -13.09 54.57 -33.86
N LEU B 533 -13.25 53.66 -32.90
CA LEU B 533 -12.94 52.25 -33.13
C LEU B 533 -13.93 51.64 -34.12
N VAL B 534 -15.19 52.05 -34.01
CA VAL B 534 -16.22 51.63 -34.96
C VAL B 534 -15.92 52.17 -36.36
N GLU B 535 -15.55 53.44 -36.44
CA GLU B 535 -15.28 54.09 -37.72
C GLU B 535 -14.10 53.43 -38.44
N THR B 536 -13.01 53.19 -37.71
CA THR B 536 -11.76 52.74 -38.32
C THR B 536 -11.58 51.22 -38.37
N SER B 537 -12.39 50.47 -37.61
CA SER B 537 -12.13 49.03 -37.47
C SER B 537 -13.34 48.11 -37.34
N ASP B 538 -14.55 48.64 -37.47
CA ASP B 538 -15.73 47.76 -37.44
C ASP B 538 -15.68 46.72 -38.56
N LEU B 539 -15.94 45.47 -38.17
CA LEU B 539 -15.97 44.35 -39.11
C LEU B 539 -17.29 43.57 -39.01
N SER B 540 -18.37 44.31 -38.76
CA SER B 540 -19.72 43.74 -38.74
C SER B 540 -20.07 43.09 -40.07
N ILE B 541 -19.37 43.50 -41.13
CA ILE B 541 -19.51 42.91 -42.46
C ILE B 541 -19.53 41.36 -42.45
N PHE B 542 -18.78 40.74 -41.54
CA PHE B 542 -18.71 39.27 -41.44
C PHE B 542 -20.07 38.63 -41.18
N CYS B 543 -20.99 39.42 -40.63
CA CYS B 543 -22.37 39.00 -40.42
C CYS B 543 -23.04 38.59 -41.73
N PHE B 544 -22.61 39.24 -42.83
CA PHE B 544 -23.20 39.03 -44.15
C PHE B 544 -22.28 38.20 -45.05
N TYR B 545 -21.20 37.69 -44.47
CA TYR B 545 -20.33 36.71 -45.11
C TYR B 545 -20.09 35.56 -44.14
N SER B 546 -21.18 35.02 -43.59
CA SER B 546 -21.12 34.02 -42.52
C SER B 546 -20.40 32.74 -42.91
N ARG B 547 -20.59 32.31 -44.16
CA ARG B 547 -19.88 31.14 -44.70
C ARG B 547 -18.35 31.33 -44.70
N ALA B 548 -17.90 32.51 -45.12
CA ALA B 548 -16.47 32.83 -45.15
C ALA B 548 -15.90 32.99 -43.74
N PHE B 549 -16.68 33.63 -42.87
CA PHE B 549 -16.37 33.83 -41.47
C PHE B 549 -16.07 32.47 -40.79
N GLU B 550 -17.00 31.53 -40.91
CA GLU B 550 -16.84 30.19 -40.34
C GLU B 550 -15.67 29.41 -40.94
N LYS B 551 -15.48 29.54 -42.25
CA LYS B 551 -14.41 28.88 -42.99
C LYS B 551 -13.03 29.38 -42.57
N MET B 552 -12.92 30.69 -42.38
CA MET B 552 -11.69 31.32 -41.88
C MET B 552 -11.36 30.83 -40.47
N PHE B 553 -12.39 30.68 -39.65
CA PHE B 553 -12.26 30.12 -38.30
C PHE B 553 -11.70 28.70 -38.30
N GLN B 554 -12.30 27.82 -39.11
CA GLN B 554 -11.83 26.45 -39.27
C GLN B 554 -10.37 26.39 -39.72
N GLN B 555 -10.02 27.25 -40.68
CA GLN B 555 -8.67 27.31 -41.22
C GLN B 555 -7.68 27.78 -40.16
N CYS B 556 -8.14 28.69 -39.30
CA CYS B 556 -7.35 29.15 -38.17
C CYS B 556 -7.10 28.00 -37.19
N LEU B 557 -8.14 27.25 -36.85
CA LEU B 557 -8.05 26.15 -35.89
C LEU B 557 -7.14 25.02 -36.33
N GLU B 558 -7.17 24.69 -37.62
CA GLU B 558 -6.42 23.54 -38.13
C GLU B 558 -4.92 23.83 -38.29
N LEU B 559 -4.56 25.11 -38.22
CA LEU B 559 -3.17 25.51 -38.32
C LEU B 559 -2.68 25.98 -36.94
N PRO B 560 -1.86 25.16 -36.26
CA PRO B 560 -1.39 25.39 -34.88
C PRO B 560 -0.85 26.80 -34.64
N SER B 561 0.01 27.29 -35.53
CA SER B 561 0.54 28.65 -35.42
C SER B 561 -0.50 29.76 -35.54
N GLN B 562 -1.64 29.47 -36.19
CA GLN B 562 -2.73 30.46 -36.30
C GLN B 562 -3.80 30.32 -35.23
N SER B 563 -3.98 29.10 -34.71
CA SER B 563 -4.99 28.83 -33.67
C SER B 563 -4.76 29.68 -32.42
N ARG B 564 -3.52 30.13 -32.27
CA ARG B 564 -3.13 31.14 -31.30
C ARG B 564 -4.06 32.37 -31.37
N TYR B 565 -4.54 32.68 -32.58
CA TYR B 565 -5.31 33.89 -32.81
C TYR B 565 -6.81 33.63 -32.96
N SER B 566 -7.22 32.38 -32.74
CA SER B 566 -8.61 31.95 -32.94
C SER B 566 -9.64 32.71 -32.11
N ILE B 567 -9.20 33.32 -31.01
N ILE B 567 -9.20 33.33 -31.02
CA ILE B 567 -10.08 34.12 -30.15
CA ILE B 567 -10.08 34.12 -30.15
C ILE B 567 -10.58 35.39 -30.85
C ILE B 567 -10.55 35.40 -30.84
N ALA B 568 -9.93 35.74 -31.97
CA ALA B 568 -10.33 36.90 -32.79
C ALA B 568 -11.75 36.76 -33.35
N PHE B 569 -12.14 35.53 -33.67
CA PHE B 569 -13.44 35.24 -34.24
C PHE B 569 -14.62 35.49 -33.28
N PRO B 570 -14.59 34.92 -32.07
CA PRO B 570 -15.62 35.29 -31.09
C PRO B 570 -15.62 36.79 -30.76
N LEU B 571 -14.43 37.40 -30.70
CA LEU B 571 -14.31 38.84 -30.46
C LEU B 571 -14.97 39.68 -31.54
N LEU B 572 -14.89 39.21 -32.79
CA LEU B 572 -15.53 39.89 -33.91
C LEU B 572 -17.05 39.92 -33.78
N CYS B 573 -17.62 38.92 -33.11
CA CYS B 573 -19.07 38.86 -32.87
C CYS B 573 -19.62 40.06 -32.11
N THR B 574 -18.75 40.74 -31.35
CA THR B 574 -19.13 41.95 -30.62
C THR B 574 -19.42 43.13 -31.56
N HIS B 575 -18.87 43.05 -32.79
CA HIS B 575 -19.02 44.11 -33.81
C HIS B 575 -20.42 44.12 -34.43
N PHE B 576 -21.06 42.95 -34.48
CA PHE B 576 -22.29 42.76 -35.29
C PHE B 576 -23.37 43.82 -35.12
N MET B 577 -23.52 44.35 -33.91
CA MET B 577 -24.58 45.32 -33.62
C MET B 577 -24.34 46.68 -34.27
N SER B 578 -23.08 46.95 -34.62
CA SER B 578 -22.70 48.20 -35.24
C SER B 578 -23.24 48.35 -36.66
N CYS B 579 -23.69 47.25 -37.25
CA CYS B 579 -24.20 47.27 -38.62
C CYS B 579 -25.67 47.71 -38.71
N THR B 580 -26.33 47.85 -37.56
CA THR B 580 -27.75 48.17 -37.54
C THR B 580 -28.02 49.68 -37.52
N HIS B 581 -29.23 50.05 -37.95
CA HIS B 581 -29.63 51.46 -38.04
C HIS B 581 -31.02 51.63 -37.44
N GLU B 582 -31.28 52.79 -36.84
CA GLU B 582 -32.56 53.03 -36.17
C GLU B 582 -33.77 52.96 -37.11
N LEU B 583 -33.51 53.00 -38.41
CA LEU B 583 -34.59 52.98 -39.41
C LEU B 583 -34.92 51.57 -39.90
N CYS B 584 -34.16 50.58 -39.44
CA CYS B 584 -34.48 49.19 -39.72
C CYS B 584 -34.35 48.31 -38.48
N PRO B 585 -35.26 48.50 -37.50
CA PRO B 585 -35.23 47.69 -36.27
C PRO B 585 -35.69 46.25 -36.51
N GLU B 586 -36.34 46.00 -37.64
CA GLU B 586 -36.83 44.66 -38.02
C GLU B 586 -35.74 43.59 -38.05
N GLU B 587 -34.52 44.00 -38.38
CA GLU B 587 -33.42 43.05 -38.55
C GLU B 587 -32.51 42.93 -37.33
N ARG B 588 -32.66 43.85 -36.38
CA ARG B 588 -31.72 43.97 -35.27
C ARG B 588 -31.60 42.69 -34.43
N HIS B 589 -32.75 42.14 -34.03
CA HIS B 589 -32.77 40.94 -33.20
C HIS B 589 -32.23 39.72 -33.93
N HIS B 590 -32.51 39.61 -35.23
CA HIS B 590 -31.96 38.54 -36.08
C HIS B 590 -30.43 38.59 -36.13
N ILE B 591 -29.88 39.80 -36.27
CA ILE B 591 -28.43 39.99 -36.29
C ILE B 591 -27.86 39.73 -34.90
N GLY B 592 -28.56 40.21 -33.87
CA GLY B 592 -28.20 39.94 -32.48
C GLY B 592 -28.09 38.45 -32.18
N ASP B 593 -29.14 37.70 -32.53
CA ASP B 593 -29.17 36.26 -32.31
C ASP B 593 -28.09 35.54 -33.09
N ARG B 594 -27.73 36.10 -34.25
CA ARG B 594 -26.65 35.55 -35.07
C ARG B 594 -25.30 35.73 -34.39
N SER B 595 -25.08 36.89 -33.77
CA SER B 595 -23.83 37.16 -33.07
C SER B 595 -23.65 36.25 -31.85
N LEU B 596 -24.74 35.98 -31.12
CA LEU B 596 -24.70 35.10 -29.94
C LEU B 596 -24.43 33.64 -30.33
N SER B 597 -25.16 33.18 -31.35
CA SER B 597 -25.02 31.81 -31.87
C SER B 597 -23.61 31.53 -32.39
N LEU B 598 -23.00 32.51 -33.05
CA LEU B 598 -21.67 32.34 -33.63
C LEU B 598 -20.59 32.38 -32.55
N CYS B 599 -20.73 33.31 -31.61
CA CYS B 599 -19.81 33.41 -30.48
C CYS B 599 -19.80 32.10 -29.69
N ASN B 600 -20.98 31.59 -29.39
CA ASN B 600 -21.12 30.34 -28.66
C ASN B 600 -20.45 29.19 -29.41
N MET B 601 -20.70 29.11 -30.71
CA MET B 601 -20.15 28.05 -31.55
C MET B 601 -18.61 28.11 -31.61
N PHE B 602 -18.07 29.32 -31.81
CA PHE B 602 -16.61 29.48 -31.87
C PHE B 602 -15.94 29.01 -30.59
N LEU B 603 -16.48 29.43 -29.44
CA LEU B 603 -15.90 29.12 -28.14
C LEU B 603 -16.03 27.64 -27.80
N ASP B 604 -17.15 27.04 -28.18
CA ASP B 604 -17.34 25.61 -28.04
C ASP B 604 -16.34 24.81 -28.87
N GLU B 605 -16.13 25.24 -30.11
CA GLU B 605 -15.20 24.55 -31.03
C GLU B 605 -13.75 24.67 -30.60
N MET B 606 -13.37 25.83 -30.07
CA MET B 606 -12.03 26.06 -29.53
C MET B 606 -11.78 25.13 -28.35
N ALA B 607 -12.80 25.02 -27.48
CA ALA B 607 -12.73 24.16 -26.31
C ALA B 607 -12.67 22.69 -26.68
N LYS B 608 -13.45 22.29 -27.68
CA LYS B 608 -13.46 20.90 -28.16
C LYS B 608 -12.11 20.49 -28.73
N GLN B 609 -11.44 21.42 -29.42
CA GLN B 609 -10.13 21.11 -30.01
C GLN B 609 -9.06 20.96 -28.94
N ALA B 610 -9.10 21.83 -27.93
CA ALA B 610 -8.18 21.73 -26.80
C ALA B 610 -8.41 20.41 -26.08
N ARG B 611 -9.68 20.06 -25.91
CA ARG B 611 -10.09 18.78 -25.34
C ARG B 611 -9.51 17.61 -26.13
N ASN B 612 -9.59 17.68 -27.45
CA ASN B 612 -9.08 16.63 -28.34
C ASN B 612 -7.57 16.47 -28.26
N LEU B 613 -6.87 17.60 -28.19
CA LEU B 613 -5.40 17.60 -28.10
C LEU B 613 -4.96 17.03 -26.76
N ILE B 614 -5.67 17.40 -25.69
CA ILE B 614 -5.41 16.89 -24.34
C ILE B 614 -5.60 15.37 -24.29
N THR B 615 -6.69 14.89 -24.88
CA THR B 615 -6.96 13.44 -24.97
C THR B 615 -5.81 12.70 -25.66
N ASP B 616 -5.30 13.29 -26.74
CA ASP B 616 -4.21 12.69 -27.49
C ASP B 616 -2.90 12.62 -26.69
N ILE B 617 -2.64 13.68 -25.93
CA ILE B 617 -1.47 13.73 -25.05
C ILE B 617 -1.62 12.68 -23.94
N CYS B 618 -2.80 12.63 -23.34
CA CYS B 618 -3.14 11.61 -22.34
C CYS B 618 -2.87 10.19 -22.85
N THR B 619 -3.32 9.90 -24.07
CA THR B 619 -3.10 8.59 -24.69
C THR B 619 -1.61 8.28 -24.85
N GLU B 620 -0.85 9.30 -25.23
CA GLU B 620 0.59 9.16 -25.41
C GLU B 620 1.27 8.88 -24.05
N GLN B 621 0.82 9.59 -23.02
CA GLN B 621 1.37 9.43 -21.67
C GLN B 621 0.94 8.13 -20.99
N CYS B 622 -0.26 7.63 -21.31
CA CYS B 622 -0.69 6.32 -20.84
C CYS B 622 0.20 5.23 -21.40
N THR B 623 0.60 5.38 -22.67
CA THR B 623 1.52 4.45 -23.31
C THR B 623 2.88 4.46 -22.62
N LEU B 624 3.38 5.65 -22.30
CA LEU B 624 4.66 5.79 -21.59
C LEU B 624 4.59 5.20 -20.19
N SER B 625 3.47 5.41 -19.50
CA SER B 625 3.22 4.81 -18.20
C SER B 625 3.13 3.29 -18.25
N ASP B 626 2.46 2.77 -19.27
CA ASP B 626 2.34 1.32 -19.47
C ASP B 626 3.72 0.68 -19.63
N GLN B 627 4.60 1.37 -20.34
CA GLN B 627 5.94 0.88 -20.62
C GLN B 627 6.76 0.69 -19.35
N LEU B 628 6.33 1.35 -18.28
CA LEU B 628 6.99 1.24 -16.98
C LEU B 628 6.52 0.04 -16.16
N LEU B 629 5.45 -0.61 -16.59
CA LEU B 629 4.87 -1.71 -15.83
C LEU B 629 5.80 -2.93 -15.79
N PRO B 630 5.78 -3.65 -14.64
CA PRO B 630 6.62 -4.82 -14.40
C PRO B 630 6.60 -5.90 -15.49
N LYS B 631 5.46 -6.08 -16.16
CA LYS B 631 5.30 -7.10 -17.20
C LYS B 631 6.38 -7.03 -18.30
N HIS B 632 6.84 -5.82 -18.63
CA HIS B 632 7.83 -5.60 -19.69
C HIS B 632 9.25 -6.03 -19.34
N CYS B 633 9.50 -6.34 -18.06
N CYS B 633 9.52 -6.33 -18.08
CA CYS B 633 10.83 -6.69 -17.57
CA CYS B 633 10.88 -6.68 -17.67
C CYS B 633 11.14 -8.18 -17.66
C CYS B 633 11.11 -8.19 -17.57
N ALA B 634 10.14 -8.98 -18.05
CA ALA B 634 10.28 -10.44 -18.06
C ALA B 634 11.48 -10.92 -18.88
N LYS B 635 11.68 -10.33 -20.05
CA LYS B 635 12.82 -10.63 -20.91
C LYS B 635 14.13 -10.44 -20.16
N THR B 636 14.24 -9.33 -19.44
CA THR B 636 15.44 -9.00 -18.65
C THR B 636 15.72 -10.04 -17.55
N ILE B 637 14.66 -10.53 -16.90
CA ILE B 637 14.78 -11.56 -15.86
C ILE B 637 15.35 -12.85 -16.47
N SER B 638 14.73 -13.29 -17.56
CA SER B 638 15.04 -14.57 -18.21
C SER B 638 16.46 -14.64 -18.78
N GLN B 639 16.92 -13.56 -19.39
CA GLN B 639 18.24 -13.53 -20.00
C GLN B 639 19.36 -13.39 -18.97
N ALA B 640 19.02 -12.88 -17.80
CA ALA B 640 19.96 -12.80 -16.68
C ALA B 640 20.11 -14.16 -16.00
N VAL B 641 19.04 -14.96 -16.04
CA VAL B 641 19.06 -16.34 -15.52
C VAL B 641 19.30 -17.33 -16.67
N ASN B 642 20.42 -17.13 -17.36
CA ASN B 642 20.82 -17.99 -18.49
C ASN B 642 22.34 -17.97 -18.66
N LYS B 643 22.92 -16.78 -18.70
CA LYS B 643 24.36 -16.60 -18.91
C LYS B 643 24.89 -15.32 -18.27
N GLU B 658 13.41 -0.83 -26.39
CA GLU B 658 13.54 0.61 -26.26
C GLU B 658 13.25 1.05 -24.83
N LYS B 659 14.31 1.29 -24.06
CA LYS B 659 14.22 1.60 -22.63
C LYS B 659 13.58 2.97 -22.36
N PRO B 660 12.69 3.06 -21.34
CA PRO B 660 12.01 4.31 -21.03
C PRO B 660 12.97 5.45 -20.74
N GLY B 661 12.70 6.61 -21.34
CA GLY B 661 13.61 7.75 -21.25
C GLY B 661 14.27 8.09 -22.57
N VAL B 662 14.52 7.08 -23.39
CA VAL B 662 15.14 7.28 -24.72
C VAL B 662 14.29 8.25 -25.58
N GLU B 663 12.97 8.07 -25.55
CA GLU B 663 12.04 8.95 -26.25
C GLU B 663 12.19 10.42 -25.85
N SER B 664 12.68 10.67 -24.65
CA SER B 664 12.86 12.03 -24.14
C SER B 664 14.23 12.62 -24.47
N MET B 665 15.13 11.78 -24.97
CA MET B 665 16.48 12.21 -25.31
C MET B 665 16.48 12.91 -26.67
N ARG B 666 16.36 14.22 -26.64
CA ARG B 666 16.25 15.04 -27.84
C ARG B 666 17.61 15.36 -28.43
N LYS B 667 17.79 15.02 -29.70
CA LYS B 667 19.03 15.35 -30.41
C LYS B 667 18.94 16.69 -31.14
N ASN B 668 17.75 17.01 -31.67
CA ASN B 668 17.53 18.24 -32.44
C ASN B 668 16.05 18.61 -32.47
N ARG B 669 15.75 19.88 -32.23
CA ARG B 669 14.35 20.36 -32.25
C ARG B 669 13.69 20.33 -33.62
N LEU B 670 14.51 20.20 -34.68
CA LEU B 670 13.99 20.07 -36.05
C LEU B 670 13.32 18.71 -36.29
N VAL B 671 13.69 17.72 -35.48
CA VAL B 671 13.02 16.42 -35.48
C VAL B 671 11.76 16.56 -34.62
N VAL B 672 10.60 16.47 -35.28
CA VAL B 672 9.34 16.80 -34.63
C VAL B 672 8.53 15.55 -34.31
N THR B 673 8.41 15.25 -33.01
CA THR B 673 7.68 14.09 -32.54
C THR B 673 6.19 14.40 -32.53
N ASN B 674 5.37 13.35 -32.51
CA ASN B 674 3.93 13.51 -32.40
C ASN B 674 3.57 14.34 -31.17
N LEU B 675 4.29 14.10 -30.08
CA LEU B 675 4.06 14.77 -28.80
C LEU B 675 4.43 16.25 -28.87
N ASP B 676 5.51 16.57 -29.60
CA ASP B 676 5.86 17.96 -29.92
C ASP B 676 4.68 18.68 -30.59
N LYS B 677 4.14 18.06 -31.64
CA LYS B 677 3.03 18.63 -32.42
C LYS B 677 1.81 18.87 -31.55
N LEU B 678 1.45 17.87 -30.74
CA LEU B 678 0.29 17.95 -29.86
C LEU B 678 0.49 19.01 -28.79
N HIS B 679 1.69 19.04 -28.20
CA HIS B 679 2.03 19.99 -27.15
C HIS B 679 1.97 21.43 -27.64
N THR B 680 2.59 21.69 -28.80
CA THR B 680 2.61 23.01 -29.42
C THR B 680 1.19 23.49 -29.77
N ALA B 681 0.41 22.61 -30.40
CA ALA B 681 -0.95 22.93 -30.80
C ALA B 681 -1.80 23.24 -29.57
N LEU B 682 -1.54 22.54 -28.48
CA LEU B 682 -2.28 22.76 -27.24
C LEU B 682 -1.96 24.12 -26.62
N SER B 683 -0.68 24.43 -26.51
CA SER B 683 -0.24 25.69 -25.91
C SER B 683 -0.70 26.91 -26.74
N GLU B 684 -0.63 26.78 -28.06
CA GLU B 684 -1.04 27.85 -28.97
C GLU B 684 -2.53 28.17 -28.78
N LEU B 685 -3.35 27.14 -28.75
CA LEU B 685 -4.79 27.31 -28.60
C LEU B 685 -5.18 27.79 -27.19
N CYS B 686 -4.47 27.35 -26.17
CA CYS B 686 -4.77 27.78 -24.80
C CYS B 686 -4.44 29.25 -24.58
N PHE B 687 -3.49 29.76 -25.35
CA PHE B 687 -3.22 31.20 -25.36
C PHE B 687 -4.48 31.96 -25.73
N SER B 688 -5.19 31.47 -26.77
CA SER B 688 -6.44 32.08 -27.21
C SER B 688 -7.57 31.93 -26.20
N ILE B 689 -7.75 30.72 -25.67
CA ILE B 689 -8.78 30.44 -24.68
C ILE B 689 -8.59 31.27 -23.40
N ASN B 690 -7.34 31.55 -23.05
CA ASN B 690 -7.01 32.27 -21.82
C ASN B 690 -6.75 33.76 -22.06
N TYR B 691 -6.85 34.19 -23.31
CA TYR B 691 -6.48 35.57 -23.69
C TYR B 691 -7.31 36.65 -22.96
N VAL B 692 -8.62 36.41 -22.85
CA VAL B 692 -9.50 37.38 -22.23
C VAL B 692 -10.42 36.62 -21.25
N PRO B 693 -10.66 37.20 -20.05
CA PRO B 693 -11.47 36.48 -19.05
C PRO B 693 -12.90 36.25 -19.53
N ASN B 694 -13.50 37.29 -20.12
CA ASN B 694 -14.81 37.19 -20.77
C ASN B 694 -14.97 38.23 -21.86
N MET B 695 -16.03 38.10 -22.66
CA MET B 695 -16.39 39.11 -23.64
C MET B 695 -17.90 39.37 -23.61
N VAL B 696 -18.28 40.59 -24.00
CA VAL B 696 -19.69 40.98 -24.03
C VAL B 696 -20.18 41.13 -25.46
N VAL B 697 -21.07 40.23 -25.86
CA VAL B 697 -21.69 40.25 -27.18
C VAL B 697 -23.18 40.51 -26.99
N TRP B 698 -23.64 41.67 -27.49
CA TRP B 698 -25.03 42.10 -27.35
C TRP B 698 -25.53 41.94 -25.91
N GLU B 699 -24.79 42.55 -24.98
CA GLU B 699 -25.11 42.54 -23.54
C GLU B 699 -25.07 41.18 -22.82
N HIS B 700 -24.86 40.10 -23.57
CA HIS B 700 -24.59 38.78 -23.00
C HIS B 700 -23.10 38.62 -22.72
N THR B 701 -22.75 38.00 -21.60
CA THR B 701 -21.35 37.79 -21.23
C THR B 701 -20.90 36.34 -21.46
N PHE B 702 -19.83 36.18 -22.23
CA PHE B 702 -19.30 34.88 -22.62
C PHE B 702 -17.95 34.65 -21.95
N THR B 703 -17.77 33.48 -21.35
CA THR B 703 -16.55 33.17 -20.61
C THR B 703 -15.87 31.94 -21.22
N PRO B 704 -14.85 32.17 -22.07
CA PRO B 704 -14.22 31.10 -22.85
C PRO B 704 -13.70 29.90 -22.03
N ARG B 705 -13.06 30.16 -20.89
CA ARG B 705 -12.47 29.07 -20.09
C ARG B 705 -13.50 28.08 -19.58
N GLU B 706 -14.72 28.56 -19.37
CA GLU B 706 -15.81 27.73 -18.88
C GLU B 706 -16.28 26.70 -19.91
N TYR B 707 -16.01 26.96 -21.18
CA TYR B 707 -16.27 25.97 -22.23
C TYR B 707 -15.24 24.85 -22.12
N LEU B 708 -14.00 25.22 -21.81
CA LEU B 708 -12.94 24.24 -21.63
C LEU B 708 -13.15 23.36 -20.38
N THR B 709 -13.39 24.01 -19.24
CA THR B 709 -13.69 23.30 -17.99
C THR B 709 -14.76 22.24 -18.20
N SER B 710 -15.89 22.65 -18.78
CA SER B 710 -17.03 21.77 -19.00
C SER B 710 -16.67 20.56 -19.86
N HIS B 711 -15.97 20.79 -20.96
CA HIS B 711 -15.55 19.70 -21.86
C HIS B 711 -14.53 18.75 -21.23
N LEU B 712 -13.66 19.28 -20.38
CA LEU B 712 -12.68 18.46 -19.67
C LEU B 712 -13.33 17.54 -18.64
N GLU B 713 -14.33 18.05 -17.94
CA GLU B 713 -15.11 17.23 -17.03
C GLU B 713 -15.73 16.06 -17.78
N ILE B 714 -16.48 16.37 -18.84
CA ILE B 714 -17.17 15.36 -19.64
C ILE B 714 -16.20 14.37 -20.28
N ARG B 715 -15.08 14.88 -20.81
CA ARG B 715 -14.09 14.00 -21.44
C ARG B 715 -13.39 13.07 -20.44
N PHE B 716 -13.01 13.62 -19.28
CA PHE B 716 -12.36 12.82 -18.23
C PHE B 716 -13.28 11.66 -17.79
N THR B 717 -14.54 11.97 -17.48
CA THR B 717 -15.56 10.94 -17.23
C THR B 717 -15.56 9.90 -18.35
N LYS B 718 -15.67 10.36 -19.59
CA LYS B 718 -15.77 9.49 -20.76
C LYS B 718 -14.58 8.54 -20.89
N SER B 719 -13.38 9.07 -20.71
CA SER B 719 -12.15 8.29 -20.82
C SER B 719 -11.99 7.24 -19.71
N ILE B 720 -12.38 7.59 -18.48
CA ILE B 720 -12.28 6.69 -17.33
C ILE B 720 -13.11 5.43 -17.55
N VAL B 721 -14.38 5.62 -17.92
CA VAL B 721 -15.28 4.51 -18.23
C VAL B 721 -14.74 3.73 -19.44
N GLY B 722 -14.22 4.46 -20.43
CA GLY B 722 -13.62 3.84 -21.60
C GLY B 722 -12.43 2.94 -21.25
N MET B 723 -11.51 3.46 -20.44
CA MET B 723 -10.30 2.72 -20.06
C MET B 723 -10.56 1.51 -19.16
N THR B 724 -11.75 1.46 -18.58
CA THR B 724 -12.21 0.27 -17.85
C THR B 724 -12.39 -0.94 -18.79
N MET B 725 -12.55 -0.65 -20.09
CA MET B 725 -12.59 -1.69 -21.15
C MET B 725 -13.61 -2.79 -20.87
N TYR B 726 -14.73 -2.41 -20.28
CA TYR B 726 -15.77 -3.35 -19.85
C TYR B 726 -16.60 -3.89 -21.01
N ASN B 727 -16.71 -5.21 -21.07
CA ASN B 727 -17.56 -5.88 -22.05
C ASN B 727 -18.39 -6.97 -21.38
N GLN B 728 -19.69 -6.75 -21.33
CA GLN B 728 -20.67 -7.70 -20.79
C GLN B 728 -20.58 -9.09 -21.42
N ALA B 729 -20.58 -9.14 -22.75
CA ALA B 729 -20.67 -10.38 -23.52
C ALA B 729 -19.48 -11.31 -23.34
N THR B 730 -18.27 -10.72 -23.31
CA THR B 730 -17.04 -11.50 -23.14
C THR B 730 -16.59 -11.58 -21.69
N GLN B 731 -17.26 -10.82 -20.82
CA GLN B 731 -16.93 -10.75 -19.38
C GLN B 731 -15.53 -10.19 -19.13
N GLU B 732 -15.13 -9.21 -19.93
CA GLU B 732 -13.80 -8.62 -19.78
C GLU B 732 -13.86 -7.23 -19.16
N ILE B 733 -12.81 -6.91 -18.41
CA ILE B 733 -12.67 -5.63 -17.73
C ILE B 733 -11.19 -5.41 -17.46
N ALA B 734 -10.79 -4.14 -17.34
CA ALA B 734 -9.39 -3.80 -17.11
C ALA B 734 -8.94 -4.25 -15.72
N LYS B 735 -7.71 -4.72 -15.61
CA LYS B 735 -7.06 -4.90 -14.31
C LYS B 735 -7.07 -3.56 -13.60
N PRO B 736 -7.58 -3.52 -12.35
CA PRO B 736 -7.63 -2.27 -11.59
C PRO B 736 -6.30 -1.50 -11.54
N SER B 737 -5.18 -2.21 -11.42
CA SER B 737 -3.86 -1.57 -11.38
C SER B 737 -3.54 -0.81 -12.67
N GLU B 738 -3.92 -1.41 -13.81
CA GLU B 738 -3.70 -0.79 -15.12
C GLU B 738 -4.63 0.41 -15.34
N LEU B 739 -5.88 0.29 -14.91
CA LEU B 739 -6.79 1.43 -14.95
C LEU B 739 -6.26 2.58 -14.11
N LEU B 740 -5.83 2.27 -12.88
CA LEU B 740 -5.30 3.29 -11.97
C LEU B 740 -4.07 3.99 -12.55
N THR B 741 -3.21 3.21 -13.21
CA THR B 741 -2.01 3.75 -13.86
C THR B 741 -2.37 4.76 -14.95
N SER B 742 -3.37 4.43 -15.76
CA SER B 742 -3.84 5.31 -16.82
C SER B 742 -4.54 6.55 -16.28
N VAL B 743 -5.32 6.38 -15.21
CA VAL B 743 -6.03 7.50 -14.59
C VAL B 743 -5.01 8.52 -14.04
N ARG B 744 -3.92 8.01 -13.49
CA ARG B 744 -2.85 8.85 -12.95
C ARG B 744 -2.11 9.64 -14.04
N ALA B 745 -1.81 8.98 -15.16
CA ALA B 745 -1.21 9.65 -16.32
C ALA B 745 -2.13 10.78 -16.83
N TYR B 746 -3.42 10.48 -17.00
CA TYR B 746 -4.42 11.50 -17.35
C TYR B 746 -4.38 12.70 -16.41
N MET B 747 -4.40 12.42 -15.11
CA MET B 747 -4.39 13.47 -14.10
C MET B 747 -3.15 14.34 -14.17
N THR B 748 -2.01 13.73 -14.47
CA THR B 748 -0.76 14.47 -14.64
C THR B 748 -0.84 15.48 -15.79
N VAL B 749 -1.39 15.02 -16.92
CA VAL B 749 -1.57 15.87 -18.09
C VAL B 749 -2.58 16.97 -17.80
N LEU B 750 -3.73 16.57 -17.26
CA LEU B 750 -4.79 17.51 -16.92
C LEU B 750 -4.33 18.58 -15.92
N GLN B 751 -3.52 18.17 -14.93
CA GLN B 751 -2.97 19.13 -13.95
C GLN B 751 -2.14 20.21 -14.67
N SER B 752 -1.45 19.83 -15.74
CA SER B 752 -0.57 20.75 -16.48
C SER B 752 -1.32 21.88 -17.18
N ILE B 753 -2.62 21.69 -17.43
CA ILE B 753 -3.45 22.69 -18.10
C ILE B 753 -3.47 24.02 -17.33
N GLU B 754 -3.31 23.94 -16.01
CA GLU B 754 -3.22 25.13 -15.16
C GLU B 754 -2.02 26.00 -15.51
N ASN B 755 -1.05 25.43 -16.24
CA ASN B 755 0.06 26.19 -16.80
C ASN B 755 -0.38 27.17 -17.87
N TYR B 756 -1.52 26.86 -18.52
CA TYR B 756 -1.95 27.57 -19.72
C TYR B 756 -3.23 28.37 -19.57
N VAL B 757 -4.12 27.93 -18.68
CA VAL B 757 -5.45 28.53 -18.54
C VAL B 757 -5.81 28.72 -17.06
N GLN B 758 -6.41 29.87 -16.75
CA GLN B 758 -6.85 30.22 -15.39
C GLN B 758 -8.07 29.37 -14.97
N ILE B 759 -7.83 28.06 -14.80
CA ILE B 759 -8.86 27.10 -14.43
C ILE B 759 -8.40 26.28 -13.22
N ASP B 760 -9.36 25.88 -12.39
CA ASP B 760 -9.08 25.02 -11.23
C ASP B 760 -9.30 23.56 -11.59
N ILE B 761 -8.23 22.87 -11.94
CA ILE B 761 -8.30 21.47 -12.37
C ILE B 761 -8.62 20.53 -11.20
N THR B 762 -8.20 20.93 -10.00
CA THR B 762 -8.51 20.21 -8.76
C THR B 762 -10.01 19.98 -8.66
N ARG B 763 -10.79 21.03 -8.92
CA ARG B 763 -12.24 20.93 -8.84
C ARG B 763 -12.89 20.11 -9.94
N VAL B 764 -12.23 19.97 -11.09
CA VAL B 764 -12.73 19.03 -12.10
C VAL B 764 -12.39 17.59 -11.69
N PHE B 765 -11.22 17.41 -11.07
CA PHE B 765 -10.84 16.12 -10.50
C PHE B 765 -11.88 15.65 -9.48
N ASN B 766 -12.20 16.56 -8.55
CA ASN B 766 -13.23 16.33 -7.53
C ASN B 766 -14.55 15.91 -8.14
N ASN B 767 -15.02 16.72 -9.09
CA ASN B 767 -16.30 16.53 -9.74
C ASN B 767 -16.39 15.17 -10.41
N VAL B 768 -15.37 14.82 -11.17
CA VAL B 768 -15.38 13.59 -11.97
C VAL B 768 -15.16 12.34 -11.13
N LEU B 769 -14.15 12.39 -10.26
CA LEU B 769 -13.72 11.19 -9.53
C LEU B 769 -14.65 10.79 -8.39
N LEU B 770 -15.20 11.77 -7.68
CA LEU B 770 -16.14 11.49 -6.60
C LEU B 770 -17.46 10.90 -7.11
N GLN B 771 -17.87 11.31 -8.31
CA GLN B 771 -19.04 10.72 -8.98
C GLN B 771 -18.83 9.25 -9.33
N GLN B 772 -17.57 8.91 -9.65
CA GLN B 772 -17.20 7.55 -10.00
C GLN B 772 -17.29 6.54 -8.83
N THR B 773 -17.40 7.06 -7.61
CA THR B 773 -17.50 6.22 -6.41
C THR B 773 -18.94 5.75 -6.16
N GLN B 774 -19.90 6.34 -6.88
CA GLN B 774 -21.32 6.04 -6.70
C GLN B 774 -21.78 4.97 -7.69
N HIS B 775 -22.95 4.38 -7.44
CA HIS B 775 -23.51 3.35 -8.33
C HIS B 775 -23.87 3.91 -9.70
N LEU B 776 -24.29 5.17 -9.73
CA LEU B 776 -24.53 5.90 -10.98
C LEU B 776 -24.03 7.33 -10.79
N ASP B 777 -23.56 7.96 -11.87
CA ASP B 777 -23.08 9.34 -11.78
C ASP B 777 -24.23 10.35 -11.79
N SER B 778 -23.90 11.64 -11.83
CA SER B 778 -24.90 12.71 -11.84
C SER B 778 -25.82 12.71 -13.07
N HIS B 779 -25.43 11.97 -14.11
CA HIS B 779 -26.22 11.85 -15.35
C HIS B 779 -26.94 10.51 -15.44
N GLY B 780 -26.89 9.73 -14.37
CA GLY B 780 -27.56 8.43 -14.31
C GLY B 780 -26.84 7.33 -15.07
N GLU B 781 -25.55 7.53 -15.34
CA GLU B 781 -24.76 6.56 -16.08
C GLU B 781 -23.96 5.63 -15.17
N PRO B 782 -23.67 4.40 -15.64
CA PRO B 782 -22.79 3.48 -14.92
C PRO B 782 -21.42 4.05 -14.62
N THR B 783 -20.82 3.60 -13.52
CA THR B 783 -19.53 4.08 -13.04
C THR B 783 -18.55 2.91 -12.91
N ILE B 784 -17.29 3.21 -12.59
CA ILE B 784 -16.31 2.15 -12.35
C ILE B 784 -16.71 1.28 -11.17
N THR B 785 -17.27 1.93 -10.13
CA THR B 785 -17.84 1.23 -8.99
C THR B 785 -18.86 0.16 -9.43
N SER B 786 -19.89 0.55 -10.18
CA SER B 786 -20.92 -0.40 -10.59
C SER B 786 -20.39 -1.45 -11.56
N LEU B 787 -19.50 -1.04 -12.46
CA LEU B 787 -18.90 -1.98 -13.41
C LEU B 787 -18.01 -3.04 -12.72
N TYR B 788 -17.12 -2.61 -11.82
CA TYR B 788 -16.29 -3.55 -11.06
C TYR B 788 -17.08 -4.41 -10.08
N THR B 789 -18.02 -3.79 -9.36
CA THR B 789 -18.89 -4.52 -8.43
C THR B 789 -19.59 -5.66 -9.17
N ASN B 790 -20.19 -5.35 -10.32
CA ASN B 790 -20.86 -6.36 -11.12
C ASN B 790 -19.90 -7.46 -11.58
N TRP B 791 -18.73 -7.09 -12.06
CA TRP B 791 -17.78 -8.05 -12.62
C TRP B 791 -17.22 -9.01 -11.57
N TYR B 792 -16.92 -8.49 -10.38
CA TYR B 792 -16.37 -9.33 -9.31
C TYR B 792 -17.37 -10.42 -8.87
N LEU B 793 -18.64 -10.07 -8.85
CA LEU B 793 -19.71 -11.00 -8.48
C LEU B 793 -20.11 -11.91 -9.62
N GLU B 794 -20.41 -11.32 -10.77
CA GLU B 794 -20.95 -12.07 -11.91
C GLU B 794 -19.91 -12.87 -12.68
N THR B 795 -18.65 -12.46 -12.59
CA THR B 795 -17.58 -13.15 -13.29
C THR B 795 -16.65 -13.91 -12.33
N LEU B 796 -15.94 -13.19 -11.46
CA LEU B 796 -14.90 -13.82 -10.62
C LEU B 796 -15.49 -14.79 -9.59
N LEU B 797 -16.34 -14.29 -8.70
CA LEU B 797 -16.90 -15.09 -7.62
C LEU B 797 -17.85 -16.19 -8.10
N ARG B 798 -18.46 -15.99 -9.27
CA ARG B 798 -19.31 -17.01 -9.87
C ARG B 798 -18.49 -18.23 -10.33
N GLN B 799 -17.27 -17.98 -10.79
CA GLN B 799 -16.39 -19.06 -11.25
C GLN B 799 -15.70 -19.78 -10.08
N VAL B 800 -15.65 -19.12 -8.92
CA VAL B 800 -15.23 -19.78 -7.69
C VAL B 800 -16.27 -20.86 -7.33
N SER B 801 -17.54 -20.48 -7.36
CA SER B 801 -18.66 -21.42 -7.15
C SER B 801 -18.65 -22.56 -8.18
N ASN B 802 -18.27 -22.24 -9.42
CA ASN B 802 -18.23 -23.24 -10.48
C ASN B 802 -17.03 -24.19 -10.39
N GLY B 803 -16.08 -23.85 -9.51
CA GLY B 803 -14.98 -24.76 -9.16
C GLY B 803 -13.64 -24.48 -9.81
N HIS B 804 -13.52 -23.35 -10.50
CA HIS B 804 -12.32 -23.04 -11.28
C HIS B 804 -11.32 -22.13 -10.57
N ILE B 805 -11.77 -21.51 -9.48
CA ILE B 805 -10.94 -20.56 -8.73
C ILE B 805 -11.03 -20.84 -7.23
N ALA B 806 -9.91 -20.67 -6.53
CA ALA B 806 -9.86 -20.86 -5.09
C ALA B 806 -9.20 -19.69 -4.38
N TYR B 807 -9.67 -19.38 -3.17
CA TYR B 807 -9.00 -18.41 -2.32
C TYR B 807 -7.70 -19.02 -1.79
N PHE B 808 -6.59 -18.31 -2.01
CA PHE B 808 -5.28 -18.73 -1.53
C PHE B 808 -4.85 -17.78 -0.41
N PRO B 809 -5.06 -18.17 0.86
CA PRO B 809 -4.62 -17.30 1.97
C PRO B 809 -3.10 -17.06 1.92
N ALA B 810 -2.37 -18.05 1.40
CA ALA B 810 -0.92 -17.97 1.23
C ALA B 810 -0.50 -16.85 0.29
N MET B 811 -1.34 -16.59 -0.71
CA MET B 811 -1.06 -15.57 -1.71
C MET B 811 -1.87 -14.30 -1.49
N LYS B 812 -2.82 -14.35 -0.54
CA LYS B 812 -3.76 -13.25 -0.29
C LYS B 812 -4.46 -12.83 -1.59
N ALA B 813 -4.91 -13.83 -2.33
CA ALA B 813 -5.54 -13.64 -3.64
C ALA B 813 -6.40 -14.84 -3.97
N PHE B 814 -7.32 -14.66 -4.92
CA PHE B 814 -8.00 -15.77 -5.56
C PHE B 814 -7.14 -16.18 -6.75
N VAL B 815 -7.04 -17.49 -6.98
CA VAL B 815 -6.10 -18.04 -7.96
C VAL B 815 -6.79 -19.11 -8.82
N ASN B 816 -6.51 -19.11 -10.12
CA ASN B 816 -7.07 -20.10 -11.04
C ASN B 816 -6.62 -21.53 -10.70
N LEU B 817 -7.58 -22.43 -10.57
CA LEU B 817 -7.29 -23.84 -10.35
C LEU B 817 -7.02 -24.56 -11.67
N PRO B 818 -6.18 -25.61 -11.64
CA PRO B 818 -5.85 -26.35 -12.86
C PRO B 818 -6.99 -27.30 -13.28
N THR B 819 -8.16 -26.74 -13.56
CA THR B 819 -9.31 -27.53 -14.02
C THR B 819 -9.45 -27.43 -15.54
N GLU B 820 -10.27 -28.32 -16.10
CA GLU B 820 -10.60 -28.26 -17.52
C GLU B 820 -11.67 -27.19 -17.74
N ASN B 821 -11.22 -25.96 -18.00
CA ASN B 821 -12.14 -24.82 -18.09
C ASN B 821 -11.83 -23.87 -19.25
N GLU B 822 -12.72 -22.89 -19.43
CA GLU B 822 -12.57 -21.91 -20.49
C GLU B 822 -12.59 -20.48 -19.95
N LEU B 823 -11.86 -20.26 -18.85
CA LEU B 823 -11.70 -18.91 -18.29
C LEU B 823 -10.82 -18.04 -19.18
N THR B 824 -11.23 -16.78 -19.34
CA THR B 824 -10.50 -15.83 -20.19
C THR B 824 -9.65 -14.85 -19.37
N PHE B 825 -9.60 -15.07 -18.05
CA PHE B 825 -8.89 -14.17 -17.15
C PHE B 825 -8.13 -14.93 -16.06
N ASN B 826 -7.09 -14.30 -15.53
CA ASN B 826 -6.35 -14.81 -14.38
C ASN B 826 -6.86 -14.13 -13.13
N ALA B 827 -7.43 -14.92 -12.23
CA ALA B 827 -8.06 -14.39 -11.01
C ALA B 827 -7.09 -13.62 -10.12
N GLU B 828 -5.83 -14.08 -10.06
CA GLU B 828 -4.81 -13.44 -9.22
C GLU B 828 -4.49 -12.00 -9.68
N GLU B 829 -4.64 -11.77 -10.99
CA GLU B 829 -4.38 -10.45 -11.56
C GLU B 829 -5.53 -9.48 -11.32
N TYR B 830 -6.58 -9.96 -10.65
CA TYR B 830 -7.72 -9.09 -10.32
C TYR B 830 -8.00 -9.06 -8.82
N SER B 831 -7.35 -9.93 -8.06
CA SER B 831 -7.72 -10.14 -6.65
C SER B 831 -6.56 -10.09 -5.64
N ASP B 832 -5.32 -9.95 -6.12
CA ASP B 832 -4.18 -9.88 -5.20
C ASP B 832 -4.10 -8.54 -4.47
N ILE B 833 -3.11 -8.41 -3.59
CA ILE B 833 -2.97 -7.22 -2.73
C ILE B 833 -2.86 -5.91 -3.53
N SER B 834 -1.95 -5.87 -4.50
CA SER B 834 -1.77 -4.69 -5.34
C SER B 834 -3.04 -4.30 -6.09
N GLU B 835 -3.76 -5.31 -6.59
CA GLU B 835 -4.99 -5.08 -7.35
C GLU B 835 -6.10 -4.55 -6.47
N MET B 836 -6.26 -5.15 -5.30
CA MET B 836 -7.32 -4.74 -4.38
C MET B 836 -7.02 -3.35 -3.83
N ARG B 837 -5.73 -3.05 -3.66
CA ARG B 837 -5.33 -1.71 -3.26
C ARG B 837 -5.62 -0.70 -4.38
N SER B 838 -5.40 -1.11 -5.63
CA SER B 838 -5.67 -0.24 -6.78
C SER B 838 -7.17 0.03 -6.91
N LEU B 839 -7.96 -1.03 -6.76
CA LEU B 839 -9.42 -0.91 -6.73
C LEU B 839 -9.91 0.08 -5.65
N SER B 840 -9.34 -0.03 -4.45
CA SER B 840 -9.71 0.86 -3.33
C SER B 840 -9.34 2.32 -3.59
N GLU B 841 -8.23 2.53 -4.29
CA GLU B 841 -7.82 3.88 -4.69
C GLU B 841 -8.89 4.54 -5.54
N LEU B 842 -9.47 3.75 -6.45
CA LEU B 842 -10.44 4.23 -7.43
C LEU B 842 -11.85 4.32 -6.85
N LEU B 843 -12.27 3.29 -6.12
CA LEU B 843 -13.61 3.24 -5.57
C LEU B 843 -13.75 4.04 -4.28
N GLY B 844 -12.68 4.09 -3.48
CA GLY B 844 -12.70 4.78 -2.19
C GLY B 844 -13.71 4.18 -1.22
N PRO B 845 -13.92 4.85 -0.07
CA PRO B 845 -14.85 4.33 0.94
C PRO B 845 -16.28 4.15 0.41
N TYR B 846 -16.78 5.10 -0.38
CA TYR B 846 -18.12 4.99 -0.98
C TYR B 846 -18.24 3.76 -1.85
N GLY B 847 -17.30 3.61 -2.78
CA GLY B 847 -17.32 2.50 -3.73
C GLY B 847 -17.14 1.15 -3.08
N MET B 848 -16.14 1.05 -2.20
CA MET B 848 -15.88 -0.20 -1.49
C MET B 848 -17.05 -0.62 -0.59
N LYS B 849 -17.70 0.38 0.02
CA LYS B 849 -18.91 0.13 0.81
C LYS B 849 -20.05 -0.44 -0.05
N PHE B 850 -20.19 0.07 -1.28
CA PHE B 850 -21.19 -0.42 -2.22
C PHE B 850 -20.87 -1.85 -2.67
N LEU B 851 -19.59 -2.09 -2.98
CA LEU B 851 -19.10 -3.42 -3.33
C LEU B 851 -19.49 -4.46 -2.26
N SER B 852 -19.22 -4.12 -0.99
CA SER B 852 -19.59 -4.98 0.13
C SER B 852 -21.09 -5.23 0.26
N GLU B 853 -21.89 -4.17 0.12
CA GLU B 853 -23.36 -4.29 0.19
C GLU B 853 -23.89 -5.31 -0.83
N SER B 854 -23.27 -5.33 -2.01
CA SER B 854 -23.61 -6.31 -3.04
C SER B 854 -23.15 -7.72 -2.66
N LEU B 855 -21.98 -7.81 -2.03
CA LEU B 855 -21.47 -9.08 -1.52
C LEU B 855 -22.41 -9.65 -0.46
N MET B 856 -22.88 -8.76 0.42
CA MET B 856 -23.82 -9.11 1.49
C MET B 856 -25.19 -9.57 0.99
N TRP B 857 -25.66 -8.96 -0.11
CA TRP B 857 -26.92 -9.38 -0.73
C TRP B 857 -26.86 -10.86 -1.12
N HIS B 858 -25.75 -11.27 -1.73
CA HIS B 858 -25.56 -12.65 -2.15
C HIS B 858 -25.43 -13.64 -0.98
N ILE B 859 -24.94 -13.15 0.15
CA ILE B 859 -24.90 -13.96 1.37
C ILE B 859 -26.31 -14.13 1.96
N SER B 860 -27.09 -13.04 1.94
CA SER B 860 -28.52 -13.08 2.32
C SER B 860 -29.28 -14.17 1.60
N SER B 861 -29.06 -14.28 0.30
CA SER B 861 -29.72 -15.27 -0.54
C SER B 861 -29.30 -16.68 -0.17
N GLN B 862 -28.00 -16.85 0.13
CA GLN B 862 -27.46 -18.14 0.56
C GLN B 862 -28.00 -18.55 1.94
N VAL B 863 -28.07 -17.58 2.85
CA VAL B 863 -28.61 -17.78 4.19
C VAL B 863 -30.08 -18.20 4.17
N ALA B 864 -30.90 -17.48 3.41
CA ALA B 864 -32.32 -17.80 3.23
C ALA B 864 -32.53 -19.23 2.75
N GLU B 865 -31.62 -19.70 1.89
CA GLU B 865 -31.65 -21.07 1.37
C GLU B 865 -31.26 -22.10 2.43
N LEU B 866 -30.32 -21.74 3.30
CA LEU B 866 -29.86 -22.61 4.38
C LEU B 866 -30.95 -22.83 5.43
N LYS B 867 -31.64 -21.76 5.81
CA LYS B 867 -32.77 -21.81 6.73
C LYS B 867 -33.85 -22.78 6.25
N LYS B 868 -34.10 -22.79 4.94
CA LYS B 868 -35.04 -23.73 4.32
C LYS B 868 -34.64 -25.18 4.60
N LEU B 869 -33.34 -25.45 4.51
CA LEU B 869 -32.80 -26.79 4.74
C LEU B 869 -32.83 -27.18 6.21
N VAL B 870 -32.74 -26.17 7.08
CA VAL B 870 -32.83 -26.39 8.52
C VAL B 870 -34.28 -26.75 8.92
N VAL B 871 -35.25 -26.02 8.36
CA VAL B 871 -36.66 -26.28 8.61
C VAL B 871 -37.07 -27.68 8.11
N GLU B 872 -36.53 -28.07 6.96
CA GLU B 872 -36.73 -29.40 6.38
C GLU B 872 -36.19 -30.53 7.27
N ASN B 873 -35.26 -30.21 8.16
CA ASN B 873 -34.62 -31.19 9.04
C ASN B 873 -34.84 -30.88 10.53
N VAL B 874 -35.81 -30.00 10.81
CA VAL B 874 -36.03 -29.45 12.16
C VAL B 874 -36.17 -30.49 13.28
N ASP B 875 -36.83 -31.61 12.97
CA ASP B 875 -37.05 -32.67 13.96
C ASP B 875 -35.75 -33.34 14.36
N VAL B 876 -35.04 -33.88 13.36
CA VAL B 876 -33.77 -34.57 13.57
C VAL B 876 -32.72 -33.66 14.24
N LEU B 877 -32.68 -32.41 13.82
CA LEU B 877 -31.70 -31.44 14.32
C LEU B 877 -31.93 -31.07 15.79
N THR B 878 -33.19 -31.01 16.20
CA THR B 878 -33.54 -30.71 17.59
C THR B 878 -33.12 -31.86 18.50
N GLN B 879 -33.36 -33.09 18.06
CA GLN B 879 -32.97 -34.29 18.78
C GLN B 879 -31.45 -34.44 18.89
N MET B 880 -30.75 -34.18 17.80
CA MET B 880 -29.29 -34.21 17.75
C MET B 880 -28.64 -33.23 18.72
N ARG B 881 -29.32 -32.11 18.95
CA ARG B 881 -28.82 -31.05 19.84
C ARG B 881 -28.84 -31.46 21.32
N THR B 882 -29.75 -32.37 21.67
CA THR B 882 -29.87 -32.84 23.05
C THR B 882 -29.29 -34.25 23.24
N SER B 883 -29.08 -34.95 22.12
CA SER B 883 -28.53 -36.31 22.15
C SER B 883 -27.04 -36.34 21.81
N PHE B 884 -26.36 -35.21 22.03
CA PHE B 884 -24.94 -35.07 21.65
C PHE B 884 -23.99 -36.04 22.38
N ASP B 885 -24.40 -36.51 23.56
CA ASP B 885 -23.59 -37.41 24.37
C ASP B 885 -23.82 -38.90 24.10
N LYS B 886 -24.86 -39.21 23.34
CA LYS B 886 -25.19 -40.60 22.99
C LYS B 886 -24.86 -40.90 21.52
N PRO B 887 -23.76 -41.64 21.28
CA PRO B 887 -23.20 -41.87 19.95
C PRO B 887 -24.04 -42.79 19.05
N ASP B 888 -24.67 -43.80 19.65
CA ASP B 888 -25.46 -44.78 18.90
C ASP B 888 -26.64 -44.14 18.17
N GLN B 889 -27.34 -43.25 18.85
CA GLN B 889 -28.47 -42.54 18.24
C GLN B 889 -28.03 -41.30 17.46
N MET B 890 -26.79 -40.86 17.70
CA MET B 890 -26.21 -39.75 16.96
C MET B 890 -25.95 -40.15 15.51
N ALA B 891 -25.29 -41.29 15.32
CA ALA B 891 -25.05 -41.86 13.99
C ALA B 891 -26.35 -42.28 13.30
N ALA B 892 -27.33 -42.69 14.11
CA ALA B 892 -28.65 -43.08 13.62
C ALA B 892 -29.47 -41.88 13.14
N LEU B 893 -29.42 -40.78 13.89
CA LEU B 893 -30.07 -39.53 13.50
C LEU B 893 -29.45 -38.93 12.23
N PHE B 894 -28.13 -39.06 12.10
CA PHE B 894 -27.42 -38.50 10.95
C PHE B 894 -27.93 -39.04 9.62
N LYS B 895 -28.16 -40.35 9.56
CA LYS B 895 -28.68 -41.01 8.37
C LYS B 895 -30.08 -40.53 7.96
N ARG B 896 -30.75 -39.83 8.88
CA ARG B 896 -32.09 -39.30 8.65
C ARG B 896 -32.07 -37.84 8.18
N LEU B 897 -30.87 -37.27 8.06
CA LEU B 897 -30.70 -35.93 7.53
C LEU B 897 -30.68 -35.92 6.01
N SER B 898 -31.27 -34.88 5.41
CA SER B 898 -31.26 -34.71 3.96
C SER B 898 -30.48 -33.46 3.56
N SER B 899 -29.97 -33.45 2.33
CA SER B 899 -29.21 -32.34 1.74
C SER B 899 -28.07 -31.79 2.61
N VAL B 900 -27.19 -32.69 3.04
CA VAL B 900 -25.99 -32.31 3.79
C VAL B 900 -24.96 -31.62 2.89
N ASP B 901 -24.78 -32.17 1.69
CA ASP B 901 -23.89 -31.59 0.67
C ASP B 901 -24.24 -30.14 0.32
N SER B 902 -25.54 -29.83 0.29
CA SER B 902 -26.01 -28.46 0.06
C SER B 902 -25.66 -27.51 1.19
N VAL B 903 -25.74 -27.99 2.43
CA VAL B 903 -25.40 -27.17 3.59
C VAL B 903 -23.94 -26.75 3.56
N LEU B 904 -23.04 -27.71 3.32
CA LEU B 904 -21.61 -27.45 3.21
C LEU B 904 -21.28 -26.54 2.03
N LYS B 905 -21.84 -26.87 0.87
CA LYS B 905 -21.63 -26.11 -0.36
C LYS B 905 -22.02 -24.64 -0.17
N ARG B 906 -23.19 -24.40 0.43
CA ARG B 906 -23.70 -23.04 0.62
C ARG B 906 -22.96 -22.25 1.69
N MET B 907 -22.46 -22.93 2.72
CA MET B 907 -21.64 -22.27 3.73
C MET B 907 -20.24 -21.94 3.19
N THR B 908 -19.74 -22.78 2.30
CA THR B 908 -18.46 -22.54 1.64
C THR B 908 -18.54 -21.31 0.74
N ILE B 909 -19.64 -21.20 -0.01
CA ILE B 909 -19.90 -20.04 -0.86
C ILE B 909 -19.94 -18.76 -0.02
N ILE B 910 -20.65 -18.81 1.11
CA ILE B 910 -20.70 -17.67 2.03
C ILE B 910 -19.28 -17.32 2.49
N GLY B 911 -18.51 -18.35 2.85
CA GLY B 911 -17.12 -18.18 3.29
C GLY B 911 -16.22 -17.61 2.23
N VAL B 912 -16.45 -18.04 0.99
CA VAL B 912 -15.71 -17.53 -0.17
C VAL B 912 -15.99 -16.04 -0.39
N ILE B 913 -17.24 -15.64 -0.26
CA ILE B 913 -17.63 -14.25 -0.45
C ILE B 913 -17.07 -13.38 0.68
N LEU B 914 -17.06 -13.92 1.90
CA LEU B 914 -16.52 -13.22 3.06
C LEU B 914 -15.00 -13.11 3.01
N SER B 915 -14.36 -14.12 2.42
CA SER B 915 -12.92 -14.10 2.20
C SER B 915 -12.56 -12.99 1.21
N PHE B 916 -13.38 -12.82 0.18
CA PHE B 916 -13.18 -11.73 -0.79
C PHE B 916 -13.36 -10.37 -0.13
N ARG B 917 -14.40 -10.23 0.69
CA ARG B 917 -14.64 -8.98 1.43
C ARG B 917 -13.46 -8.58 2.31
N SER B 918 -12.91 -9.55 3.04
CA SER B 918 -11.72 -9.31 3.88
C SER B 918 -10.56 -8.75 3.06
N LEU B 919 -10.29 -9.36 1.91
CA LEU B 919 -9.26 -8.87 0.99
C LEU B 919 -9.52 -7.43 0.56
N ALA B 920 -10.77 -7.16 0.20
CA ALA B 920 -11.21 -5.81 -0.15
C ALA B 920 -11.02 -4.85 1.02
N GLN B 921 -11.48 -5.25 2.21
CA GLN B 921 -11.43 -4.41 3.40
C GLN B 921 -10.00 -4.13 3.83
N GLU B 922 -9.17 -5.17 3.82
CA GLU B 922 -7.76 -5.04 4.18
C GLU B 922 -7.02 -4.06 3.25
N ALA B 923 -7.35 -4.10 1.96
CA ALA B 923 -6.76 -3.19 0.98
C ALA B 923 -7.22 -1.76 1.21
N LEU B 924 -8.53 -1.57 1.38
CA LEU B 924 -9.12 -0.28 1.73
C LEU B 924 -8.49 0.30 2.99
N ARG B 925 -8.29 -0.54 4.00
CA ARG B 925 -7.68 -0.13 5.24
C ARG B 925 -6.28 0.46 5.02
N ASP B 926 -5.46 -0.26 4.26
N ASP B 926 -5.46 -0.27 4.26
CA ASP B 926 -4.08 0.16 3.99
CA ASP B 926 -4.09 0.15 3.97
C ASP B 926 -3.99 1.41 3.12
C ASP B 926 -4.07 1.46 3.20
N VAL B 927 -4.99 1.60 2.24
CA VAL B 927 -5.05 2.78 1.37
C VAL B 927 -5.44 4.02 2.18
N LEU B 928 -6.44 3.88 3.05
CA LEU B 928 -6.88 4.99 3.90
C LEU B 928 -5.84 5.42 4.92
N SER B 929 -5.19 4.45 5.55
CA SER B 929 -4.19 4.75 6.59
C SER B 929 -3.03 5.57 6.02
N TYR B 930 -2.88 5.48 4.70
CA TYR B 930 -1.86 6.22 3.97
C TYR B 930 -2.41 7.57 3.46
N HIS B 931 -3.67 7.59 3.04
CA HIS B 931 -4.32 8.82 2.53
C HIS B 931 -4.90 9.75 3.60
N ILE B 932 -5.55 9.18 4.61
CA ILE B 932 -6.20 9.96 5.65
C ILE B 932 -5.81 9.48 7.06
N PRO B 933 -4.52 9.57 7.41
CA PRO B 933 -4.03 9.00 8.67
C PRO B 933 -4.57 9.67 9.94
N PHE B 934 -4.85 10.97 9.88
CA PHE B 934 -5.39 11.69 11.03
C PHE B 934 -6.82 11.29 11.33
N LEU B 935 -7.57 10.94 10.30
CA LEU B 935 -8.94 10.44 10.48
C LEU B 935 -8.92 8.98 10.94
N VAL B 936 -8.05 8.18 10.34
CA VAL B 936 -7.91 6.76 10.68
C VAL B 936 -7.46 6.58 12.14
N SER B 937 -6.52 7.40 12.57
CA SER B 937 -6.07 7.42 13.95
C SER B 937 -7.25 7.59 14.91
N SER B 938 -8.06 8.62 14.69
CA SER B 938 -9.24 8.87 15.50
C SER B 938 -10.27 7.73 15.46
N ILE B 939 -10.39 7.09 14.30
CA ILE B 939 -11.32 5.96 14.13
C ILE B 939 -10.84 4.71 14.89
N GLU B 940 -9.54 4.44 14.83
CA GLU B 940 -8.95 3.29 15.52
C GLU B 940 -9.05 3.42 17.04
N ASP B 941 -8.74 4.60 17.55
CA ASP B 941 -8.89 4.92 18.98
C ASP B 941 -10.36 4.74 19.41
N PHE B 942 -11.27 5.30 18.62
CA PHE B 942 -12.70 5.30 18.93
C PHE B 942 -13.32 3.89 18.92
N LYS B 943 -12.75 3.00 18.10
CA LYS B 943 -13.23 1.62 18.04
C LYS B 943 -12.68 0.79 19.20
N ASP B 944 -11.41 0.99 19.52
CA ASP B 944 -10.71 0.21 20.54
C ASP B 944 -11.15 0.50 21.99
N HIS B 945 -11.93 1.57 22.17
CA HIS B 945 -12.43 1.95 23.49
C HIS B 945 -13.93 2.24 23.47
N ASP B 951 -23.25 -1.23 25.75
CA ASP B 951 -24.40 -1.13 24.85
C ASP B 951 -24.22 -2.04 23.64
N MET B 952 -25.31 -2.29 22.91
CA MET B 952 -25.29 -3.21 21.77
C MET B 952 -25.89 -2.65 20.48
N LYS B 953 -26.72 -1.61 20.60
CA LYS B 953 -27.27 -0.91 19.44
C LYS B 953 -26.41 0.30 19.08
N VAL B 954 -25.85 0.94 20.11
CA VAL B 954 -24.97 2.09 19.94
C VAL B 954 -23.60 1.67 19.39
N ALA B 955 -23.16 0.48 19.78
CA ALA B 955 -21.87 -0.08 19.35
C ALA B 955 -21.85 -0.43 17.86
N MET B 956 -23.02 -0.56 17.24
CA MET B 956 -23.11 -0.85 15.82
C MET B 956 -22.78 0.37 14.96
N ASN B 957 -23.04 1.56 15.49
CA ASN B 957 -22.72 2.82 14.81
C ASN B 957 -21.24 3.09 14.77
N VAL B 958 -20.53 2.64 15.81
CA VAL B 958 -19.08 2.71 15.87
C VAL B 958 -18.48 1.75 14.84
N TYR B 959 -19.15 0.60 14.68
CA TYR B 959 -18.66 -0.47 13.80
C TYR B 959 -18.87 -0.16 12.32
N GLU B 960 -19.99 0.48 12.00
CA GLU B 960 -20.28 0.87 10.61
C GLU B 960 -19.30 1.95 10.12
N LEU B 961 -18.95 2.87 11.01
CA LEU B 961 -17.95 3.89 10.73
C LEU B 961 -16.56 3.27 10.65
N SER B 962 -16.34 2.20 11.40
CA SER B 962 -15.05 1.50 11.43
C SER B 962 -14.84 0.66 10.18
N SER B 963 -15.86 -0.11 9.79
CA SER B 963 -15.80 -0.96 8.61
C SER B 963 -15.76 -0.14 7.32
N ALA B 964 -16.25 1.10 7.39
CA ALA B 964 -16.16 2.02 6.25
C ALA B 964 -14.72 2.43 6.01
N ALA B 965 -13.90 2.41 7.05
CA ALA B 965 -12.47 2.68 6.94
C ALA B 965 -11.63 1.39 6.88
N GLY B 966 -12.32 0.27 6.64
CA GLY B 966 -11.67 -1.02 6.44
C GLY B 966 -11.20 -1.72 7.70
N LEU B 967 -11.63 -1.22 8.86
CA LEU B 967 -11.27 -1.85 10.14
C LEU B 967 -12.02 -3.15 10.32
N PRO B 968 -11.31 -4.22 10.70
CA PRO B 968 -12.00 -5.48 10.97
C PRO B 968 -12.83 -5.35 12.23
N CYS B 969 -14.06 -5.84 12.18
CA CYS B 969 -14.97 -5.80 13.32
C CYS B 969 -15.36 -7.21 13.77
N GLU B 970 -15.54 -7.38 15.07
CA GLU B 970 -15.98 -8.66 15.65
C GLU B 970 -17.34 -9.07 15.10
N ILE B 971 -18.25 -8.10 15.07
CA ILE B 971 -19.54 -8.27 14.42
C ILE B 971 -19.57 -7.41 13.17
N ASP B 972 -19.89 -8.02 12.04
CA ASP B 972 -19.94 -7.32 10.75
C ASP B 972 -21.27 -6.60 10.58
N PRO B 973 -21.24 -5.25 10.58
CA PRO B 973 -22.45 -4.41 10.52
C PRO B 973 -23.23 -4.59 9.22
N ALA B 974 -22.52 -4.69 8.10
CA ALA B 974 -23.15 -4.90 6.79
C ALA B 974 -23.82 -6.27 6.71
N LEU B 975 -23.22 -7.26 7.35
CA LEU B 975 -23.80 -8.61 7.42
C LEU B 975 -25.03 -8.62 8.33
N VAL B 976 -24.96 -7.90 9.44
CA VAL B 976 -26.10 -7.72 10.35
C VAL B 976 -27.29 -7.07 9.63
N VAL B 977 -27.02 -6.00 8.88
CA VAL B 977 -28.05 -5.31 8.10
C VAL B 977 -28.70 -6.25 7.08
N ALA B 978 -27.86 -6.90 6.27
CA ALA B 978 -28.35 -7.79 5.22
C ALA B 978 -29.15 -8.98 5.75
N LEU B 979 -28.79 -9.49 6.93
CA LEU B 979 -29.49 -10.63 7.53
C LEU B 979 -30.69 -10.24 8.39
N SER B 980 -30.92 -8.94 8.53
CA SER B 980 -32.10 -8.42 9.25
C SER B 980 -33.33 -8.37 8.34
N SER B 981 -33.11 -8.50 7.04
CA SER B 981 -34.20 -8.48 6.05
C SER B 981 -34.97 -9.80 6.06
N SER B 988 -41.82 -13.98 14.03
CA SER B 988 -41.68 -14.84 15.19
C SER B 988 -40.22 -14.85 15.68
N PRO B 989 -39.93 -14.15 16.79
CA PRO B 989 -38.56 -13.99 17.29
C PRO B 989 -37.96 -15.26 17.89
N GLU B 990 -38.79 -16.06 18.56
CA GLU B 990 -38.36 -17.29 19.21
C GLU B 990 -38.09 -18.41 18.20
N GLU B 991 -38.83 -18.36 17.08
CA GLU B 991 -38.69 -19.34 16.01
C GLU B 991 -37.40 -19.15 15.22
N GLU B 992 -37.09 -17.89 14.90
CA GLU B 992 -35.89 -17.54 14.15
C GLU B 992 -34.62 -17.96 14.90
N TYR B 993 -34.59 -17.72 16.21
CA TYR B 993 -33.46 -18.06 17.06
C TYR B 993 -33.16 -19.56 17.04
N LYS B 994 -34.22 -20.38 17.07
CA LYS B 994 -34.07 -21.84 17.02
C LYS B 994 -33.39 -22.28 15.72
N ILE B 995 -33.90 -21.78 14.59
CA ILE B 995 -33.36 -22.08 13.26
C ILE B 995 -31.86 -21.74 13.18
N ALA B 996 -31.49 -20.59 13.73
CA ALA B 996 -30.09 -20.17 13.83
C ALA B 996 -29.29 -21.20 14.63
N CYS B 997 -29.80 -21.56 15.80
CA CYS B 997 -29.15 -22.53 16.68
C CYS B 997 -28.98 -23.88 15.99
N LEU B 998 -30.00 -24.28 15.23
CA LEU B 998 -30.02 -25.58 14.56
C LEU B 998 -29.17 -25.60 13.29
N LEU B 999 -28.93 -24.42 12.71
CA LEU B 999 -28.01 -24.29 11.59
C LEU B 999 -26.61 -24.69 12.04
N MET B 1000 -26.20 -24.16 13.20
CA MET B 1000 -24.90 -24.48 13.81
C MET B 1000 -24.73 -25.98 13.98
N VAL B 1001 -25.79 -26.62 14.49
CA VAL B 1001 -25.84 -28.07 14.67
C VAL B 1001 -25.69 -28.78 13.33
N PHE B 1002 -26.44 -28.30 12.33
CA PHE B 1002 -26.45 -28.86 10.99
C PHE B 1002 -25.02 -28.85 10.41
N VAL B 1003 -24.33 -27.74 10.57
CA VAL B 1003 -22.97 -27.57 10.04
C VAL B 1003 -21.96 -28.44 10.79
N ALA B 1004 -22.00 -28.39 12.13
CA ALA B 1004 -21.10 -29.16 12.98
C ALA B 1004 -21.11 -30.66 12.68
N VAL B 1005 -22.31 -31.23 12.55
CA VAL B 1005 -22.45 -32.67 12.30
C VAL B 1005 -22.13 -33.05 10.85
N SER B 1006 -22.08 -32.06 9.96
CA SER B 1006 -21.83 -32.29 8.53
C SER B 1006 -20.35 -32.28 8.17
N LEU B 1007 -19.53 -31.61 8.98
CA LEU B 1007 -18.09 -31.44 8.72
C LEU B 1007 -17.30 -32.74 8.41
N PRO B 1008 -17.62 -33.87 9.09
CA PRO B 1008 -16.91 -35.12 8.78
C PRO B 1008 -17.12 -35.67 7.35
N THR B 1009 -18.22 -35.30 6.70
CA THR B 1009 -18.48 -35.73 5.32
C THR B 1009 -17.46 -35.15 4.34
N LEU B 1010 -16.91 -33.98 4.67
CA LEU B 1010 -15.84 -33.35 3.88
C LEU B 1010 -14.59 -34.22 3.73
N ALA B 1011 -14.38 -35.13 4.68
CA ALA B 1011 -13.20 -36.01 4.68
C ALA B 1011 -13.21 -37.06 3.56
N SER B 1012 -14.38 -37.29 2.97
CA SER B 1012 -14.51 -38.23 1.86
C SER B 1012 -14.18 -37.60 0.52
N ASN B 1013 -14.16 -36.26 0.49
CA ASN B 1013 -13.87 -35.49 -0.72
C ASN B 1013 -12.37 -35.38 -1.00
N VAL B 1014 -11.94 -35.85 -2.16
CA VAL B 1014 -10.54 -35.79 -2.60
C VAL B 1014 -10.03 -34.35 -2.69
N MET B 1015 -10.95 -33.42 -2.96
CA MET B 1015 -10.62 -32.00 -3.09
C MET B 1015 -10.45 -31.31 -1.73
N SER B 1016 -10.83 -31.99 -0.65
CA SER B 1016 -10.69 -31.46 0.71
C SER B 1016 -9.24 -31.52 1.22
N GLN B 1017 -8.34 -31.99 0.35
CA GLN B 1017 -6.91 -32.05 0.66
C GLN B 1017 -6.37 -30.65 0.95
N TYR B 1018 -5.74 -30.51 2.11
CA TYR B 1018 -5.02 -29.28 2.46
C TYR B 1018 -3.73 -29.22 1.65
N SER B 1019 -3.42 -28.04 1.13
CA SER B 1019 -2.20 -27.82 0.37
C SER B 1019 -1.37 -26.69 0.97
N PRO B 1020 -0.07 -26.94 1.23
CA PRO B 1020 0.85 -25.91 1.74
C PRO B 1020 0.99 -24.72 0.78
N ALA B 1021 0.94 -25.00 -0.53
CA ALA B 1021 0.96 -23.96 -1.57
C ALA B 1021 -0.24 -23.02 -1.46
N ILE B 1022 -1.38 -23.55 -1.00
CA ILE B 1022 -2.60 -22.77 -0.81
C ILE B 1022 -2.62 -22.15 0.59
N GLU B 1023 -2.10 -22.90 1.57
CA GLU B 1023 -2.40 -22.70 2.99
C GLU B 1023 -3.91 -22.80 3.23
N GLY B 1024 -4.50 -23.81 2.59
CA GLY B 1024 -5.94 -24.05 2.60
C GLY B 1024 -6.24 -25.26 1.74
N HIS B 1025 -7.51 -25.41 1.40
CA HIS B 1025 -7.99 -26.58 0.65
C HIS B 1025 -8.39 -26.21 -0.77
N CYS B 1026 -8.28 -27.18 -1.66
CA CYS B 1026 -8.58 -27.01 -3.09
C CYS B 1026 -10.04 -26.68 -3.36
N ASN B 1027 -10.93 -27.13 -2.47
CA ASN B 1027 -12.36 -26.85 -2.59
C ASN B 1027 -12.83 -25.69 -1.70
N ASN B 1028 -11.87 -24.88 -1.22
CA ASN B 1028 -12.15 -23.67 -0.43
C ASN B 1028 -12.76 -23.87 0.95
N ILE B 1029 -12.73 -25.10 1.49
CA ILE B 1029 -13.38 -25.36 2.79
C ILE B 1029 -12.74 -24.61 3.96
N HIS B 1030 -11.48 -24.20 3.81
CA HIS B 1030 -10.86 -23.31 4.80
C HIS B 1030 -11.68 -22.03 5.03
N CYS B 1031 -12.38 -21.58 3.99
CA CYS B 1031 -13.25 -20.40 4.05
C CYS B 1031 -14.44 -20.61 5.00
N LEU B 1032 -14.72 -21.87 5.35
CA LEU B 1032 -15.76 -22.19 6.33
C LEU B 1032 -15.47 -21.61 7.71
N ALA B 1033 -14.19 -21.51 8.06
CA ALA B 1033 -13.77 -20.88 9.31
C ALA B 1033 -14.36 -19.47 9.41
N LYS B 1034 -14.29 -18.73 8.31
N LYS B 1034 -14.29 -18.73 8.31
CA LYS B 1034 -14.82 -17.37 8.26
CA LYS B 1034 -14.82 -17.38 8.26
C LYS B 1034 -16.36 -17.34 8.21
C LYS B 1034 -16.36 -17.37 8.24
N ALA B 1035 -16.94 -18.30 7.50
CA ALA B 1035 -18.39 -18.40 7.36
C ALA B 1035 -19.06 -18.71 8.69
N ILE B 1036 -18.57 -19.76 9.35
CA ILE B 1036 -19.09 -20.22 10.63
C ILE B 1036 -19.02 -19.11 11.69
N ASN B 1037 -17.88 -18.46 11.80
CA ASN B 1037 -17.68 -17.39 12.78
C ASN B 1037 -18.57 -16.16 12.53
N GLN B 1038 -18.51 -15.62 11.32
CA GLN B 1038 -19.20 -14.37 11.00
C GLN B 1038 -20.72 -14.50 10.93
N ILE B 1039 -21.19 -15.65 10.45
CA ILE B 1039 -22.63 -15.95 10.40
C ILE B 1039 -23.21 -16.09 11.82
N ALA B 1040 -22.47 -16.77 12.70
CA ALA B 1040 -22.85 -16.91 14.10
C ALA B 1040 -22.86 -15.56 14.83
N ALA B 1041 -21.81 -14.76 14.59
CA ALA B 1041 -21.72 -13.43 15.18
C ALA B 1041 -22.89 -12.55 14.78
N ALA B 1042 -23.29 -12.64 13.51
CA ALA B 1042 -24.37 -11.81 12.98
C ALA B 1042 -25.74 -12.26 13.46
N LEU B 1043 -26.03 -13.56 13.29
CA LEU B 1043 -27.34 -14.11 13.64
C LEU B 1043 -27.68 -13.95 15.12
N PHE B 1044 -26.70 -14.21 15.98
CA PHE B 1044 -26.92 -14.14 17.43
C PHE B 1044 -26.74 -12.75 18.02
N THR B 1045 -26.46 -11.78 17.14
CA THR B 1045 -26.55 -10.37 17.52
C THR B 1045 -27.97 -9.90 17.22
N ILE B 1046 -28.49 -10.31 16.07
CA ILE B 1046 -29.84 -9.98 15.61
C ILE B 1046 -30.89 -10.59 16.55
N HIS B 1047 -30.58 -11.76 17.10
CA HIS B 1047 -31.49 -12.45 18.01
C HIS B 1047 -31.04 -12.31 19.47
N LYS B 1048 -30.20 -11.32 19.72
CA LYS B 1048 -29.74 -10.93 21.07
C LYS B 1048 -29.27 -12.07 21.99
N GLY B 1049 -28.84 -13.18 21.37
CA GLY B 1049 -28.32 -14.33 22.12
C GLY B 1049 -26.86 -14.17 22.52
N SER B 1050 -26.20 -15.29 22.82
CA SER B 1050 -24.79 -15.28 23.18
C SER B 1050 -23.94 -15.95 22.12
N ILE B 1051 -23.14 -15.15 21.42
CA ILE B 1051 -22.27 -15.64 20.35
C ILE B 1051 -21.26 -16.65 20.90
N GLU B 1052 -20.55 -16.26 21.95
CA GLU B 1052 -19.59 -17.10 22.63
C GLU B 1052 -20.16 -18.49 22.93
N ASP B 1053 -21.32 -18.52 23.61
CA ASP B 1053 -21.98 -19.78 23.97
C ASP B 1053 -22.35 -20.66 22.77
N ARG B 1054 -22.91 -20.05 21.73
CA ARG B 1054 -23.36 -20.80 20.55
C ARG B 1054 -22.20 -21.39 19.76
N LEU B 1055 -21.10 -20.64 19.69
CA LEU B 1055 -19.87 -21.12 19.05
C LEU B 1055 -19.18 -22.20 19.88
N LYS B 1056 -19.18 -22.01 21.20
CA LYS B 1056 -18.69 -23.03 22.13
C LYS B 1056 -19.46 -24.33 21.94
N GLU B 1057 -20.79 -24.23 21.87
CA GLU B 1057 -21.64 -25.37 21.56
C GLU B 1057 -21.28 -25.98 20.22
N PHE B 1058 -21.07 -25.12 19.21
CA PHE B 1058 -20.69 -25.56 17.88
C PHE B 1058 -19.39 -26.36 17.90
N LEU B 1059 -18.38 -25.80 18.56
CA LEU B 1059 -17.05 -26.41 18.62
C LEU B 1059 -17.07 -27.79 19.30
N ALA B 1060 -17.84 -27.88 20.40
CA ALA B 1060 -17.99 -29.13 21.14
C ALA B 1060 -18.56 -30.25 20.26
N LEU B 1061 -19.59 -29.89 19.49
CA LEU B 1061 -20.23 -30.83 18.57
C LEU B 1061 -19.37 -31.12 17.34
N ALA B 1062 -18.69 -30.10 16.82
CA ALA B 1062 -17.79 -30.25 15.69
C ALA B 1062 -16.63 -31.21 16.05
N SER B 1063 -15.99 -30.93 17.19
CA SER B 1063 -14.89 -31.75 17.69
C SER B 1063 -15.33 -33.19 17.93
N SER B 1064 -16.48 -33.35 18.57
CA SER B 1064 -17.04 -34.66 18.85
C SER B 1064 -17.26 -35.47 17.57
N SER B 1065 -17.96 -34.87 16.60
CA SER B 1065 -18.23 -35.52 15.31
C SER B 1065 -16.95 -35.94 14.59
N LEU B 1066 -15.95 -35.06 14.62
CA LEU B 1066 -14.68 -35.31 13.93
C LEU B 1066 -13.81 -36.35 14.66
N LEU B 1067 -13.86 -36.36 15.98
CA LEU B 1067 -13.13 -37.38 16.74
C LEU B 1067 -13.62 -38.79 16.42
N LYS B 1068 -14.92 -38.92 16.17
CA LYS B 1068 -15.54 -40.22 15.87
C LYS B 1068 -14.96 -40.91 14.64
N ILE B 1069 -14.60 -40.12 13.61
CA ILE B 1069 -14.00 -40.71 12.40
C ILE B 1069 -12.52 -41.07 12.56
N GLY B 1070 -11.94 -40.72 13.70
CA GLY B 1070 -10.54 -41.05 14.02
C GLY B 1070 -10.25 -42.54 14.22
N GLN B 1071 -11.30 -43.29 14.58
CA GLN B 1071 -11.20 -44.73 14.78
CA GLN B 1071 -11.18 -44.73 14.79
C GLN B 1071 -11.55 -45.48 13.51
N GLU B 1072 -12.20 -44.78 12.58
CA GLU B 1072 -12.63 -45.34 11.29
C GLU B 1072 -11.43 -45.75 10.43
N THR B 1073 -11.61 -46.79 9.63
CA THR B 1073 -10.53 -47.35 8.81
C THR B 1073 -10.81 -47.28 7.30
N ASP B 1074 -12.06 -47.02 6.95
CA ASP B 1074 -12.48 -46.95 5.55
C ASP B 1074 -11.67 -45.91 4.75
N LYS B 1075 -11.05 -46.37 3.66
CA LYS B 1075 -10.18 -45.53 2.83
C LYS B 1075 -10.93 -44.39 2.11
N THR B 1076 -12.23 -44.57 1.89
CA THR B 1076 -13.07 -43.56 1.25
C THR B 1076 -13.41 -42.42 2.20
N THR B 1077 -13.93 -42.77 3.38
CA THR B 1077 -14.44 -41.79 4.34
C THR B 1077 -13.33 -41.04 5.08
N THR B 1078 -12.16 -41.64 5.19
CA THR B 1078 -11.05 -41.06 5.98
C THR B 1078 -9.90 -40.52 5.14
N ARG B 1079 -10.06 -40.51 3.81
CA ARG B 1079 -9.00 -40.06 2.89
C ARG B 1079 -8.41 -38.70 3.29
N ASN B 1080 -9.28 -37.73 3.52
CA ASN B 1080 -8.84 -36.39 3.92
C ASN B 1080 -9.25 -36.01 5.34
N ARG B 1081 -9.36 -37.03 6.19
CA ARG B 1081 -9.63 -36.86 7.62
C ARG B 1081 -8.74 -35.80 8.28
N GLU B 1082 -7.43 -35.93 8.09
CA GLU B 1082 -6.45 -35.03 8.70
C GLU B 1082 -6.56 -33.58 8.20
N SER B 1083 -6.88 -33.41 6.92
CA SER B 1083 -7.08 -32.08 6.35
C SER B 1083 -8.33 -31.42 6.89
N VAL B 1084 -9.36 -32.21 7.13
CA VAL B 1084 -10.62 -31.72 7.71
C VAL B 1084 -10.46 -31.37 9.20
N TYR B 1085 -9.61 -32.12 9.90
CA TYR B 1085 -9.27 -31.80 11.29
C TYR B 1085 -8.73 -30.38 11.40
N LEU B 1086 -7.93 -29.97 10.41
CA LEU B 1086 -7.30 -28.65 10.37
C LEU B 1086 -8.29 -27.48 10.37
N LEU B 1087 -9.52 -27.74 9.95
CA LEU B 1087 -10.59 -26.73 9.98
C LEU B 1087 -10.86 -26.21 11.39
N LEU B 1088 -10.82 -27.12 12.37
CA LEU B 1088 -11.04 -26.77 13.77
C LEU B 1088 -10.02 -25.74 14.26
N ASP B 1089 -8.77 -25.93 13.85
CA ASP B 1089 -7.69 -24.99 14.16
C ASP B 1089 -7.97 -23.63 13.51
N MET B 1090 -8.45 -23.66 12.26
CA MET B 1090 -8.77 -22.45 11.51
C MET B 1090 -9.95 -21.71 12.11
N ILE B 1091 -10.99 -22.47 12.48
CA ILE B 1091 -12.18 -21.92 13.12
C ILE B 1091 -11.82 -21.16 14.40
N VAL B 1092 -10.96 -21.77 15.22
CA VAL B 1092 -10.54 -21.18 16.49
C VAL B 1092 -9.59 -19.98 16.29
N GLN B 1093 -8.67 -20.09 15.33
CA GLN B 1093 -7.78 -18.98 14.97
C GLN B 1093 -8.54 -17.78 14.41
N GLU B 1094 -9.57 -18.05 13.63
CA GLU B 1094 -10.39 -17.01 13.02
C GLU B 1094 -11.34 -16.35 14.02
N SER B 1095 -11.90 -17.15 14.93
CA SER B 1095 -12.92 -16.68 15.86
C SER B 1095 -12.34 -16.00 17.10
N PRO B 1096 -12.73 -14.75 17.35
CA PRO B 1096 -12.32 -14.05 18.56
C PRO B 1096 -13.08 -14.53 19.80
N PHE B 1097 -14.09 -15.37 19.59
CA PHE B 1097 -14.93 -15.89 20.67
C PHE B 1097 -14.44 -17.24 21.17
N LEU B 1098 -13.52 -17.84 20.43
CA LEU B 1098 -12.98 -19.15 20.75
C LEU B 1098 -11.48 -19.08 21.04
N THR B 1099 -11.06 -19.86 22.03
CA THR B 1099 -9.66 -19.89 22.45
C THR B 1099 -9.04 -21.26 22.18
N MET B 1100 -7.71 -21.29 22.10
N MET B 1100 -7.71 -21.29 22.11
CA MET B 1100 -6.98 -22.54 21.92
CA MET B 1100 -6.95 -22.52 21.93
C MET B 1100 -7.11 -23.46 23.14
C MET B 1100 -7.05 -23.45 23.14
N ASP B 1101 -7.21 -22.86 24.32
CA ASP B 1101 -7.42 -23.60 25.57
C ASP B 1101 -8.73 -24.37 25.53
N LEU B 1102 -9.80 -23.70 25.11
CA LEU B 1102 -11.10 -24.34 24.92
C LEU B 1102 -11.00 -25.45 23.87
N LEU B 1103 -10.28 -25.19 22.79
CA LEU B 1103 -10.06 -26.20 21.75
C LEU B 1103 -9.33 -27.43 22.31
N GLU B 1104 -8.31 -27.19 23.13
CA GLU B 1104 -7.52 -28.26 23.74
C GLU B 1104 -8.38 -29.22 24.59
N SER B 1105 -9.36 -28.66 25.31
CA SER B 1105 -10.24 -29.47 26.16
C SER B 1105 -11.18 -30.41 25.40
N CYS B 1106 -11.46 -30.12 24.12
CA CYS B 1106 -12.32 -31.00 23.32
C CYS B 1106 -11.66 -31.63 22.09
N PHE B 1107 -10.49 -31.11 21.70
CA PHE B 1107 -9.73 -31.65 20.58
C PHE B 1107 -8.23 -31.41 20.80
N PRO B 1108 -7.50 -32.45 21.29
CA PRO B 1108 -6.09 -32.32 21.66
C PRO B 1108 -5.20 -31.89 20.49
N TYR B 1109 -4.31 -30.93 20.75
CA TYR B 1109 -3.48 -30.38 19.67
C TYR B 1109 -2.60 -31.40 18.96
N VAL B 1110 -2.18 -32.44 19.66
CA VAL B 1110 -1.33 -33.49 19.05
C VAL B 1110 -1.93 -34.09 17.77
N LEU B 1111 -3.25 -34.13 17.69
CA LEU B 1111 -3.93 -34.59 16.47
C LEU B 1111 -3.75 -33.60 15.32
N LEU B 1112 -3.88 -32.31 15.63
CA LEU B 1112 -3.68 -31.23 14.65
C LEU B 1112 -2.22 -31.13 14.21
N ARG B 1113 -1.33 -31.27 15.18
CA ARG B 1113 0.12 -31.29 14.94
C ARG B 1113 0.46 -32.40 13.93
N ASN B 1114 0.04 -33.63 14.22
CA ASN B 1114 0.23 -34.75 13.30
C ASN B 1114 -0.43 -34.54 11.94
N ALA B 1115 -1.59 -33.87 11.94
CA ALA B 1115 -2.29 -33.54 10.71
C ALA B 1115 -1.48 -32.56 9.86
N TYR B 1116 -0.95 -31.52 10.50
CA TYR B 1116 -0.08 -30.56 9.81
C TYR B 1116 1.17 -31.23 9.24
N HIS B 1117 1.75 -32.16 10.00
CA HIS B 1117 2.91 -32.91 9.52
C HIS B 1117 2.57 -33.72 8.28
N ALA B 1118 1.42 -34.39 8.29
CA ALA B 1118 0.98 -35.23 7.19
C ALA B 1118 0.83 -34.46 5.88
N VAL B 1119 0.26 -33.26 5.95
CA VAL B 1119 0.01 -32.45 4.75
C VAL B 1119 1.24 -31.66 4.25
N TYR B 1120 2.19 -31.41 5.15
CA TYR B 1120 3.39 -30.64 4.81
C TYR B 1120 4.58 -31.47 4.35
N LYS B 1121 4.62 -32.75 4.72
CA LYS B 1121 5.71 -33.63 4.29
C LYS B 1121 5.50 -34.14 2.86
N GLY C 21 8.89 -55.19 55.32
CA GLY C 21 8.24 -56.53 55.23
C GLY C 21 6.74 -56.47 55.08
N ILE C 22 6.08 -57.57 55.44
CA ILE C 22 4.61 -57.69 55.33
C ILE C 22 3.93 -58.03 56.67
N LYS C 23 4.72 -58.07 57.73
CA LYS C 23 4.26 -58.54 59.04
C LYS C 23 3.71 -57.43 59.93
N ASN C 24 3.75 -56.19 59.44
CA ASN C 24 3.26 -55.02 60.18
C ASN C 24 1.76 -55.05 60.47
N GLU C 25 1.36 -54.37 61.54
CA GLU C 25 -0.05 -54.29 61.94
C GLU C 25 -0.82 -53.34 61.03
N LEU C 26 -2.02 -53.77 60.61
CA LEU C 26 -2.87 -53.03 59.68
C LEU C 26 -3.15 -51.59 60.10
N GLU C 27 -3.63 -51.42 61.33
CA GLU C 27 -3.94 -50.10 61.89
C GLU C 27 -2.69 -49.24 62.02
N CYS C 28 -1.55 -49.90 62.28
CA CYS C 28 -0.26 -49.22 62.37
C CYS C 28 0.17 -48.65 61.02
N VAL C 29 -0.06 -49.39 59.95
CA VAL C 29 0.21 -48.92 58.59
C VAL C 29 -0.70 -47.74 58.26
N THR C 30 -1.98 -47.87 58.59
CA THR C 30 -2.96 -46.81 58.38
C THR C 30 -2.54 -45.50 59.03
N ASN C 31 -2.14 -45.56 60.30
CA ASN C 31 -1.75 -44.35 61.01
C ASN C 31 -0.47 -43.71 60.48
N ILE C 32 0.52 -44.56 60.16
CA ILE C 32 1.78 -44.08 59.59
C ILE C 32 1.54 -43.42 58.24
N SER C 33 0.73 -44.06 57.40
CA SER C 33 0.45 -43.54 56.06
C SER C 33 -0.43 -42.29 56.07
N LEU C 34 -1.24 -42.14 57.11
CA LEU C 34 -2.00 -40.89 57.32
C LEU C 34 -1.09 -39.76 57.82
N ALA C 35 -0.11 -40.11 58.64
CA ALA C 35 0.89 -39.15 59.11
C ALA C 35 1.74 -38.63 57.94
N ASN C 36 2.01 -39.50 56.97
CA ASN C 36 2.76 -39.13 55.77
C ASN C 36 1.93 -38.25 54.83
N ILE C 37 0.62 -38.46 54.84
CA ILE C 37 -0.33 -37.60 54.11
C ILE C 37 -0.29 -36.16 54.64
N ILE C 38 -0.22 -36.02 55.96
CA ILE C 38 -0.09 -34.71 56.61
C ILE C 38 1.27 -34.07 56.28
N ARG C 39 2.30 -34.91 56.13
CA ARG C 39 3.61 -34.44 55.67
C ARG C 39 3.55 -33.96 54.23
N GLN C 40 2.79 -34.67 53.40
CA GLN C 40 2.59 -34.26 52.00
C GLN C 40 1.91 -32.90 51.93
N LEU C 41 0.95 -32.68 52.82
CA LEU C 41 0.25 -31.39 52.91
C LEU C 41 1.18 -30.29 53.44
N SER C 42 2.16 -30.67 54.25
CA SER C 42 3.18 -29.75 54.72
C SER C 42 4.08 -29.29 53.55
N SER C 43 4.59 -30.25 52.79
CA SER C 43 5.43 -29.97 51.63
C SER C 43 4.65 -29.25 50.53
N LEU C 44 3.37 -29.58 50.40
CA LEU C 44 2.48 -28.94 49.44
C LEU C 44 2.22 -27.47 49.82
N SER C 45 2.23 -27.18 51.12
CA SER C 45 2.13 -25.80 51.60
C SER C 45 3.38 -25.00 51.24
N LYS C 46 4.54 -25.66 51.33
CA LYS C 46 5.83 -25.06 50.99
C LYS C 46 5.97 -24.88 49.48
N TYR C 47 5.55 -25.91 48.74
CA TYR C 47 5.51 -25.89 47.29
C TYR C 47 4.60 -24.78 46.78
N ALA C 48 3.42 -24.66 47.39
CA ALA C 48 2.46 -23.60 47.06
C ALA C 48 3.02 -22.21 47.33
N GLU C 49 3.67 -22.05 48.48
CA GLU C 49 4.27 -20.75 48.84
C GLU C 49 5.33 -20.32 47.83
N ASP C 50 6.16 -21.28 47.40
CA ASP C 50 7.21 -21.00 46.41
C ASP C 50 6.62 -20.55 45.08
N ILE C 51 5.61 -21.27 44.60
CA ILE C 51 4.89 -20.92 43.37
C ILE C 51 4.31 -19.50 43.44
N PHE C 52 3.57 -19.20 44.50
CA PHE C 52 2.93 -17.89 44.66
C PHE C 52 3.93 -16.77 44.84
N GLY C 53 5.08 -17.08 45.45
CA GLY C 53 6.16 -16.12 45.65
C GLY C 53 6.87 -15.75 44.35
N GLU C 54 7.13 -16.72 43.50
CA GLU C 54 7.78 -16.48 42.21
C GLU C 54 6.89 -15.61 41.30
N LEU C 55 5.59 -15.88 41.32
CA LEU C 55 4.62 -15.10 40.56
C LEU C 55 4.45 -13.69 41.12
N PHE C 56 4.37 -13.59 42.45
CA PHE C 56 4.30 -12.29 43.13
C PHE C 56 5.49 -11.41 42.80
N ASN C 57 6.70 -11.99 42.85
CA ASN C 57 7.93 -11.23 42.62
C ASN C 57 8.01 -10.60 41.22
N GLU C 58 7.48 -11.31 40.23
CA GLU C 58 7.45 -10.80 38.87
C GLU C 58 6.42 -9.68 38.73
N ALA C 59 5.20 -9.93 39.19
CA ALA C 59 4.13 -8.92 39.17
C ALA C 59 4.50 -7.69 40.00
N HIS C 60 5.21 -7.92 41.11
CA HIS C 60 5.70 -6.84 41.96
C HIS C 60 6.72 -6.00 41.20
N SER C 61 7.62 -6.67 40.48
CA SER C 61 8.61 -6.02 39.64
C SER C 61 7.94 -5.19 38.53
N PHE C 62 6.82 -5.68 38.02
CA PHE C 62 6.03 -4.95 37.01
C PHE C 62 5.42 -3.68 37.59
N SER C 63 4.93 -3.77 38.83
CA SER C 63 4.35 -2.62 39.54
C SER C 63 5.28 -1.41 39.60
N PHE C 64 6.56 -1.65 39.86
CA PHE C 64 7.56 -0.59 39.89
C PHE C 64 7.68 0.07 38.52
N ARG C 65 7.65 -0.74 37.48
CA ARG C 65 7.71 -0.26 36.10
C ARG C 65 6.43 0.47 35.69
N VAL C 66 5.27 -0.11 36.05
CA VAL C 66 3.97 0.51 35.77
C VAL C 66 3.85 1.89 36.44
N ASN C 67 4.18 1.97 37.73
CA ASN C 67 4.18 3.25 38.45
C ASN C 67 5.15 4.27 37.83
N SER C 68 6.35 3.80 37.51
CA SER C 68 7.38 4.63 36.92
C SER C 68 7.02 5.07 35.49
N LEU C 69 6.23 4.25 34.80
CA LEU C 69 5.74 4.62 33.48
C LEU C 69 4.59 5.61 33.59
N GLN C 70 3.64 5.32 34.48
CA GLN C 70 2.47 6.16 34.68
C GLN C 70 2.84 7.61 34.97
N GLU C 71 3.89 7.81 35.77
CA GLU C 71 4.37 9.16 36.07
C GLU C 71 5.03 9.83 34.86
N ARG C 72 5.69 9.01 34.04
CA ARG C 72 6.34 9.48 32.82
C ARG C 72 5.28 9.87 31.78
N VAL C 73 4.20 9.09 31.73
CA VAL C 73 3.07 9.31 30.83
C VAL C 73 2.30 10.58 31.22
N ASP C 74 2.24 10.84 32.52
CA ASP C 74 1.52 12.01 33.03
C ASP C 74 2.28 13.33 32.83
N ARG C 75 3.59 13.30 33.03
CA ARG C 75 4.40 14.52 32.84
C ARG C 75 4.72 14.79 31.37
N LEU C 76 4.44 13.81 30.51
CA LEU C 76 4.57 14.00 29.08
C LEU C 76 3.32 14.73 28.56
N SER C 77 2.15 14.32 29.05
CA SER C 77 0.87 14.99 28.77
C SER C 77 0.98 16.49 28.97
N VAL C 78 1.65 16.88 30.06
CA VAL C 78 1.87 18.27 30.40
C VAL C 78 2.80 18.93 29.38
N SER C 79 3.91 18.26 29.09
CA SER C 79 4.92 18.77 28.16
C SER C 79 4.37 18.92 26.73
N VAL C 80 3.40 18.08 26.39
CA VAL C 80 2.83 18.01 25.05
C VAL C 80 1.75 19.09 24.85
N THR C 81 0.94 19.32 25.88
CA THR C 81 -0.08 20.38 25.86
C THR C 81 0.56 21.76 25.69
N GLN C 82 1.79 21.91 26.18
CA GLN C 82 2.51 23.18 26.14
C GLN C 82 3.34 23.39 24.88
N LEU C 83 3.18 22.50 23.90
CA LEU C 83 3.85 22.65 22.61
C LEU C 83 3.18 23.75 21.79
N ASP C 84 3.97 24.65 21.24
CA ASP C 84 3.45 25.75 20.44
C ASP C 84 3.99 25.70 19.00
N PRO C 85 3.10 25.44 18.02
CA PRO C 85 3.49 25.33 16.62
C PRO C 85 4.00 26.66 16.04
N LYS C 86 3.38 27.77 16.46
CA LYS C 86 3.77 29.11 16.00
C LYS C 86 5.18 29.48 16.45
N GLU C 87 5.56 28.97 17.62
CA GLU C 87 6.82 29.32 18.28
C GLU C 87 7.99 28.44 17.87
N GLU C 88 7.73 27.14 17.71
CA GLU C 88 8.80 26.14 17.50
C GLU C 88 9.69 26.45 16.30
N GLU C 89 10.98 26.61 16.57
CA GLU C 89 11.97 26.79 15.53
C GLU C 89 12.63 25.45 15.19
N LEU C 90 13.06 25.29 13.94
CA LEU C 90 13.76 24.09 13.51
C LEU C 90 15.26 24.35 13.42
N SER C 91 16.04 23.51 14.10
CA SER C 91 17.48 23.68 14.16
C SER C 91 18.20 22.61 13.36
N LEU C 92 19.15 23.04 12.54
CA LEU C 92 20.01 22.14 11.76
C LEU C 92 21.10 21.52 12.63
N GLN C 93 21.22 22.03 13.86
CA GLN C 93 22.17 21.53 14.85
C GLN C 93 21.71 20.21 15.47
N ASP C 94 20.42 19.91 15.33
CA ASP C 94 19.86 18.62 15.72
C ASP C 94 20.46 17.47 14.90
N ILE C 95 20.98 17.81 13.72
CA ILE C 95 21.57 16.86 12.79
C ILE C 95 23.07 16.67 13.02
N THR C 96 23.79 17.77 13.26
CA THR C 96 25.26 17.74 13.34
C THR C 96 25.84 17.69 14.76
N MET C 97 25.17 18.32 15.71
CA MET C 97 25.70 18.48 17.07
C MET C 97 25.10 17.52 18.10
N ARG C 98 23.97 16.92 17.76
CA ARG C 98 23.26 16.02 18.68
C ARG C 98 23.01 14.65 18.05
N LYS C 99 23.14 13.61 18.87
CA LYS C 99 23.00 12.22 18.42
C LYS C 99 21.59 11.86 17.98
N ALA C 100 21.50 10.90 17.05
CA ALA C 100 20.22 10.35 16.63
C ALA C 100 19.61 9.49 17.72
N PHE C 101 18.30 9.54 17.86
CA PHE C 101 17.59 8.69 18.81
C PHE C 101 17.81 7.22 18.47
N ARG C 102 18.09 6.43 19.51
CA ARG C 102 18.22 4.98 19.39
C ARG C 102 17.29 4.33 20.40
N SER C 103 16.45 3.41 19.94
CA SER C 103 15.63 2.62 20.83
C SER C 103 16.46 1.48 21.44
N SER C 104 16.01 0.97 22.58
CA SER C 104 16.70 -0.09 23.31
C SER C 104 16.98 -1.32 22.43
N THR C 105 18.24 -1.76 22.42
CA THR C 105 18.66 -2.93 21.64
C THR C 105 19.06 -4.13 22.51
N ILE C 106 18.67 -4.11 23.79
CA ILE C 106 19.05 -5.16 24.72
C ILE C 106 18.40 -6.51 24.38
N GLN C 107 19.22 -7.55 24.33
CA GLN C 107 18.76 -8.92 24.05
C GLN C 107 19.14 -9.85 25.19
N ASP C 108 18.23 -10.76 25.54
CA ASP C 108 18.48 -11.75 26.58
C ASP C 108 19.20 -12.97 25.99
N GLN C 109 20.35 -13.31 26.57
CA GLN C 109 21.06 -14.54 26.24
C GLN C 109 21.51 -15.25 27.52
N GLN C 110 22.13 -16.42 27.36
CA GLN C 110 22.72 -17.17 28.47
C GLN C 110 21.71 -17.38 29.60
N LEU C 111 20.55 -17.92 29.25
CA LEU C 111 19.41 -18.00 30.16
C LEU C 111 19.50 -19.14 31.18
N PHE C 112 20.55 -19.95 31.08
CA PHE C 112 20.73 -21.08 31.97
C PHE C 112 22.04 -21.04 32.75
N ASP C 113 22.54 -19.84 33.02
CA ASP C 113 23.60 -19.63 34.02
C ASP C 113 23.05 -20.08 35.36
N ARG C 114 23.92 -20.52 36.26
CA ARG C 114 23.50 -21.05 37.55
C ARG C 114 22.58 -20.11 38.33
N LYS C 115 22.88 -18.80 38.28
CA LYS C 115 22.08 -17.79 38.99
C LYS C 115 20.61 -17.66 38.57
N THR C 116 20.21 -18.30 37.47
CA THR C 116 18.79 -18.31 37.08
C THR C 116 18.04 -19.52 37.63
N LEU C 117 18.77 -20.44 38.27
CA LEU C 117 18.15 -21.65 38.83
C LEU C 117 17.26 -21.30 40.03
N PRO C 118 15.97 -21.66 39.95
CA PRO C 118 15.03 -21.37 41.04
C PRO C 118 15.35 -22.14 42.33
N ILE C 119 15.15 -21.48 43.46
CA ILE C 119 15.43 -22.03 44.79
C ILE C 119 15.04 -23.51 44.97
N PRO C 120 13.77 -23.87 44.65
CA PRO C 120 13.37 -25.29 44.77
C PRO C 120 14.34 -26.27 44.13
N LEU C 121 14.73 -26.03 42.87
CA LEU C 121 15.70 -26.90 42.21
C LEU C 121 17.10 -26.78 42.80
N GLN C 122 17.47 -25.56 43.20
CA GLN C 122 18.76 -25.30 43.83
C GLN C 122 18.92 -26.09 45.14
N GLU C 123 17.81 -26.32 45.84
CA GLU C 123 17.80 -27.09 47.08
C GLU C 123 18.00 -28.59 46.82
N THR C 124 17.34 -29.10 45.78
CA THR C 124 17.51 -30.50 45.36
C THR C 124 18.94 -30.77 44.89
N TYR C 125 19.52 -29.78 44.20
CA TYR C 125 20.88 -29.86 43.71
C TYR C 125 21.88 -29.93 44.88
N ASP C 126 21.63 -29.11 45.90
CA ASP C 126 22.52 -29.03 47.06
C ASP C 126 22.61 -30.32 47.88
N VAL C 127 21.61 -31.20 47.76
CA VAL C 127 21.62 -32.48 48.45
C VAL C 127 22.17 -33.62 47.59
N CYS C 128 22.37 -33.35 46.31
CA CYS C 128 23.04 -34.30 45.40
C CYS C 128 24.52 -34.35 45.72
N GLU C 129 25.17 -35.45 45.32
CA GLU C 129 26.58 -35.68 45.61
C GLU C 129 27.49 -34.68 44.89
N GLN C 130 28.32 -34.00 45.67
CA GLN C 130 29.34 -33.10 45.14
C GLN C 130 30.50 -33.93 44.59
N PRO C 131 31.24 -33.38 43.60
CA PRO C 131 32.42 -34.07 43.09
C PRO C 131 33.55 -34.08 44.12
N PRO C 132 34.46 -35.08 44.04
CA PRO C 132 35.63 -35.14 44.92
C PRO C 132 36.35 -33.80 44.99
N PRO C 133 36.83 -33.41 46.19
CA PRO C 133 37.44 -32.07 46.39
C PRO C 133 38.81 -31.93 45.74
N LEU C 134 38.86 -32.10 44.42
CA LEU C 134 40.11 -32.16 43.67
C LEU C 134 40.83 -30.83 43.51
N ASN C 135 40.12 -29.73 43.79
CA ASN C 135 40.72 -28.40 43.74
C ASN C 135 41.71 -28.09 44.87
N ILE C 136 41.80 -28.97 45.87
CA ILE C 136 42.81 -28.82 46.92
C ILE C 136 44.20 -29.14 46.39
N LEU C 137 44.26 -29.81 45.24
CA LEU C 137 45.53 -30.10 44.57
C LEU C 137 45.89 -29.08 43.48
N THR C 138 45.03 -28.05 43.31
CA THR C 138 45.28 -26.97 42.35
C THR C 138 46.65 -26.30 42.53
N PRO C 139 47.01 -25.90 43.78
CA PRO C 139 48.28 -25.20 43.99
C PRO C 139 49.54 -26.03 43.73
N TYR C 140 49.38 -27.34 43.55
CA TYR C 140 50.52 -28.24 43.34
C TYR C 140 50.73 -28.66 41.88
N ARG C 141 50.06 -27.96 40.98
CA ARG C 141 50.12 -28.26 39.54
C ARG C 141 51.19 -27.42 38.82
N ASP C 142 51.78 -28.00 37.77
N ASP C 142 51.76 -27.99 37.76
CA ASP C 142 52.80 -27.31 36.97
CA ASP C 142 52.80 -27.34 36.98
C ASP C 142 52.19 -26.41 35.91
C ASP C 142 52.25 -26.54 35.79
N ASP C 143 50.95 -26.69 35.52
CA ASP C 143 50.30 -26.02 34.39
C ASP C 143 49.36 -24.86 34.76
N GLY C 144 49.27 -24.55 36.05
CA GLY C 144 48.40 -23.47 36.54
C GLY C 144 46.92 -23.67 36.26
N LYS C 145 46.56 -24.87 35.80
CA LYS C 145 45.17 -25.20 35.52
C LYS C 145 44.45 -25.70 36.78
N GLU C 146 43.12 -25.63 36.76
CA GLU C 146 42.33 -26.04 37.91
C GLU C 146 42.11 -27.55 37.93
N GLY C 147 42.32 -28.17 39.09
CA GLY C 147 42.28 -29.63 39.24
C GLY C 147 40.95 -30.28 38.91
N LEU C 148 39.86 -29.62 39.28
CA LEU C 148 38.51 -30.13 39.04
C LEU C 148 38.15 -30.22 37.56
N LYS C 149 38.75 -29.34 36.74
CA LYS C 149 38.44 -29.28 35.31
C LYS C 149 38.95 -30.49 34.52
N PHE C 150 39.79 -31.30 35.16
CA PHE C 150 40.24 -32.57 34.60
C PHE C 150 39.27 -33.70 34.97
N TYR C 151 38.28 -33.36 35.79
CA TYR C 151 37.26 -34.31 36.25
C TYR C 151 35.91 -33.97 35.61
N THR C 152 35.53 -32.70 35.72
CA THR C 152 34.32 -32.18 35.08
C THR C 152 34.59 -30.75 34.63
N ASN C 153 34.19 -30.44 33.40
CA ASN C 153 34.39 -29.09 32.87
C ASN C 153 33.20 -28.64 32.01
N PRO C 154 32.18 -28.04 32.65
CA PRO C 154 30.99 -27.56 31.95
C PRO C 154 31.28 -26.58 30.80
N SER C 155 32.34 -25.78 30.94
CA SER C 155 32.71 -24.81 29.90
C SER C 155 33.30 -25.45 28.64
N TYR C 156 33.47 -26.77 28.66
CA TYR C 156 33.98 -27.55 27.54
C TYR C 156 33.13 -27.41 26.27
N PHE C 157 31.81 -27.47 26.43
CA PHE C 157 30.90 -27.41 25.29
C PHE C 157 31.07 -26.13 24.49
N PHE C 158 31.08 -24.99 25.18
CA PHE C 158 31.29 -23.70 24.54
C PHE C 158 32.70 -23.57 23.95
N ASP C 159 33.72 -23.93 24.74
CA ASP C 159 35.12 -23.79 24.31
C ASP C 159 35.37 -24.50 22.99
N LEU C 160 34.84 -25.71 22.86
CA LEU C 160 35.00 -26.50 21.64
C LEU C 160 34.14 -26.00 20.49
N TRP C 161 32.95 -25.52 20.80
CA TRP C 161 32.06 -25.00 19.78
C TRP C 161 32.63 -23.70 19.19
N LYS C 162 33.06 -22.78 20.06
CA LYS C 162 33.73 -21.56 19.64
C LYS C 162 34.92 -21.88 18.74
N GLU C 163 35.74 -22.83 19.18
CA GLU C 163 36.91 -23.29 18.42
C GLU C 163 36.53 -23.87 17.07
N LYS C 164 35.50 -24.72 17.04
CA LYS C 164 35.02 -25.31 15.79
C LYS C 164 34.52 -24.23 14.83
N MET C 165 33.78 -23.27 15.37
CA MET C 165 33.23 -22.18 14.56
C MET C 165 34.35 -21.35 13.92
N LEU C 166 35.39 -21.06 14.70
CA LEU C 166 36.54 -20.31 14.21
C LEU C 166 37.30 -21.05 13.11
N GLN C 167 37.45 -22.35 13.27
CA GLN C 167 38.13 -23.20 12.29
C GLN C 167 37.30 -23.39 11.01
N ASP C 168 35.99 -23.58 11.17
CA ASP C 168 35.09 -23.70 10.03
C ASP C 168 35.02 -22.40 9.23
N THR C 169 35.10 -21.27 9.92
CA THR C 169 35.12 -19.94 9.30
C THR C 169 36.34 -19.77 8.40
N GLU C 170 37.52 -20.13 8.92
CA GLU C 170 38.77 -20.04 8.16
C GLU C 170 38.82 -21.01 6.99
N ASP C 171 38.20 -22.18 7.15
CA ASP C 171 38.16 -23.20 6.11
C ASP C 171 37.31 -22.78 4.91
N LYS C 172 36.23 -22.05 5.17
CA LYS C 172 35.35 -21.55 4.12
C LYS C 172 35.92 -20.29 3.46
N ARG C 173 36.57 -19.45 4.27
CA ARG C 173 37.24 -18.23 3.79
C ARG C 173 38.34 -18.58 2.79
N LYS C 174 39.08 -19.65 3.10
CA LYS C 174 40.15 -20.14 2.23
C LYS C 174 39.66 -21.28 1.33
N GLU C 175 38.39 -21.21 0.96
CA GLU C 175 37.78 -22.07 -0.05
C GLU C 175 37.14 -21.19 -1.12
N LYS C 176 36.68 -20.02 -0.69
CA LYS C 176 36.23 -18.97 -1.61
C LYS C 176 37.42 -18.43 -2.41
N ARG C 177 38.57 -18.32 -1.75
CA ARG C 177 39.80 -17.87 -2.38
C ARG C 177 40.39 -18.95 -3.29
N LYS C 178 40.16 -20.22 -2.94
CA LYS C 178 40.57 -21.36 -3.76
C LYS C 178 39.78 -21.44 -5.08
N GLN C 179 38.50 -21.08 -5.02
CA GLN C 179 37.65 -21.10 -6.21
C GLN C 179 37.81 -19.84 -7.05
N LYS C 180 38.09 -18.71 -6.39
CA LYS C 180 38.29 -17.44 -7.06
C LYS C 180 39.60 -17.39 -7.84
N GLN C 181 40.63 -18.06 -7.31
CA GLN C 181 41.95 -18.10 -7.92
C GLN C 181 42.00 -19.05 -9.13
N LYS C 182 41.37 -20.21 -9.00
CA LYS C 182 41.33 -21.19 -10.09
C LYS C 182 40.09 -20.97 -10.97
N ASN C 183 39.92 -19.73 -11.42
CA ASN C 183 38.80 -19.32 -12.25
C ASN C 183 39.20 -18.13 -13.13
N LEU C 184 39.38 -16.97 -12.51
CA LEU C 184 39.82 -15.75 -13.21
C LEU C 184 40.89 -15.03 -12.40
N ASP C 216 28.83 25.08 -2.84
CA ASP C 216 29.44 24.75 -1.54
C ASP C 216 29.09 25.80 -0.49
N ALA C 217 29.45 27.05 -0.76
CA ALA C 217 29.15 28.17 0.14
C ALA C 217 27.84 28.86 -0.27
N ARG C 218 26.99 28.15 -1.00
CA ARG C 218 25.71 28.67 -1.48
C ARG C 218 24.53 28.34 -0.57
N SER C 219 24.58 27.16 0.05
CA SER C 219 23.55 26.73 0.99
C SER C 219 24.18 26.12 2.24
N VAL C 220 23.73 26.58 3.41
CA VAL C 220 24.28 26.15 4.69
C VAL C 220 23.86 24.72 5.05
N LEU C 221 22.79 24.23 4.42
CA LEU C 221 22.30 22.87 4.62
C LEU C 221 23.27 21.83 4.08
N LEU C 222 23.93 22.15 2.95
CA LEU C 222 24.92 21.25 2.35
C LEU C 222 26.02 20.87 3.31
N GLU C 223 26.50 21.85 4.09
CA GLU C 223 27.55 21.62 5.08
C GLU C 223 27.06 20.67 6.18
N ALA C 224 25.83 20.90 6.65
CA ALA C 224 25.20 20.04 7.64
C ALA C 224 25.04 18.59 7.17
N ILE C 225 24.78 18.40 5.88
CA ILE C 225 24.69 17.07 5.30
C ILE C 225 26.10 16.48 5.08
N ARG C 226 27.03 17.31 4.63
CA ARG C 226 28.42 16.91 4.40
C ARG C 226 29.07 16.41 5.70
N LYS C 227 28.86 17.17 6.78
CA LYS C 227 29.34 16.79 8.10
C LYS C 227 28.52 15.65 8.68
N GLY C 228 27.26 15.56 8.25
CA GLY C 228 26.36 14.48 8.66
C GLY C 228 26.75 13.12 8.12
N ILE C 229 27.42 13.11 6.97
CA ILE C 229 27.96 11.89 6.37
C ILE C 229 29.22 11.43 7.10
N GLN C 230 30.10 12.38 7.41
CA GLN C 230 31.33 12.11 8.17
C GLN C 230 31.06 11.55 9.57
N LEU C 231 29.97 11.98 10.18
CA LEU C 231 29.55 11.47 11.49
C LEU C 231 28.75 10.17 11.36
N ARG C 232 28.88 9.51 10.21
CA ARG C 232 28.31 8.18 9.99
C ARG C 232 29.32 7.22 9.36
N LYS C 233 30.35 7.76 8.70
CA LYS C 233 31.43 6.94 8.14
C LYS C 233 32.56 6.74 9.16
N VAL C 234 33.10 7.85 9.67
CA VAL C 234 34.14 7.81 10.70
C VAL C 234 33.52 7.45 12.05
N GLU C 235 32.40 8.11 12.38
CA GLU C 235 31.61 7.74 13.55
C GLU C 235 30.68 6.58 13.18
N GLU C 236 31.26 5.37 13.16
CA GLU C 236 30.56 4.15 12.78
C GLU C 236 30.94 3.03 13.74
N GLN C 237 32.22 2.67 13.73
CA GLN C 237 32.74 1.62 14.59
C GLN C 237 33.59 2.22 15.71
N ARG C 238 32.92 2.88 16.65
CA ARG C 238 33.55 3.47 17.83
C ARG C 238 32.74 3.20 19.09
N GLU C 248 34.86 -11.21 21.28
CA GLU C 248 33.51 -11.45 21.80
C GLU C 248 33.22 -12.94 21.89
N ASN C 249 32.83 -13.38 23.09
CA ASN C 249 32.47 -14.78 23.32
C ASN C 249 30.95 -14.95 23.42
N ASP C 250 30.24 -14.21 22.57
CA ASP C 250 28.79 -14.26 22.51
C ASP C 250 28.37 -15.21 21.41
N VAL C 251 27.42 -16.09 21.71
CA VAL C 251 26.94 -17.10 20.76
C VAL C 251 26.41 -16.49 19.46
N ALA C 252 25.55 -15.48 19.59
CA ALA C 252 25.01 -14.75 18.43
C ALA C 252 26.13 -14.15 17.57
N THR C 253 27.03 -13.41 18.21
CA THR C 253 28.17 -12.81 17.53
C THR C 253 28.98 -13.86 16.76
N ILE C 254 29.29 -14.97 17.42
CA ILE C 254 30.06 -16.05 16.81
C ILE C 254 29.31 -16.66 15.61
N LEU C 255 28.01 -16.88 15.77
CA LEU C 255 27.18 -17.40 14.68
C LEU C 255 27.05 -16.45 13.50
N SER C 256 26.99 -15.14 13.80
CA SER C 256 26.96 -14.11 12.77
C SER C 256 28.21 -14.14 11.90
N ARG C 257 29.38 -14.17 12.54
CA ARG C 257 30.67 -14.18 11.84
C ARG C 257 30.82 -15.38 10.90
N ARG C 258 30.37 -16.55 11.37
CA ARG C 258 30.40 -17.77 10.57
C ARG C 258 29.51 -17.67 9.32
N ILE C 259 28.35 -17.02 9.47
CA ILE C 259 27.43 -16.83 8.35
C ILE C 259 27.91 -15.71 7.41
N ALA C 260 28.40 -14.61 8.00
CA ALA C 260 28.86 -13.43 7.26
C ALA C 260 29.96 -13.73 6.25
N VAL C 261 30.71 -14.80 6.48
CA VAL C 261 31.78 -15.23 5.58
C VAL C 261 31.22 -15.88 4.30
N GLU C 262 30.05 -16.50 4.42
CA GLU C 262 29.40 -17.15 3.27
C GLU C 262 28.67 -16.17 2.33
N TYR C 263 28.92 -14.87 2.52
CA TYR C 263 28.33 -13.82 1.68
C TYR C 263 29.39 -12.84 1.16
N SER C 264 30.37 -12.53 2.01
CA SER C 264 31.48 -11.65 1.63
C SER C 264 32.76 -12.45 1.37
N ARG D 10 -14.31 -58.11 60.52
CA ARG D 10 -13.25 -57.93 61.56
C ARG D 10 -12.28 -56.81 61.20
N GLU D 11 -11.00 -56.99 61.54
CA GLU D 11 -9.96 -55.96 61.32
C GLU D 11 -9.64 -55.70 59.84
N ILE D 12 -9.93 -56.68 58.97
CA ILE D 12 -9.78 -56.48 57.52
C ILE D 12 -10.88 -55.59 56.93
N HIS D 13 -12.10 -55.74 57.46
N HIS D 13 -12.09 -55.71 57.46
CA HIS D 13 -13.24 -54.92 57.06
CA HIS D 13 -13.22 -54.90 57.01
C HIS D 13 -13.04 -53.46 57.46
C HIS D 13 -13.09 -53.45 57.49
N GLN D 14 -12.39 -53.25 58.60
CA GLN D 14 -12.05 -51.91 59.08
C GLN D 14 -10.87 -51.38 58.27
N ASP D 15 -9.99 -52.28 57.85
CA ASP D 15 -8.86 -51.94 56.99
C ASP D 15 -9.32 -51.43 55.63
N TRP D 16 -10.36 -52.07 55.08
CA TRP D 16 -10.96 -51.65 53.81
C TRP D 16 -11.55 -50.24 53.90
N ALA D 17 -12.24 -49.96 55.02
CA ALA D 17 -12.77 -48.62 55.28
C ALA D 17 -11.66 -47.60 55.47
N ASN D 18 -10.63 -47.98 56.22
CA ASN D 18 -9.46 -47.11 56.46
C ASN D 18 -8.72 -46.72 55.18
N ARG D 19 -8.55 -47.69 54.28
CA ARG D 19 -7.83 -47.45 53.02
C ARG D 19 -8.68 -46.70 52.00
N GLU D 20 -10.00 -46.91 52.02
CA GLU D 20 -10.91 -46.09 51.22
C GLU D 20 -10.80 -44.62 51.64
N TYR D 21 -10.82 -44.39 52.95
CA TYR D 21 -10.63 -43.04 53.49
C TYR D 21 -9.30 -42.45 53.03
N ILE D 22 -8.24 -43.24 53.14
CA ILE D 22 -6.90 -42.85 52.68
C ILE D 22 -6.92 -42.48 51.19
N GLU D 23 -7.61 -43.32 50.40
CA GLU D 23 -7.71 -43.12 48.96
C GLU D 23 -8.37 -41.79 48.62
N ILE D 24 -9.41 -41.43 49.37
CA ILE D 24 -10.14 -40.18 49.18
C ILE D 24 -9.28 -38.96 49.49
N ILE D 25 -8.50 -39.02 50.56
CA ILE D 25 -7.63 -37.91 50.93
C ILE D 25 -6.48 -37.70 49.93
N THR D 26 -5.85 -38.80 49.51
CA THR D 26 -4.74 -38.74 48.57
C THR D 26 -5.20 -38.23 47.21
N SER D 27 -6.41 -38.64 46.82
CA SER D 27 -7.03 -38.17 45.60
C SER D 27 -7.21 -36.66 45.65
N SER D 28 -7.65 -36.15 46.81
CA SER D 28 -7.87 -34.72 46.99
C SER D 28 -6.58 -33.92 47.02
N ILE D 29 -5.50 -34.52 47.54
CA ILE D 29 -4.19 -33.88 47.55
C ILE D 29 -3.66 -33.71 46.12
N LYS D 30 -3.86 -34.75 45.31
CA LYS D 30 -3.46 -34.73 43.92
C LYS D 30 -4.24 -33.65 43.16
N LYS D 31 -5.51 -33.46 43.52
CA LYS D 31 -6.34 -32.41 42.92
C LYS D 31 -5.84 -31.01 43.27
N ILE D 32 -5.32 -30.85 44.48
CA ILE D 32 -4.72 -29.57 44.90
C ILE D 32 -3.44 -29.30 44.11
N ALA D 33 -2.60 -30.34 43.98
CA ALA D 33 -1.35 -30.25 43.23
C ALA D 33 -1.61 -29.88 41.77
N ASP D 34 -2.58 -30.58 41.15
CA ASP D 34 -2.98 -30.31 39.78
C ASP D 34 -3.36 -28.85 39.59
N PHE D 35 -4.24 -28.36 40.46
CA PHE D 35 -4.66 -26.97 40.44
C PHE D 35 -3.49 -26.01 40.55
N LEU D 36 -2.53 -26.35 41.40
CA LEU D 36 -1.40 -25.48 41.68
C LEU D 36 -0.51 -25.37 40.44
N ASN D 37 -0.32 -26.50 39.76
CA ASN D 37 0.48 -26.54 38.55
C ASN D 37 -0.17 -25.78 37.39
N SER D 38 -1.48 -26.00 37.20
CA SER D 38 -2.20 -25.34 36.10
C SER D 38 -2.48 -23.88 36.39
N PHE D 39 -2.48 -23.49 37.67
CA PHE D 39 -2.59 -22.08 38.05
C PHE D 39 -1.27 -21.37 37.76
N ASP D 40 -0.15 -22.05 38.06
CA ASP D 40 1.18 -21.51 37.76
C ASP D 40 1.32 -21.25 36.26
N MET D 41 0.97 -22.25 35.45
CA MET D 41 1.05 -22.16 33.99
C MET D 41 0.20 -21.02 33.44
N SER D 42 -1.02 -20.89 33.96
CA SER D 42 -1.94 -19.84 33.51
C SER D 42 -1.42 -18.45 33.84
N CYS D 43 -0.83 -18.30 35.02
CA CYS D 43 -0.27 -17.02 35.45
C CYS D 43 1.03 -16.67 34.72
N ARG D 44 1.77 -17.70 34.31
CA ARG D 44 2.99 -17.50 33.52
C ARG D 44 2.65 -16.84 32.19
N SER D 45 1.57 -17.32 31.55
CA SER D 45 1.06 -16.72 30.31
C SER D 45 0.65 -15.28 30.53
N ARG D 46 -0.11 -15.05 31.59
CA ARG D 46 -0.63 -13.72 31.93
C ARG D 46 0.49 -12.73 32.23
N LEU D 47 1.52 -13.17 32.94
CA LEU D 47 2.68 -12.30 33.24
C LEU D 47 3.49 -12.00 31.98
N ALA D 48 3.59 -12.99 31.08
CA ALA D 48 4.28 -12.81 29.80
C ALA D 48 3.57 -11.78 28.92
N THR D 49 2.25 -11.88 28.85
CA THR D 49 1.39 -10.94 28.13
C THR D 49 1.51 -9.52 28.70
N LEU D 50 1.49 -9.40 30.03
CA LEU D 50 1.65 -8.11 30.70
C LEU D 50 3.01 -7.48 30.43
N ASN D 51 4.05 -8.30 30.43
CA ASN D 51 5.41 -7.83 30.16
C ASN D 51 5.56 -7.39 28.72
N GLU D 52 4.95 -8.14 27.81
CA GLU D 52 4.94 -7.80 26.40
C GLU D 52 4.33 -6.41 26.17
N LYS D 53 3.14 -6.18 26.73
CA LYS D 53 2.44 -4.90 26.55
C LYS D 53 3.19 -3.75 27.24
N LEU D 54 3.65 -3.99 28.46
CA LEU D 54 4.39 -3.01 29.25
C LEU D 54 5.71 -2.61 28.58
N THR D 55 6.47 -3.59 28.09
CA THR D 55 7.71 -3.32 27.35
C THR D 55 7.43 -2.42 26.14
N ALA D 56 6.37 -2.74 25.39
CA ALA D 56 6.00 -1.94 24.22
C ALA D 56 5.62 -0.50 24.60
N LEU D 57 4.82 -0.37 25.65
CA LEU D 57 4.40 0.94 26.15
C LEU D 57 5.59 1.76 26.66
N GLU D 58 6.57 1.10 27.26
CA GLU D 58 7.80 1.78 27.70
C GLU D 58 8.59 2.28 26.49
N ARG D 59 8.70 1.44 25.47
CA ARG D 59 9.40 1.78 24.23
C ARG D 59 8.75 2.94 23.51
N ARG D 60 7.42 2.90 23.40
CA ARG D 60 6.65 3.96 22.75
C ARG D 60 6.85 5.32 23.42
N ILE D 61 6.88 5.33 24.75
CA ILE D 61 7.09 6.55 25.53
C ILE D 61 8.48 7.13 25.30
N GLU D 62 9.49 6.28 25.33
CA GLU D 62 10.86 6.66 25.01
C GLU D 62 10.90 7.37 23.66
N TYR D 63 10.19 6.80 22.69
CA TYR D 63 10.12 7.33 21.32
C TYR D 63 9.42 8.69 21.25
N ILE D 64 8.22 8.77 21.83
CA ILE D 64 7.43 10.00 21.82
C ILE D 64 8.21 11.12 22.52
N GLU D 65 8.79 10.81 23.68
CA GLU D 65 9.61 11.78 24.41
C GLU D 65 10.72 12.35 23.54
N ALA D 66 11.39 11.45 22.80
CA ALA D 66 12.50 11.85 21.93
C ALA D 66 12.07 12.75 20.76
N ARG D 67 10.81 12.62 20.35
CA ARG D 67 10.24 13.50 19.32
C ARG D 67 10.06 14.93 19.82
N VAL D 68 9.96 15.09 21.13
CA VAL D 68 9.71 16.39 21.75
C VAL D 68 10.96 16.97 22.45
N THR D 69 12.00 16.15 22.59
CA THR D 69 13.21 16.54 23.32
C THR D 69 14.46 16.54 22.42
N LYS D 70 15.37 17.46 22.71
CA LYS D 70 16.65 17.59 22.00
C LYS D 70 17.60 16.45 22.36
N GLY D 71 18.51 16.13 21.44
CA GLY D 71 19.50 15.06 21.65
C GLY D 71 20.70 15.48 22.48
N GLU D 72 21.57 14.53 22.77
CA GLU D 72 22.76 14.77 23.57
C GLU D 72 23.93 15.26 22.72
N THR D 73 24.61 16.30 23.19
CA THR D 73 25.75 16.88 22.49
C THR D 73 27.00 16.03 22.66
N ALA E 1 -8.46 0.09 41.20
CA ALA E 1 -8.00 1.17 42.12
C ALA E 1 -6.57 0.92 42.58
N MET E 2 -5.83 2.02 42.80
CA MET E 2 -4.46 1.94 43.33
C MET E 2 -4.42 1.43 44.77
N ALA E 3 -5.46 1.74 45.54
CA ALA E 3 -5.58 1.33 46.94
C ALA E 3 -5.78 -0.18 47.10
N GLU E 4 -6.60 -0.77 46.22
CA GLU E 4 -6.81 -2.22 46.20
C GLU E 4 -5.50 -2.97 45.92
N LEU E 5 -4.70 -2.43 45.02
CA LEU E 5 -3.43 -3.03 44.64
C LEU E 5 -2.40 -2.93 45.77
N GLN E 6 -2.38 -1.78 46.45
CA GLN E 6 -1.50 -1.56 47.59
C GLN E 6 -1.77 -2.57 48.71
N MET E 7 -3.06 -2.80 48.98
CA MET E 7 -3.51 -3.80 49.96
C MET E 7 -3.03 -5.19 49.59
N LEU E 8 -3.19 -5.56 48.32
CA LEU E 8 -2.80 -6.88 47.82
C LEU E 8 -1.29 -7.08 47.86
N LEU E 9 -0.54 -6.08 47.41
CA LEU E 9 0.92 -6.18 47.30
C LEU E 9 1.66 -6.15 48.64
N GLU E 10 1.24 -5.26 49.53
CA GLU E 10 1.97 -5.00 50.77
C GLU E 10 1.46 -5.83 51.95
N GLU E 11 0.20 -6.27 51.88
CA GLU E 11 -0.43 -6.89 53.04
C GLU E 11 -1.05 -8.27 52.80
N GLU E 12 -1.98 -8.38 51.85
CA GLU E 12 -2.76 -9.60 51.66
C GLU E 12 -2.00 -10.77 51.04
N ILE E 13 -1.13 -10.49 50.07
CA ILE E 13 -0.32 -11.54 49.44
C ILE E 13 0.86 -11.96 50.33
N PRO E 14 1.56 -11.00 50.96
CA PRO E 14 2.56 -11.38 51.97
C PRO E 14 1.93 -12.12 53.16
N GLY E 15 0.73 -11.70 53.56
CA GLY E 15 -0.01 -12.36 54.63
C GLY E 15 -0.40 -13.79 54.28
N GLY E 16 -0.88 -13.97 53.05
CA GLY E 16 -1.28 -15.28 52.55
C GLY E 16 -0.10 -16.23 52.39
N ARG E 17 1.05 -15.67 52.01
CA ARG E 17 2.28 -16.43 51.87
C ARG E 17 2.82 -16.86 53.23
N ARG E 18 2.78 -15.95 54.20
CA ARG E 18 3.17 -16.23 55.57
C ARG E 18 2.31 -17.36 56.17
N ALA E 19 1.00 -17.30 55.95
CA ALA E 19 0.08 -18.36 56.39
C ALA E 19 0.41 -19.71 55.76
N LEU E 20 1.00 -19.68 54.56
CA LEU E 20 1.33 -20.89 53.83
C LEU E 20 2.65 -21.51 54.34
N PHE E 21 3.63 -20.67 54.67
CA PHE E 21 4.87 -21.13 55.28
C PHE E 21 4.63 -21.63 56.71
N ASP E 22 3.69 -21.00 57.41
CA ASP E 22 3.26 -21.45 58.74
C ASP E 22 2.60 -22.82 58.66
N SER E 23 1.77 -23.02 57.65
CA SER E 23 1.13 -24.30 57.39
C SER E 23 2.17 -25.40 57.16
N TYR E 24 3.27 -25.04 56.51
CA TYR E 24 4.38 -25.96 56.25
C TYR E 24 5.07 -26.42 57.53
N THR E 25 5.35 -25.48 58.43
CA THR E 25 6.03 -25.79 59.68
C THR E 25 5.10 -26.47 60.68
N ASN E 26 3.87 -25.98 60.79
CA ASN E 26 2.89 -26.55 61.72
C ASN E 26 2.49 -27.99 61.41
N LEU E 27 2.23 -28.28 60.14
CA LEU E 27 1.79 -29.61 59.72
C LEU E 27 2.90 -30.65 59.83
N GLU E 28 4.15 -30.19 59.82
CA GLU E 28 5.28 -31.06 60.09
C GLU E 28 5.27 -31.52 61.56
N ARG E 29 4.91 -30.60 62.47
CA ARG E 29 4.76 -30.94 63.89
C ARG E 29 3.50 -31.76 64.13
N VAL E 30 2.43 -31.43 63.42
CA VAL E 30 1.17 -32.16 63.49
C VAL E 30 1.36 -33.61 63.06
N ALA E 31 2.10 -33.82 61.97
CA ALA E 31 2.42 -35.15 61.47
C ALA E 31 3.26 -35.93 62.47
N ASP E 32 4.27 -35.28 63.03
CA ASP E 32 5.13 -35.88 64.05
C ASP E 32 4.29 -36.35 65.23
N TYR E 33 3.43 -35.47 65.73
CA TYR E 33 2.57 -35.79 66.86
C TYR E 33 1.69 -37.00 66.58
N CYS E 34 0.96 -36.97 65.46
CA CYS E 34 0.07 -38.06 65.08
C CYS E 34 0.79 -39.41 64.99
N GLU E 35 2.02 -39.39 64.48
CA GLU E 35 2.82 -40.60 64.36
C GLU E 35 3.29 -41.08 65.72
N ASN E 36 3.87 -40.17 66.50
CA ASN E 36 4.39 -40.48 67.83
C ASN E 36 3.30 -40.84 68.84
N ASN E 37 2.25 -40.02 68.90
CA ASN E 37 1.11 -40.28 69.77
C ASN E 37 0.54 -41.69 69.62
N TYR E 38 0.40 -42.16 68.38
CA TYR E 38 -0.10 -43.51 68.12
C TYR E 38 0.85 -44.59 68.65
N ILE E 39 2.14 -44.43 68.37
CA ILE E 39 3.19 -45.33 68.84
C ILE E 39 3.27 -45.32 70.38
N GLN E 40 3.12 -44.14 70.99
CA GLN E 40 3.30 -43.97 72.43
C GLN E 40 2.09 -44.33 73.28
N SER E 41 0.90 -44.37 72.68
CA SER E 41 -0.34 -44.64 73.42
C SER E 41 -0.76 -46.11 73.43
N ALA E 42 -1.33 -46.54 74.55
CA ALA E 42 -1.96 -47.85 74.65
C ALA E 42 -3.33 -47.80 73.99
N ASP E 43 -4.00 -46.66 74.12
CA ASP E 43 -5.29 -46.42 73.48
C ASP E 43 -5.07 -46.07 72.01
N LYS E 44 -4.91 -47.11 71.19
CA LYS E 44 -4.61 -46.98 69.77
C LYS E 44 -5.80 -46.48 68.95
N GLN E 45 -7.01 -46.97 69.29
CA GLN E 45 -8.24 -46.58 68.61
C GLN E 45 -8.50 -45.08 68.69
N ARG E 46 -8.29 -44.53 69.88
CA ARG E 46 -8.47 -43.09 70.11
C ARG E 46 -7.39 -42.29 69.40
N ALA E 47 -6.18 -42.84 69.34
CA ALA E 47 -5.04 -42.19 68.67
C ALA E 47 -5.26 -42.05 67.17
N LEU E 48 -5.78 -43.12 66.54
CA LEU E 48 -6.09 -43.11 65.11
C LEU E 48 -7.21 -42.12 64.80
N GLU E 49 -8.26 -42.15 65.62
CA GLU E 49 -9.37 -41.20 65.50
C GLU E 49 -8.85 -39.76 65.53
N GLU E 50 -7.79 -39.53 66.30
CA GLU E 50 -7.17 -38.22 66.41
C GLU E 50 -6.37 -37.89 65.15
N THR E 51 -5.69 -38.89 64.60
CA THR E 51 -4.94 -38.73 63.35
C THR E 51 -5.90 -38.40 62.20
N LYS E 52 -6.93 -39.23 62.04
CA LYS E 52 -8.01 -38.98 61.09
C LYS E 52 -8.51 -37.54 61.17
N ALA E 53 -8.77 -37.07 62.40
CA ALA E 53 -9.27 -35.72 62.63
C ALA E 53 -8.28 -34.65 62.17
N TYR E 54 -7.00 -34.85 62.49
CA TYR E 54 -5.96 -33.92 62.07
C TYR E 54 -5.72 -33.90 60.56
N THR E 55 -6.00 -35.03 59.91
CA THR E 55 -5.83 -35.16 58.46
C THR E 55 -6.88 -34.31 57.75
N THR E 56 -8.14 -34.54 58.10
CA THR E 56 -9.26 -33.76 57.56
C THR E 56 -9.05 -32.26 57.77
N GLN E 57 -8.70 -31.89 59.00
CA GLN E 57 -8.44 -30.49 59.35
C GLN E 57 -7.31 -29.89 58.49
N SER E 58 -6.27 -30.69 58.27
CA SER E 58 -5.10 -30.25 57.49
C SER E 58 -5.46 -30.04 56.02
N LEU E 59 -6.21 -30.98 55.46
CA LEU E 59 -6.65 -30.91 54.06
C LEU E 59 -7.51 -29.67 53.84
N ALA E 60 -8.41 -29.40 54.78
CA ALA E 60 -9.32 -28.27 54.69
C ALA E 60 -8.57 -26.94 54.79
N SER E 61 -7.56 -26.90 55.65
CA SER E 61 -6.76 -25.70 55.88
C SER E 61 -5.91 -25.34 54.65
N VAL E 62 -5.22 -26.34 54.10
CA VAL E 62 -4.34 -26.14 52.95
C VAL E 62 -5.13 -25.66 51.73
N ALA E 63 -6.23 -26.35 51.43
CA ALA E 63 -7.13 -25.97 50.35
C ALA E 63 -7.61 -24.52 50.50
N TYR E 64 -7.97 -24.13 51.72
CA TYR E 64 -8.46 -22.78 51.99
C TYR E 64 -7.40 -21.71 51.73
N LEU E 65 -6.22 -21.91 52.30
CA LEU E 65 -5.14 -20.93 52.20
C LEU E 65 -4.64 -20.77 50.76
N ILE E 66 -4.69 -21.86 49.98
CA ILE E 66 -4.32 -21.82 48.58
C ILE E 66 -5.40 -21.07 47.78
N ASN E 67 -6.66 -21.42 48.03
CA ASN E 67 -7.80 -20.76 47.37
C ASN E 67 -7.81 -19.25 47.60
N THR E 68 -7.48 -18.84 48.82
CA THR E 68 -7.47 -17.43 49.18
C THR E 68 -6.33 -16.70 48.46
N LEU E 69 -5.14 -17.30 48.47
CA LEU E 69 -3.96 -16.66 47.89
C LEU E 69 -4.03 -16.62 46.36
N ALA E 70 -4.61 -17.65 45.76
CA ALA E 70 -4.82 -17.72 44.33
C ALA E 70 -5.78 -16.63 43.86
N ASN E 71 -6.92 -16.51 44.53
CA ASN E 71 -7.90 -15.46 44.26
C ASN E 71 -7.31 -14.05 44.33
N ASN E 72 -6.42 -13.82 45.29
CA ASN E 72 -5.74 -12.54 45.43
C ASN E 72 -4.76 -12.26 44.29
N VAL E 73 -4.05 -13.30 43.85
CA VAL E 73 -3.10 -13.18 42.74
C VAL E 73 -3.84 -12.85 41.43
N LEU E 74 -4.96 -13.53 41.18
CA LEU E 74 -5.81 -13.27 40.02
C LEU E 74 -6.35 -11.85 40.01
N GLN E 75 -6.74 -11.36 41.19
CA GLN E 75 -7.21 -9.99 41.35
C GLN E 75 -6.10 -8.99 41.03
N MET E 76 -4.88 -9.31 41.46
CA MET E 76 -3.72 -8.45 41.21
C MET E 76 -3.39 -8.36 39.72
N LEU E 77 -3.50 -9.48 39.02
CA LEU E 77 -3.21 -9.54 37.58
C LEU E 77 -4.31 -8.85 36.76
N ASP E 78 -5.56 -8.99 37.20
CA ASP E 78 -6.70 -8.30 36.57
C ASP E 78 -6.56 -6.79 36.66
N ILE E 79 -6.09 -6.32 37.82
CA ILE E 79 -5.90 -4.89 38.06
C ILE E 79 -4.76 -4.36 37.19
N GLN E 80 -3.66 -5.12 37.12
CA GLN E 80 -2.50 -4.72 36.33
C GLN E 80 -2.79 -4.69 34.82
N ALA E 81 -3.61 -5.62 34.36
CA ALA E 81 -4.05 -5.65 32.97
C ALA E 81 -4.80 -4.37 32.63
N SER E 82 -5.81 -4.04 33.43
CA SER E 82 -6.64 -2.86 33.21
C SER E 82 -5.85 -1.56 33.36
N GLN E 83 -4.77 -1.60 34.14
CA GLN E 83 -3.85 -0.47 34.27
C GLN E 83 -3.15 -0.18 32.94
N LEU E 84 -2.72 -1.24 32.27
CA LEU E 84 -2.01 -1.13 31.00
C LEU E 84 -2.96 -0.71 29.90
N ARG E 85 -4.19 -1.23 29.94
CA ARG E 85 -5.25 -0.84 29.03
C ARG E 85 -5.55 0.65 29.07
N ARG E 86 -5.60 1.22 30.27
CA ARG E 86 -5.85 2.66 30.45
C ARG E 86 -4.63 3.48 30.04
N MET E 87 -3.45 2.93 30.29
CA MET E 87 -2.20 3.59 29.99
C MET E 87 -1.95 3.65 28.48
N GLU E 88 -2.31 2.57 27.77
CA GLU E 88 -2.15 2.54 26.33
C GLU E 88 -3.02 3.62 25.71
N SER E 89 -4.27 3.68 26.17
CA SER E 89 -5.24 4.68 25.75
C SER E 89 -4.68 6.09 25.97
N SER E 90 -4.02 6.29 27.10
CA SER E 90 -3.43 7.59 27.46
C SER E 90 -2.21 7.92 26.61
N ILE E 91 -1.39 6.92 26.31
CA ILE E 91 -0.19 7.08 25.49
C ILE E 91 -0.59 7.38 24.05
N ASN E 92 -1.60 6.66 23.56
CA ASN E 92 -2.11 6.83 22.21
C ASN E 92 -2.58 8.26 21.93
N HIS E 93 -3.30 8.84 22.90
CA HIS E 93 -3.76 10.22 22.79
C HIS E 93 -2.63 11.23 22.79
N ILE E 94 -1.57 10.96 23.57
CA ILE E 94 -0.36 11.79 23.54
C ILE E 94 0.30 11.70 22.16
N SER E 95 0.36 10.49 21.62
CA SER E 95 1.00 10.25 20.32
C SER E 95 0.27 10.99 19.20
N GLN E 96 -1.06 10.88 19.19
CA GLN E 96 -1.91 11.63 18.27
C GLN E 96 -1.69 13.13 18.41
N THR E 97 -1.58 13.61 19.65
CA THR E 97 -1.33 15.03 19.93
C THR E 97 0.03 15.49 19.40
N VAL E 98 1.05 14.64 19.50
CA VAL E 98 2.37 14.96 18.95
C VAL E 98 2.34 14.94 17.42
N ASP E 99 1.65 13.97 16.84
CA ASP E 99 1.48 13.88 15.38
C ASP E 99 0.85 15.17 14.83
N ILE E 100 -0.27 15.56 15.41
CA ILE E 100 -0.96 16.80 15.08
C ILE E 100 -0.03 18.01 15.13
N HIS E 101 0.79 18.09 16.18
CA HIS E 101 1.69 19.22 16.37
C HIS E 101 2.76 19.29 15.30
N LYS E 102 3.32 18.14 14.97
CA LYS E 102 4.40 18.05 13.98
C LYS E 102 3.91 18.42 12.59
N GLU E 103 2.65 18.12 12.33
CA GLU E 103 2.00 18.45 11.07
C GLU E 103 1.76 19.96 10.98
N LYS E 104 1.33 20.56 12.10
CA LYS E 104 1.09 22.00 12.17
C LYS E 104 2.35 22.80 11.88
N VAL E 105 3.48 22.36 12.42
CA VAL E 105 4.78 22.98 12.15
C VAL E 105 5.12 22.85 10.66
N ALA E 106 4.83 21.67 10.08
CA ALA E 106 5.08 21.41 8.68
C ALA E 106 4.22 22.30 7.76
N ARG E 107 2.94 22.44 8.10
CA ARG E 107 2.01 23.30 7.34
C ARG E 107 2.39 24.77 7.44
N ARG E 108 2.89 25.18 8.61
CA ARG E 108 3.38 26.54 8.83
C ARG E 108 4.61 26.82 7.95
N GLU E 109 5.49 25.83 7.83
N GLU E 109 5.48 25.83 7.84
CA GLU E 109 6.72 25.96 7.06
CA GLU E 109 6.71 25.93 7.06
C GLU E 109 6.44 26.06 5.55
C GLU E 109 6.42 26.09 5.56
N ILE E 110 5.52 25.26 5.05
CA ILE E 110 5.12 25.32 3.63
C ILE E 110 4.22 26.53 3.36
N GLY E 111 3.51 26.99 4.40
CA GLY E 111 2.61 28.15 4.32
C GLY E 111 3.31 29.44 3.95
N ILE E 112 4.58 29.56 4.33
CA ILE E 112 5.41 30.71 4.00
C ILE E 112 5.54 30.90 2.48
N LEU E 113 5.55 29.79 1.75
CA LEU E 113 5.73 29.78 0.29
C LEU E 113 4.43 29.86 -0.51
N THR E 114 3.30 30.13 0.16
CA THR E 114 2.00 30.11 -0.52
C THR E 114 1.37 31.49 -0.69
N THR E 115 0.50 31.60 -1.70
CA THR E 115 -0.37 32.76 -1.88
C THR E 115 -1.72 32.25 -2.39
N ASN E 116 -2.76 33.09 -2.26
CA ASN E 116 -4.09 32.73 -2.76
C ASN E 116 -4.08 32.59 -4.27
N LYS E 117 -4.68 31.52 -4.77
CA LYS E 117 -4.91 31.41 -6.22
C LYS E 117 -6.25 32.03 -6.56
N ASN E 118 -6.21 33.02 -7.44
CA ASN E 118 -7.38 33.82 -7.80
C ASN E 118 -8.19 33.16 -8.90
N THR E 119 -8.68 31.95 -8.62
CA THR E 119 -9.49 31.20 -9.56
C THR E 119 -10.92 31.06 -9.04
N SER E 120 -11.88 31.39 -9.91
CA SER E 120 -13.30 31.35 -9.57
C SER E 120 -14.11 30.68 -10.67
N ARG E 121 -15.34 30.31 -10.34
CA ARG E 121 -16.21 29.63 -11.29
C ARG E 121 -17.39 30.54 -11.68
N THR E 122 -17.78 30.46 -12.95
CA THR E 122 -18.94 31.21 -13.47
C THR E 122 -19.63 30.42 -14.60
N HIS E 123 -20.64 31.03 -15.21
CA HIS E 123 -21.37 30.39 -16.30
C HIS E 123 -20.71 30.66 -17.65
N LYS E 124 -20.93 29.76 -18.61
CA LYS E 124 -20.48 29.94 -19.98
C LYS E 124 -21.06 31.22 -20.57
N ILE E 125 -22.37 31.38 -20.47
CA ILE E 125 -23.07 32.56 -20.94
C ILE E 125 -23.95 33.13 -19.83
N ILE E 126 -23.82 34.43 -19.58
CA ILE E 126 -24.72 35.14 -18.66
C ILE E 126 -25.53 36.18 -19.45
N ALA E 127 -26.83 35.92 -19.58
CA ALA E 127 -27.75 36.85 -20.23
C ALA E 127 -27.93 38.09 -19.34
N PRO E 128 -28.16 39.26 -19.95
CA PRO E 128 -28.33 40.48 -19.15
C PRO E 128 -29.60 40.43 -18.31
N ALA E 129 -29.61 41.16 -17.20
CA ALA E 129 -30.78 41.25 -16.32
C ALA E 129 -32.04 41.63 -17.12
N ASN E 130 -31.90 42.59 -18.01
CA ASN E 130 -33.00 43.01 -18.88
C ASN E 130 -32.69 42.80 -20.36
N LEU E 131 -33.48 41.95 -21.00
CA LEU E 131 -33.37 41.73 -22.43
C LEU E 131 -33.84 42.96 -23.20
N GLU E 132 -33.17 43.23 -24.32
CA GLU E 132 -33.47 44.40 -25.14
C GLU E 132 -34.87 44.32 -25.74
N ARG E 133 -35.67 45.35 -25.45
CA ARG E 133 -37.04 45.44 -25.93
C ARG E 133 -37.07 45.69 -27.44
N PRO E 134 -37.82 44.85 -28.19
CA PRO E 134 -37.97 45.03 -29.64
C PRO E 134 -38.79 46.26 -29.98
N VAL E 135 -38.23 47.15 -30.80
CA VAL E 135 -38.85 48.43 -31.14
C VAL E 135 -39.53 48.38 -32.52
N ARG E 136 -40.79 48.83 -32.56
CA ARG E 136 -41.58 48.85 -33.79
C ARG E 136 -41.17 50.01 -34.70
N TYR E 137 -41.15 49.74 -36.01
CA TYR E 137 -40.79 50.76 -37.00
C TYR E 137 -41.93 51.72 -37.30
N ILE E 138 -41.68 53.00 -37.06
CA ILE E 138 -42.65 54.05 -37.35
C ILE E 138 -42.04 55.04 -38.34
N ARG E 139 -42.75 55.28 -39.43
CA ARG E 139 -42.30 56.24 -40.43
C ARG E 139 -42.43 57.67 -39.92
N LYS E 140 -41.35 58.42 -40.03
CA LYS E 140 -41.38 59.86 -39.78
C LYS E 140 -40.57 60.62 -40.84
N PRO E 141 -41.08 61.79 -41.27
CA PRO E 141 -40.46 62.58 -42.33
C PRO E 141 -39.08 63.12 -41.97
N ILE E 142 -38.32 63.47 -43.01
CA ILE E 142 -37.04 64.14 -42.85
C ILE E 142 -37.24 65.49 -42.16
N ASP E 143 -36.54 65.67 -41.04
CA ASP E 143 -36.67 66.86 -40.20
C ASP E 143 -35.31 67.53 -40.11
N TYR E 144 -35.21 68.75 -40.62
CA TYR E 144 -33.94 69.47 -40.67
C TYR E 144 -33.65 70.32 -39.43
N THR E 145 -34.44 70.16 -38.37
CA THR E 145 -34.29 70.96 -37.15
C THR E 145 -33.68 70.20 -35.98
N ILE E 146 -33.48 68.89 -36.15
CA ILE E 146 -33.03 68.03 -35.06
C ILE E 146 -31.59 68.28 -34.57
N LEU E 147 -30.87 69.16 -35.26
CA LEU E 147 -29.49 69.52 -34.86
C LEU E 147 -29.36 70.97 -34.42
N ASP E 148 -30.47 71.70 -34.38
CA ASP E 148 -30.49 73.12 -34.02
C ASP E 148 -30.07 73.41 -32.58
N ASP E 149 -30.29 72.44 -31.69
CA ASP E 149 -29.91 72.59 -30.29
C ASP E 149 -28.48 72.08 -30.02
N ILE E 150 -27.82 71.60 -31.07
CA ILE E 150 -26.43 71.17 -30.98
C ILE E 150 -25.51 72.24 -31.56
N GLY E 151 -24.62 72.78 -30.73
CA GLY E 151 -23.74 73.88 -31.10
C GLY E 151 -24.50 75.18 -31.32
N HIS E 152 -23.97 76.02 -32.21
CA HIS E 152 -24.61 77.29 -32.55
C HIS E 152 -25.62 77.11 -33.70
N GLY E 153 -26.82 76.66 -33.34
CA GLY E 153 -27.87 76.36 -34.31
C GLY E 153 -28.50 77.57 -34.97
N VAL E 154 -29.17 77.33 -36.09
CA VAL E 154 -29.86 78.38 -36.84
C VAL E 154 -31.28 77.95 -37.20
N LYS E 155 -32.25 78.82 -36.95
CA LYS E 155 -33.67 78.49 -37.11
C LYS E 155 -34.24 78.98 -38.44
N VAL E 156 -35.29 78.30 -38.91
CA VAL E 156 -35.96 78.65 -40.17
C VAL E 156 -36.81 79.93 -40.03
C TRS F . 24.60 46.97 -43.17
C1 TRS F . 23.74 48.19 -42.84
C2 TRS F . 23.76 45.70 -43.05
C3 TRS F . 25.86 46.86 -42.29
N TRS F . 25.05 47.10 -44.56
O1 TRS F . 23.46 48.25 -41.45
O2 TRS F . 24.30 44.64 -43.81
O3 TRS F . 26.17 48.09 -41.66
CL CL G . 20.01 -47.72 33.80
CL CL H . 13.60 -30.47 35.30
CL CL I . 2.94 -61.97 42.85
CL CL J . 17.29 -1.37 -3.61
C1 GOL K . 29.07 -61.68 28.24
O1 GOL K . 28.96 -62.87 27.48
C2 GOL K . 30.29 -61.75 29.16
O2 GOL K . 31.36 -62.38 28.48
C3 GOL K . 29.93 -62.54 30.42
O3 GOL K . 31.08 -62.67 31.23
C1 GOL L . 29.00 -25.71 39.46
O1 GOL L . 28.84 -24.94 38.29
C2 GOL L . 29.41 -24.80 40.62
O2 GOL L . 30.65 -24.21 40.32
C3 GOL L . 29.53 -25.64 41.89
O3 GOL L . 28.27 -25.73 42.52
C1 GOL M . 11.28 -5.50 22.41
O1 GOL M . 12.17 -6.34 21.70
C2 GOL M . 9.91 -5.58 21.74
O2 GOL M . 9.98 -5.06 20.43
C3 GOL M . 8.88 -4.82 22.56
O3 GOL M . 7.64 -4.77 21.88
CL CL N . -27.64 37.32 -41.52
CL CL O . -18.20 -28.69 -0.54
CL CL P . -4.69 36.50 -52.23
C1 GOL Q . -26.80 31.12 -27.52
O1 GOL Q . -26.55 29.73 -27.54
C2 GOL Q . -27.04 31.58 -26.08
O2 GOL Q . -27.53 30.52 -25.30
C3 GOL Q . -28.01 32.75 -26.03
O3 GOL Q . -28.21 33.14 -24.69
#